data_9DIQ
#
_entry.id   9DIQ
#
_cell.length_a   130.367
_cell.length_b   72.061
_cell.length_c   206.859
_cell.angle_alpha   90.00
_cell.angle_beta   91.66
_cell.angle_gamma   90.00
#
_symmetry.space_group_name_H-M   'P 1 21 1'
#
loop_
_entity.id
_entity.type
_entity.pdbx_description
1 polymer 'Hemagglutinin HA1'
2 polymer 'Hemagglutinin HA2'
3 branched beta-D-mannopyranose-(1-4)-2-acetamido-2-deoxy-beta-D-glucopyranose-(1-4)-2-acetamido-2-deoxy-beta-D-glucopyranose
4 branched 2-acetamido-2-deoxy-beta-D-glucopyranose-(1-4)-2-acetamido-2-deoxy-beta-D-glucopyranose
5 non-polymer 2-acetamido-2-deoxy-beta-D-glucopyranose
6 water water
#
loop_
_entity_poly.entity_id
_entity_poly.type
_entity_poly.pdbx_seq_one_letter_code
_entity_poly.pdbx_strand_id
1 'polypeptide(L)'
;ADPGDQICIGYHANNSTEQVDTIMEKNVTVTHAQDILEKTHNGKLCDLNGVKPLILKDCSVAGWLLGNPMCDEFIRVPEW
SYIVERANPANDLCYPGSLNDYEELKHMLSRINHFEKIQIIPKSSWPNHETSLGVSAACPYQGAPSFFRNVVWLIKKNDA
YPTIKISYNNTNREDLLILWGIHHSNNAEEQTNLYKNPITYISVGTSTLNQRLAPKIATRSQVNGQRGRMDFFWTILKPN
DAIHFESNGNFIAPEYAYKIVKKGDSTIMKSGVEYGHCNTKCQTPVGAINSSMPFHNIHPLTIGECPKYVKSNKLVLATG
LRNSP
;
I,A,C,E,G,K
2 'polypeptide(L)'
;GLFGAIAGFIEGGWQGMVDGWYGYHHSNEQGSGYAADKESTQKAIDGVTNKVNSIIDKMNTQFEAVGREFNNLERRIENL
NKKMEDGFLDVWTYNAELLVLMENERTLDFHDSNVKNLYDKVRLQLRDNAKELGNGCFEFYHKCDNECMESVRNGTYDYP
QYSEEARLKREEISSG
;
J,B,D,F,H,L
#
loop_
_chem_comp.id
_chem_comp.type
_chem_comp.name
_chem_comp.formula
BMA D-saccharide, beta linking beta-D-mannopyranose 'C6 H12 O6'
NAG D-saccharide, beta linking 2-acetamido-2-deoxy-beta-D-glucopyranose 'C8 H15 N O6'
#
# COMPACT_ATOMS: atom_id res chain seq x y z
N GLY A 4 -53.09 -1.42 -21.74
CA GLY A 4 -52.05 -2.43 -21.89
C GLY A 4 -50.78 -2.13 -21.11
N ASP A 5 -50.17 -3.19 -20.58
CA ASP A 5 -48.94 -3.07 -19.81
C ASP A 5 -47.73 -3.30 -20.72
N GLN A 6 -46.74 -2.43 -20.63
CA GLN A 6 -45.59 -2.50 -21.51
C GLN A 6 -44.30 -2.23 -20.74
N ILE A 7 -43.19 -2.70 -21.29
CA ILE A 7 -41.86 -2.48 -20.74
C ILE A 7 -41.09 -1.59 -21.71
N CYS A 8 -40.10 -0.87 -21.18
CA CYS A 8 -39.38 0.15 -21.94
C CYS A 8 -37.88 0.00 -21.74
N ILE A 9 -37.13 0.54 -22.70
CA ILE A 9 -35.67 0.61 -22.65
C ILE A 9 -35.27 2.07 -22.77
N GLY A 10 -34.39 2.52 -21.88
CA GLY A 10 -34.01 3.92 -21.84
C GLY A 10 -32.69 4.13 -21.15
N TYR A 11 -32.32 5.41 -21.01
CA TYR A 11 -31.03 5.77 -20.46
C TYR A 11 -31.20 6.97 -19.53
N HIS A 12 -30.07 7.59 -19.18
CA HIS A 12 -30.01 8.64 -18.16
C HIS A 12 -30.19 10.03 -18.77
N ALA A 13 -30.71 10.96 -17.95
CA ALA A 13 -30.77 12.37 -18.33
C ALA A 13 -30.84 13.19 -17.04
N ASN A 14 -29.71 13.75 -16.65
CA ASN A 14 -29.66 14.63 -15.48
C ASN A 14 -29.81 16.09 -15.93
N ASN A 15 -29.50 17.02 -15.03
CA ASN A 15 -29.64 18.45 -15.29
C ASN A 15 -28.39 19.07 -15.90
N SER A 16 -27.38 18.27 -16.23
CA SER A 16 -26.09 18.81 -16.63
C SER A 16 -26.19 19.61 -17.92
N THR A 17 -25.50 20.76 -17.94
CA THR A 17 -25.34 21.57 -19.12
C THR A 17 -23.97 21.41 -19.77
N GLU A 18 -23.16 20.46 -19.29
CA GLU A 18 -21.81 20.29 -19.81
C GLU A 18 -21.85 19.90 -21.28
N GLN A 19 -20.99 20.54 -22.08
CA GLN A 19 -20.99 20.36 -23.52
C GLN A 19 -19.62 19.90 -23.99
N VAL A 20 -19.61 18.96 -24.94
CA VAL A 20 -18.41 18.46 -25.57
C VAL A 20 -18.54 18.61 -27.08
N ASP A 21 -17.46 18.32 -27.79
CA ASP A 21 -17.44 18.37 -29.25
C ASP A 21 -17.03 17.01 -29.80
N THR A 22 -17.69 16.60 -30.88
CA THR A 22 -17.34 15.39 -31.60
C THR A 22 -16.88 15.76 -33.00
N ILE A 23 -16.11 14.85 -33.61
CA ILE A 23 -15.50 15.13 -34.90
C ILE A 23 -16.55 15.50 -35.95
N MET A 24 -17.81 15.10 -35.74
CA MET A 24 -18.86 15.38 -36.70
C MET A 24 -19.94 16.33 -36.18
N GLU A 25 -20.00 16.56 -34.88
CA GLU A 25 -21.00 17.46 -34.29
C GLU A 25 -20.35 18.37 -33.27
N LYS A 26 -20.89 19.58 -33.15
CA LYS A 26 -20.37 20.57 -32.21
C LYS A 26 -21.42 20.91 -31.16
N ASN A 27 -20.95 21.18 -29.94
CA ASN A 27 -21.80 21.61 -28.83
C ASN A 27 -22.89 20.57 -28.53
N VAL A 28 -22.44 19.40 -28.10
CA VAL A 28 -23.33 18.30 -27.73
C VAL A 28 -23.35 18.20 -26.20
N THR A 29 -24.51 18.47 -25.62
CA THR A 29 -24.63 18.43 -24.17
C THR A 29 -24.64 16.99 -23.66
N VAL A 30 -23.95 16.75 -22.55
CA VAL A 30 -23.75 15.43 -22.00
C VAL A 30 -24.03 15.44 -20.50
N THR A 31 -24.22 14.23 -19.95
CA THR A 31 -24.52 14.10 -18.52
C THR A 31 -23.27 14.30 -17.67
N HIS A 32 -22.23 13.50 -17.92
CA HIS A 32 -20.94 13.65 -17.25
C HIS A 32 -19.87 13.86 -18.30
N ALA A 33 -18.88 14.69 -17.97
CA ALA A 33 -17.72 14.84 -18.83
C ALA A 33 -16.53 15.31 -18.00
N GLN A 34 -15.33 15.08 -18.52
CA GLN A 34 -14.09 15.36 -17.81
C GLN A 34 -13.16 16.19 -18.69
N ASP A 35 -12.55 17.20 -18.10
CA ASP A 35 -11.57 18.05 -18.79
C ASP A 35 -10.17 17.56 -18.46
N ILE A 36 -9.37 17.31 -19.49
CA ILE A 36 -8.01 16.80 -19.32
C ILE A 36 -6.97 17.88 -19.60
N LEU A 37 -7.38 19.15 -19.62
CA LEU A 37 -6.47 20.27 -19.79
C LEU A 37 -6.34 21.01 -18.46
N GLU A 38 -5.14 20.99 -17.88
CA GLU A 38 -4.90 21.68 -16.62
C GLU A 38 -4.85 23.18 -16.84
N LYS A 39 -5.57 23.92 -16.00
CA LYS A 39 -5.63 25.38 -16.12
C LYS A 39 -5.35 26.12 -14.81
N THR A 40 -5.25 25.43 -13.68
CA THR A 40 -5.10 26.08 -12.39
C THR A 40 -3.66 25.97 -11.89
N HIS A 41 -3.23 27.00 -11.17
CA HIS A 41 -1.93 27.01 -10.51
C HIS A 41 -2.05 27.77 -9.21
N ASN A 42 -1.18 27.42 -8.25
CA ASN A 42 -1.29 28.00 -6.90
C ASN A 42 -0.78 29.44 -6.84
N GLY A 43 -0.06 29.90 -7.86
CA GLY A 43 0.40 31.26 -7.89
C GLY A 43 1.55 31.59 -6.97
N LYS A 44 2.37 30.60 -6.61
CA LYS A 44 3.54 30.81 -5.77
C LYS A 44 4.72 30.02 -6.31
N LEU A 45 5.92 30.49 -6.00
CA LEU A 45 7.13 29.70 -6.26
C LEU A 45 7.32 28.68 -5.15
N CYS A 46 7.67 27.45 -5.54
CA CYS A 46 7.68 26.31 -4.63
C CYS A 46 9.04 25.64 -4.64
N ASP A 47 9.22 24.71 -3.70
CA ASP A 47 10.34 23.78 -3.75
C ASP A 47 10.11 22.79 -4.89
N LEU A 48 11.20 22.34 -5.49
CA LEU A 48 11.17 21.36 -6.57
C LEU A 48 11.68 20.03 -6.02
N ASN A 49 10.76 19.10 -5.74
CA ASN A 49 11.08 17.82 -5.12
C ASN A 49 11.81 18.03 -3.79
N GLY A 50 11.24 18.90 -2.95
CA GLY A 50 11.78 19.15 -1.63
C GLY A 50 13.14 19.83 -1.60
N VAL A 51 13.42 20.71 -2.56
CA VAL A 51 14.62 21.54 -2.55
C VAL A 51 14.20 22.96 -2.86
N LYS A 52 14.62 23.90 -2.01
CA LYS A 52 14.24 25.30 -2.21
C LYS A 52 15.05 25.90 -3.35
N PRO A 53 14.43 26.75 -4.18
CA PRO A 53 15.21 27.52 -5.15
C PRO A 53 16.02 28.61 -4.48
N LEU A 54 17.10 29.00 -5.15
CA LEU A 54 17.90 30.15 -4.74
C LEU A 54 17.29 31.40 -5.37
N ILE A 55 16.66 32.23 -4.53
CA ILE A 55 15.88 33.37 -4.99
C ILE A 55 16.67 34.64 -4.69
N LEU A 56 17.19 35.28 -5.73
CA LEU A 56 17.87 36.57 -5.61
C LEU A 56 16.84 37.67 -5.81
N LYS A 57 16.63 38.49 -4.78
CA LYS A 57 15.53 39.43 -4.81
C LYS A 57 15.78 40.54 -5.82
N ASP A 58 16.81 41.35 -5.58
CA ASP A 58 17.13 42.49 -6.42
C ASP A 58 18.40 42.27 -7.23
N CYS A 59 19.02 41.10 -7.10
CA CYS A 59 20.38 40.86 -7.53
C CYS A 59 20.40 39.94 -8.73
N SER A 60 21.38 40.17 -9.60
CA SER A 60 21.69 39.24 -10.67
C SER A 60 22.69 38.20 -10.18
N VAL A 61 22.85 37.13 -10.97
CA VAL A 61 23.77 36.06 -10.59
C VAL A 61 25.19 36.59 -10.45
N ALA A 62 25.62 37.44 -11.38
CA ALA A 62 26.98 37.97 -11.32
C ALA A 62 27.18 38.83 -10.08
N GLY A 63 26.22 39.67 -9.73
CA GLY A 63 26.36 40.51 -8.56
C GLY A 63 26.40 39.72 -7.27
N TRP A 64 25.59 38.66 -7.19
CA TRP A 64 25.58 37.81 -6.01
C TRP A 64 26.90 37.06 -5.86
N LEU A 65 27.44 36.54 -6.96
CA LEU A 65 28.72 35.83 -6.90
C LEU A 65 29.85 36.77 -6.47
N LEU A 66 29.99 37.90 -7.15
CA LEU A 66 31.10 38.79 -6.90
C LEU A 66 30.95 39.58 -5.59
N GLY A 67 29.79 39.51 -4.95
CA GLY A 67 29.61 40.22 -3.69
C GLY A 67 29.26 41.68 -3.88
N ASN A 68 28.27 41.96 -4.71
CA ASN A 68 27.79 43.32 -4.90
C ASN A 68 27.35 43.89 -3.56
N PRO A 69 27.87 45.05 -3.13
CA PRO A 69 27.52 45.56 -1.79
C PRO A 69 26.04 45.86 -1.60
N MET A 70 25.34 46.35 -2.62
CA MET A 70 23.91 46.56 -2.50
C MET A 70 23.16 45.24 -2.37
N CYS A 71 23.64 44.20 -3.02
CA CYS A 71 23.08 42.87 -2.82
C CYS A 71 23.36 42.41 -1.39
N ASP A 72 22.35 41.83 -0.76
CA ASP A 72 22.45 41.42 0.63
C ASP A 72 23.58 40.40 0.81
N GLU A 73 24.05 40.29 2.05
CA GLU A 73 25.18 39.43 2.35
C GLU A 73 24.88 37.99 1.96
N PHE A 74 25.95 37.19 1.85
CA PHE A 74 25.82 35.83 1.35
C PHE A 74 25.08 34.98 2.37
N ILE A 75 23.77 34.87 2.21
CA ILE A 75 22.98 33.94 3.01
C ILE A 75 23.32 32.53 2.56
N ARG A 76 23.86 31.73 3.46
CA ARG A 76 24.37 30.40 3.09
C ARG A 76 23.25 29.52 2.58
N VAL A 77 23.29 29.23 1.28
CA VAL A 77 22.34 28.32 0.66
C VAL A 77 23.10 27.06 0.27
N PRO A 78 23.02 25.99 1.05
CA PRO A 78 23.83 24.80 0.74
C PRO A 78 23.48 24.18 -0.60
N GLU A 79 22.22 24.24 -1.02
CA GLU A 79 21.78 23.61 -2.26
C GLU A 79 20.55 24.33 -2.78
N TRP A 80 20.28 24.15 -4.08
CA TRP A 80 19.06 24.66 -4.67
C TRP A 80 18.74 23.85 -5.92
N SER A 81 17.49 23.94 -6.36
CA SER A 81 17.01 23.24 -7.55
C SER A 81 16.98 24.13 -8.79
N TYR A 82 16.64 25.40 -8.64
CA TYR A 82 16.68 26.36 -9.74
C TYR A 82 16.91 27.75 -9.16
N ILE A 83 17.11 28.72 -10.04
CA ILE A 83 17.44 30.09 -9.65
C ILE A 83 16.35 31.02 -10.16
N VAL A 84 15.85 31.88 -9.27
CA VAL A 84 14.84 32.87 -9.62
C VAL A 84 15.51 34.23 -9.67
N GLU A 85 15.48 34.85 -10.85
CA GLU A 85 15.90 36.22 -11.05
C GLU A 85 14.69 37.07 -11.40
N ARG A 86 14.85 38.39 -11.30
CA ARG A 86 13.85 39.28 -11.84
C ARG A 86 14.17 39.58 -13.30
N ALA A 87 13.20 40.17 -14.00
CA ALA A 87 13.37 40.41 -15.44
C ALA A 87 14.60 41.27 -15.70
N ASN A 88 14.73 42.39 -15.00
CA ASN A 88 15.90 43.27 -15.10
C ASN A 88 16.42 43.49 -13.69
N PRO A 89 17.32 42.63 -13.22
CA PRO A 89 17.85 42.80 -11.85
C PRO A 89 18.49 44.17 -11.67
N ALA A 90 18.20 44.79 -10.53
CA ALA A 90 18.66 46.15 -10.28
C ALA A 90 20.16 46.20 -10.05
N ASN A 91 20.70 45.23 -9.31
CA ASN A 91 22.11 45.24 -8.92
C ASN A 91 22.83 44.09 -9.62
N ASP A 92 23.33 44.36 -10.82
CA ASP A 92 24.13 43.37 -11.55
C ASP A 92 25.62 43.58 -11.34
N LEU A 93 26.15 44.70 -11.80
CA LEU A 93 27.60 44.97 -11.76
C LEU A 93 27.76 46.47 -11.54
N CYS A 94 27.90 46.86 -10.27
CA CYS A 94 27.89 48.28 -9.94
C CYS A 94 29.03 49.01 -10.63
N TYR A 95 30.22 48.43 -10.64
CA TYR A 95 31.26 48.95 -11.52
C TYR A 95 31.06 48.40 -12.92
N PRO A 96 30.99 49.25 -13.95
CA PRO A 96 30.70 48.75 -15.30
C PRO A 96 31.76 47.77 -15.79
N GLY A 97 31.33 46.78 -16.56
CA GLY A 97 32.22 45.76 -17.08
C GLY A 97 31.48 44.54 -17.59
N SER A 98 32.06 43.36 -17.38
CA SER A 98 31.46 42.14 -17.90
C SER A 98 32.00 40.95 -17.12
N LEU A 99 31.33 39.81 -17.30
CA LEU A 99 31.76 38.54 -16.73
C LEU A 99 31.81 37.52 -17.84
N ASN A 100 33.01 36.98 -18.09
CA ASN A 100 33.21 36.08 -19.22
C ASN A 100 32.36 34.82 -19.08
N ASP A 101 31.83 34.34 -20.21
CA ASP A 101 31.05 33.10 -20.24
C ASP A 101 29.92 33.13 -19.22
N TYR A 102 29.26 34.28 -19.11
CA TYR A 102 28.26 34.49 -18.06
C TYR A 102 27.08 33.54 -18.22
N GLU A 103 26.57 33.37 -19.45
CA GLU A 103 25.38 32.56 -19.65
C GLU A 103 25.66 31.09 -19.37
N GLU A 104 26.82 30.59 -19.80
CA GLU A 104 27.21 29.23 -19.42
C GLU A 104 27.43 29.12 -17.92
N LEU A 105 28.03 30.14 -17.30
CA LEU A 105 28.20 30.13 -15.86
C LEU A 105 26.86 30.12 -15.14
N LYS A 106 25.90 30.93 -15.63
CA LYS A 106 24.55 30.91 -15.07
C LYS A 106 23.91 29.55 -15.22
N HIS A 107 24.08 28.91 -16.39
CA HIS A 107 23.47 27.60 -16.62
C HIS A 107 24.02 26.56 -15.67
N MET A 108 25.34 26.56 -15.46
CA MET A 108 25.94 25.59 -14.55
C MET A 108 25.44 25.79 -13.12
N LEU A 109 25.28 27.05 -12.71
CA LEU A 109 24.86 27.38 -11.35
C LEU A 109 23.37 27.19 -11.12
N SER A 110 22.60 26.84 -12.16
CA SER A 110 21.15 26.78 -12.03
C SER A 110 20.74 25.73 -11.00
N ARG A 111 21.42 24.60 -10.95
CA ARG A 111 21.12 23.55 -9.99
C ARG A 111 22.42 23.04 -9.39
N ILE A 112 22.57 23.21 -8.06
CA ILE A 112 23.80 22.89 -7.36
C ILE A 112 23.48 22.00 -6.17
N ASN A 113 24.25 20.91 -6.01
CA ASN A 113 24.04 19.97 -4.91
C ASN A 113 24.68 20.45 -3.61
N HIS A 114 25.83 21.12 -3.69
CA HIS A 114 26.50 21.65 -2.51
C HIS A 114 27.27 22.91 -2.89
N PHE A 115 27.05 23.99 -2.13
CA PHE A 115 27.64 25.30 -2.42
C PHE A 115 28.17 25.88 -1.12
N GLU A 116 29.46 26.19 -1.09
CA GLU A 116 30.10 26.66 0.14
C GLU A 116 31.20 27.66 -0.20
N LYS A 117 31.07 28.88 0.32
CA LYS A 117 32.09 29.90 0.12
C LYS A 117 33.21 29.73 1.12
N ILE A 118 34.47 29.81 0.64
CA ILE A 118 35.63 29.72 1.50
C ILE A 118 36.63 30.80 1.12
N GLN A 119 37.48 31.15 2.07
CA GLN A 119 38.54 32.13 1.87
C GLN A 119 39.79 31.41 1.39
N ILE A 120 40.32 31.84 0.25
CA ILE A 120 41.46 31.15 -0.36
C ILE A 120 42.69 32.05 -0.42
N ILE A 121 42.49 33.36 -0.56
CA ILE A 121 43.59 34.31 -0.40
C ILE A 121 43.12 35.45 0.51
N PRO A 122 43.48 35.44 1.79
CA PRO A 122 43.03 36.52 2.68
C PRO A 122 43.74 37.84 2.38
N LYS A 123 43.10 38.93 2.81
CA LYS A 123 43.64 40.27 2.54
C LYS A 123 45.00 40.48 3.20
N SER A 124 45.28 39.76 4.28
CA SER A 124 46.58 39.87 4.94
C SER A 124 47.72 39.38 4.07
N SER A 125 47.44 38.67 2.98
CA SER A 125 48.45 38.11 2.10
C SER A 125 49.03 39.14 1.13
N TRP A 126 48.79 40.43 1.33
CA TRP A 126 49.30 41.48 0.45
C TRP A 126 50.00 42.53 1.30
N PRO A 127 51.16 42.20 1.87
CA PRO A 127 51.91 43.21 2.62
C PRO A 127 52.39 44.38 1.77
N ASN A 128 52.70 44.15 0.50
CA ASN A 128 53.29 45.18 -0.36
C ASN A 128 52.29 45.85 -1.29
N HIS A 129 51.00 45.57 -1.13
CA HIS A 129 49.99 46.18 -1.96
C HIS A 129 48.86 46.67 -1.08
N GLU A 130 48.12 47.65 -1.59
CA GLU A 130 47.07 48.31 -0.82
C GLU A 130 45.75 47.62 -1.10
N THR A 131 45.14 47.07 -0.04
CA THR A 131 43.90 46.32 -0.15
C THR A 131 42.69 47.10 0.31
N SER A 132 42.85 48.39 0.60
CA SER A 132 41.77 49.19 1.19
C SER A 132 41.23 50.28 0.29
N LEU A 133 42.04 50.85 -0.61
CA LEU A 133 41.59 51.93 -1.47
C LEU A 133 41.02 51.47 -2.80
N GLY A 134 40.89 50.16 -3.02
CA GLY A 134 40.22 49.67 -4.20
C GLY A 134 38.72 49.81 -4.07
N VAL A 135 38.24 51.05 -4.04
CA VAL A 135 36.88 51.38 -3.63
C VAL A 135 36.38 52.52 -4.50
N SER A 136 35.13 52.42 -4.94
CA SER A 136 34.58 53.35 -5.93
C SER A 136 33.19 53.82 -5.53
N ALA A 137 32.84 55.03 -5.99
CA ALA A 137 31.50 55.57 -5.78
C ALA A 137 30.45 54.90 -6.66
N ALA A 138 30.87 54.12 -7.66
CA ALA A 138 29.90 53.35 -8.43
C ALA A 138 29.31 52.19 -7.64
N CYS A 139 29.92 51.82 -6.51
CA CYS A 139 29.42 50.77 -5.63
C CYS A 139 29.31 51.30 -4.21
N PRO A 140 28.37 52.21 -3.94
CA PRO A 140 28.17 52.67 -2.56
C PRO A 140 27.69 51.55 -1.65
N TYR A 141 28.13 51.63 -0.39
CA TYR A 141 27.56 50.85 0.70
C TYR A 141 27.31 51.81 1.86
N GLN A 142 26.05 51.89 2.29
CA GLN A 142 25.63 52.82 3.35
C GLN A 142 26.02 54.26 3.01
N GLY A 143 25.78 54.66 1.76
CA GLY A 143 26.08 56.01 1.34
C GLY A 143 27.54 56.35 1.25
N ALA A 144 28.42 55.37 1.34
CA ALA A 144 29.86 55.58 1.27
C ALA A 144 30.45 54.66 0.19
N PRO A 145 31.53 55.08 -0.45
CA PRO A 145 32.11 54.27 -1.53
C PRO A 145 32.56 52.90 -1.01
N SER A 146 32.37 51.90 -1.85
CA SER A 146 32.73 50.52 -1.51
C SER A 146 33.09 49.79 -2.81
N PHE A 147 33.12 48.46 -2.76
CA PHE A 147 33.47 47.64 -3.91
C PHE A 147 32.88 46.25 -3.71
N PHE A 148 33.07 45.39 -4.71
CA PHE A 148 32.66 43.99 -4.58
C PHE A 148 33.36 43.36 -3.39
N ARG A 149 32.61 42.55 -2.64
CA ARG A 149 33.09 42.00 -1.37
C ARG A 149 33.96 40.76 -1.52
N ASN A 150 33.74 39.95 -2.55
CA ASN A 150 34.46 38.68 -2.68
C ASN A 150 35.71 38.78 -3.55
N VAL A 151 36.07 39.99 -4.00
CA VAL A 151 37.32 40.22 -4.71
C VAL A 151 37.96 41.49 -4.13
N VAL A 152 39.28 41.59 -4.28
CA VAL A 152 40.03 42.73 -3.74
C VAL A 152 40.68 43.48 -4.90
N TRP A 153 40.52 44.80 -4.88
CA TRP A 153 41.06 45.67 -5.92
C TRP A 153 42.39 46.24 -5.42
N LEU A 154 43.50 45.63 -5.84
CA LEU A 154 44.81 45.95 -5.30
C LEU A 154 45.35 47.23 -5.95
N ILE A 155 45.85 48.14 -5.11
CA ILE A 155 46.39 49.42 -5.54
C ILE A 155 47.82 49.52 -5.03
N LYS A 156 48.60 50.36 -5.70
CA LYS A 156 49.99 50.55 -5.31
C LYS A 156 50.09 51.07 -3.89
N LYS A 157 51.15 50.67 -3.20
CA LYS A 157 51.45 51.12 -1.85
C LYS A 157 52.85 51.69 -1.86
N ASN A 158 53.01 52.85 -1.21
CA ASN A 158 54.29 53.56 -1.16
C ASN A 158 54.87 53.80 -2.56
N ASP A 159 53.99 54.18 -3.49
CA ASP A 159 54.36 54.42 -4.88
C ASP A 159 55.09 53.23 -5.49
N ALA A 160 54.62 52.02 -5.17
CA ALA A 160 55.25 50.81 -5.63
C ALA A 160 54.19 49.73 -5.83
N TYR A 161 54.29 49.00 -6.94
CA TYR A 161 53.42 47.86 -7.23
C TYR A 161 54.31 46.70 -7.63
N PRO A 162 54.88 46.00 -6.65
CA PRO A 162 55.74 44.86 -6.97
C PRO A 162 54.95 43.77 -7.68
N THR A 163 55.65 43.03 -8.54
CA THR A 163 55.01 41.98 -9.30
C THR A 163 54.44 40.92 -8.38
N ILE A 164 53.18 40.54 -8.61
CA ILE A 164 52.49 39.57 -7.77
C ILE A 164 52.74 38.17 -8.31
N LYS A 165 53.08 37.25 -7.42
CA LYS A 165 53.20 35.83 -7.78
C LYS A 165 52.60 35.02 -6.63
N ILE A 166 51.35 34.60 -6.79
CA ILE A 166 50.65 33.83 -5.77
C ILE A 166 50.03 32.61 -6.44
N SER A 167 50.01 31.50 -5.71
CA SER A 167 49.45 30.25 -6.20
C SER A 167 48.63 29.62 -5.09
N TYR A 168 47.52 29.00 -5.47
CA TYR A 168 46.63 28.37 -4.51
C TYR A 168 46.36 26.94 -4.97
N ASN A 169 46.52 25.99 -4.06
CA ASN A 169 46.32 24.57 -4.32
C ASN A 169 44.98 24.15 -3.73
N ASN A 170 44.14 23.52 -4.56
CA ASN A 170 42.82 23.10 -4.12
C ASN A 170 42.94 21.88 -3.21
N THR A 171 43.17 22.11 -1.92
CA THR A 171 43.25 21.05 -0.94
C THR A 171 41.87 20.53 -0.51
N ASN A 172 40.80 21.20 -0.92
CA ASN A 172 39.47 20.69 -0.67
C ASN A 172 39.19 19.47 -1.55
N ARG A 173 38.15 18.72 -1.18
CA ARG A 173 37.76 17.53 -1.92
C ARG A 173 36.76 17.82 -3.03
N GLU A 174 36.30 19.07 -3.15
CA GLU A 174 35.28 19.42 -4.12
C GLU A 174 35.82 20.44 -5.11
N ASP A 175 35.12 20.56 -6.24
CA ASP A 175 35.47 21.54 -7.25
C ASP A 175 35.35 22.95 -6.68
N LEU A 176 36.23 23.84 -7.13
CA LEU A 176 36.31 25.20 -6.65
C LEU A 176 36.01 26.17 -7.80
N LEU A 177 35.09 27.11 -7.56
CA LEU A 177 34.78 28.16 -8.52
C LEU A 177 35.51 29.43 -8.11
N ILE A 178 36.43 29.89 -8.93
CA ILE A 178 37.30 31.01 -8.62
C ILE A 178 37.06 32.11 -9.65
N LEU A 179 36.88 33.34 -9.17
CA LEU A 179 36.66 34.50 -10.00
C LEU A 179 37.73 35.54 -9.76
N TRP A 180 38.21 36.17 -10.82
CA TRP A 180 39.16 37.27 -10.74
C TRP A 180 38.79 38.31 -11.79
N GLY A 181 39.54 39.40 -11.84
CA GLY A 181 39.19 40.45 -12.77
C GLY A 181 40.40 41.27 -13.16
N ILE A 182 40.19 42.11 -14.17
CA ILE A 182 41.18 43.08 -14.62
C ILE A 182 40.49 44.43 -14.77
N HIS A 183 41.15 45.50 -14.33
CA HIS A 183 40.60 46.84 -14.44
C HIS A 183 41.23 47.56 -15.63
N HIS A 184 40.38 48.10 -16.50
CA HIS A 184 40.83 48.89 -17.64
C HIS A 184 40.86 50.36 -17.25
N SER A 185 42.04 50.97 -17.36
CA SER A 185 42.24 52.37 -17.01
C SER A 185 41.71 53.28 -18.10
N ASN A 186 41.57 54.56 -17.76
CA ASN A 186 41.05 55.56 -18.69
C ASN A 186 42.14 56.31 -19.41
N ASN A 187 43.28 56.56 -18.76
CA ASN A 187 44.38 57.30 -19.36
C ASN A 187 45.67 56.90 -18.69
N ALA A 188 46.79 57.38 -19.23
CA ALA A 188 48.10 57.03 -18.71
C ALA A 188 48.32 57.57 -17.30
N GLU A 189 47.82 58.77 -17.02
CA GLU A 189 47.98 59.34 -15.67
C GLU A 189 47.22 58.51 -14.64
N GLU A 190 45.98 58.12 -14.95
CA GLU A 190 45.20 57.31 -14.02
C GLU A 190 45.85 55.94 -13.82
N GLN A 191 46.38 55.35 -14.89
CA GLN A 191 47.04 54.05 -14.78
C GLN A 191 48.19 54.09 -13.78
N THR A 192 49.09 55.08 -13.91
CA THR A 192 50.22 55.20 -12.99
C THR A 192 49.81 55.70 -11.62
N ASN A 193 48.71 56.44 -11.51
CA ASN A 193 48.27 56.91 -10.21
C ASN A 193 47.74 55.78 -9.34
N LEU A 194 47.41 54.62 -9.94
CA LEU A 194 46.93 53.46 -9.21
C LEU A 194 47.90 52.30 -9.21
N TYR A 195 48.66 52.12 -10.28
CA TYR A 195 49.46 50.93 -10.45
C TYR A 195 50.93 51.19 -10.68
N LYS A 196 51.32 52.44 -10.99
CA LYS A 196 52.70 52.87 -11.05
C LYS A 196 53.43 52.27 -12.25
N ASN A 197 52.80 51.32 -12.94
CA ASN A 197 53.43 50.69 -14.10
C ASN A 197 52.60 51.04 -15.33
N PRO A 198 53.17 51.67 -16.35
CA PRO A 198 52.38 51.98 -17.56
C PRO A 198 51.90 50.73 -18.30
N ILE A 199 52.80 49.82 -18.63
CA ILE A 199 52.46 48.60 -19.37
C ILE A 199 52.39 47.45 -18.38
N THR A 200 51.20 46.88 -18.20
CA THR A 200 50.98 45.81 -17.23
C THR A 200 50.33 44.61 -17.91
N TYR A 201 50.15 43.54 -17.15
CA TYR A 201 49.63 42.28 -17.65
C TYR A 201 49.06 41.46 -16.50
N ILE A 202 48.30 40.43 -16.86
CA ILE A 202 47.80 39.45 -15.90
C ILE A 202 47.96 38.07 -16.51
N SER A 203 48.53 37.13 -15.73
CA SER A 203 48.73 35.76 -16.18
C SER A 203 48.08 34.83 -15.18
N VAL A 204 47.17 33.98 -15.67
CA VAL A 204 46.47 33.01 -14.83
C VAL A 204 46.66 31.64 -15.46
N GLY A 205 47.18 30.70 -14.69
CA GLY A 205 47.50 29.38 -15.21
C GLY A 205 47.07 28.27 -14.27
N THR A 206 46.55 27.21 -14.86
CA THR A 206 46.16 25.99 -14.15
C THR A 206 46.62 24.82 -15.00
N SER A 207 46.08 23.63 -14.73
CA SER A 207 46.33 22.49 -15.61
C SER A 207 45.70 22.69 -16.98
N THR A 208 44.59 23.43 -17.05
CA THR A 208 43.90 23.71 -18.31
C THR A 208 44.00 25.16 -18.72
N LEU A 209 43.79 26.09 -17.80
CA LEU A 209 43.80 27.50 -18.13
C LEU A 209 45.19 27.97 -18.58
N ASN A 210 45.21 28.85 -19.58
CA ASN A 210 46.42 29.58 -19.97
C ASN A 210 45.96 30.95 -20.48
N GLN A 211 45.94 31.92 -19.58
CA GLN A 211 45.36 33.23 -19.85
C GLN A 211 46.41 34.32 -19.74
N ARG A 212 46.32 35.31 -20.63
CA ARG A 212 47.17 36.48 -20.61
C ARG A 212 46.34 37.68 -21.02
N LEU A 213 46.20 38.64 -20.13
CA LEU A 213 45.40 39.84 -20.39
C LEU A 213 46.28 41.07 -20.26
N ALA A 214 45.86 42.13 -20.95
CA ALA A 214 46.45 43.44 -20.77
C ALA A 214 45.32 44.46 -20.66
N PRO A 215 45.54 45.53 -19.91
CA PRO A 215 44.51 46.57 -19.84
C PRO A 215 44.33 47.25 -21.18
N LYS A 216 43.12 47.73 -21.43
CA LYS A 216 42.77 48.46 -22.63
C LYS A 216 42.49 49.90 -22.20
N ILE A 217 43.56 50.69 -22.12
CA ILE A 217 43.45 52.09 -21.70
C ILE A 217 42.93 52.89 -22.89
N ALA A 218 41.70 53.38 -22.78
CA ALA A 218 41.06 54.08 -23.89
C ALA A 218 39.90 54.90 -23.33
N THR A 219 39.22 55.62 -24.22
CA THR A 219 38.08 56.46 -23.85
C THR A 219 36.79 55.70 -24.08
N ARG A 220 35.93 55.68 -23.06
CA ARG A 220 34.65 55.00 -23.13
C ARG A 220 33.58 55.91 -22.54
N SER A 221 32.33 55.54 -22.77
CA SER A 221 31.22 56.31 -22.23
C SER A 221 31.13 56.10 -20.72
N GLN A 222 30.49 57.06 -20.04
CA GLN A 222 30.33 57.01 -18.60
C GLN A 222 29.12 56.13 -18.26
N VAL A 223 29.36 55.00 -17.59
CA VAL A 223 28.30 54.14 -17.08
C VAL A 223 28.40 54.11 -15.57
N ASN A 224 27.29 54.35 -14.88
CA ASN A 224 27.25 54.44 -13.42
C ASN A 224 28.30 55.41 -12.90
N GLY A 225 28.61 56.45 -13.69
CA GLY A 225 29.59 57.44 -13.31
C GLY A 225 31.03 57.07 -13.59
N GLN A 226 31.29 55.92 -14.22
CA GLN A 226 32.66 55.46 -14.46
C GLN A 226 32.91 55.26 -15.95
N ARG A 227 34.00 55.83 -16.44
CA ARG A 227 34.49 55.54 -17.78
C ARG A 227 35.43 54.35 -17.81
N GLY A 228 35.84 53.85 -16.64
CA GLY A 228 36.60 52.62 -16.57
C GLY A 228 35.73 51.39 -16.60
N ARG A 229 36.36 50.24 -16.80
CA ARG A 229 35.65 48.98 -16.89
C ARG A 229 36.41 47.90 -16.15
N MET A 230 35.68 46.90 -15.68
CA MET A 230 36.27 45.74 -15.02
C MET A 230 35.73 44.47 -15.67
N ASP A 231 36.62 43.68 -16.26
CA ASP A 231 36.25 42.43 -16.92
C ASP A 231 36.62 41.27 -15.98
N PHE A 232 35.61 40.50 -15.60
CA PHE A 232 35.80 39.37 -14.69
C PHE A 232 35.80 38.05 -15.44
N PHE A 233 36.51 37.08 -14.88
CA PHE A 233 36.64 35.75 -15.45
C PHE A 233 36.38 34.72 -14.37
N TRP A 234 36.31 33.45 -14.78
CA TRP A 234 36.12 32.36 -13.82
C TRP A 234 36.67 31.08 -14.39
N THR A 235 36.95 30.14 -13.48
CA THR A 235 37.36 28.80 -13.86
C THR A 235 36.99 27.85 -12.74
N ILE A 236 36.85 26.58 -13.09
CA ILE A 236 36.59 25.54 -12.10
C ILE A 236 37.91 24.84 -11.81
N LEU A 237 38.47 25.11 -10.64
CA LEU A 237 39.72 24.48 -10.23
C LEU A 237 39.42 23.08 -9.72
N LYS A 238 39.91 22.07 -10.44
CA LYS A 238 39.69 20.69 -10.03
C LYS A 238 40.46 20.40 -8.74
N PRO A 239 40.00 19.42 -7.95
CA PRO A 239 40.70 19.10 -6.70
C PRO A 239 42.15 18.71 -6.95
N ASN A 240 43.02 19.12 -6.02
CA ASN A 240 44.45 18.87 -6.04
C ASN A 240 45.16 19.58 -7.19
N ASP A 241 44.45 20.38 -7.98
CA ASP A 241 45.10 21.26 -8.93
C ASP A 241 45.44 22.57 -8.25
N ALA A 242 46.33 23.34 -8.88
CA ALA A 242 46.71 24.64 -8.36
C ALA A 242 46.54 25.70 -9.44
N ILE A 243 46.07 26.87 -9.02
CA ILE A 243 45.98 28.04 -9.89
C ILE A 243 47.18 28.94 -9.60
N HIS A 244 47.70 29.58 -10.65
CA HIS A 244 48.86 30.44 -10.52
C HIS A 244 48.54 31.81 -11.09
N PHE A 245 48.76 32.86 -10.30
CA PHE A 245 48.51 34.23 -10.70
C PHE A 245 49.82 35.00 -10.77
N GLU A 246 49.92 35.88 -11.77
CA GLU A 246 51.05 36.78 -11.89
C GLU A 246 50.58 38.06 -12.56
N SER A 247 50.91 39.20 -11.96
CA SER A 247 50.53 40.49 -12.52
C SER A 247 51.40 41.58 -11.89
N ASN A 248 51.53 42.68 -12.62
CA ASN A 248 52.18 43.87 -12.11
C ASN A 248 51.27 45.10 -12.22
N GLY A 249 49.97 44.87 -12.23
CA GLY A 249 49.01 45.95 -12.22
C GLY A 249 47.64 45.51 -12.69
N ASN A 250 46.65 46.35 -12.38
CA ASN A 250 45.28 46.21 -12.87
C ASN A 250 44.64 44.89 -12.46
N PHE A 251 45.12 44.29 -11.39
CA PHE A 251 44.69 42.96 -10.96
C PHE A 251 43.59 43.09 -9.92
N ILE A 252 42.44 42.48 -10.20
CA ILE A 252 41.36 42.34 -9.22
C ILE A 252 41.48 40.93 -8.67
N ALA A 253 42.24 40.79 -7.58
CA ALA A 253 42.53 39.48 -7.02
C ALA A 253 41.31 38.91 -6.28
N PRO A 254 41.20 37.59 -6.21
CA PRO A 254 40.12 36.98 -5.42
C PRO A 254 40.49 36.84 -3.95
N GLU A 255 39.47 36.99 -3.10
CA GLU A 255 39.58 36.63 -1.70
C GLU A 255 38.84 35.34 -1.37
N TYR A 256 37.69 35.11 -2.00
CA TYR A 256 36.89 33.93 -1.76
C TYR A 256 36.74 33.13 -3.05
N ALA A 257 36.62 31.81 -2.89
CA ALA A 257 36.25 30.87 -3.93
C ALA A 257 34.94 30.19 -3.53
N TYR A 258 34.54 29.16 -4.27
CA TYR A 258 33.26 28.50 -4.00
C TYR A 258 33.42 26.99 -4.16
N LYS A 259 33.39 26.27 -3.05
CA LYS A 259 33.27 24.81 -3.12
C LYS A 259 31.93 24.47 -3.77
N ILE A 260 31.99 23.76 -4.89
CA ILE A 260 30.81 23.54 -5.71
C ILE A 260 30.72 22.08 -6.11
N VAL A 261 29.54 21.50 -5.96
CA VAL A 261 29.24 20.12 -6.37
C VAL A 261 27.98 20.16 -7.22
N LYS A 262 28.08 19.72 -8.47
CA LYS A 262 26.96 19.70 -9.39
C LYS A 262 26.60 18.27 -9.74
N LYS A 263 25.33 17.92 -9.58
CA LYS A 263 24.82 16.60 -9.93
C LYS A 263 23.82 16.65 -11.07
N GLY A 264 22.76 17.45 -10.94
CA GLY A 264 21.79 17.63 -11.99
C GLY A 264 21.88 19.03 -12.59
N ASP A 265 20.97 19.29 -13.51
CA ASP A 265 20.94 20.56 -14.22
C ASP A 265 19.52 21.11 -14.23
N SER A 266 19.44 22.43 -14.37
CA SER A 266 18.17 23.16 -14.41
C SER A 266 18.37 24.40 -15.28
N THR A 267 17.48 25.37 -15.15
CA THR A 267 17.64 26.65 -15.83
C THR A 267 17.32 27.77 -14.86
N ILE A 268 17.39 29.00 -15.36
CA ILE A 268 17.11 30.19 -14.57
C ILE A 268 15.73 30.70 -14.94
N MET A 269 14.87 30.89 -13.94
CA MET A 269 13.50 31.36 -14.15
C MET A 269 13.40 32.84 -13.78
N LYS A 270 12.83 33.63 -14.69
CA LYS A 270 12.58 35.05 -14.46
C LYS A 270 11.15 35.20 -13.95
N SER A 271 11.00 35.62 -12.69
CA SER A 271 9.68 35.73 -12.10
C SER A 271 9.71 36.76 -10.98
N GLY A 272 8.53 37.32 -10.70
CA GLY A 272 8.37 38.26 -9.61
C GLY A 272 7.46 37.71 -8.52
N VAL A 273 6.97 36.48 -8.72
CA VAL A 273 6.06 35.86 -7.76
C VAL A 273 6.80 35.53 -6.47
N GLU A 274 6.08 35.52 -5.36
CA GLU A 274 6.66 35.32 -4.05
C GLU A 274 6.68 33.83 -3.68
N TYR A 275 7.75 33.43 -3.00
CA TYR A 275 7.91 32.06 -2.54
C TYR A 275 6.85 31.73 -1.50
N GLY A 276 6.35 30.49 -1.54
CA GLY A 276 5.19 30.14 -0.74
C GLY A 276 5.29 28.91 0.14
N HIS A 277 6.51 28.53 0.53
CA HIS A 277 6.72 27.43 1.49
C HIS A 277 6.01 26.15 1.07
N CYS A 278 6.08 25.84 -0.21
CA CYS A 278 5.36 24.70 -0.79
C CYS A 278 6.35 23.72 -1.41
N ASN A 279 5.80 22.71 -2.08
CA ASN A 279 6.59 21.72 -2.79
C ASN A 279 5.80 21.27 -4.01
N THR A 280 6.50 20.99 -5.09
CA THR A 280 5.83 20.62 -6.34
C THR A 280 6.80 19.83 -7.21
N LYS A 281 6.23 19.18 -8.23
CA LYS A 281 7.02 18.56 -9.28
C LYS A 281 7.16 19.44 -10.51
N CYS A 282 6.30 20.45 -10.66
CA CYS A 282 6.31 21.33 -11.82
C CYS A 282 6.16 22.77 -11.35
N GLN A 283 7.01 23.65 -11.89
CA GLN A 283 6.99 25.06 -11.53
C GLN A 283 6.98 25.93 -12.78
N THR A 284 6.18 26.99 -12.75
CA THR A 284 6.06 27.98 -13.81
C THR A 284 6.29 29.36 -13.21
N PRO A 285 6.67 30.35 -14.02
CA PRO A 285 6.93 31.68 -13.47
C PRO A 285 5.70 32.31 -12.85
N VAL A 286 4.49 31.83 -13.18
CA VAL A 286 3.28 32.37 -12.59
C VAL A 286 2.75 31.52 -11.44
N GLY A 287 3.23 30.30 -11.29
CA GLY A 287 2.78 29.45 -10.20
C GLY A 287 3.17 28.01 -10.43
N ALA A 288 2.81 27.18 -9.46
CA ALA A 288 3.11 25.76 -9.50
C ALA A 288 1.89 24.96 -9.94
N ILE A 289 2.15 23.81 -10.56
CA ILE A 289 1.11 22.94 -11.08
C ILE A 289 1.16 21.62 -10.32
N ASN A 290 0.06 21.26 -9.66
CA ASN A 290 -0.11 19.97 -8.99
C ASN A 290 -1.12 19.19 -9.81
N SER A 291 -0.63 18.28 -10.65
CA SER A 291 -1.48 17.67 -11.65
C SER A 291 -0.95 16.30 -12.07
N SER A 292 -1.86 15.50 -12.58
CA SER A 292 -1.54 14.30 -13.35
C SER A 292 -2.00 14.42 -14.79
N MET A 293 -2.66 15.53 -15.16
CA MET A 293 -3.25 15.68 -16.47
C MET A 293 -2.17 15.78 -17.54
N PRO A 294 -2.46 15.34 -18.78
CA PRO A 294 -1.42 15.28 -19.80
C PRO A 294 -1.13 16.60 -20.48
N PHE A 295 -2.06 17.56 -20.45
CA PHE A 295 -1.89 18.82 -21.16
C PHE A 295 -2.21 19.99 -20.25
N HIS A 296 -1.58 21.13 -20.52
CA HIS A 296 -1.79 22.35 -19.75
C HIS A 296 -1.54 23.55 -20.65
N ASN A 297 -2.04 24.71 -20.22
CA ASN A 297 -1.85 25.94 -20.99
C ASN A 297 -1.47 27.11 -20.08
N ILE A 298 -0.77 26.84 -18.99
CA ILE A 298 -0.48 27.87 -17.99
C ILE A 298 0.63 28.80 -18.47
N HIS A 299 1.80 28.24 -18.79
CA HIS A 299 2.95 29.04 -19.19
C HIS A 299 3.92 28.16 -19.95
N PRO A 300 4.58 28.69 -21.00
CA PRO A 300 5.53 27.86 -21.75
C PRO A 300 6.82 27.54 -21.00
N LEU A 301 7.27 28.42 -20.11
CA LEU A 301 8.59 28.29 -19.48
C LEU A 301 8.46 27.55 -18.15
N THR A 302 8.54 26.23 -18.21
CA THR A 302 8.35 25.40 -17.03
C THR A 302 9.66 24.73 -16.62
N ILE A 303 9.72 24.35 -15.34
CA ILE A 303 10.81 23.57 -14.78
C ILE A 303 10.21 22.37 -14.06
N GLY A 304 10.73 21.19 -14.35
CA GLY A 304 10.32 19.97 -13.69
C GLY A 304 9.63 18.99 -14.61
N GLU A 305 8.78 18.17 -14.01
CA GLU A 305 7.97 17.19 -14.71
C GLU A 305 6.58 17.79 -14.90
N CYS A 306 6.29 18.24 -16.11
CA CYS A 306 5.13 19.06 -16.40
C CYS A 306 4.32 18.45 -17.53
N PRO A 307 3.03 18.76 -17.61
CA PRO A 307 2.25 18.37 -18.78
C PRO A 307 2.72 19.10 -20.03
N LYS A 308 2.29 18.60 -21.18
CA LYS A 308 2.69 19.17 -22.45
C LYS A 308 1.94 20.46 -22.71
N TYR A 309 2.68 21.55 -22.90
CA TYR A 309 2.07 22.86 -23.15
C TYR A 309 1.36 22.87 -24.51
N VAL A 310 0.13 23.36 -24.53
CA VAL A 310 -0.69 23.43 -25.74
C VAL A 310 -1.38 24.78 -25.79
N LYS A 311 -2.03 25.03 -26.93
CA LYS A 311 -2.84 26.23 -27.14
C LYS A 311 -4.30 25.77 -27.17
N SER A 312 -4.93 25.78 -26.00
CA SER A 312 -6.32 25.36 -25.86
C SER A 312 -6.92 25.98 -24.62
N ASN A 313 -8.24 26.18 -24.65
CA ASN A 313 -8.98 26.61 -23.47
C ASN A 313 -9.78 25.47 -22.84
N LYS A 314 -10.01 24.39 -23.58
CA LYS A 314 -10.68 23.22 -23.06
C LYS A 314 -10.15 21.98 -23.78
N LEU A 315 -10.12 20.87 -23.05
CA LEU A 315 -9.99 19.54 -23.65
C LEU A 315 -10.96 18.67 -22.86
N VAL A 316 -12.21 18.63 -23.30
CA VAL A 316 -13.30 18.06 -22.53
C VAL A 316 -13.65 16.72 -23.15
N LEU A 317 -13.46 15.65 -22.37
CA LEU A 317 -13.80 14.30 -22.79
C LEU A 317 -15.18 13.94 -22.27
N ALA A 318 -16.07 13.53 -23.17
CA ALA A 318 -17.42 13.12 -22.78
C ALA A 318 -17.34 11.73 -22.16
N THR A 319 -17.64 11.64 -20.86
CA THR A 319 -17.74 10.34 -20.19
C THR A 319 -19.17 9.89 -19.98
N GLY A 320 -20.12 10.82 -19.91
CA GLY A 320 -21.52 10.49 -19.76
C GLY A 320 -22.22 10.29 -21.10
N LEU A 321 -23.54 10.19 -21.03
CA LEU A 321 -24.38 9.96 -22.18
C LEU A 321 -24.88 11.29 -22.74
N ARG A 322 -25.58 11.23 -23.87
CA ARG A 322 -26.18 12.42 -24.45
C ARG A 322 -27.34 12.87 -23.58
N ASN A 323 -27.17 14.00 -22.89
CA ASN A 323 -28.20 14.53 -22.00
C ASN A 323 -29.25 15.25 -22.84
N SER A 324 -30.46 14.71 -22.86
CA SER A 324 -31.57 15.30 -23.59
C SER A 324 -32.55 15.95 -22.61
N PRO A 325 -32.79 17.26 -22.70
CA PRO A 325 -33.73 17.95 -21.82
C PRO A 325 -35.19 17.70 -22.20
N GLY B 8 -32.75 6.65 -32.77
CA GLY B 8 -33.18 5.38 -33.33
C GLY B 8 -34.47 4.87 -32.72
N PHE B 9 -34.35 3.86 -31.85
CA PHE B 9 -35.51 3.35 -31.13
C PHE B 9 -35.83 4.22 -29.92
N ILE B 10 -34.87 4.31 -28.99
CA ILE B 10 -35.08 4.95 -27.69
C ILE B 10 -34.85 6.45 -27.89
N GLU B 11 -35.94 7.21 -27.97
CA GLU B 11 -35.87 8.64 -28.22
C GLU B 11 -36.38 9.40 -27.00
N GLY B 12 -35.56 10.33 -26.51
CA GLY B 12 -35.84 11.03 -25.28
C GLY B 12 -34.74 10.85 -24.25
N GLY B 13 -35.04 10.11 -23.18
CA GLY B 13 -34.08 9.89 -22.12
C GLY B 13 -34.69 10.13 -20.76
N TRP B 14 -34.63 9.13 -19.89
CA TRP B 14 -35.34 9.18 -18.62
C TRP B 14 -34.53 9.95 -17.60
N GLN B 15 -35.09 11.05 -17.09
CA GLN B 15 -34.54 11.64 -15.87
C GLN B 15 -34.66 10.64 -14.72
N GLY B 16 -35.87 10.08 -14.53
CA GLY B 16 -36.20 9.41 -13.28
C GLY B 16 -35.23 8.32 -12.88
N MET B 17 -34.62 7.65 -13.85
CA MET B 17 -33.57 6.69 -13.54
C MET B 17 -32.34 7.46 -13.05
N VAL B 18 -31.87 7.10 -11.86
CA VAL B 18 -30.69 7.74 -11.27
C VAL B 18 -29.67 6.74 -10.76
N ASP B 19 -29.92 5.44 -10.89
CA ASP B 19 -29.10 4.40 -10.29
C ASP B 19 -28.10 3.79 -11.27
N GLY B 20 -27.95 4.36 -12.46
CA GLY B 20 -26.99 3.84 -13.42
C GLY B 20 -26.89 4.69 -14.67
N TRP B 21 -26.72 4.04 -15.81
CA TRP B 21 -26.68 4.72 -17.10
C TRP B 21 -27.69 4.17 -18.09
N TYR B 22 -27.96 2.88 -18.06
CA TYR B 22 -29.02 2.26 -18.85
C TYR B 22 -30.00 1.58 -17.91
N GLY B 23 -31.27 1.61 -18.29
CA GLY B 23 -32.29 1.04 -17.41
C GLY B 23 -33.56 0.69 -18.14
N TYR B 24 -34.52 0.17 -17.36
CA TYR B 24 -35.80 -0.30 -17.86
C TYR B 24 -36.93 0.50 -17.21
N HIS B 25 -38.11 0.41 -17.83
CA HIS B 25 -39.32 1.03 -17.30
C HIS B 25 -40.48 0.06 -17.43
N HIS B 26 -41.27 -0.07 -16.37
CA HIS B 26 -42.42 -0.97 -16.36
C HIS B 26 -43.67 -0.20 -15.95
N SER B 27 -44.80 -0.53 -16.56
CA SER B 27 -46.05 0.18 -16.31
C SER B 27 -47.22 -0.80 -16.21
N ASN B 28 -47.04 -1.90 -15.48
CA ASN B 28 -48.15 -2.82 -15.30
C ASN B 28 -49.17 -2.26 -14.31
N GLU B 29 -50.30 -2.95 -14.19
CA GLU B 29 -51.39 -2.47 -13.33
C GLU B 29 -51.02 -2.51 -11.85
N GLN B 30 -50.01 -3.30 -11.47
CA GLN B 30 -49.56 -3.32 -10.09
C GLN B 30 -48.71 -2.11 -9.72
N GLY B 31 -48.17 -1.40 -10.71
CA GLY B 31 -47.40 -0.21 -10.45
C GLY B 31 -46.58 0.19 -11.65
N SER B 32 -46.07 1.41 -11.59
CA SER B 32 -45.22 1.96 -12.64
C SER B 32 -43.97 2.56 -12.00
N GLY B 33 -42.83 2.30 -12.63
CA GLY B 33 -41.56 2.80 -12.10
C GLY B 33 -40.42 2.45 -13.04
N TYR B 34 -39.24 2.92 -12.66
CA TYR B 34 -38.02 2.73 -13.44
C TYR B 34 -37.11 1.72 -12.75
N ALA B 35 -36.07 1.33 -13.48
CA ALA B 35 -35.04 0.43 -12.98
C ALA B 35 -33.73 0.76 -13.68
N ALA B 36 -32.64 0.24 -13.12
CA ALA B 36 -31.31 0.47 -13.67
C ALA B 36 -30.62 -0.87 -13.88
N ASP B 37 -30.11 -1.08 -15.09
CA ASP B 37 -29.27 -2.23 -15.34
C ASP B 37 -27.97 -2.11 -14.55
N LYS B 38 -27.30 -3.24 -14.38
CA LYS B 38 -25.98 -3.23 -13.76
C LYS B 38 -24.89 -3.76 -14.67
N GLU B 39 -25.11 -4.94 -15.27
CA GLU B 39 -24.05 -5.55 -16.08
C GLU B 39 -23.69 -4.68 -17.27
N SER B 40 -24.69 -4.10 -17.95
CA SER B 40 -24.41 -3.26 -19.11
C SER B 40 -23.82 -1.92 -18.69
N THR B 41 -24.39 -1.29 -17.65
CA THR B 41 -23.91 0.01 -17.21
C THR B 41 -22.50 -0.09 -16.62
N GLN B 42 -22.28 -1.07 -15.74
CA GLN B 42 -20.97 -1.20 -15.11
C GLN B 42 -19.88 -1.46 -16.14
N LYS B 43 -20.15 -2.32 -17.12
CA LYS B 43 -19.17 -2.54 -18.20
C LYS B 43 -18.87 -1.25 -18.94
N ALA B 44 -19.84 -0.34 -19.00
CA ALA B 44 -19.61 0.97 -19.60
C ALA B 44 -18.82 1.89 -18.68
N ILE B 45 -19.05 1.80 -17.36
CA ILE B 45 -18.31 2.64 -16.43
C ILE B 45 -16.82 2.32 -16.49
N ASP B 46 -16.47 1.03 -16.50
CA ASP B 46 -15.07 0.65 -16.60
C ASP B 46 -14.47 1.07 -17.94
N GLY B 47 -15.24 0.90 -19.02
CA GLY B 47 -14.70 1.19 -20.34
C GLY B 47 -14.32 2.64 -20.52
N VAL B 48 -15.21 3.55 -20.12
CA VAL B 48 -14.90 4.97 -20.29
C VAL B 48 -13.94 5.45 -19.21
N THR B 49 -13.93 4.84 -18.03
CA THR B 49 -12.93 5.20 -17.03
C THR B 49 -11.54 4.76 -17.46
N ASN B 50 -11.43 3.55 -18.02
CA ASN B 50 -10.15 3.11 -18.56
C ASN B 50 -9.75 3.92 -19.78
N LYS B 51 -10.73 4.25 -20.64
CA LYS B 51 -10.43 5.06 -21.82
C LYS B 51 -9.88 6.42 -21.40
N VAL B 52 -10.50 7.06 -20.40
CA VAL B 52 -9.98 8.31 -19.90
C VAL B 52 -8.60 8.10 -19.29
N ASN B 53 -8.45 7.06 -18.48
CA ASN B 53 -7.15 6.79 -17.85
C ASN B 53 -6.09 6.42 -18.87
N SER B 54 -6.47 5.76 -19.96
CA SER B 54 -5.50 5.41 -21.00
C SER B 54 -4.90 6.67 -21.63
N ILE B 55 -5.72 7.71 -21.82
CA ILE B 55 -5.23 8.95 -22.38
C ILE B 55 -4.31 9.68 -21.39
N ILE B 56 -4.63 9.62 -20.10
CA ILE B 56 -3.80 10.27 -19.09
C ILE B 56 -2.51 9.47 -18.85
N ASP B 57 -2.65 8.20 -18.49
CA ASP B 57 -1.52 7.47 -17.92
C ASP B 57 -0.46 7.14 -18.97
N LYS B 58 -0.82 7.06 -20.24
CA LYS B 58 0.14 6.73 -21.29
C LYS B 58 1.08 7.89 -21.63
N MET B 59 0.96 9.03 -20.96
CA MET B 59 1.79 10.18 -21.26
C MET B 59 3.11 10.08 -20.51
N ASN B 60 4.22 10.08 -21.25
CA ASN B 60 5.55 10.05 -20.66
C ASN B 60 5.99 11.46 -20.29
N THR B 61 6.37 11.67 -19.03
CA THR B 61 6.78 12.98 -18.56
C THR B 61 8.20 12.90 -18.00
N GLN B 62 9.06 13.80 -18.45
CA GLN B 62 10.44 13.89 -17.99
C GLN B 62 10.71 15.24 -17.36
N PHE B 63 11.82 15.33 -16.65
CA PHE B 63 12.28 16.59 -16.10
C PHE B 63 12.86 17.43 -17.24
N GLU B 64 12.32 18.64 -17.42
CA GLU B 64 12.83 19.56 -18.42
C GLU B 64 12.87 20.96 -17.82
N ALA B 65 13.97 21.66 -18.06
CA ALA B 65 14.16 23.03 -17.63
C ALA B 65 14.09 23.91 -18.86
N VAL B 66 13.05 24.72 -18.96
CA VAL B 66 12.80 25.58 -20.11
C VAL B 66 13.12 27.01 -19.72
N GLY B 67 13.99 27.65 -20.50
CA GLY B 67 14.39 29.01 -20.21
C GLY B 67 14.94 29.69 -21.43
N ARG B 68 15.29 30.96 -21.25
CA ARG B 68 15.88 31.80 -22.28
C ARG B 68 17.28 32.18 -21.80
N GLU B 69 18.27 31.37 -22.17
CA GLU B 69 19.63 31.56 -21.71
C GLU B 69 20.59 31.89 -22.86
N PHE B 70 20.08 32.52 -23.92
CA PHE B 70 20.91 32.99 -25.02
C PHE B 70 20.86 34.51 -25.08
N ASN B 71 22.02 35.14 -25.22
CA ASN B 71 22.11 36.60 -25.20
C ASN B 71 21.80 37.16 -26.59
N ASN B 72 21.97 38.48 -26.74
CA ASN B 72 21.57 39.17 -27.96
C ASN B 72 22.49 38.90 -29.13
N LEU B 73 23.63 38.24 -28.91
CA LEU B 73 24.50 37.82 -30.01
C LEU B 73 24.37 36.33 -30.31
N GLU B 74 23.40 35.65 -29.71
CA GLU B 74 23.09 34.27 -30.02
C GLU B 74 21.65 34.14 -30.50
N ARG B 75 21.15 35.18 -31.18
CA ARG B 75 19.75 35.21 -31.60
C ARG B 75 19.45 34.11 -32.62
N ARG B 76 20.44 33.72 -33.41
CA ARG B 76 20.23 32.60 -34.33
C ARG B 76 19.94 31.31 -33.57
N ILE B 77 20.71 31.05 -32.52
CA ILE B 77 20.45 29.85 -31.71
C ILE B 77 19.13 30.00 -30.96
N GLU B 78 18.84 31.20 -30.44
CA GLU B 78 17.59 31.42 -29.73
C GLU B 78 16.39 31.18 -30.64
N ASN B 79 16.46 31.63 -31.89
CA ASN B 79 15.39 31.36 -32.85
C ASN B 79 15.28 29.87 -33.14
N LEU B 80 16.39 29.14 -33.11
CA LEU B 80 16.33 27.69 -33.24
C LEU B 80 15.53 27.07 -32.10
N ASN B 81 15.72 27.58 -30.88
CA ASN B 81 14.93 27.10 -29.76
C ASN B 81 13.46 27.44 -29.94
N LYS B 82 13.16 28.65 -30.42
CA LYS B 82 11.77 29.05 -30.62
C LYS B 82 11.08 28.16 -31.63
N LYS B 83 11.76 27.85 -32.75
CA LYS B 83 11.17 27.00 -33.77
C LYS B 83 10.84 25.62 -33.21
N MET B 84 11.74 25.06 -32.39
CA MET B 84 11.44 23.77 -31.77
C MET B 84 10.27 23.87 -30.81
N GLU B 85 10.24 24.91 -29.97
CA GLU B 85 9.17 25.03 -28.99
C GLU B 85 7.81 25.20 -29.68
N ASP B 86 7.77 26.01 -30.74
CA ASP B 86 6.52 26.18 -31.46
C ASP B 86 6.14 24.93 -32.24
N GLY B 87 7.13 24.21 -32.76
CA GLY B 87 6.84 22.98 -33.48
C GLY B 87 6.20 21.93 -32.61
N PHE B 88 6.69 21.76 -31.38
CA PHE B 88 6.11 20.79 -30.48
C PHE B 88 4.73 21.24 -30.00
N LEU B 89 4.54 22.54 -29.81
CA LEU B 89 3.22 23.04 -29.45
C LEU B 89 2.20 22.75 -30.55
N ASP B 90 2.59 22.97 -31.81
CA ASP B 90 1.69 22.69 -32.92
C ASP B 90 1.35 21.21 -33.00
N VAL B 91 2.33 20.35 -32.74
CA VAL B 91 2.08 18.91 -32.75
C VAL B 91 1.15 18.51 -31.60
N TRP B 92 1.45 19.00 -30.40
CA TRP B 92 0.67 18.58 -29.23
C TRP B 92 -0.73 19.16 -29.25
N THR B 93 -0.87 20.43 -29.64
CA THR B 93 -2.20 21.03 -29.74
C THR B 93 -3.05 20.30 -30.76
N TYR B 94 -2.47 19.99 -31.93
CA TYR B 94 -3.22 19.31 -32.97
C TYR B 94 -3.57 17.89 -32.58
N ASN B 95 -2.60 17.15 -32.02
CA ASN B 95 -2.87 15.76 -31.66
C ASN B 95 -3.89 15.67 -30.53
N ALA B 96 -3.78 16.54 -29.53
CA ALA B 96 -4.71 16.49 -28.40
C ALA B 96 -6.12 16.85 -28.84
N GLU B 97 -6.26 17.92 -29.62
CA GLU B 97 -7.60 18.38 -30.02
C GLU B 97 -8.31 17.32 -30.87
N LEU B 98 -7.59 16.68 -31.78
CA LEU B 98 -8.20 15.63 -32.59
C LEU B 98 -8.45 14.36 -31.76
N LEU B 99 -7.58 14.07 -30.80
CA LEU B 99 -7.79 12.90 -29.95
C LEU B 99 -9.09 13.04 -29.15
N VAL B 100 -9.35 14.24 -28.61
CA VAL B 100 -10.60 14.45 -27.88
C VAL B 100 -11.78 14.32 -28.83
N LEU B 101 -11.69 14.94 -30.01
CA LEU B 101 -12.81 14.91 -30.96
C LEU B 101 -13.11 13.49 -31.42
N MET B 102 -12.07 12.72 -31.76
CA MET B 102 -12.27 11.37 -32.28
C MET B 102 -12.82 10.44 -31.21
N GLU B 103 -12.26 10.50 -30.00
CA GLU B 103 -12.71 9.59 -28.94
C GLU B 103 -14.07 9.99 -28.39
N ASN B 104 -14.42 11.28 -28.45
CA ASN B 104 -15.72 11.72 -27.98
C ASN B 104 -16.84 11.14 -28.84
N GLU B 105 -16.64 11.11 -30.15
CA GLU B 105 -17.66 10.56 -31.05
C GLU B 105 -17.88 9.08 -30.80
N ARG B 106 -16.80 8.34 -30.54
CA ARG B 106 -16.92 6.91 -30.30
C ARG B 106 -17.46 6.61 -28.90
N THR B 107 -17.15 7.45 -27.92
CA THR B 107 -17.73 7.27 -26.59
C THR B 107 -19.25 7.45 -26.62
N LEU B 108 -19.73 8.45 -27.36
CA LEU B 108 -21.17 8.64 -27.49
C LEU B 108 -21.81 7.48 -28.25
N ASP B 109 -21.15 7.00 -29.30
CA ASP B 109 -21.71 5.87 -30.04
C ASP B 109 -21.61 4.57 -29.24
N PHE B 110 -20.66 4.48 -28.31
CA PHE B 110 -20.60 3.35 -27.41
C PHE B 110 -21.86 3.26 -26.56
N HIS B 111 -22.35 4.42 -26.09
CA HIS B 111 -23.60 4.43 -25.33
C HIS B 111 -24.78 3.99 -26.19
N ASP B 112 -24.82 4.44 -27.46
CA ASP B 112 -25.90 4.05 -28.36
C ASP B 112 -25.92 2.54 -28.59
N SER B 113 -24.74 1.94 -28.79
CA SER B 113 -24.66 0.50 -28.99
C SER B 113 -25.13 -0.26 -27.74
N ASN B 114 -24.69 0.19 -26.57
CA ASN B 114 -25.06 -0.51 -25.34
C ASN B 114 -26.57 -0.48 -25.11
N VAL B 115 -27.20 0.68 -25.35
CA VAL B 115 -28.64 0.78 -25.15
C VAL B 115 -29.39 -0.12 -26.12
N LYS B 116 -28.98 -0.13 -27.39
CA LYS B 116 -29.66 -0.98 -28.38
C LYS B 116 -29.48 -2.45 -28.05
N ASN B 117 -28.30 -2.83 -27.56
CA ASN B 117 -28.04 -4.22 -27.23
C ASN B 117 -28.77 -4.69 -25.97
N LEU B 118 -29.55 -3.80 -25.34
CA LEU B 118 -30.53 -4.20 -24.34
C LEU B 118 -31.94 -4.25 -24.89
N TYR B 119 -32.26 -3.36 -25.83
CA TYR B 119 -33.55 -3.41 -26.51
C TYR B 119 -33.71 -4.71 -27.29
N ASP B 120 -32.66 -5.11 -28.02
CA ASP B 120 -32.74 -6.35 -28.78
C ASP B 120 -32.72 -7.57 -27.88
N LYS B 121 -32.06 -7.47 -26.73
CA LYS B 121 -32.07 -8.59 -25.77
C LYS B 121 -33.48 -8.88 -25.30
N VAL B 122 -34.27 -7.84 -25.04
CA VAL B 122 -35.69 -8.04 -24.75
C VAL B 122 -36.39 -8.61 -25.98
N ARG B 123 -36.06 -8.10 -27.16
CA ARG B 123 -36.73 -8.54 -28.39
C ARG B 123 -36.51 -10.02 -28.64
N LEU B 124 -35.29 -10.51 -28.47
CA LEU B 124 -35.00 -11.92 -28.68
C LEU B 124 -35.48 -12.79 -27.52
N GLN B 125 -35.85 -12.19 -26.39
CA GLN B 125 -36.44 -12.93 -25.28
C GLN B 125 -37.95 -12.94 -25.33
N LEU B 126 -38.56 -11.87 -25.85
CA LEU B 126 -40.01 -11.74 -25.88
C LEU B 126 -40.65 -12.63 -26.94
N ARG B 127 -39.96 -12.87 -28.05
CA ARG B 127 -40.47 -13.68 -29.17
C ARG B 127 -41.77 -13.04 -29.64
N ASP B 128 -42.87 -13.79 -29.75
CA ASP B 128 -44.17 -13.21 -30.09
C ASP B 128 -45.11 -13.38 -28.90
N ASN B 129 -44.99 -12.47 -27.94
CA ASN B 129 -45.98 -12.26 -26.90
C ASN B 129 -46.41 -10.82 -26.81
N ALA B 130 -45.69 -9.90 -27.44
CA ALA B 130 -45.92 -8.48 -27.32
C ALA B 130 -45.63 -7.81 -28.66
N LYS B 131 -46.17 -6.61 -28.82
CA LYS B 131 -45.94 -5.79 -29.99
C LYS B 131 -44.98 -4.66 -29.64
N GLU B 132 -43.97 -4.45 -30.48
CA GLU B 132 -43.15 -3.26 -30.35
C GLU B 132 -44.04 -2.02 -30.47
N LEU B 133 -43.67 -0.96 -29.78
CA LEU B 133 -44.42 0.29 -29.89
C LEU B 133 -43.81 1.25 -30.89
N GLY B 134 -42.60 0.99 -31.38
CA GLY B 134 -41.91 1.89 -32.27
C GLY B 134 -41.13 2.98 -31.57
N ASN B 135 -41.36 3.19 -30.28
CA ASN B 135 -40.67 4.22 -29.50
C ASN B 135 -39.69 3.62 -28.49
N GLY B 136 -39.33 2.35 -28.65
CA GLY B 136 -38.50 1.68 -27.69
C GLY B 136 -39.24 0.95 -26.60
N CYS B 137 -40.49 0.55 -26.84
CA CYS B 137 -41.30 -0.13 -25.85
C CYS B 137 -41.99 -1.33 -26.47
N PHE B 138 -42.33 -2.30 -25.62
CA PHE B 138 -42.96 -3.55 -26.04
C PHE B 138 -44.31 -3.67 -25.34
N GLU B 139 -45.40 -3.51 -26.09
CA GLU B 139 -46.75 -3.61 -25.54
C GLU B 139 -47.07 -5.08 -25.29
N PHE B 140 -47.00 -5.50 -24.02
CA PHE B 140 -47.27 -6.88 -23.66
C PHE B 140 -48.76 -7.15 -23.81
N TYR B 141 -49.21 -7.52 -25.01
CA TYR B 141 -50.63 -7.77 -25.21
C TYR B 141 -51.10 -9.02 -24.47
N HIS B 142 -50.17 -9.88 -24.04
CA HIS B 142 -50.49 -10.97 -23.13
C HIS B 142 -50.56 -10.43 -21.70
N LYS B 143 -50.61 -11.31 -20.72
CA LYS B 143 -50.63 -10.88 -19.33
C LYS B 143 -49.21 -10.83 -18.77
N CYS B 144 -48.99 -9.88 -17.86
CA CYS B 144 -47.68 -9.67 -17.26
C CYS B 144 -47.83 -9.43 -15.77
N ASP B 145 -46.74 -9.66 -15.05
CA ASP B 145 -46.70 -9.55 -13.60
C ASP B 145 -45.48 -8.70 -13.24
N ASN B 146 -45.51 -8.14 -12.02
CA ASN B 146 -44.32 -7.46 -11.50
C ASN B 146 -43.14 -8.42 -11.42
N GLU B 147 -43.38 -9.65 -10.95
CA GLU B 147 -42.34 -10.66 -10.96
C GLU B 147 -41.92 -11.02 -12.38
N CYS B 148 -42.88 -11.05 -13.31
CA CYS B 148 -42.56 -11.27 -14.71
C CYS B 148 -41.72 -10.13 -15.29
N MET B 149 -41.80 -8.93 -14.71
CA MET B 149 -41.07 -7.79 -15.24
C MET B 149 -39.56 -7.98 -15.11
N GLU B 150 -39.10 -8.45 -13.94
CA GLU B 150 -37.66 -8.64 -13.77
C GLU B 150 -37.17 -9.87 -14.52
N SER B 151 -38.01 -10.88 -14.71
CA SER B 151 -37.61 -12.04 -15.51
C SER B 151 -37.17 -11.61 -16.91
N VAL B 152 -37.75 -10.52 -17.41
CA VAL B 152 -37.25 -9.89 -18.63
C VAL B 152 -35.90 -9.23 -18.39
N ARG B 153 -35.77 -8.50 -17.27
CA ARG B 153 -34.53 -7.82 -16.94
C ARG B 153 -33.47 -8.81 -16.47
N ASN B 154 -33.86 -9.80 -15.66
CA ASN B 154 -32.94 -10.83 -15.21
C ASN B 154 -32.43 -11.71 -16.35
N GLY B 155 -33.07 -11.66 -17.51
CA GLY B 155 -32.76 -12.59 -18.58
C GLY B 155 -33.35 -13.97 -18.40
N THR B 156 -34.26 -14.13 -17.45
CA THR B 156 -34.87 -15.43 -17.14
C THR B 156 -36.31 -15.52 -17.65
N TYR B 157 -36.70 -14.66 -18.59
CA TYR B 157 -38.06 -14.69 -19.11
C TYR B 157 -38.36 -16.03 -19.77
N ASP B 158 -39.55 -16.56 -19.52
CA ASP B 158 -39.94 -17.89 -19.96
C ASP B 158 -41.20 -17.76 -20.82
N TYR B 159 -41.00 -17.86 -22.13
CA TYR B 159 -42.12 -17.92 -23.07
C TYR B 159 -43.10 -19.06 -22.77
N PRO B 160 -42.66 -20.30 -22.42
CA PRO B 160 -43.64 -21.37 -22.13
C PRO B 160 -44.67 -21.05 -21.06
N GLN B 161 -44.40 -20.08 -20.18
CA GLN B 161 -45.42 -19.66 -19.22
C GLN B 161 -46.66 -19.12 -19.92
N TYR B 162 -46.45 -18.23 -20.89
CA TYR B 162 -47.52 -17.62 -21.66
C TYR B 162 -47.48 -18.07 -23.12
N SER B 163 -46.96 -19.28 -23.36
CA SER B 163 -46.78 -19.77 -24.72
C SER B 163 -48.11 -19.90 -25.45
N GLU B 164 -48.98 -20.79 -24.96
CA GLU B 164 -50.30 -20.93 -25.56
C GLU B 164 -51.14 -19.67 -25.35
N GLU B 165 -50.92 -18.96 -24.24
CA GLU B 165 -51.62 -17.71 -23.99
C GLU B 165 -51.32 -16.67 -25.07
N ALA B 166 -50.13 -16.73 -25.67
CA ALA B 166 -49.80 -15.83 -26.76
C ALA B 166 -50.72 -16.05 -27.95
N ARG B 167 -50.93 -17.32 -28.34
CA ARG B 167 -51.86 -17.64 -29.41
C ARG B 167 -53.29 -17.28 -29.03
N LEU B 168 -53.62 -17.32 -27.74
CA LEU B 168 -54.92 -16.85 -27.28
C LEU B 168 -55.09 -15.33 -27.44
N LYS B 169 -54.01 -14.60 -27.69
CA LYS B 169 -54.07 -13.17 -27.95
C LYS B 169 -53.57 -12.79 -29.34
N ARG B 170 -52.80 -13.65 -30.01
CA ARG B 170 -52.25 -13.32 -31.32
C ARG B 170 -53.25 -13.62 -32.43
N GLU B 171 -53.63 -14.89 -32.60
CA GLU B 171 -54.56 -15.27 -33.66
C GLU B 171 -56.01 -15.08 -33.26
N GLU B 172 -56.32 -15.05 -31.97
CA GLU B 172 -57.70 -14.86 -31.53
C GLU B 172 -58.16 -13.42 -31.68
N ILE B 173 -57.28 -12.46 -31.38
CA ILE B 173 -57.62 -11.04 -31.47
C ILE B 173 -57.51 -10.63 -32.93
N SER B 174 -58.63 -10.60 -33.62
CA SER B 174 -58.67 -10.23 -35.04
C SER B 174 -59.54 -9.00 -35.27
N PRO C 3 -36.20 -30.77 -29.51
CA PRO C 3 -35.32 -31.76 -30.17
C PRO C 3 -35.06 -31.41 -31.64
N GLY C 4 -35.27 -30.15 -32.00
CA GLY C 4 -35.12 -29.71 -33.37
C GLY C 4 -33.67 -29.51 -33.78
N ASP C 5 -33.51 -29.14 -35.06
CA ASP C 5 -32.18 -28.93 -35.61
C ASP C 5 -31.68 -27.52 -35.30
N GLN C 6 -30.37 -27.36 -35.30
CA GLN C 6 -29.76 -26.09 -34.92
C GLN C 6 -28.65 -25.71 -35.90
N ILE C 7 -28.61 -24.44 -36.26
CA ILE C 7 -27.48 -23.84 -36.99
C ILE C 7 -26.94 -22.71 -36.12
N CYS C 8 -25.63 -22.72 -35.90
CA CYS C 8 -24.98 -21.80 -34.97
C CYS C 8 -24.01 -20.89 -35.69
N ILE C 9 -23.73 -19.76 -35.08
CA ILE C 9 -22.77 -18.78 -35.59
C ILE C 9 -21.73 -18.51 -34.51
N GLY C 10 -20.46 -18.55 -34.88
CA GLY C 10 -19.38 -18.37 -33.92
C GLY C 10 -18.09 -18.06 -34.64
N TYR C 11 -17.04 -17.89 -33.85
CA TYR C 11 -15.72 -17.54 -34.36
C TYR C 11 -14.69 -18.56 -33.92
N HIS C 12 -13.43 -18.29 -34.27
CA HIS C 12 -12.33 -19.21 -34.02
C HIS C 12 -11.67 -18.92 -32.68
N ALA C 13 -11.23 -19.98 -32.00
CA ALA C 13 -10.46 -19.86 -30.77
C ALA C 13 -9.30 -20.85 -30.83
N ASN C 14 -8.25 -20.55 -30.08
CA ASN C 14 -7.06 -21.40 -30.09
C ASN C 14 -6.40 -21.36 -28.72
N ASN C 15 -5.17 -21.84 -28.64
CA ASN C 15 -4.43 -21.98 -27.39
C ASN C 15 -3.39 -20.87 -27.23
N SER C 16 -3.70 -19.66 -27.68
CA SER C 16 -2.77 -18.54 -27.62
C SER C 16 -2.82 -17.85 -26.27
N THR C 17 -1.65 -17.53 -25.74
CA THR C 17 -1.52 -16.77 -24.50
C THR C 17 -1.28 -15.28 -24.76
N GLU C 18 -1.20 -14.87 -26.02
CA GLU C 18 -0.89 -13.49 -26.36
C GLU C 18 -1.97 -12.55 -25.82
N GLN C 19 -1.53 -11.46 -25.17
CA GLN C 19 -2.43 -10.48 -24.58
C GLN C 19 -2.19 -9.12 -25.23
N VAL C 20 -3.29 -8.42 -25.54
CA VAL C 20 -3.24 -7.06 -26.05
C VAL C 20 -4.10 -6.18 -25.16
N ASP C 21 -3.75 -4.90 -25.12
CA ASP C 21 -4.51 -3.90 -24.39
C ASP C 21 -5.23 -3.01 -25.39
N THR C 22 -6.49 -2.69 -25.12
CA THR C 22 -7.26 -1.78 -25.92
C THR C 22 -7.44 -0.46 -25.18
N ILE C 23 -8.08 0.50 -25.85
CA ILE C 23 -8.32 1.79 -25.23
C ILE C 23 -9.29 1.67 -24.06
N MET C 24 -10.14 0.64 -24.05
CA MET C 24 -11.13 0.49 -23.00
C MET C 24 -10.90 -0.73 -22.11
N GLU C 25 -10.10 -1.70 -22.55
CA GLU C 25 -9.87 -2.91 -21.76
C GLU C 25 -8.38 -3.21 -21.70
N LYS C 26 -7.96 -3.82 -20.60
CA LYS C 26 -6.59 -4.27 -20.42
C LYS C 26 -6.56 -5.79 -20.27
N ASN C 27 -5.44 -6.39 -20.68
CA ASN C 27 -5.21 -7.83 -20.56
C ASN C 27 -6.29 -8.64 -21.28
N VAL C 28 -6.33 -8.48 -22.59
CA VAL C 28 -7.29 -9.16 -23.45
C VAL C 28 -6.55 -10.18 -24.29
N THR C 29 -6.83 -11.46 -24.08
CA THR C 29 -6.16 -12.52 -24.83
C THR C 29 -6.75 -12.63 -26.23
N VAL C 30 -5.88 -12.75 -27.22
CA VAL C 30 -6.29 -12.79 -28.62
C VAL C 30 -5.64 -13.99 -29.30
N THR C 31 -6.25 -14.42 -30.41
CA THR C 31 -5.76 -15.58 -31.13
C THR C 31 -4.40 -15.29 -31.77
N HIS C 32 -4.29 -14.19 -32.50
CA HIS C 32 -3.05 -13.81 -33.16
C HIS C 32 -2.72 -12.36 -32.86
N ALA C 33 -1.43 -12.04 -32.86
CA ALA C 33 -0.99 -10.69 -32.56
C ALA C 33 0.38 -10.47 -33.19
N GLN C 34 0.76 -9.20 -33.33
CA GLN C 34 2.05 -8.83 -33.88
C GLN C 34 2.60 -7.62 -33.14
N ASP C 35 3.90 -7.69 -32.80
CA ASP C 35 4.59 -6.58 -32.15
C ASP C 35 5.27 -5.71 -33.20
N ILE C 36 4.99 -4.41 -33.17
CA ILE C 36 5.64 -3.46 -34.08
C ILE C 36 6.85 -2.78 -33.44
N LEU C 37 7.21 -3.16 -32.22
CA LEU C 37 8.40 -2.65 -31.55
C LEU C 37 9.59 -3.54 -31.87
N GLU C 38 10.74 -2.92 -32.11
CA GLU C 38 11.97 -3.65 -32.41
C GLU C 38 12.91 -3.55 -31.22
N LYS C 39 13.45 -4.71 -30.80
CA LYS C 39 14.31 -4.77 -29.63
C LYS C 39 15.55 -5.63 -29.85
N THR C 40 15.86 -5.98 -31.10
CA THR C 40 16.95 -6.90 -31.41
C THR C 40 18.08 -6.16 -32.11
N HIS C 41 19.30 -6.36 -31.63
CA HIS C 41 20.49 -5.85 -32.28
C HIS C 41 21.54 -6.95 -32.33
N ASN C 42 22.32 -6.98 -33.41
CA ASN C 42 23.32 -8.02 -33.60
C ASN C 42 24.53 -7.88 -32.67
N GLY C 43 24.64 -6.78 -31.93
CA GLY C 43 25.70 -6.65 -30.95
C GLY C 43 27.07 -6.39 -31.52
N LYS C 44 27.17 -5.95 -32.78
CA LYS C 44 28.47 -5.71 -33.41
C LYS C 44 28.49 -4.35 -34.07
N LEU C 45 29.69 -3.80 -34.24
CA LEU C 45 29.91 -2.65 -35.12
C LEU C 45 29.97 -3.12 -36.57
N CYS C 46 29.11 -2.55 -37.40
CA CYS C 46 28.99 -2.97 -38.79
C CYS C 46 29.27 -1.80 -39.73
N ASP C 47 29.45 -2.14 -41.01
CA ASP C 47 29.61 -1.12 -42.03
C ASP C 47 28.28 -0.43 -42.26
N LEU C 48 28.35 0.88 -42.55
CA LEU C 48 27.17 1.67 -42.86
C LEU C 48 27.11 1.85 -44.36
N ASN C 49 26.19 1.14 -45.01
CA ASN C 49 26.00 1.21 -46.46
C ASN C 49 27.29 0.87 -47.20
N GLY C 50 28.02 -0.10 -46.68
CA GLY C 50 29.17 -0.66 -47.37
C GLY C 50 30.49 0.01 -47.08
N VAL C 51 30.54 0.96 -46.15
CA VAL C 51 31.75 1.71 -45.85
C VAL C 51 32.19 1.38 -44.42
N LYS C 52 33.45 1.02 -44.27
CA LYS C 52 33.97 0.60 -42.97
C LYS C 52 34.20 1.82 -42.09
N PRO C 53 33.73 1.81 -40.84
CA PRO C 53 34.00 2.93 -39.94
C PRO C 53 35.47 3.02 -39.59
N LEU C 54 35.91 4.25 -39.32
CA LEU C 54 37.28 4.49 -38.87
C LEU C 54 37.31 4.24 -37.37
N ILE C 55 37.86 3.09 -36.97
CA ILE C 55 37.88 2.68 -35.57
C ILE C 55 39.24 3.08 -35.01
N LEU C 56 39.27 4.20 -34.28
CA LEU C 56 40.42 4.58 -33.49
C LEU C 56 40.38 3.77 -32.19
N LYS C 57 41.43 2.99 -31.95
CA LYS C 57 41.34 2.02 -30.86
C LYS C 57 41.46 2.70 -29.50
N ASP C 58 42.64 3.25 -29.20
CA ASP C 58 42.89 3.92 -27.93
C ASP C 58 43.34 5.35 -28.16
N CYS C 59 43.03 5.90 -29.33
CA CYS C 59 43.48 7.21 -29.74
C CYS C 59 42.29 8.12 -29.97
N SER C 60 42.47 9.41 -29.71
CA SER C 60 41.48 10.40 -30.05
C SER C 60 41.79 10.97 -31.44
N VAL C 61 40.85 11.75 -31.97
CA VAL C 61 41.03 12.32 -33.30
C VAL C 61 42.25 13.24 -33.32
N ALA C 62 42.43 14.04 -32.26
CA ALA C 62 43.58 14.95 -32.20
C ALA C 62 44.90 14.19 -32.17
N GLY C 63 44.98 13.13 -31.37
CA GLY C 63 46.20 12.34 -31.33
C GLY C 63 46.46 11.61 -32.64
N TRP C 64 45.40 11.16 -33.30
CA TRP C 64 45.53 10.50 -34.58
C TRP C 64 46.01 11.47 -35.65
N LEU C 65 45.45 12.68 -35.68
CA LEU C 65 45.78 13.63 -36.74
C LEU C 65 47.22 14.13 -36.60
N LEU C 66 47.60 14.54 -35.40
CA LEU C 66 48.91 15.14 -35.19
C LEU C 66 50.04 14.12 -35.19
N GLY C 67 49.72 12.84 -35.15
CA GLY C 67 50.75 11.82 -35.14
C GLY C 67 51.30 11.58 -33.75
N ASN C 68 50.40 11.34 -32.79
CA ASN C 68 50.82 10.88 -31.47
C ASN C 68 51.65 9.61 -31.64
N PRO C 69 52.84 9.53 -31.05
CA PRO C 69 53.73 8.39 -31.34
C PRO C 69 53.13 7.04 -30.95
N MET C 70 52.12 7.02 -30.08
CA MET C 70 51.51 5.78 -29.61
C MET C 70 50.16 5.51 -30.27
N CYS C 71 49.97 5.98 -31.52
CA CYS C 71 48.62 6.01 -32.10
C CYS C 71 48.52 5.41 -33.49
N ASP C 72 49.58 4.77 -34.00
CA ASP C 72 49.51 4.03 -35.26
C ASP C 72 49.53 4.96 -36.45
N GLU C 73 50.42 4.72 -37.39
CA GLU C 73 50.49 5.47 -38.63
C GLU C 73 49.61 4.76 -39.67
N PHE C 74 49.76 5.08 -40.94
CA PHE C 74 49.35 4.33 -42.13
C PHE C 74 47.86 4.46 -42.46
N ILE C 75 47.06 5.12 -41.63
CA ILE C 75 45.73 5.61 -42.02
C ILE C 75 44.77 4.47 -42.38
N ARG C 76 45.25 3.49 -43.14
CA ARG C 76 44.57 2.26 -43.54
C ARG C 76 43.31 2.56 -44.35
N VAL C 77 42.25 3.02 -43.70
CA VAL C 77 41.00 3.33 -44.41
C VAL C 77 41.22 4.63 -45.19
N PRO C 78 41.02 4.62 -46.51
CA PRO C 78 41.03 5.88 -47.27
C PRO C 78 39.69 6.57 -47.24
N GLU C 79 38.64 5.88 -46.79
CA GLU C 79 37.29 6.39 -46.72
C GLU C 79 36.59 5.70 -45.57
N TRP C 80 35.77 6.44 -44.84
CA TRP C 80 35.01 5.85 -43.74
C TRP C 80 33.65 6.52 -43.66
N SER C 81 32.70 5.80 -43.05
CA SER C 81 31.33 6.26 -42.91
C SER C 81 31.10 6.98 -41.59
N TYR C 82 31.76 6.53 -40.53
CA TYR C 82 31.65 7.18 -39.23
C TYR C 82 32.88 6.82 -38.42
N ILE C 83 33.11 7.58 -37.35
CA ILE C 83 34.28 7.43 -36.51
C ILE C 83 33.84 6.80 -35.19
N VAL C 84 34.60 5.81 -34.73
CA VAL C 84 34.35 5.19 -33.44
C VAL C 84 35.52 5.54 -32.53
N GLU C 85 35.26 6.42 -31.57
CA GLU C 85 36.18 6.72 -30.49
C GLU C 85 35.73 5.99 -29.23
N ARG C 86 36.66 5.85 -28.28
CA ARG C 86 36.28 5.38 -26.97
C ARG C 86 35.82 6.57 -26.11
N ALA C 87 35.16 6.24 -24.99
CA ALA C 87 34.61 7.29 -24.13
C ALA C 87 35.70 8.25 -23.65
N ASN C 88 36.80 7.71 -23.13
CA ASN C 88 37.94 8.51 -22.67
C ASN C 88 39.21 7.95 -23.30
N PRO C 89 39.51 8.33 -24.54
CA PRO C 89 40.69 7.79 -25.21
C PRO C 89 41.96 8.10 -24.43
N ALA C 90 42.89 7.13 -24.40
CA ALA C 90 44.10 7.29 -23.62
C ALA C 90 45.07 8.28 -24.27
N ASN C 91 45.27 8.17 -25.59
CA ASN C 91 46.28 8.95 -26.29
C ASN C 91 45.60 10.11 -27.01
N ASP C 92 45.40 11.21 -26.28
CA ASP C 92 44.83 12.43 -26.85
C ASP C 92 45.91 13.42 -27.27
N LEU C 93 46.70 13.92 -26.32
CA LEU C 93 47.71 14.93 -26.60
C LEU C 93 48.83 14.74 -25.58
N CYS C 94 49.89 14.04 -25.99
CA CYS C 94 50.94 13.68 -25.04
C CYS C 94 51.61 14.92 -24.46
N TYR C 95 51.96 15.88 -25.32
CA TYR C 95 52.40 17.19 -24.84
C TYR C 95 51.18 18.06 -24.59
N PRO C 96 50.98 18.58 -23.38
CA PRO C 96 49.72 19.24 -23.06
C PRO C 96 49.51 20.49 -23.89
N GLY C 97 48.24 20.78 -24.18
CA GLY C 97 47.88 21.93 -24.97
C GLY C 97 46.44 21.88 -25.41
N SER C 98 46.15 22.28 -26.64
CA SER C 98 44.78 22.25 -27.14
C SER C 98 44.81 22.16 -28.66
N LEU C 99 43.65 21.80 -29.23
CA LEU C 99 43.43 21.85 -30.66
C LEU C 99 42.26 22.78 -30.93
N ASN C 100 42.54 23.89 -31.61
CA ASN C 100 41.51 24.88 -31.90
C ASN C 100 40.40 24.27 -32.76
N ASP C 101 39.15 24.58 -32.41
CA ASP C 101 37.97 24.11 -33.14
C ASP C 101 37.97 22.59 -33.30
N TYR C 102 38.33 21.90 -32.22
CA TYR C 102 38.45 20.44 -32.26
C TYR C 102 37.13 19.79 -32.64
N GLU C 103 36.03 20.30 -32.10
CA GLU C 103 34.75 19.62 -32.19
C GLU C 103 34.15 19.77 -33.59
N GLU C 104 34.26 20.95 -34.18
CA GLU C 104 33.84 21.10 -35.57
C GLU C 104 34.76 20.32 -36.50
N LEU C 105 36.07 20.29 -36.18
CA LEU C 105 36.99 19.46 -36.95
C LEU C 105 36.63 17.98 -36.84
N LYS C 106 36.27 17.53 -35.64
CA LYS C 106 35.79 16.16 -35.49
C LYS C 106 34.54 15.92 -36.33
N HIS C 107 33.64 16.90 -36.36
CA HIS C 107 32.41 16.75 -37.14
C HIS C 107 32.70 16.60 -38.63
N MET C 108 33.65 17.38 -39.16
CA MET C 108 33.97 17.31 -40.58
C MET C 108 34.57 15.96 -40.95
N LEU C 109 35.44 15.43 -40.09
CA LEU C 109 36.11 14.17 -40.35
C LEU C 109 35.25 12.94 -40.04
N SER C 110 34.00 13.13 -39.61
CA SER C 110 33.18 11.99 -39.26
C SER C 110 32.95 11.07 -40.47
N ARG C 111 32.70 11.66 -41.64
CA ARG C 111 32.55 10.90 -42.88
C ARG C 111 33.42 11.55 -43.95
N ILE C 112 34.44 10.84 -44.40
CA ILE C 112 35.40 11.33 -45.37
C ILE C 112 35.38 10.42 -46.59
N ASN C 113 35.20 11.02 -47.77
CA ASN C 113 35.21 10.24 -48.99
C ASN C 113 36.62 9.83 -49.39
N HIS C 114 37.59 10.72 -49.25
CA HIS C 114 38.98 10.35 -49.53
C HIS C 114 39.90 11.03 -48.54
N PHE C 115 40.87 10.28 -48.04
CA PHE C 115 41.80 10.76 -47.02
C PHE C 115 43.17 10.17 -47.30
N GLU C 116 44.13 11.03 -47.61
CA GLU C 116 45.49 10.59 -47.93
C GLU C 116 46.49 11.54 -47.29
N LYS C 117 47.50 10.99 -46.63
CA LYS C 117 48.52 11.79 -45.95
C LYS C 117 49.73 11.93 -46.86
N ILE C 118 50.04 13.17 -47.24
CA ILE C 118 51.18 13.48 -48.09
C ILE C 118 52.09 14.48 -47.38
N GLN C 119 53.39 14.26 -47.49
CA GLN C 119 54.37 15.17 -46.90
C GLN C 119 54.47 16.43 -47.75
N ILE C 120 54.26 17.58 -47.13
CA ILE C 120 54.25 18.86 -47.83
C ILE C 120 55.52 19.66 -47.57
N ILE C 121 56.07 19.58 -46.36
CA ILE C 121 57.27 20.32 -45.99
C ILE C 121 58.28 19.36 -45.38
N PRO C 122 59.24 18.85 -46.16
CA PRO C 122 60.21 17.91 -45.61
C PRO C 122 61.17 18.57 -44.64
N LYS C 123 61.80 17.75 -43.80
CA LYS C 123 62.71 18.26 -42.79
C LYS C 123 63.95 18.92 -43.38
N SER C 124 64.31 18.57 -44.62
CA SER C 124 65.46 19.20 -45.27
C SER C 124 65.21 20.67 -45.60
N SER C 125 63.96 21.14 -45.52
CA SER C 125 63.62 22.53 -45.78
C SER C 125 63.90 23.45 -44.60
N TRP C 126 64.66 23.01 -43.60
CA TRP C 126 65.01 23.84 -42.45
C TRP C 126 66.51 23.80 -42.22
N PRO C 127 67.31 24.27 -43.19
CA PRO C 127 68.76 24.14 -43.06
C PRO C 127 69.35 24.97 -41.93
N ASN C 128 68.71 26.09 -41.56
CA ASN C 128 69.25 27.00 -40.57
C ASN C 128 68.67 26.79 -39.18
N HIS C 129 67.91 25.72 -38.97
CA HIS C 129 67.27 25.43 -37.69
C HIS C 129 67.53 23.98 -37.32
N GLU C 130 67.22 23.65 -36.07
CA GLU C 130 67.42 22.31 -35.53
C GLU C 130 66.09 21.55 -35.58
N THR C 131 66.03 20.49 -36.37
CA THR C 131 64.80 19.72 -36.57
C THR C 131 64.79 18.40 -35.83
N SER C 132 65.83 18.10 -35.04
CA SER C 132 65.94 16.81 -34.39
C SER C 132 65.92 16.86 -32.88
N LEU C 133 65.90 18.04 -32.26
CA LEU C 133 65.91 18.17 -30.81
C LEU C 133 64.53 18.51 -30.25
N GLY C 134 63.52 18.66 -31.09
CA GLY C 134 62.18 18.96 -30.61
C GLY C 134 61.51 17.74 -30.02
N VAL C 135 62.05 17.25 -28.91
CA VAL C 135 61.66 15.97 -28.34
C VAL C 135 61.42 16.16 -26.84
N SER C 136 60.31 15.61 -26.35
CA SER C 136 59.96 15.74 -24.94
C SER C 136 59.68 14.36 -24.34
N ALA C 137 59.85 14.28 -23.03
CA ALA C 137 59.46 13.07 -22.30
C ALA C 137 57.95 12.92 -22.22
N ALA C 138 57.19 13.96 -22.54
CA ALA C 138 55.74 13.86 -22.52
C ALA C 138 55.21 12.95 -23.62
N CYS C 139 55.94 12.85 -24.75
CA CYS C 139 55.55 12.01 -25.87
C CYS C 139 56.54 10.88 -26.06
N PRO C 140 56.48 9.82 -25.27
CA PRO C 140 57.48 8.76 -25.38
C PRO C 140 57.14 7.75 -26.46
N TYR C 141 58.19 7.18 -27.05
CA TYR C 141 58.07 6.10 -28.02
C TYR C 141 59.16 5.08 -27.74
N GLN C 142 58.76 3.84 -27.46
CA GLN C 142 59.68 2.77 -27.09
C GLN C 142 60.51 3.17 -25.87
N GLY C 143 59.89 3.91 -24.95
CA GLY C 143 60.59 4.37 -23.76
C GLY C 143 61.41 5.62 -23.96
N ALA C 144 61.94 5.81 -25.18
CA ALA C 144 62.72 6.98 -25.53
C ALA C 144 61.80 8.19 -25.75
N PRO C 145 62.21 9.38 -25.34
CA PRO C 145 61.39 10.57 -25.61
C PRO C 145 61.26 10.82 -27.09
N SER C 146 60.12 11.35 -27.49
CA SER C 146 59.77 11.53 -28.90
C SER C 146 58.86 12.74 -29.03
N PHE C 147 58.14 12.83 -30.13
CA PHE C 147 57.26 13.96 -30.39
C PHE C 147 56.16 13.52 -31.37
N PHE C 148 55.22 14.43 -31.63
CA PHE C 148 54.22 14.19 -32.66
C PHE C 148 54.91 13.92 -33.99
N ARG C 149 54.38 12.95 -34.74
CA ARG C 149 55.03 12.53 -35.99
C ARG C 149 54.80 13.52 -37.13
N ASN C 150 53.58 14.05 -37.26
CA ASN C 150 53.20 14.80 -38.45
C ASN C 150 53.57 16.27 -38.38
N VAL C 151 54.15 16.74 -37.28
CA VAL C 151 54.66 18.10 -37.18
C VAL C 151 56.08 18.03 -36.63
N VAL C 152 56.82 19.12 -36.81
CA VAL C 152 58.22 19.20 -36.41
C VAL C 152 58.39 20.37 -35.45
N TRP C 153 59.06 20.10 -34.32
CA TRP C 153 59.30 21.10 -33.27
C TRP C 153 60.65 21.77 -33.54
N LEU C 154 60.61 22.97 -34.12
CA LEU C 154 61.83 23.65 -34.54
C LEU C 154 62.50 24.34 -33.37
N ILE C 155 63.82 24.17 -33.27
CA ILE C 155 64.63 24.73 -32.20
C ILE C 155 65.78 25.50 -32.82
N LYS C 156 66.36 26.39 -32.02
CA LYS C 156 67.48 27.20 -32.49
C LYS C 156 68.70 26.32 -32.78
N LYS C 157 69.54 26.79 -33.69
CA LYS C 157 70.79 26.12 -34.06
C LYS C 157 71.91 27.15 -34.05
N ASN C 158 73.02 26.80 -33.38
CA ASN C 158 74.15 27.71 -33.20
C ASN C 158 73.70 29.01 -32.54
N ASP C 159 72.84 28.89 -31.53
CA ASP C 159 72.33 30.03 -30.75
C ASP C 159 71.75 31.11 -31.65
N ALA C 160 70.98 30.68 -32.65
CA ALA C 160 70.34 31.62 -33.57
C ALA C 160 69.08 30.98 -34.11
N TYR C 161 68.04 31.79 -34.26
CA TYR C 161 66.77 31.37 -34.84
C TYR C 161 66.41 32.33 -35.96
N PRO C 162 66.92 32.09 -37.17
CA PRO C 162 66.58 32.97 -38.29
C PRO C 162 65.08 33.01 -38.53
N THR C 163 64.59 34.17 -38.94
CA THR C 163 63.17 34.33 -39.22
C THR C 163 62.74 33.39 -40.34
N ILE C 164 61.79 32.52 -40.04
CA ILE C 164 61.32 31.54 -41.01
C ILE C 164 60.29 32.18 -41.92
N LYS C 165 60.48 32.03 -43.22
CA LYS C 165 59.49 32.45 -44.22
C LYS C 165 59.39 31.32 -45.24
N ILE C 166 58.29 30.57 -45.20
CA ILE C 166 58.08 29.43 -46.08
C ILE C 166 56.66 29.49 -46.63
N SER C 167 56.47 28.86 -47.79
CA SER C 167 55.21 28.89 -48.49
C SER C 167 54.95 27.53 -49.12
N TYR C 168 53.68 27.24 -49.38
CA TYR C 168 53.27 25.99 -50.01
C TYR C 168 52.02 26.24 -50.86
N ASN C 169 52.04 25.76 -52.10
CA ASN C 169 51.06 26.19 -53.10
C ASN C 169 49.86 25.26 -53.28
N ASN C 170 49.93 24.02 -52.80
CA ASN C 170 48.84 23.03 -52.95
C ASN C 170 48.52 22.78 -54.41
N THR C 171 49.48 22.15 -55.08
CA THR C 171 49.36 21.78 -56.48
C THR C 171 48.51 20.52 -56.70
N ASN C 172 47.74 20.09 -55.70
CA ASN C 172 46.87 18.93 -55.84
C ASN C 172 45.48 19.36 -56.28
N ARG C 173 44.67 18.38 -56.69
CA ARG C 173 43.31 18.61 -57.14
C ARG C 173 42.29 18.43 -56.02
N GLU C 174 42.75 18.23 -54.78
CA GLU C 174 41.85 18.01 -53.65
C GLU C 174 42.22 18.97 -52.51
N ASP C 175 41.27 19.20 -51.62
CA ASP C 175 41.50 20.03 -50.45
C ASP C 175 42.54 19.41 -49.52
N LEU C 176 43.32 20.27 -48.88
CA LEU C 176 44.39 19.86 -47.98
C LEU C 176 44.09 20.32 -46.56
N LEU C 177 44.13 19.39 -45.61
CA LEU C 177 44.03 19.71 -44.19
C LEU C 177 45.44 19.85 -43.63
N ILE C 178 45.79 21.05 -43.16
CA ILE C 178 47.12 21.34 -42.66
C ILE C 178 47.02 21.71 -41.18
N LEU C 179 47.95 21.20 -40.38
CA LEU C 179 47.99 21.47 -38.95
C LEU C 179 49.33 22.08 -38.57
N TRP C 180 49.28 23.07 -37.69
CA TRP C 180 50.48 23.70 -37.15
C TRP C 180 50.20 24.12 -35.71
N GLY C 181 51.25 24.54 -35.01
CA GLY C 181 51.09 24.84 -33.60
C GLY C 181 52.05 25.90 -33.11
N ILE C 182 51.81 26.34 -31.87
CA ILE C 182 52.65 27.31 -31.19
C ILE C 182 52.97 26.75 -29.81
N HIS C 183 54.23 26.87 -29.40
CA HIS C 183 54.69 26.39 -28.10
C HIS C 183 54.73 27.55 -27.11
N HIS C 184 53.99 27.41 -26.01
CA HIS C 184 54.02 28.39 -24.93
C HIS C 184 55.08 28.00 -23.92
N SER C 185 56.11 28.84 -23.78
CA SER C 185 57.18 28.58 -22.83
C SER C 185 56.73 28.86 -21.41
N ASN C 186 57.61 28.53 -20.46
CA ASN C 186 57.34 28.75 -19.04
C ASN C 186 57.99 30.00 -18.49
N ASN C 187 59.14 30.39 -19.01
CA ASN C 187 59.80 31.62 -18.58
C ASN C 187 60.64 32.16 -19.73
N ALA C 188 61.21 33.35 -19.51
CA ALA C 188 61.98 34.01 -20.56
C ALA C 188 63.28 33.28 -20.86
N GLU C 189 63.82 32.57 -19.87
CA GLU C 189 65.06 31.83 -20.11
C GLU C 189 64.83 30.63 -21.03
N GLU C 190 63.76 29.86 -20.78
CA GLU C 190 63.40 28.79 -21.70
C GLU C 190 63.21 29.34 -23.11
N GLN C 191 62.66 30.55 -23.23
CA GLN C 191 62.51 31.18 -24.54
C GLN C 191 63.86 31.36 -25.22
N THR C 192 64.86 31.86 -24.49
CA THR C 192 66.16 32.07 -25.10
C THR C 192 66.91 30.76 -25.30
N ASN C 193 66.79 29.83 -24.35
CA ASN C 193 67.49 28.56 -24.46
C ASN C 193 66.91 27.67 -25.56
N LEU C 194 65.70 27.96 -26.01
CA LEU C 194 65.07 27.19 -27.08
C LEU C 194 64.93 27.96 -28.38
N TYR C 195 64.76 29.28 -28.33
CA TYR C 195 64.51 30.07 -29.53
C TYR C 195 65.36 31.32 -29.65
N LYS C 196 66.03 31.76 -28.59
CA LYS C 196 67.07 32.80 -28.66
C LYS C 196 66.49 34.18 -28.94
N ASN C 197 65.22 34.24 -29.32
CA ASN C 197 64.56 35.52 -29.59
C ASN C 197 63.59 35.81 -28.45
N PRO C 198 63.84 36.85 -27.65
CA PRO C 198 62.97 37.08 -26.48
C PRO C 198 61.50 37.32 -26.82
N ILE C 199 61.21 37.99 -27.94
CA ILE C 199 59.84 38.29 -28.35
C ILE C 199 59.61 37.63 -29.70
N THR C 200 58.61 36.76 -29.78
CA THR C 200 58.38 35.95 -30.98
C THR C 200 56.92 36.02 -31.41
N TYR C 201 56.68 35.59 -32.64
CA TYR C 201 55.37 35.66 -33.25
C TYR C 201 55.27 34.54 -34.28
N ILE C 202 54.02 34.22 -34.67
CA ILE C 202 53.76 33.28 -35.75
C ILE C 202 52.70 33.91 -36.65
N SER C 203 52.95 33.88 -37.95
CA SER C 203 52.02 34.41 -38.94
C SER C 203 51.70 33.34 -39.96
N VAL C 204 50.42 33.05 -40.15
CA VAL C 204 49.95 32.11 -41.15
C VAL C 204 48.96 32.84 -42.05
N GLY C 205 49.16 32.74 -43.36
CA GLY C 205 48.29 33.43 -44.29
C GLY C 205 47.86 32.61 -45.48
N THR C 206 46.55 32.63 -45.78
CA THR C 206 46.02 32.09 -47.02
C THR C 206 45.15 33.13 -47.69
N SER C 207 44.40 32.73 -48.71
CA SER C 207 43.41 33.63 -49.30
C SER C 207 42.35 34.02 -48.28
N THR C 208 42.05 33.14 -47.32
CA THR C 208 41.01 33.38 -46.33
C THR C 208 41.49 33.37 -44.89
N LEU C 209 42.71 32.94 -44.61
CA LEU C 209 43.23 32.86 -43.26
C LEU C 209 44.24 33.99 -43.02
N ASN C 210 44.03 34.74 -41.93
CA ASN C 210 44.93 35.83 -41.52
C ASN C 210 45.12 35.70 -40.00
N GLN C 211 46.10 34.90 -39.60
CA GLN C 211 46.31 34.56 -38.20
C GLN C 211 47.67 35.02 -37.72
N ARG C 212 47.69 35.68 -36.56
CA ARG C 212 48.92 36.08 -35.88
C ARG C 212 48.82 35.64 -34.43
N LEU C 213 49.80 34.87 -33.98
CA LEU C 213 49.84 34.36 -32.62
C LEU C 213 51.11 34.82 -31.92
N ALA C 214 51.01 34.97 -30.60
CA ALA C 214 52.17 35.25 -29.79
C ALA C 214 52.18 34.28 -28.61
N PRO C 215 53.35 33.85 -28.17
CA PRO C 215 53.41 32.96 -27.01
C PRO C 215 52.95 33.66 -25.75
N LYS C 216 52.40 32.88 -24.83
CA LYS C 216 51.91 33.36 -23.55
C LYS C 216 52.78 32.74 -22.46
N ILE C 217 53.86 33.43 -22.10
CA ILE C 217 54.75 32.96 -21.05
C ILE C 217 54.07 33.22 -19.70
N ALA C 218 53.83 32.15 -18.95
CA ALA C 218 53.12 32.24 -17.68
C ALA C 218 53.39 30.97 -16.89
N THR C 219 52.89 30.95 -15.66
CA THR C 219 53.07 29.82 -14.76
C THR C 219 51.81 28.97 -14.80
N ARG C 220 51.96 27.69 -15.15
CA ARG C 220 50.85 26.76 -15.22
C ARG C 220 51.21 25.52 -14.43
N SER C 221 50.20 24.68 -14.20
CA SER C 221 50.42 23.42 -13.53
C SER C 221 51.17 22.46 -14.46
N GLN C 222 51.63 21.36 -13.88
CA GLN C 222 52.29 20.32 -14.66
C GLN C 222 51.25 19.32 -15.14
N VAL C 223 51.26 19.04 -16.44
CA VAL C 223 50.42 18.02 -17.05
C VAL C 223 51.33 17.12 -17.86
N ASN C 224 51.29 15.81 -17.58
CA ASN C 224 52.26 14.87 -18.13
C ASN C 224 53.68 15.35 -17.86
N GLY C 225 53.90 15.88 -16.65
CA GLY C 225 55.20 16.38 -16.24
C GLY C 225 55.67 17.62 -16.97
N GLN C 226 54.78 18.32 -17.67
CA GLN C 226 55.16 19.47 -18.46
C GLN C 226 54.32 20.68 -18.05
N ARG C 227 54.99 21.82 -17.85
CA ARG C 227 54.31 23.07 -17.56
C ARG C 227 54.03 23.88 -18.82
N GLY C 228 54.83 23.71 -19.86
CA GLY C 228 54.56 24.37 -21.12
C GLY C 228 53.30 23.84 -21.76
N ARG C 229 52.85 24.55 -22.79
CA ARG C 229 51.69 24.14 -23.56
C ARG C 229 51.96 24.37 -25.04
N MET C 230 51.23 23.62 -25.87
CA MET C 230 51.27 23.79 -27.32
C MET C 230 49.85 23.79 -27.85
N ASP C 231 49.45 24.91 -28.45
CA ASP C 231 48.13 25.05 -29.05
C ASP C 231 48.24 24.81 -30.55
N PHE C 232 47.42 23.90 -31.07
CA PHE C 232 47.45 23.53 -32.47
C PHE C 232 46.27 24.14 -33.21
N PHE C 233 46.50 24.47 -34.48
CA PHE C 233 45.50 25.07 -35.34
C PHE C 233 45.44 24.31 -36.65
N TRP C 234 44.33 24.46 -37.36
CA TRP C 234 44.16 23.79 -38.63
C TRP C 234 43.39 24.68 -39.59
N THR C 235 43.63 24.47 -40.89
CA THR C 235 42.86 25.13 -41.91
C THR C 235 42.77 24.22 -43.13
N ILE C 236 41.77 24.48 -43.96
CA ILE C 236 41.58 23.75 -45.20
C ILE C 236 42.13 24.60 -46.33
N LEU C 237 43.17 24.10 -47.00
CA LEU C 237 43.82 24.83 -48.08
C LEU C 237 43.22 24.35 -49.40
N LYS C 238 42.47 25.22 -50.06
CA LYS C 238 41.81 24.86 -51.31
C LYS C 238 42.84 24.70 -52.43
N PRO C 239 42.51 23.92 -53.48
CA PRO C 239 43.47 23.69 -54.56
C PRO C 239 43.90 25.00 -55.23
N ASN C 240 45.19 25.07 -55.57
CA ASN C 240 45.86 26.21 -56.18
C ASN C 240 45.96 27.41 -55.24
N ASP C 241 45.41 27.34 -54.03
CA ASP C 241 45.62 28.35 -53.01
C ASP C 241 46.88 28.01 -52.23
N ALA C 242 47.61 29.03 -51.82
CA ALA C 242 48.88 28.85 -51.11
C ALA C 242 48.77 29.32 -49.66
N ILE C 243 49.65 28.75 -48.83
CA ILE C 243 49.73 29.07 -47.41
C ILE C 243 51.13 29.59 -47.12
N HIS C 244 51.22 30.64 -46.31
CA HIS C 244 52.49 31.28 -46.00
C HIS C 244 52.71 31.29 -44.50
N PHE C 245 53.85 30.75 -44.07
CA PHE C 245 54.23 30.73 -42.66
C PHE C 245 55.34 31.74 -42.42
N GLU C 246 55.19 32.54 -41.38
CA GLU C 246 56.26 33.44 -40.95
C GLU C 246 56.38 33.35 -39.44
N SER C 247 57.60 33.16 -38.96
CA SER C 247 57.81 33.02 -37.53
C SER C 247 59.26 33.33 -37.19
N ASN C 248 59.49 33.63 -35.91
CA ASN C 248 60.85 33.71 -35.39
C ASN C 248 60.99 33.00 -34.05
N GLY C 249 60.14 32.02 -33.76
CA GLY C 249 60.23 31.24 -32.55
C GLY C 249 58.91 30.59 -32.20
N ASN C 250 58.99 29.56 -31.35
CA ASN C 250 57.81 28.86 -30.83
C ASN C 250 56.92 28.29 -31.94
N PHE C 251 57.51 27.86 -33.05
CA PHE C 251 56.76 27.41 -34.21
C PHE C 251 56.82 25.88 -34.30
N ILE C 252 55.65 25.24 -34.25
CA ILE C 252 55.52 23.82 -34.48
C ILE C 252 55.10 23.66 -35.94
N ALA C 253 56.10 23.51 -36.82
CA ALA C 253 55.85 23.55 -38.25
C ALA C 253 55.21 22.25 -38.74
N PRO C 254 54.39 22.32 -39.80
CA PRO C 254 53.86 21.10 -40.38
C PRO C 254 54.88 20.40 -41.25
N GLU C 255 54.79 19.08 -41.28
CA GLU C 255 55.55 18.26 -42.21
C GLU C 255 54.65 17.46 -43.14
N TYR C 256 53.60 16.85 -42.60
CA TYR C 256 52.62 16.10 -43.37
C TYR C 256 51.28 16.82 -43.33
N ALA C 257 50.53 16.71 -44.42
CA ALA C 257 49.17 17.23 -44.46
C ALA C 257 48.23 16.12 -44.90
N TYR C 258 46.96 16.45 -45.17
CA TYR C 258 45.98 15.43 -45.52
C TYR C 258 45.17 15.88 -46.73
N LYS C 259 45.29 15.16 -47.83
CA LYS C 259 44.32 15.28 -48.91
C LYS C 259 42.99 14.78 -48.41
N ILE C 260 41.94 15.59 -48.59
CA ILE C 260 40.64 15.30 -47.99
C ILE C 260 39.54 15.61 -48.99
N VAL C 261 38.61 14.68 -49.16
CA VAL C 261 37.40 14.88 -49.95
C VAL C 261 36.22 14.46 -49.09
N LYS C 262 35.23 15.33 -48.98
CA LYS C 262 34.07 15.10 -48.12
C LYS C 262 32.81 15.37 -48.92
N LYS C 263 31.95 14.36 -49.04
CA LYS C 263 30.65 14.51 -49.68
C LYS C 263 29.50 14.50 -48.69
N GLY C 264 29.42 13.46 -47.85
CA GLY C 264 28.39 13.38 -46.85
C GLY C 264 28.89 13.71 -45.44
N ASP C 265 27.94 13.74 -44.52
CA ASP C 265 28.24 14.08 -43.13
C ASP C 265 27.69 13.00 -42.20
N SER C 266 28.33 12.88 -41.05
CA SER C 266 27.95 11.89 -40.05
C SER C 266 28.32 12.47 -38.68
N THR C 267 28.41 11.61 -37.67
CA THR C 267 28.87 12.02 -36.35
C THR C 267 29.85 10.98 -35.82
N ILE C 268 30.37 11.23 -34.63
CA ILE C 268 31.33 10.34 -33.98
C ILE C 268 30.61 9.55 -32.90
N MET C 269 30.74 8.24 -32.95
CA MET C 269 30.07 7.34 -32.02
C MET C 269 31.04 6.88 -30.94
N LYS C 270 30.57 6.89 -29.70
CA LYS C 270 31.35 6.41 -28.56
C LYS C 270 30.89 5.00 -28.24
N SER C 271 31.74 4.02 -28.51
CA SER C 271 31.39 2.64 -28.27
C SER C 271 32.66 1.82 -28.15
N GLY C 272 32.59 0.78 -27.32
CA GLY C 272 33.72 -0.10 -27.11
C GLY C 272 33.56 -1.49 -27.71
N VAL C 273 32.38 -1.79 -28.24
CA VAL C 273 32.11 -3.15 -28.71
C VAL C 273 32.80 -3.35 -30.06
N GLU C 274 33.00 -4.62 -30.41
CA GLU C 274 33.97 -4.99 -31.43
C GLU C 274 33.35 -4.99 -32.83
N TYR C 275 34.16 -4.59 -33.81
CA TYR C 275 33.76 -4.66 -35.20
C TYR C 275 33.57 -6.12 -35.62
N GLY C 276 32.56 -6.36 -36.46
CA GLY C 276 32.16 -7.72 -36.73
C GLY C 276 32.00 -8.12 -38.19
N HIS C 277 32.57 -7.35 -39.11
CA HIS C 277 32.57 -7.68 -40.54
C HIS C 277 31.15 -7.95 -41.04
N CYS C 278 30.31 -6.92 -40.96
CA CYS C 278 28.91 -7.03 -41.33
C CYS C 278 28.52 -5.78 -42.11
N ASN C 279 27.23 -5.63 -42.37
CA ASN C 279 26.70 -4.42 -42.97
C ASN C 279 25.33 -4.12 -42.38
N THR C 280 24.97 -2.84 -42.39
CA THR C 280 23.70 -2.41 -41.82
C THR C 280 23.31 -1.05 -42.38
N LYS C 281 22.03 -0.74 -42.24
CA LYS C 281 21.51 0.58 -42.54
C LYS C 281 21.29 1.43 -41.29
N CYS C 282 21.45 0.84 -40.11
CA CYS C 282 21.24 1.54 -38.84
C CYS C 282 22.24 0.99 -37.83
N GLN C 283 23.06 1.86 -37.25
CA GLN C 283 24.09 1.46 -36.29
C GLN C 283 23.88 2.18 -34.97
N THR C 284 24.02 1.45 -33.87
CA THR C 284 23.92 1.97 -32.52
C THR C 284 25.19 1.57 -31.76
N PRO C 285 25.55 2.30 -30.71
CA PRO C 285 26.80 1.99 -30.01
C PRO C 285 26.85 0.60 -29.40
N VAL C 286 25.71 -0.06 -29.18
CA VAL C 286 25.69 -1.42 -28.64
C VAL C 286 25.46 -2.49 -29.72
N GLY C 287 25.06 -2.09 -30.92
CA GLY C 287 24.85 -3.06 -31.99
C GLY C 287 24.04 -2.47 -33.12
N ALA C 288 24.05 -3.18 -34.24
CA ALA C 288 23.34 -2.71 -35.42
C ALA C 288 21.93 -3.30 -35.48
N ILE C 289 21.05 -2.60 -36.21
CA ILE C 289 19.64 -2.94 -36.30
C ILE C 289 19.32 -3.28 -37.75
N ASN C 290 18.80 -4.48 -37.98
CA ASN C 290 18.22 -4.88 -39.25
C ASN C 290 16.74 -5.08 -39.02
N SER C 291 15.92 -4.18 -39.55
CA SER C 291 14.49 -4.22 -39.26
C SER C 291 13.73 -3.34 -40.24
N SER C 292 12.42 -3.57 -40.29
CA SER C 292 11.49 -2.69 -40.98
C SER C 292 10.45 -2.11 -40.02
N MET C 293 10.52 -2.46 -38.74
CA MET C 293 9.55 -1.97 -37.78
C MET C 293 9.66 -0.46 -37.61
N PRO C 294 8.54 0.23 -37.35
CA PRO C 294 8.58 1.70 -37.25
C PRO C 294 9.18 2.22 -35.95
N PHE C 295 9.30 1.40 -34.91
CA PHE C 295 9.78 1.87 -33.61
C PHE C 295 10.78 0.87 -33.04
N HIS C 296 11.63 1.39 -32.15
CA HIS C 296 12.64 0.59 -31.48
C HIS C 296 12.94 1.23 -30.13
N ASN C 297 13.61 0.47 -29.26
CA ASN C 297 14.03 1.00 -27.97
C ASN C 297 15.44 0.54 -27.59
N ILE C 298 16.31 0.34 -28.59
CA ILE C 298 17.64 -0.17 -28.32
C ILE C 298 18.54 0.91 -27.74
N HIS C 299 18.64 2.05 -28.43
CA HIS C 299 19.54 3.12 -28.04
C HIS C 299 19.14 4.40 -28.74
N PRO C 300 19.26 5.57 -28.11
CA PRO C 300 18.90 6.81 -28.80
C PRO C 300 19.99 7.35 -29.72
N LEU C 301 21.27 7.02 -29.49
CA LEU C 301 22.38 7.59 -30.26
C LEU C 301 22.64 6.75 -31.50
N THR C 302 21.69 6.80 -32.43
CA THR C 302 21.77 5.98 -33.63
C THR C 302 22.49 6.75 -34.75
N ILE C 303 23.08 5.98 -35.67
CA ILE C 303 23.73 6.53 -36.86
C ILE C 303 23.20 5.76 -38.06
N GLY C 304 22.36 6.39 -38.87
CA GLY C 304 21.87 5.78 -40.08
C GLY C 304 20.38 5.97 -40.23
N GLU C 305 19.79 5.10 -41.04
CA GLU C 305 18.35 5.10 -41.29
C GLU C 305 17.69 4.16 -40.30
N CYS C 306 17.01 4.71 -39.31
CA CYS C 306 16.58 3.96 -38.13
C CYS C 306 15.11 4.17 -37.83
N PRO C 307 14.49 3.24 -37.10
CA PRO C 307 13.13 3.50 -36.58
C PRO C 307 13.16 4.55 -35.49
N LYS C 308 11.98 5.02 -35.13
CA LYS C 308 11.86 6.04 -34.10
C LYS C 308 12.02 5.42 -32.71
N TYR C 309 12.87 6.05 -31.90
CA TYR C 309 13.17 5.56 -30.55
C TYR C 309 12.04 5.92 -29.60
N VAL C 310 11.60 4.95 -28.80
CA VAL C 310 10.50 5.15 -27.87
C VAL C 310 10.88 4.59 -26.50
N LYS C 311 10.17 5.05 -25.48
CA LYS C 311 10.29 4.52 -24.13
C LYS C 311 9.13 3.55 -23.94
N SER C 312 9.33 2.34 -24.45
CA SER C 312 8.30 1.31 -24.37
C SER C 312 8.97 -0.06 -24.43
N ASN C 313 8.32 -1.04 -23.82
CA ASN C 313 8.77 -2.41 -23.87
C ASN C 313 7.97 -3.26 -24.85
N LYS C 314 6.76 -2.84 -25.21
CA LYS C 314 5.88 -3.63 -26.05
C LYS C 314 4.89 -2.71 -26.77
N LEU C 315 4.72 -2.94 -28.08
CA LEU C 315 3.66 -2.32 -28.88
C LEU C 315 3.00 -3.44 -29.67
N VAL C 316 2.05 -4.13 -29.04
CA VAL C 316 1.48 -5.35 -29.62
C VAL C 316 0.12 -5.00 -30.22
N LEU C 317 0.01 -5.15 -31.53
CA LEU C 317 -1.24 -4.98 -32.24
C LEU C 317 -2.02 -6.28 -32.26
N ALA C 318 -3.33 -6.18 -32.10
CA ALA C 318 -4.20 -7.35 -32.15
C ALA C 318 -4.57 -7.62 -33.61
N THR C 319 -4.17 -8.77 -34.12
CA THR C 319 -4.50 -9.17 -35.48
C THR C 319 -5.62 -10.20 -35.53
N GLY C 320 -5.68 -11.12 -34.58
CA GLY C 320 -6.67 -12.16 -34.56
C GLY C 320 -7.90 -11.79 -33.74
N LEU C 321 -8.65 -12.83 -33.36
CA LEU C 321 -9.91 -12.66 -32.66
C LEU C 321 -9.71 -12.72 -31.15
N ARG C 322 -10.81 -12.52 -30.43
CA ARG C 322 -10.81 -12.54 -28.96
C ARG C 322 -10.80 -13.99 -28.51
N ASN C 323 -9.63 -14.47 -28.07
CA ASN C 323 -9.53 -15.83 -27.60
C ASN C 323 -10.28 -16.00 -26.28
N SER C 324 -10.93 -17.15 -26.12
CA SER C 324 -11.64 -17.46 -24.89
C SER C 324 -11.44 -18.94 -24.55
N PRO C 325 -10.95 -19.27 -23.35
CA PRO C 325 -10.73 -20.65 -22.93
C PRO C 325 -12.01 -21.35 -22.50
N ALA D 5 -21.62 -8.80 -29.84
CA ALA D 5 -21.57 -9.94 -30.76
C ALA D 5 -20.60 -11.02 -30.28
N ILE D 6 -19.30 -10.66 -30.22
CA ILE D 6 -18.27 -11.62 -29.86
C ILE D 6 -18.52 -12.19 -28.47
N ALA D 7 -18.88 -11.34 -27.52
CA ALA D 7 -19.32 -11.76 -26.19
C ALA D 7 -20.81 -11.52 -25.99
N GLY D 8 -21.58 -11.41 -27.09
CA GLY D 8 -23.01 -11.15 -27.02
C GLY D 8 -23.85 -12.40 -27.15
N PHE D 9 -24.45 -12.61 -28.32
CA PHE D 9 -25.24 -13.82 -28.52
C PHE D 9 -24.34 -15.06 -28.44
N ILE D 10 -23.24 -15.08 -29.19
CA ILE D 10 -22.24 -16.13 -29.01
C ILE D 10 -21.35 -15.73 -27.85
N GLU D 11 -21.22 -16.62 -26.87
CA GLU D 11 -20.53 -16.28 -25.63
C GLU D 11 -19.11 -16.82 -25.55
N GLY D 12 -18.81 -17.90 -26.26
CA GLY D 12 -17.54 -18.57 -26.08
C GLY D 12 -16.59 -18.42 -27.25
N GLY D 13 -16.55 -19.44 -28.10
CA GLY D 13 -15.61 -19.50 -29.20
C GLY D 13 -15.16 -20.92 -29.44
N TRP D 14 -15.23 -21.37 -30.69
CA TRP D 14 -15.10 -22.77 -31.03
C TRP D 14 -13.62 -23.10 -31.27
N GLN D 15 -13.06 -23.94 -30.41
CA GLN D 15 -11.71 -24.45 -30.65
C GLN D 15 -11.69 -25.44 -31.80
N GLY D 16 -12.83 -26.07 -32.12
CA GLY D 16 -12.88 -27.02 -33.22
C GLY D 16 -12.92 -26.40 -34.60
N MET D 17 -13.22 -25.10 -34.68
CA MET D 17 -13.29 -24.40 -35.97
C MET D 17 -11.91 -23.85 -36.30
N VAL D 18 -11.08 -24.72 -36.88
CA VAL D 18 -9.72 -24.36 -37.25
C VAL D 18 -9.58 -23.99 -38.72
N ASP D 19 -10.66 -24.07 -39.50
CA ASP D 19 -10.57 -23.80 -40.92
C ASP D 19 -10.43 -22.29 -41.19
N GLY D 20 -11.19 -21.47 -40.47
CA GLY D 20 -11.14 -20.04 -40.69
C GLY D 20 -11.29 -19.22 -39.42
N TRP D 21 -11.71 -17.95 -39.57
CA TRP D 21 -11.92 -17.07 -38.44
C TRP D 21 -13.38 -16.97 -38.02
N TYR D 22 -14.30 -16.93 -38.99
CA TYR D 22 -15.73 -16.94 -38.71
C TYR D 22 -16.37 -18.14 -39.42
N GLY D 23 -17.45 -18.65 -38.86
CA GLY D 23 -18.07 -19.82 -39.43
C GLY D 23 -19.36 -20.25 -38.75
N TYR D 24 -19.76 -21.49 -39.02
CA TYR D 24 -21.05 -22.02 -38.63
C TYR D 24 -20.90 -23.32 -37.85
N HIS D 25 -22.01 -23.74 -37.24
CA HIS D 25 -22.10 -25.06 -36.62
C HIS D 25 -23.52 -25.59 -36.81
N HIS D 26 -23.64 -26.70 -37.52
CA HIS D 26 -24.93 -27.32 -37.75
C HIS D 26 -25.08 -28.55 -36.85
N SER D 27 -26.30 -28.80 -36.39
CA SER D 27 -26.58 -29.96 -35.55
C SER D 27 -27.99 -30.44 -35.89
N ASN D 28 -28.07 -31.41 -36.80
CA ASN D 28 -29.33 -31.98 -37.26
C ASN D 28 -29.38 -33.47 -36.91
N GLU D 29 -30.45 -34.13 -37.35
CA GLU D 29 -30.67 -35.53 -37.04
C GLU D 29 -29.78 -36.47 -37.82
N GLN D 30 -28.88 -35.96 -38.67
CA GLN D 30 -27.96 -36.80 -39.42
C GLN D 30 -26.50 -36.44 -39.21
N GLY D 31 -26.20 -35.39 -38.44
CA GLY D 31 -24.81 -35.02 -38.23
C GLY D 31 -24.71 -33.83 -37.31
N SER D 32 -23.47 -33.49 -36.98
CA SER D 32 -23.17 -32.31 -36.16
C SER D 32 -21.74 -31.90 -36.47
N GLY D 33 -21.58 -30.87 -37.31
CA GLY D 33 -20.27 -30.46 -37.75
C GLY D 33 -20.14 -28.95 -37.83
N TYR D 34 -18.88 -28.51 -37.90
CA TYR D 34 -18.52 -27.10 -38.05
C TYR D 34 -18.19 -26.79 -39.51
N ALA D 35 -18.24 -25.50 -39.84
CA ALA D 35 -17.91 -25.03 -41.17
C ALA D 35 -17.59 -23.55 -41.09
N ALA D 36 -16.94 -23.04 -42.14
CA ALA D 36 -16.51 -21.65 -42.20
C ALA D 36 -17.05 -20.98 -43.44
N ASP D 37 -17.11 -19.66 -43.40
CA ASP D 37 -17.52 -18.82 -44.53
C ASP D 37 -16.27 -18.13 -45.06
N LYS D 38 -15.58 -18.79 -45.98
CA LYS D 38 -14.26 -18.33 -46.44
C LYS D 38 -14.32 -16.90 -46.97
N GLU D 39 -15.47 -16.48 -47.48
CA GLU D 39 -15.64 -15.09 -47.91
C GLU D 39 -15.45 -14.14 -46.74
N SER D 40 -16.34 -14.21 -45.74
CA SER D 40 -16.30 -13.25 -44.63
C SER D 40 -14.97 -13.28 -43.89
N THR D 41 -14.32 -14.44 -43.79
CA THR D 41 -13.01 -14.47 -43.15
C THR D 41 -11.99 -13.72 -43.97
N GLN D 42 -11.78 -14.14 -45.22
CA GLN D 42 -10.63 -13.66 -45.99
C GLN D 42 -10.59 -12.14 -46.07
N LYS D 43 -11.74 -11.47 -46.02
CA LYS D 43 -11.73 -10.00 -45.91
C LYS D 43 -11.12 -9.55 -44.59
N ALA D 44 -11.36 -10.31 -43.52
CA ALA D 44 -10.82 -9.92 -42.22
C ALA D 44 -9.30 -10.06 -42.17
N ILE D 45 -8.77 -11.21 -42.61
CA ILE D 45 -7.32 -11.38 -42.56
C ILE D 45 -6.63 -10.41 -43.52
N ASP D 46 -7.20 -10.24 -44.72
CA ASP D 46 -6.65 -9.28 -45.67
C ASP D 46 -6.70 -7.86 -45.09
N GLY D 47 -7.85 -7.47 -44.55
CA GLY D 47 -7.96 -6.16 -43.93
C GLY D 47 -7.06 -6.02 -42.71
N VAL D 48 -7.02 -7.05 -41.86
CA VAL D 48 -6.15 -7.00 -40.70
C VAL D 48 -4.69 -6.92 -41.12
N THR D 49 -4.30 -7.72 -42.11
CA THR D 49 -2.95 -7.63 -42.66
C THR D 49 -2.69 -6.24 -43.25
N ASN D 50 -3.70 -5.67 -43.91
CA ASN D 50 -3.58 -4.31 -44.42
C ASN D 50 -3.39 -3.31 -43.28
N LYS D 51 -4.13 -3.47 -42.18
CA LYS D 51 -4.01 -2.55 -41.07
C LYS D 51 -2.61 -2.60 -40.46
N VAL D 52 -2.09 -3.81 -40.24
CA VAL D 52 -0.76 -3.94 -39.66
C VAL D 52 0.29 -3.33 -40.57
N ASN D 53 0.16 -3.56 -41.88
CA ASN D 53 1.09 -2.96 -42.82
C ASN D 53 0.93 -1.45 -42.89
N SER D 54 -0.31 -0.98 -43.05
CA SER D 54 -0.53 0.47 -43.17
C SER D 54 0.11 1.24 -42.02
N ILE D 55 0.14 0.64 -40.82
CA ILE D 55 0.79 1.28 -39.68
C ILE D 55 2.32 1.26 -39.85
N ILE D 56 2.87 0.16 -40.35
CA ILE D 56 4.32 0.04 -40.50
C ILE D 56 4.81 0.79 -41.72
N ASP D 57 4.13 0.65 -42.86
CA ASP D 57 4.67 1.10 -44.14
C ASP D 57 4.54 2.61 -44.35
N LYS D 58 3.79 3.32 -43.53
CA LYS D 58 3.62 4.76 -43.69
C LYS D 58 4.64 5.57 -42.91
N MET D 59 5.59 4.92 -42.25
CA MET D 59 6.60 5.63 -41.47
C MET D 59 7.73 6.08 -42.39
N ASN D 60 7.99 7.38 -42.42
CA ASN D 60 9.09 7.93 -43.20
C ASN D 60 10.36 7.88 -42.36
N THR D 61 11.40 7.26 -42.90
CA THR D 61 12.69 7.15 -42.22
C THR D 61 13.76 7.80 -43.07
N GLN D 62 14.62 8.60 -42.44
CA GLN D 62 15.70 9.30 -43.13
C GLN D 62 17.01 9.08 -42.40
N PHE D 63 18.10 9.28 -43.13
CA PHE D 63 19.43 9.13 -42.54
C PHE D 63 19.70 10.25 -41.54
N GLU D 64 20.08 9.88 -40.33
CA GLU D 64 20.44 10.83 -39.29
C GLU D 64 21.61 10.30 -38.47
N ALA D 65 22.46 11.22 -38.05
CA ALA D 65 23.63 10.93 -37.21
C ALA D 65 23.44 11.63 -35.88
N VAL D 66 23.25 10.84 -34.82
CA VAL D 66 22.98 11.35 -33.48
C VAL D 66 24.19 11.07 -32.60
N GLY D 67 24.70 12.10 -31.94
CA GLY D 67 25.86 11.96 -31.07
C GLY D 67 25.89 13.09 -30.05
N ARG D 68 26.97 13.09 -29.27
CA ARG D 68 27.23 14.14 -28.29
C ARG D 68 28.49 14.88 -28.73
N GLU D 69 28.32 16.06 -29.31
CA GLU D 69 29.39 16.75 -30.01
C GLU D 69 29.60 18.17 -29.51
N PHE D 70 29.10 18.51 -28.32
CA PHE D 70 29.30 19.81 -27.72
C PHE D 70 30.10 19.67 -26.44
N ASN D 71 31.05 20.59 -26.22
CA ASN D 71 32.00 20.50 -25.12
C ASN D 71 31.39 21.07 -23.84
N ASN D 72 32.19 21.12 -22.77
CA ASN D 72 31.70 21.53 -21.46
C ASN D 72 31.33 23.01 -21.41
N LEU D 73 31.79 23.81 -22.36
CA LEU D 73 31.43 25.22 -22.43
C LEU D 73 30.30 25.48 -23.42
N GLU D 74 29.61 24.44 -23.87
CA GLU D 74 28.44 24.56 -24.72
C GLU D 74 27.29 23.74 -24.13
N ARG D 75 27.12 23.79 -22.81
CA ARG D 75 26.06 23.05 -22.15
C ARG D 75 24.68 23.56 -22.53
N ARG D 76 24.53 24.87 -22.78
CA ARG D 76 23.23 25.40 -23.17
C ARG D 76 22.78 24.82 -24.50
N ILE D 77 23.70 24.69 -25.45
CA ILE D 77 23.37 24.12 -26.75
C ILE D 77 23.06 22.64 -26.62
N GLU D 78 23.84 21.93 -25.81
CA GLU D 78 23.56 20.52 -25.56
C GLU D 78 22.22 20.33 -24.86
N ASN D 79 21.89 21.23 -23.92
CA ASN D 79 20.56 21.21 -23.33
C ASN D 79 19.48 21.47 -24.38
N LEU D 80 19.78 22.33 -25.36
CA LEU D 80 18.85 22.54 -26.46
C LEU D 80 18.62 21.25 -27.23
N ASN D 81 19.68 20.48 -27.47
CA ASN D 81 19.55 19.20 -28.16
C ASN D 81 18.83 18.16 -27.30
N LYS D 82 19.02 18.20 -25.99
CA LYS D 82 18.32 17.28 -25.11
C LYS D 82 16.81 17.51 -25.15
N LYS D 83 16.38 18.78 -25.12
CA LYS D 83 14.96 19.08 -25.21
C LYS D 83 14.37 18.58 -26.50
N MET D 84 15.15 18.61 -27.58
CA MET D 84 14.67 18.12 -28.87
C MET D 84 14.56 16.61 -28.89
N GLU D 85 15.64 15.91 -28.49
CA GLU D 85 15.61 14.45 -28.49
C GLU D 85 14.53 13.93 -27.56
N ASP D 86 14.49 14.45 -26.33
CA ASP D 86 13.45 14.05 -25.39
C ASP D 86 12.07 14.38 -25.93
N GLY D 87 11.90 15.60 -26.45
CA GLY D 87 10.60 16.01 -26.96
C GLY D 87 10.08 15.10 -28.05
N PHE D 88 10.96 14.71 -28.99
CA PHE D 88 10.55 13.79 -30.04
C PHE D 88 10.25 12.40 -29.48
N LEU D 89 10.95 11.99 -28.42
CA LEU D 89 10.68 10.70 -27.80
C LEU D 89 9.27 10.65 -27.23
N ASP D 90 8.85 11.71 -26.52
CA ASP D 90 7.52 11.72 -25.93
C ASP D 90 6.45 11.76 -27.01
N VAL D 91 6.70 12.47 -28.11
CA VAL D 91 5.73 12.52 -29.19
C VAL D 91 5.54 11.13 -29.80
N TRP D 92 6.65 10.43 -30.05
CA TRP D 92 6.56 9.10 -30.66
C TRP D 92 6.05 8.05 -29.67
N THR D 93 6.41 8.18 -28.40
CA THR D 93 5.94 7.21 -27.41
C THR D 93 4.44 7.31 -27.20
N TYR D 94 3.94 8.54 -26.99
CA TYR D 94 2.51 8.72 -26.74
C TYR D 94 1.68 8.32 -27.96
N ASN D 95 2.10 8.73 -29.15
CA ASN D 95 1.34 8.40 -30.36
C ASN D 95 1.30 6.90 -30.59
N ALA D 96 2.44 6.23 -30.39
CA ALA D 96 2.48 4.78 -30.59
C ALA D 96 1.56 4.05 -29.63
N GLU D 97 1.56 4.46 -28.36
CA GLU D 97 0.74 3.77 -27.36
C GLU D 97 -0.75 3.94 -27.66
N LEU D 98 -1.18 5.17 -27.94
CA LEU D 98 -2.60 5.37 -28.21
C LEU D 98 -3.02 4.79 -29.54
N LEU D 99 -2.11 4.79 -30.53
CA LEU D 99 -2.43 4.17 -31.81
C LEU D 99 -2.73 2.69 -31.66
N VAL D 100 -1.92 1.97 -30.89
CA VAL D 100 -2.17 0.55 -30.67
C VAL D 100 -3.47 0.36 -29.91
N LEU D 101 -3.68 1.13 -28.83
CA LEU D 101 -4.89 0.98 -28.02
C LEU D 101 -6.14 1.27 -28.84
N MET D 102 -6.12 2.34 -29.62
CA MET D 102 -7.28 2.69 -30.43
C MET D 102 -7.50 1.66 -31.54
N GLU D 103 -6.43 1.24 -32.21
CA GLU D 103 -6.57 0.29 -33.31
C GLU D 103 -6.81 -1.13 -32.82
N ASN D 104 -6.29 -1.49 -31.65
CA ASN D 104 -6.57 -2.81 -31.10
C ASN D 104 -8.06 -2.99 -30.83
N GLU D 105 -8.73 -1.92 -30.35
CA GLU D 105 -10.18 -1.95 -30.25
C GLU D 105 -10.79 -2.20 -31.63
N ARG D 106 -10.37 -1.41 -32.62
CA ARG D 106 -11.04 -1.44 -33.91
C ARG D 106 -10.96 -2.82 -34.55
N THR D 107 -9.85 -3.53 -34.34
CA THR D 107 -9.78 -4.93 -34.77
C THR D 107 -10.80 -5.79 -34.03
N LEU D 108 -10.97 -5.57 -32.73
CA LEU D 108 -11.91 -6.36 -31.95
C LEU D 108 -13.36 -6.03 -32.30
N ASP D 109 -13.65 -4.75 -32.56
CA ASP D 109 -14.98 -4.39 -33.04
C ASP D 109 -15.18 -4.79 -34.50
N PHE D 110 -14.09 -4.87 -35.27
CA PHE D 110 -14.18 -5.38 -36.63
C PHE D 110 -14.62 -6.84 -36.62
N HIS D 111 -14.01 -7.64 -35.74
CA HIS D 111 -14.43 -9.03 -35.59
C HIS D 111 -15.82 -9.14 -35.00
N ASP D 112 -16.22 -8.15 -34.19
CA ASP D 112 -17.58 -8.09 -33.68
C ASP D 112 -18.59 -7.95 -34.82
N SER D 113 -18.31 -7.07 -35.78
CA SER D 113 -19.28 -6.74 -36.81
C SER D 113 -19.48 -7.91 -37.78
N ASN D 114 -18.39 -8.56 -38.19
CA ASN D 114 -18.51 -9.63 -39.19
C ASN D 114 -19.33 -10.80 -38.66
N VAL D 115 -19.15 -11.15 -37.38
CA VAL D 115 -19.95 -12.22 -36.79
C VAL D 115 -21.42 -11.83 -36.74
N LYS D 116 -21.71 -10.60 -36.32
CA LYS D 116 -23.09 -10.13 -36.30
C LYS D 116 -23.68 -10.07 -37.71
N ASN D 117 -22.86 -9.73 -38.70
CA ASN D 117 -23.36 -9.68 -40.08
C ASN D 117 -23.72 -11.07 -40.58
N LEU D 118 -22.89 -12.08 -40.27
CA LEU D 118 -23.22 -13.45 -40.64
C LEU D 118 -24.50 -13.91 -39.95
N TYR D 119 -24.65 -13.55 -38.66
CA TYR D 119 -25.87 -13.90 -37.94
C TYR D 119 -27.09 -13.21 -38.55
N ASP D 120 -26.95 -11.93 -38.92
CA ASP D 120 -28.08 -11.18 -39.46
C ASP D 120 -28.52 -11.73 -40.81
N LYS D 121 -27.57 -12.18 -41.63
CA LYS D 121 -27.93 -12.74 -42.94
C LYS D 121 -28.77 -14.00 -42.78
N VAL D 122 -28.39 -14.87 -41.85
CA VAL D 122 -29.14 -16.10 -41.63
C VAL D 122 -30.53 -15.79 -41.08
N ARG D 123 -30.63 -14.80 -40.19
CA ARG D 123 -31.90 -14.46 -39.57
C ARG D 123 -32.96 -14.08 -40.59
N LEU D 124 -32.55 -13.44 -41.70
CA LEU D 124 -33.49 -13.06 -42.75
C LEU D 124 -33.69 -14.15 -43.79
N GLN D 125 -32.68 -15.01 -43.99
CA GLN D 125 -32.84 -16.14 -44.89
C GLN D 125 -33.95 -17.07 -44.41
N LEU D 126 -34.06 -17.25 -43.10
CA LEU D 126 -34.99 -18.20 -42.52
C LEU D 126 -36.23 -17.54 -41.94
N ARG D 127 -36.23 -16.21 -41.80
CA ARG D 127 -37.37 -15.46 -41.30
C ARG D 127 -37.92 -16.04 -40.01
N ASP D 128 -38.98 -16.84 -40.10
CA ASP D 128 -39.54 -17.49 -38.92
C ASP D 128 -39.89 -18.95 -39.21
N ASN D 129 -39.07 -19.62 -40.01
CA ASN D 129 -39.05 -21.08 -40.04
C ASN D 129 -37.98 -21.64 -39.12
N ALA D 130 -37.44 -20.81 -38.23
CA ALA D 130 -36.51 -21.22 -37.19
C ALA D 130 -36.65 -20.26 -36.02
N LYS D 131 -36.01 -20.60 -34.90
CA LYS D 131 -36.14 -19.86 -33.66
C LYS D 131 -34.83 -19.16 -33.30
N GLU D 132 -34.95 -17.94 -32.78
CA GLU D 132 -33.81 -17.21 -32.24
C GLU D 132 -33.64 -17.60 -30.78
N LEU D 133 -32.58 -18.34 -30.46
CA LEU D 133 -32.34 -18.80 -29.10
C LEU D 133 -31.53 -17.82 -28.27
N GLY D 134 -30.98 -16.77 -28.87
CA GLY D 134 -30.18 -15.80 -28.16
C GLY D 134 -28.74 -16.21 -27.95
N ASN D 135 -28.39 -17.47 -28.18
CA ASN D 135 -27.02 -17.94 -28.08
C ASN D 135 -26.28 -17.85 -29.42
N GLY D 136 -26.93 -17.30 -30.45
CA GLY D 136 -26.42 -17.34 -31.79
C GLY D 136 -26.97 -18.49 -32.61
N CYS D 137 -27.24 -19.63 -31.98
CA CYS D 137 -27.79 -20.77 -32.68
C CYS D 137 -29.26 -20.53 -33.02
N PHE D 138 -29.68 -21.10 -34.14
CA PHE D 138 -31.06 -20.99 -34.61
C PHE D 138 -31.73 -22.36 -34.53
N GLU D 139 -32.91 -22.41 -33.90
CA GLU D 139 -33.62 -23.67 -33.69
C GLU D 139 -34.58 -23.89 -34.86
N PHE D 140 -34.27 -24.87 -35.71
CA PHE D 140 -35.08 -25.14 -36.89
C PHE D 140 -36.42 -25.76 -36.52
N TYR D 141 -37.44 -25.44 -37.32
CA TYR D 141 -38.71 -26.16 -37.29
C TYR D 141 -38.75 -27.26 -38.34
N HIS D 142 -38.48 -26.90 -39.60
CA HIS D 142 -38.83 -27.70 -40.76
C HIS D 142 -37.97 -28.94 -40.94
N LYS D 143 -36.92 -29.13 -40.13
CA LYS D 143 -35.94 -30.21 -40.28
C LYS D 143 -35.12 -29.97 -41.54
N CYS D 144 -33.81 -29.85 -41.39
CA CYS D 144 -32.93 -29.33 -42.42
C CYS D 144 -31.86 -30.36 -42.75
N ASP D 145 -31.79 -30.74 -44.02
CA ASP D 145 -30.78 -31.66 -44.55
C ASP D 145 -29.45 -30.95 -44.73
N ASN D 146 -28.38 -31.73 -44.93
CA ASN D 146 -27.07 -31.14 -45.21
C ASN D 146 -27.10 -30.30 -46.48
N GLU D 147 -27.92 -30.69 -47.47
CA GLU D 147 -28.18 -29.82 -48.61
C GLU D 147 -28.88 -28.55 -48.17
N CYS D 148 -29.91 -28.70 -47.31
CA CYS D 148 -30.61 -27.54 -46.76
C CYS D 148 -29.68 -26.73 -45.87
N MET D 149 -28.83 -27.40 -45.08
CA MET D 149 -27.83 -26.70 -44.28
C MET D 149 -26.88 -25.90 -45.14
N GLU D 150 -26.44 -26.49 -46.26
CA GLU D 150 -25.54 -25.79 -47.17
C GLU D 150 -26.21 -24.57 -47.78
N SER D 151 -27.51 -24.68 -48.07
CA SER D 151 -28.26 -23.53 -48.60
C SER D 151 -28.21 -22.34 -47.66
N VAL D 152 -27.96 -22.58 -46.37
CA VAL D 152 -27.81 -21.49 -45.42
C VAL D 152 -26.38 -20.96 -45.43
N ARG D 153 -25.40 -21.85 -45.34
CA ARG D 153 -24.00 -21.47 -45.19
C ARG D 153 -23.49 -20.65 -46.37
N ASN D 154 -23.39 -21.27 -47.55
CA ASN D 154 -23.15 -20.54 -48.78
C ASN D 154 -24.52 -20.26 -49.40
N GLY D 155 -24.87 -18.98 -49.52
CA GLY D 155 -26.25 -18.64 -49.83
C GLY D 155 -26.73 -19.25 -51.13
N THR D 156 -27.50 -20.31 -51.00
CA THR D 156 -28.22 -20.96 -52.09
C THR D 156 -29.62 -21.37 -51.62
N TYR D 157 -30.17 -20.64 -50.65
CA TYR D 157 -31.39 -21.04 -49.98
C TYR D 157 -32.59 -20.91 -50.89
N ASP D 158 -32.96 -22.02 -51.55
CA ASP D 158 -34.16 -22.06 -52.37
C ASP D 158 -35.35 -22.15 -51.43
N TYR D 159 -35.73 -20.97 -50.91
CA TYR D 159 -36.82 -20.79 -49.95
C TYR D 159 -38.16 -21.37 -50.38
N PRO D 160 -38.51 -21.39 -51.68
CA PRO D 160 -39.79 -22.03 -52.07
C PRO D 160 -39.96 -23.46 -51.57
N GLN D 161 -38.87 -24.20 -51.35
CA GLN D 161 -38.99 -25.60 -50.94
C GLN D 161 -39.78 -25.74 -49.65
N TYR D 162 -39.30 -25.13 -48.58
CA TYR D 162 -39.86 -25.33 -47.25
C TYR D 162 -40.84 -24.23 -46.86
N SER D 163 -41.26 -23.39 -47.81
CA SER D 163 -42.25 -22.35 -47.51
C SER D 163 -43.51 -22.96 -46.93
N GLU D 164 -44.08 -23.94 -47.63
CA GLU D 164 -45.23 -24.68 -47.12
C GLU D 164 -44.81 -25.84 -46.22
N GLU D 165 -43.64 -26.43 -46.48
CA GLU D 165 -43.19 -27.55 -45.64
C GLU D 165 -43.01 -27.12 -44.19
N ALA D 166 -42.57 -25.87 -43.97
CA ALA D 166 -42.50 -25.36 -42.61
C ALA D 166 -43.88 -25.33 -41.97
N ARG D 167 -44.91 -24.89 -42.71
CA ARG D 167 -46.27 -24.87 -42.18
C ARG D 167 -46.68 -26.23 -41.66
N LEU D 168 -46.21 -27.30 -42.30
CA LEU D 168 -46.49 -28.66 -41.87
C LEU D 168 -45.57 -29.12 -40.75
N LYS D 169 -44.67 -28.26 -40.27
CA LYS D 169 -43.89 -28.52 -39.07
C LYS D 169 -43.86 -27.35 -38.10
N ARG D 170 -44.13 -26.13 -38.55
CA ARG D 170 -43.89 -24.93 -37.76
C ARG D 170 -44.92 -24.76 -36.66
N GLU D 171 -46.21 -24.68 -37.02
CA GLU D 171 -47.26 -24.43 -36.06
C GLU D 171 -48.03 -25.68 -35.66
N GLU D 172 -47.57 -26.86 -36.06
CA GLU D 172 -48.40 -28.05 -35.94
C GLU D 172 -48.51 -28.53 -34.51
N ILE D 173 -47.40 -28.93 -33.90
CA ILE D 173 -47.41 -29.49 -32.54
C ILE D 173 -47.30 -28.29 -31.60
N SER D 174 -48.44 -27.67 -31.32
CA SER D 174 -48.48 -26.47 -30.49
C SER D 174 -49.69 -26.47 -29.58
N GLY E 4 -46.51 -8.43 -54.67
CA GLY E 4 -46.91 -7.39 -53.74
C GLY E 4 -46.12 -6.11 -53.91
N ASP E 5 -46.62 -5.02 -53.32
CA ASP E 5 -45.94 -3.74 -53.41
C ASP E 5 -44.65 -3.77 -52.60
N GLN E 6 -43.65 -3.01 -53.09
CA GLN E 6 -42.30 -3.08 -52.56
C GLN E 6 -41.76 -1.68 -52.27
N ILE E 7 -40.95 -1.59 -51.21
CA ILE E 7 -40.22 -0.38 -50.87
C ILE E 7 -38.80 -0.78 -50.50
N CYS E 8 -37.81 -0.04 -50.99
CA CYS E 8 -36.41 -0.42 -50.88
C CYS E 8 -35.59 0.67 -50.21
N ILE E 9 -34.43 0.26 -49.70
CA ILE E 9 -33.45 1.16 -49.09
C ILE E 9 -32.16 1.06 -49.88
N GLY E 10 -31.59 2.21 -50.25
CA GLY E 10 -30.37 2.21 -51.05
C GLY E 10 -29.64 3.53 -50.93
N TYR E 11 -28.52 3.62 -51.65
CA TYR E 11 -27.65 4.78 -51.59
C TYR E 11 -27.30 5.24 -53.01
N HIS E 12 -26.52 6.31 -53.08
CA HIS E 12 -26.27 7.05 -54.31
C HIS E 12 -24.96 6.60 -54.96
N ALA E 13 -25.00 6.43 -56.28
CA ALA E 13 -23.81 6.18 -57.09
C ALA E 13 -23.78 7.13 -58.27
N ASN E 14 -22.58 7.45 -58.75
CA ASN E 14 -22.39 8.40 -59.83
C ASN E 14 -21.20 7.96 -60.68
N ASN E 15 -20.85 8.78 -61.66
CA ASN E 15 -19.60 8.56 -62.37
C ASN E 15 -18.47 9.17 -61.54
N SER E 16 -17.50 8.34 -61.19
CA SER E 16 -16.47 8.80 -60.28
C SER E 16 -15.32 7.81 -60.30
N THR E 17 -14.18 8.24 -60.80
CA THR E 17 -12.98 7.44 -60.75
C THR E 17 -12.10 7.79 -59.56
N GLU E 18 -12.57 8.68 -58.68
CA GLU E 18 -11.80 9.06 -57.51
C GLU E 18 -11.63 7.88 -56.56
N GLN E 19 -10.41 7.67 -56.08
CA GLN E 19 -10.10 6.59 -55.17
C GLN E 19 -9.41 7.14 -53.93
N VAL E 20 -9.78 6.61 -52.77
CA VAL E 20 -9.13 6.93 -51.51
C VAL E 20 -8.69 5.63 -50.86
N ASP E 21 -7.94 5.76 -49.78
CA ASP E 21 -7.36 4.61 -49.10
C ASP E 21 -7.83 4.60 -47.66
N THR E 22 -8.12 3.41 -47.14
CA THR E 22 -8.48 3.22 -45.75
C THR E 22 -7.41 2.38 -45.05
N ILE E 23 -7.55 2.26 -43.73
CA ILE E 23 -6.57 1.53 -42.96
C ILE E 23 -6.60 0.03 -43.26
N MET E 24 -7.72 -0.49 -43.77
CA MET E 24 -7.84 -1.92 -44.09
C MET E 24 -8.00 -2.21 -45.57
N GLU E 25 -8.24 -1.19 -46.41
CA GLU E 25 -8.50 -1.41 -47.82
C GLU E 25 -7.66 -0.44 -48.66
N LYS E 26 -7.46 -0.80 -49.92
CA LYS E 26 -6.66 -0.02 -50.85
C LYS E 26 -7.44 0.23 -52.13
N ASN E 27 -7.32 1.45 -52.65
CA ASN E 27 -7.91 1.85 -53.93
C ASN E 27 -9.43 1.63 -53.92
N VAL E 28 -10.10 2.33 -53.02
CA VAL E 28 -11.55 2.24 -52.83
C VAL E 28 -12.20 3.42 -53.54
N THR E 29 -12.97 3.14 -54.57
CA THR E 29 -13.63 4.19 -55.34
C THR E 29 -14.75 4.83 -54.52
N VAL E 30 -14.84 6.17 -54.60
CA VAL E 30 -15.82 6.94 -53.84
C VAL E 30 -16.55 7.89 -54.76
N THR E 31 -17.69 8.40 -54.28
CA THR E 31 -18.47 9.36 -55.06
C THR E 31 -17.84 10.74 -55.04
N HIS E 32 -17.56 11.28 -53.86
CA HIS E 32 -16.86 12.55 -53.72
C HIS E 32 -15.67 12.37 -52.79
N ALA E 33 -14.62 13.16 -53.03
CA ALA E 33 -13.45 13.15 -52.19
C ALA E 33 -12.80 14.52 -52.20
N GLN E 34 -12.02 14.80 -51.17
CA GLN E 34 -11.35 16.08 -51.03
C GLN E 34 -9.93 15.88 -50.54
N ASP E 35 -8.99 16.60 -51.12
CA ASP E 35 -7.60 16.58 -50.70
C ASP E 35 -7.33 17.73 -49.73
N ILE E 36 -6.57 17.43 -48.67
CA ILE E 36 -6.17 18.42 -47.68
C ILE E 36 -4.69 18.75 -47.77
N LEU E 37 -4.03 18.35 -48.85
CA LEU E 37 -2.60 18.59 -49.03
C LEU E 37 -2.40 19.68 -50.08
N GLU E 38 -1.75 20.76 -49.68
CA GLU E 38 -1.46 21.86 -50.60
C GLU E 38 -0.28 21.51 -51.49
N LYS E 39 -0.46 21.68 -52.80
CA LYS E 39 0.58 21.34 -53.77
C LYS E 39 0.86 22.44 -54.79
N THR E 40 0.18 23.58 -54.72
CA THR E 40 0.27 24.60 -55.75
C THR E 40 0.93 25.86 -55.20
N HIS E 41 1.76 26.49 -56.03
CA HIS E 41 2.38 27.77 -55.70
C HIS E 41 2.45 28.62 -56.96
N ASN E 42 2.48 29.95 -56.77
CA ASN E 42 2.38 30.86 -57.91
C ASN E 42 3.70 31.06 -58.65
N GLY E 43 4.81 30.57 -58.12
CA GLY E 43 6.09 30.70 -58.80
C GLY E 43 6.70 32.09 -58.75
N LYS E 44 6.33 32.92 -57.78
CA LYS E 44 6.87 34.27 -57.66
C LYS E 44 7.23 34.54 -56.21
N LEU E 45 8.13 35.51 -56.01
CA LEU E 45 8.40 36.07 -54.70
C LEU E 45 7.51 37.28 -54.49
N CYS E 46 6.84 37.35 -53.34
CA CYS E 46 5.77 38.30 -53.11
C CYS E 46 5.96 39.05 -51.81
N ASP E 47 5.16 40.09 -51.62
CA ASP E 47 5.14 40.80 -50.36
C ASP E 47 4.69 39.87 -49.24
N LEU E 48 5.33 40.00 -48.09
CA LEU E 48 5.02 39.19 -46.93
C LEU E 48 4.10 40.02 -46.03
N ASN E 49 2.80 39.70 -46.06
CA ASN E 49 1.80 40.39 -45.25
C ASN E 49 1.85 41.89 -45.47
N GLY E 50 1.96 42.29 -46.75
CA GLY E 50 1.88 43.67 -47.16
C GLY E 50 3.22 44.33 -47.42
N VAL E 51 4.29 43.85 -46.78
CA VAL E 51 5.59 44.50 -46.84
C VAL E 51 6.45 43.80 -47.88
N LYS E 52 7.02 44.58 -48.79
CA LYS E 52 7.89 44.02 -49.81
C LYS E 52 9.17 43.48 -49.16
N PRO E 53 9.78 42.44 -49.73
CA PRO E 53 11.11 42.03 -49.27
C PRO E 53 12.17 43.03 -49.71
N LEU E 54 13.38 42.81 -49.23
CA LEU E 54 14.56 43.56 -49.64
C LEU E 54 15.38 42.65 -50.54
N ILE E 55 15.42 42.97 -51.83
CA ILE E 55 15.97 42.09 -52.84
C ILE E 55 17.34 42.62 -53.24
N LEU E 56 18.39 41.98 -52.76
CA LEU E 56 19.75 42.27 -53.19
C LEU E 56 20.04 41.39 -54.40
N LYS E 57 20.21 42.02 -55.57
CA LYS E 57 20.27 41.25 -56.81
C LYS E 57 21.60 40.53 -56.94
N ASP E 58 22.70 41.28 -57.06
CA ASP E 58 24.03 40.70 -57.16
C ASP E 58 24.93 41.14 -56.02
N CYS E 59 24.34 41.65 -54.94
CA CYS E 59 25.08 42.19 -53.81
C CYS E 59 24.82 41.35 -52.57
N SER E 60 25.84 41.24 -51.73
CA SER E 60 25.67 40.66 -50.41
C SER E 60 25.31 41.74 -49.41
N VAL E 61 24.88 41.31 -48.22
CA VAL E 61 24.55 42.28 -47.17
C VAL E 61 25.79 43.07 -46.79
N ALA E 62 26.96 42.41 -46.71
CA ALA E 62 28.19 43.09 -46.37
C ALA E 62 28.53 44.17 -47.39
N GLY E 63 28.42 43.84 -48.68
CA GLY E 63 28.69 44.83 -49.72
C GLY E 63 27.69 45.97 -49.69
N TRP E 64 26.41 45.65 -49.50
CA TRP E 64 25.38 46.70 -49.48
C TRP E 64 25.57 47.65 -48.30
N LEU E 65 25.90 47.12 -47.12
CA LEU E 65 26.06 47.98 -45.95
C LEU E 65 27.28 48.88 -46.09
N LEU E 66 28.41 48.31 -46.47
CA LEU E 66 29.65 49.08 -46.58
C LEU E 66 29.68 49.97 -47.82
N GLY E 67 28.79 49.75 -48.79
CA GLY E 67 28.78 50.56 -50.00
C GLY E 67 29.80 50.11 -51.03
N ASN E 68 29.71 48.85 -51.45
CA ASN E 68 30.55 48.33 -52.53
C ASN E 68 30.29 49.16 -53.79
N PRO E 69 31.30 49.80 -54.38
CA PRO E 69 31.06 50.58 -55.59
C PRO E 69 30.54 49.75 -56.75
N MET E 70 30.99 48.50 -56.86
CA MET E 70 30.56 47.63 -57.94
C MET E 70 29.08 47.25 -57.82
N CYS E 71 28.49 47.42 -56.64
CA CYS E 71 27.05 47.24 -56.48
C CYS E 71 26.32 48.53 -56.85
N ASP E 72 25.01 48.40 -57.03
CA ASP E 72 24.18 49.57 -57.32
C ASP E 72 24.06 50.46 -56.09
N GLU E 73 23.77 51.73 -56.34
CA GLU E 73 23.68 52.70 -55.26
C GLU E 73 22.37 52.54 -54.48
N PHE E 74 22.28 53.24 -53.36
CA PHE E 74 21.22 53.05 -52.38
C PHE E 74 19.90 53.52 -52.94
N ILE E 75 19.08 52.57 -53.41
CA ILE E 75 17.68 52.82 -53.69
C ILE E 75 16.94 52.60 -52.38
N ARG E 76 16.58 53.68 -51.71
CA ARG E 76 16.16 53.60 -50.31
C ARG E 76 14.91 52.73 -50.17
N VAL E 77 15.01 51.72 -49.31
CA VAL E 77 13.89 50.89 -48.90
C VAL E 77 13.76 51.00 -47.39
N PRO E 78 12.88 51.87 -46.89
CA PRO E 78 12.82 52.11 -45.44
C PRO E 78 12.44 50.88 -44.63
N GLU E 79 11.61 49.99 -45.17
CA GLU E 79 11.20 48.79 -44.45
C GLU E 79 11.17 47.60 -45.40
N TRP E 80 11.35 46.41 -44.83
CA TRP E 80 11.25 45.18 -45.60
C TRP E 80 10.92 44.05 -44.63
N SER E 81 10.32 42.99 -45.18
CA SER E 81 9.85 41.85 -44.41
C SER E 81 10.83 40.67 -44.41
N TYR E 82 11.62 40.51 -45.47
CA TYR E 82 12.67 39.50 -45.49
C TYR E 82 13.64 39.86 -46.62
N ILE E 83 14.79 39.20 -46.61
CA ILE E 83 15.84 39.45 -47.59
C ILE E 83 15.92 38.29 -48.55
N VAL E 84 15.96 38.60 -49.84
CA VAL E 84 16.17 37.61 -50.89
C VAL E 84 17.60 37.78 -51.40
N GLU E 85 18.38 36.71 -51.32
CA GLU E 85 19.78 36.73 -51.71
C GLU E 85 20.02 35.61 -52.71
N ARG E 86 21.00 35.83 -53.58
CA ARG E 86 21.41 34.75 -54.48
C ARG E 86 22.30 33.77 -53.74
N ALA E 87 22.43 32.57 -54.31
CA ALA E 87 23.26 31.54 -53.69
C ALA E 87 24.70 31.98 -53.57
N ASN E 88 25.23 32.60 -54.62
CA ASN E 88 26.59 33.15 -54.62
C ASN E 88 26.52 34.58 -55.15
N PRO E 89 26.32 35.57 -54.28
CA PRO E 89 26.30 36.96 -54.74
C PRO E 89 27.62 37.34 -55.42
N ALA E 90 27.51 38.16 -56.47
CA ALA E 90 28.69 38.49 -57.27
C ALA E 90 29.63 39.44 -56.52
N ASN E 91 29.09 40.47 -55.88
CA ASN E 91 29.91 41.48 -55.22
C ASN E 91 29.62 41.45 -53.72
N ASP E 92 30.61 41.00 -52.94
CA ASP E 92 30.48 40.99 -51.49
C ASP E 92 31.47 41.94 -50.83
N LEU E 93 32.77 41.75 -51.04
CA LEU E 93 33.80 42.60 -50.44
C LEU E 93 34.88 42.80 -51.50
N CYS E 94 34.82 43.94 -52.18
CA CYS E 94 35.73 44.20 -53.29
C CYS E 94 37.18 44.15 -52.83
N TYR E 95 37.48 44.77 -51.71
CA TYR E 95 38.77 44.58 -51.07
C TYR E 95 38.69 43.35 -50.16
N PRO E 96 39.63 42.41 -50.29
CA PRO E 96 39.52 41.17 -49.52
C PRO E 96 39.54 41.44 -48.02
N GLY E 97 38.72 40.69 -47.28
CA GLY E 97 38.64 40.88 -45.84
C GLY E 97 37.52 40.08 -45.23
N SER E 98 36.94 40.63 -44.17
CA SER E 98 35.85 39.95 -43.46
C SER E 98 35.01 40.98 -42.73
N LEU E 99 33.79 40.56 -42.36
CA LEU E 99 32.88 41.36 -41.55
C LEU E 99 32.52 40.56 -40.30
N ASN E 100 32.93 41.06 -39.15
CA ASN E 100 32.73 40.35 -37.88
C ASN E 100 31.24 40.16 -37.60
N ASP E 101 30.90 39.00 -37.02
CA ASP E 101 29.52 38.65 -36.65
C ASP E 101 28.56 38.85 -37.83
N TYR E 102 28.95 38.35 -39.00
CA TYR E 102 28.17 38.58 -40.21
C TYR E 102 26.79 37.96 -40.09
N GLU E 103 26.71 36.70 -39.67
CA GLU E 103 25.42 36.01 -39.64
C GLU E 103 24.47 36.65 -38.64
N GLU E 104 24.98 37.02 -37.46
CA GLU E 104 24.14 37.67 -36.46
C GLU E 104 23.68 39.04 -36.98
N LEU E 105 24.56 39.76 -37.67
CA LEU E 105 24.16 41.01 -38.31
C LEU E 105 23.08 40.78 -39.37
N LYS E 106 23.25 39.72 -40.19
CA LYS E 106 22.25 39.42 -41.21
C LYS E 106 20.93 39.01 -40.60
N HIS E 107 20.97 38.26 -39.50
CA HIS E 107 19.72 37.86 -38.85
C HIS E 107 18.96 39.07 -38.31
N MET E 108 19.69 40.05 -37.78
CA MET E 108 19.02 41.23 -37.24
C MET E 108 18.46 42.11 -38.34
N LEU E 109 19.11 42.13 -39.51
CA LEU E 109 18.66 42.91 -40.65
C LEU E 109 17.60 42.19 -41.49
N SER E 110 17.21 40.97 -41.11
CA SER E 110 16.27 40.22 -41.93
C SER E 110 14.94 40.96 -42.06
N ARG E 111 14.45 41.51 -40.96
CA ARG E 111 13.21 42.29 -40.96
C ARG E 111 13.45 43.58 -40.19
N ILE E 112 13.35 44.71 -40.89
CA ILE E 112 13.62 46.01 -40.31
C ILE E 112 12.42 46.92 -40.60
N ASN E 113 11.91 47.57 -39.56
CA ASN E 113 10.80 48.48 -39.73
C ASN E 113 11.21 49.82 -40.33
N HIS E 114 12.32 50.39 -39.86
CA HIS E 114 12.78 51.68 -40.35
C HIS E 114 14.29 51.61 -40.58
N PHE E 115 14.73 52.07 -41.75
CA PHE E 115 16.14 52.00 -42.12
C PHE E 115 16.48 53.25 -42.90
N GLU E 116 17.54 53.95 -42.48
CA GLU E 116 17.94 55.20 -43.12
C GLU E 116 19.42 55.46 -42.92
N LYS E 117 20.13 55.77 -44.01
CA LYS E 117 21.55 56.06 -43.95
C LYS E 117 21.77 57.55 -43.70
N ILE E 118 22.54 57.88 -42.67
CA ILE E 118 22.85 59.26 -42.34
C ILE E 118 24.36 59.44 -42.28
N GLN E 119 24.82 60.60 -42.72
CA GLN E 119 26.22 60.97 -42.55
C GLN E 119 26.44 61.41 -41.11
N ILE E 120 27.43 60.82 -40.45
CA ILE E 120 27.69 61.13 -39.05
C ILE E 120 29.07 61.77 -38.91
N ILE E 121 30.01 61.41 -39.78
CA ILE E 121 31.35 61.96 -39.75
C ILE E 121 31.74 62.37 -41.17
N PRO E 122 31.52 63.63 -41.56
CA PRO E 122 31.89 64.04 -42.92
C PRO E 122 33.40 64.08 -43.09
N LYS E 123 33.81 64.06 -44.37
CA LYS E 123 35.24 64.05 -44.69
C LYS E 123 35.95 65.31 -44.24
N SER E 124 35.21 66.37 -43.90
CA SER E 124 35.81 67.59 -43.38
C SER E 124 36.41 67.40 -41.99
N SER E 125 36.14 66.28 -41.33
CA SER E 125 36.54 66.07 -39.95
C SER E 125 37.93 65.50 -39.79
N TRP E 126 38.69 65.35 -40.88
CA TRP E 126 40.05 64.81 -40.85
C TRP E 126 41.01 65.80 -41.49
N PRO E 127 41.22 66.96 -40.85
CA PRO E 127 42.09 67.98 -41.47
C PRO E 127 43.55 67.57 -41.55
N ASN E 128 44.02 66.71 -40.65
CA ASN E 128 45.43 66.33 -40.61
C ASN E 128 45.70 64.98 -41.27
N HIS E 129 44.70 64.40 -41.92
CA HIS E 129 44.85 63.13 -42.62
C HIS E 129 44.28 63.26 -44.03
N GLU E 130 44.82 62.45 -44.94
CA GLU E 130 44.39 62.48 -46.34
C GLU E 130 43.20 61.53 -46.50
N THR E 131 42.09 62.07 -46.98
CA THR E 131 40.85 61.32 -47.12
C THR E 131 40.57 60.92 -48.56
N SER E 132 41.47 61.24 -49.49
CA SER E 132 41.23 61.00 -50.91
C SER E 132 42.16 59.98 -51.53
N LEU E 133 43.22 59.58 -50.84
CA LEU E 133 44.15 58.58 -51.36
C LEU E 133 43.79 57.16 -50.94
N GLY E 134 42.73 56.99 -50.17
CA GLY E 134 42.30 55.67 -49.75
C GLY E 134 41.45 54.97 -50.79
N VAL E 135 42.08 54.59 -51.90
CA VAL E 135 41.39 53.96 -53.02
C VAL E 135 42.20 52.75 -53.47
N SER E 136 41.52 51.81 -54.13
CA SER E 136 42.17 50.59 -54.57
C SER E 136 41.56 50.14 -55.89
N ALA E 137 42.37 49.44 -56.69
CA ALA E 137 41.87 48.87 -57.93
C ALA E 137 40.87 47.74 -57.69
N ALA E 138 40.91 47.10 -56.51
CA ALA E 138 39.96 46.04 -56.22
C ALA E 138 38.54 46.56 -56.07
N CYS E 139 38.37 47.85 -55.80
CA CYS E 139 37.06 48.49 -55.67
C CYS E 139 36.99 49.60 -56.71
N PRO E 140 36.71 49.27 -57.97
CA PRO E 140 36.68 50.29 -59.02
C PRO E 140 35.31 50.88 -59.23
N TYR E 141 35.30 52.18 -59.55
CA TYR E 141 34.08 52.89 -59.91
C TYR E 141 34.35 53.73 -61.15
N GLN E 142 33.55 53.52 -62.19
CA GLN E 142 33.71 54.22 -63.47
C GLN E 142 35.10 54.05 -64.04
N GLY E 143 35.73 52.91 -63.77
CA GLY E 143 37.07 52.64 -64.23
C GLY E 143 38.18 53.21 -63.38
N ALA E 144 37.86 54.11 -62.44
CA ALA E 144 38.92 54.65 -61.59
C ALA E 144 39.00 53.88 -60.28
N PRO E 145 40.17 53.85 -59.65
CA PRO E 145 40.27 53.27 -58.31
C PRO E 145 39.36 54.00 -57.33
N SER E 146 38.72 53.24 -56.45
CA SER E 146 37.76 53.79 -55.50
C SER E 146 37.83 52.94 -54.23
N PHE E 147 36.78 53.02 -53.41
CA PHE E 147 36.71 52.31 -52.13
C PHE E 147 35.23 52.17 -51.77
N PHE E 148 34.98 51.52 -50.63
CA PHE E 148 33.63 51.47 -50.09
C PHE E 148 33.10 52.88 -49.89
N ARG E 149 31.80 53.07 -50.15
CA ARG E 149 31.21 54.41 -50.21
C ARG E 149 30.66 54.89 -48.87
N ASN E 150 30.81 54.12 -47.80
CA ASN E 150 30.32 54.52 -46.49
C ASN E 150 31.41 54.62 -45.43
N VAL E 151 32.63 54.20 -45.75
CA VAL E 151 33.77 54.30 -44.85
C VAL E 151 34.92 54.91 -45.62
N VAL E 152 35.86 55.50 -44.90
CA VAL E 152 36.95 56.26 -45.51
C VAL E 152 38.29 55.67 -45.06
N TRP E 153 39.16 55.40 -46.03
CA TRP E 153 40.49 54.84 -45.79
C TRP E 153 41.44 56.02 -45.56
N LEU E 154 41.77 56.27 -44.30
CA LEU E 154 42.61 57.43 -43.95
C LEU E 154 44.08 57.12 -44.17
N ILE E 155 44.79 58.07 -44.79
CA ILE E 155 46.20 57.92 -45.13
C ILE E 155 46.95 59.12 -44.54
N LYS E 156 48.24 58.91 -44.31
CA LYS E 156 49.08 59.96 -43.75
C LYS E 156 49.13 61.18 -44.66
N LYS E 157 49.30 62.35 -44.05
CA LYS E 157 49.53 63.59 -44.78
C LYS E 157 50.82 64.22 -44.27
N ASN E 158 51.64 64.71 -45.20
CA ASN E 158 52.95 65.25 -44.88
C ASN E 158 53.79 64.24 -44.11
N ASP E 159 53.69 62.97 -44.51
CA ASP E 159 54.45 61.88 -43.92
C ASP E 159 54.26 61.81 -42.40
N ALA E 160 53.02 62.01 -41.96
CA ALA E 160 52.69 61.92 -40.55
C ALA E 160 51.27 61.44 -40.39
N TYR E 161 51.03 60.66 -39.34
CA TYR E 161 49.70 60.15 -38.99
C TYR E 161 49.46 60.51 -37.54
N PRO E 162 49.06 61.76 -37.27
CA PRO E 162 48.79 62.16 -35.90
C PRO E 162 47.66 61.33 -35.32
N THR E 163 47.70 61.12 -34.01
CA THR E 163 46.71 60.28 -33.35
C THR E 163 45.32 60.89 -33.51
N ILE E 164 44.36 60.03 -33.85
CA ILE E 164 42.98 60.41 -34.07
C ILE E 164 42.21 60.20 -32.77
N LYS E 165 41.44 61.20 -32.37
CA LYS E 165 40.56 61.14 -31.20
C LYS E 165 39.26 61.84 -31.57
N ILE E 166 38.29 61.08 -32.03
CA ILE E 166 37.00 61.63 -32.46
C ILE E 166 35.87 60.84 -31.81
N SER E 167 34.87 61.56 -31.33
CA SER E 167 33.68 60.95 -30.75
C SER E 167 32.44 61.34 -31.56
N TYR E 168 31.36 60.59 -31.36
CA TYR E 168 30.09 60.91 -32.00
C TYR E 168 28.98 60.52 -31.03
N ASN E 169 28.01 61.40 -30.87
CA ASN E 169 26.88 61.20 -29.98
C ASN E 169 25.62 60.97 -30.82
N ASN E 170 24.93 59.86 -30.57
CA ASN E 170 23.72 59.53 -31.31
C ASN E 170 22.59 60.42 -30.80
N THR E 171 22.44 61.58 -31.43
CA THR E 171 21.41 62.54 -31.03
C THR E 171 20.05 62.22 -31.64
N ASN E 172 19.96 61.23 -32.53
CA ASN E 172 18.68 60.79 -33.03
C ASN E 172 17.91 60.04 -31.94
N ARG E 173 16.63 59.79 -32.22
CA ARG E 173 15.81 59.01 -31.29
C ARG E 173 15.84 57.51 -31.59
N GLU E 174 16.48 57.10 -32.67
CA GLU E 174 16.53 55.70 -33.09
C GLU E 174 17.94 55.13 -32.95
N ASP E 175 18.02 53.81 -32.86
CA ASP E 175 19.30 53.13 -32.80
C ASP E 175 20.08 53.38 -34.09
N LEU E 176 21.41 53.33 -33.97
CA LEU E 176 22.30 53.58 -35.11
C LEU E 176 23.18 52.36 -35.35
N LEU E 177 23.19 51.90 -36.60
CA LEU E 177 24.09 50.83 -37.04
C LEU E 177 25.35 51.47 -37.60
N ILE E 178 26.47 51.30 -36.90
CA ILE E 178 27.74 51.92 -37.25
C ILE E 178 28.74 50.84 -37.61
N LEU E 179 29.50 51.07 -38.68
CA LEU E 179 30.48 50.12 -39.19
C LEU E 179 31.83 50.80 -39.35
N TRP E 180 32.89 50.07 -39.02
CA TRP E 180 34.26 50.56 -39.13
C TRP E 180 35.18 49.37 -39.32
N GLY E 181 36.43 49.66 -39.71
CA GLY E 181 37.34 48.58 -40.02
C GLY E 181 38.80 48.92 -39.76
N ILE E 182 39.62 47.89 -39.91
CA ILE E 182 41.07 47.99 -39.77
C ILE E 182 41.69 47.35 -41.01
N HIS E 183 42.82 47.91 -41.44
CA HIS E 183 43.53 47.44 -42.62
C HIS E 183 44.81 46.74 -42.19
N HIS E 184 44.97 45.49 -42.61
CA HIS E 184 46.20 44.74 -42.33
C HIS E 184 47.16 44.92 -43.49
N SER E 185 48.39 45.34 -43.18
CA SER E 185 49.40 45.58 -44.19
C SER E 185 50.04 44.26 -44.63
N ASN E 186 50.95 44.35 -45.60
CA ASN E 186 51.67 43.20 -46.11
C ASN E 186 53.10 43.12 -45.59
N ASN E 187 53.74 44.25 -45.33
CA ASN E 187 55.12 44.29 -44.85
C ASN E 187 55.31 45.60 -44.10
N ALA E 188 56.48 45.72 -43.45
CA ALA E 188 56.79 46.94 -42.72
C ALA E 188 56.89 48.15 -43.64
N GLU E 189 57.38 47.95 -44.87
CA GLU E 189 57.48 49.06 -45.81
C GLU E 189 56.10 49.62 -46.15
N GLU E 190 55.14 48.74 -46.47
CA GLU E 190 53.81 49.23 -46.82
C GLU E 190 53.17 49.99 -45.67
N GLN E 191 53.44 49.57 -44.43
CA GLN E 191 52.87 50.25 -43.27
C GLN E 191 53.38 51.68 -43.16
N THR E 192 54.68 51.89 -43.40
CA THR E 192 55.25 53.23 -43.26
C THR E 192 54.82 54.16 -44.39
N ASN E 193 54.66 53.64 -45.61
CA ASN E 193 54.21 54.47 -46.73
C ASN E 193 52.78 54.96 -46.57
N LEU E 194 51.97 54.26 -45.78
CA LEU E 194 50.55 54.59 -45.62
C LEU E 194 50.24 55.29 -44.31
N TYR E 195 50.92 54.90 -43.21
CA TYR E 195 50.61 55.41 -41.89
C TYR E 195 51.81 55.90 -41.11
N LYS E 196 53.04 55.63 -41.56
CA LYS E 196 54.27 56.21 -41.01
C LYS E 196 54.59 55.67 -39.61
N ASN E 197 53.65 54.94 -39.01
CA ASN E 197 53.83 54.44 -37.66
C ASN E 197 54.06 52.94 -37.70
N PRO E 198 55.24 52.44 -37.30
CA PRO E 198 55.49 50.99 -37.36
C PRO E 198 54.52 50.16 -36.55
N ILE E 199 54.12 50.61 -35.36
CA ILE E 199 53.20 49.89 -34.49
C ILE E 199 51.99 50.76 -34.25
N THR E 200 50.80 50.26 -34.61
CA THR E 200 49.57 51.03 -34.52
C THR E 200 48.49 50.23 -33.80
N TYR E 201 47.39 50.91 -33.51
CA TYR E 201 46.29 50.35 -32.74
C TYR E 201 45.01 51.09 -33.10
N ILE E 202 43.88 50.49 -32.74
CA ILE E 202 42.58 51.14 -32.86
C ILE E 202 41.80 50.87 -31.58
N SER E 203 41.26 51.92 -30.98
CA SER E 203 40.45 51.81 -29.79
C SER E 203 39.04 52.28 -30.14
N VAL E 204 38.04 51.47 -29.77
CA VAL E 204 36.64 51.83 -29.97
C VAL E 204 35.93 51.66 -28.65
N GLY E 205 35.33 52.72 -28.16
CA GLY E 205 34.65 52.66 -26.87
C GLY E 205 33.26 53.26 -26.90
N THR E 206 32.29 52.50 -26.38
CA THR E 206 30.93 52.99 -26.16
C THR E 206 30.55 52.72 -24.72
N SER E 207 29.25 52.83 -24.39
CA SER E 207 28.80 52.44 -23.06
C SER E 207 28.97 50.94 -22.84
N THR E 208 28.89 50.12 -23.90
CA THR E 208 29.00 48.67 -23.79
C THR E 208 30.19 48.07 -24.53
N LEU E 209 30.72 48.75 -25.55
CA LEU E 209 31.81 48.21 -26.35
C LEU E 209 33.14 48.76 -25.86
N ASN E 210 34.12 47.88 -25.71
CA ASN E 210 35.48 48.23 -25.28
C ASN E 210 36.42 47.34 -26.08
N GLN E 211 36.86 47.83 -27.23
CA GLN E 211 37.58 47.03 -28.21
C GLN E 211 38.96 47.62 -28.49
N ARG E 212 39.97 46.75 -28.57
CA ARG E 212 41.30 47.12 -29.01
C ARG E 212 41.69 46.25 -30.20
N LEU E 213 42.21 46.88 -31.25
CA LEU E 213 42.59 46.19 -32.48
C LEU E 213 44.03 46.54 -32.82
N ALA E 214 44.71 45.58 -33.45
CA ALA E 214 46.06 45.77 -33.96
C ALA E 214 46.13 45.15 -35.35
N PRO E 215 46.88 45.77 -36.27
CA PRO E 215 46.98 45.21 -37.62
C PRO E 215 47.91 44.02 -37.66
N LYS E 216 47.47 42.97 -38.34
CA LYS E 216 48.24 41.73 -38.48
C LYS E 216 48.98 41.82 -39.81
N ILE E 217 50.19 42.36 -39.76
CA ILE E 217 51.02 42.51 -40.96
C ILE E 217 51.74 41.19 -41.21
N ALA E 218 51.46 40.58 -42.36
CA ALA E 218 51.98 39.25 -42.68
C ALA E 218 51.83 39.01 -44.18
N THR E 219 52.33 37.85 -44.61
CA THR E 219 52.23 37.46 -46.01
C THR E 219 50.96 36.64 -46.22
N ARG E 220 50.19 37.00 -47.24
CA ARG E 220 48.94 36.30 -47.56
C ARG E 220 48.87 36.06 -49.06
N SER E 221 47.91 35.22 -49.44
CA SER E 221 47.62 35.00 -50.85
C SER E 221 46.92 36.23 -51.44
N GLN E 222 46.90 36.28 -52.77
CA GLN E 222 46.33 37.42 -53.50
C GLN E 222 44.86 37.16 -53.78
N VAL E 223 44.00 38.06 -53.30
CA VAL E 223 42.56 37.97 -53.54
C VAL E 223 42.12 39.28 -54.16
N ASN E 224 41.45 39.19 -55.31
CA ASN E 224 41.06 40.38 -56.09
C ASN E 224 42.27 41.25 -56.40
N GLY E 225 43.45 40.63 -56.51
CA GLY E 225 44.67 41.36 -56.77
C GLY E 225 45.32 41.96 -55.55
N GLN E 226 44.80 41.69 -54.35
CA GLN E 226 45.29 42.31 -53.13
C GLN E 226 45.70 41.23 -52.14
N ARG E 227 46.84 41.47 -51.49
CA ARG E 227 47.27 40.64 -50.38
C ARG E 227 46.95 41.25 -49.02
N GLY E 228 46.63 42.54 -48.99
CA GLY E 228 46.14 43.16 -47.77
C GLY E 228 44.71 42.77 -47.49
N ARG E 229 44.30 42.99 -46.24
CA ARG E 229 42.97 42.60 -45.79
C ARG E 229 42.36 43.72 -44.96
N MET E 230 41.03 43.72 -44.91
CA MET E 230 40.30 44.69 -44.10
C MET E 230 39.16 43.98 -43.40
N ASP E 231 39.25 43.89 -42.07
CA ASP E 231 38.18 43.33 -41.26
C ASP E 231 37.29 44.46 -40.77
N PHE E 232 35.98 44.31 -40.95
CA PHE E 232 35.01 45.33 -40.58
C PHE E 232 34.22 44.88 -39.36
N PHE E 233 33.93 45.82 -38.46
CA PHE E 233 33.21 45.53 -37.23
C PHE E 233 32.03 46.49 -37.14
N TRP E 234 31.01 46.07 -36.39
CA TRP E 234 29.80 46.85 -36.30
C TRP E 234 29.28 46.86 -34.86
N THR E 235 28.37 47.79 -34.59
CA THR E 235 27.74 47.90 -33.28
C THR E 235 26.47 48.71 -33.43
N ILE E 236 25.63 48.62 -32.42
CA ILE E 236 24.37 49.35 -32.37
C ILE E 236 24.50 50.42 -31.30
N LEU E 237 24.52 51.68 -31.71
CA LEU E 237 24.65 52.81 -30.78
C LEU E 237 23.26 53.22 -30.32
N LYS E 238 22.95 52.98 -29.06
CA LYS E 238 21.65 53.35 -28.53
C LYS E 238 21.55 54.87 -28.41
N PRO E 239 20.33 55.41 -28.44
CA PRO E 239 20.18 56.87 -28.42
C PRO E 239 20.80 57.50 -27.18
N ASN E 240 21.39 58.68 -27.38
CA ASN E 240 22.08 59.48 -26.37
C ASN E 240 23.36 58.83 -25.86
N ASP E 241 23.82 57.75 -26.49
CA ASP E 241 25.12 57.18 -26.20
C ASP E 241 26.14 57.73 -27.19
N ALA E 242 27.42 57.58 -26.84
CA ALA E 242 28.50 58.07 -27.69
C ALA E 242 29.47 56.94 -28.00
N ILE E 243 30.13 57.06 -29.14
CA ILE E 243 31.16 56.13 -29.58
C ILE E 243 32.47 56.91 -29.70
N HIS E 244 33.54 56.37 -29.15
CA HIS E 244 34.83 57.06 -29.09
C HIS E 244 35.87 56.25 -29.86
N PHE E 245 36.47 56.86 -30.86
CA PHE E 245 37.51 56.24 -31.68
C PHE E 245 38.87 56.84 -31.32
N GLU E 246 39.88 55.98 -31.25
CA GLU E 246 41.27 56.41 -31.15
C GLU E 246 42.11 55.48 -32.01
N SER E 247 43.00 56.06 -32.81
CA SER E 247 43.85 55.25 -33.67
C SER E 247 45.06 56.08 -34.10
N ASN E 248 46.11 55.37 -34.50
CA ASN E 248 47.30 56.01 -35.07
C ASN E 248 47.74 55.31 -36.35
N GLY E 249 46.80 54.68 -37.04
CA GLY E 249 47.08 54.03 -38.31
C GLY E 249 46.11 52.90 -38.57
N ASN E 250 46.03 52.51 -39.85
CA ASN E 250 45.26 51.34 -40.30
C ASN E 250 43.78 51.45 -39.93
N PHE E 251 43.26 52.66 -39.83
CA PHE E 251 41.88 52.88 -39.41
C PHE E 251 41.00 53.17 -40.61
N ILE E 252 39.93 52.40 -40.76
CA ILE E 252 38.91 52.64 -41.79
C ILE E 252 37.74 53.27 -41.07
N ALA E 253 37.72 54.60 -41.05
CA ALA E 253 36.73 55.37 -40.29
C ALA E 253 35.38 55.37 -41.02
N PRO E 254 34.28 55.43 -40.26
CA PRO E 254 32.96 55.55 -40.88
C PRO E 254 32.68 56.97 -41.34
N GLU E 255 31.93 57.06 -42.43
CA GLU E 255 31.29 58.31 -42.82
C GLU E 255 29.79 58.28 -42.65
N TYR E 256 29.14 57.16 -42.98
CA TYR E 256 27.70 57.02 -42.87
C TYR E 256 27.36 55.92 -41.87
N ALA E 257 26.16 56.03 -41.32
CA ALA E 257 25.60 55.05 -40.41
C ALA E 257 24.12 54.91 -40.74
N TYR E 258 23.47 53.95 -40.09
CA TYR E 258 22.10 53.59 -40.45
C TYR E 258 21.19 53.70 -39.24
N LYS E 259 20.33 54.72 -39.24
CA LYS E 259 19.19 54.73 -38.33
C LYS E 259 18.37 53.47 -38.56
N ILE E 260 18.06 52.74 -37.49
CA ILE E 260 17.46 51.43 -37.63
C ILE E 260 16.48 51.18 -36.49
N VAL E 261 15.28 50.70 -36.84
CA VAL E 261 14.27 50.31 -35.88
C VAL E 261 13.84 48.89 -36.20
N LYS E 262 13.85 48.02 -35.20
CA LYS E 262 13.44 46.63 -35.36
C LYS E 262 12.19 46.38 -34.53
N LYS E 263 11.18 45.76 -35.14
CA LYS E 263 9.98 45.35 -34.45
C LYS E 263 9.78 43.83 -34.42
N GLY E 264 10.01 43.16 -35.55
CA GLY E 264 9.84 41.72 -35.63
C GLY E 264 11.08 41.05 -36.21
N ASP E 265 10.98 39.74 -36.32
CA ASP E 265 12.11 38.92 -36.76
C ASP E 265 11.75 38.15 -38.03
N SER E 266 12.76 37.87 -38.83
CA SER E 266 12.61 37.10 -40.07
C SER E 266 13.91 36.37 -40.35
N THR E 267 14.09 35.92 -41.58
CA THR E 267 15.31 35.24 -41.99
C THR E 267 15.66 35.68 -43.41
N ILE E 268 16.68 35.04 -43.98
CA ILE E 268 17.18 35.38 -45.32
C ILE E 268 16.90 34.21 -46.24
N MET E 269 16.28 34.49 -47.38
CA MET E 269 15.86 33.47 -48.34
C MET E 269 16.77 33.49 -49.56
N LYS E 270 17.30 32.32 -49.91
CA LYS E 270 18.14 32.16 -51.11
C LYS E 270 17.27 31.70 -52.26
N SER E 271 17.11 32.54 -53.29
CA SER E 271 16.23 32.22 -54.39
C SER E 271 16.63 33.01 -55.64
N GLY E 272 16.37 32.42 -56.80
CA GLY E 272 16.60 33.08 -58.07
C GLY E 272 15.34 33.59 -58.73
N VAL E 273 14.18 33.26 -58.13
CA VAL E 273 12.90 33.70 -58.68
C VAL E 273 12.78 35.22 -58.58
N GLU E 274 11.90 35.77 -59.42
CA GLU E 274 11.70 37.21 -59.53
C GLU E 274 10.50 37.66 -58.70
N TYR E 275 10.54 38.93 -58.32
CA TYR E 275 9.43 39.55 -57.62
C TYR E 275 8.25 39.76 -58.58
N GLY E 276 7.03 39.57 -58.06
CA GLY E 276 5.86 39.49 -58.94
C GLY E 276 4.69 40.39 -58.62
N HIS E 277 4.85 41.32 -57.68
CA HIS E 277 3.82 42.31 -57.34
C HIS E 277 2.51 41.64 -56.91
N CYS E 278 2.59 40.92 -55.80
CA CYS E 278 1.42 40.31 -55.20
C CYS E 278 1.70 40.11 -53.71
N ASN E 279 0.73 39.55 -53.00
CA ASN E 279 0.82 39.39 -51.56
C ASN E 279 0.56 37.96 -51.16
N THR E 280 1.17 37.54 -50.05
CA THR E 280 0.96 36.20 -49.52
C THR E 280 1.27 36.21 -48.03
N LYS E 281 0.67 35.24 -47.32
CA LYS E 281 1.01 34.99 -45.93
C LYS E 281 2.12 33.96 -45.77
N CYS E 282 2.53 33.32 -46.86
CA CYS E 282 3.47 32.20 -46.80
C CYS E 282 4.29 32.18 -48.09
N GLN E 283 5.60 32.39 -47.96
CA GLN E 283 6.51 32.45 -49.08
C GLN E 283 7.51 31.31 -49.02
N THR E 284 7.80 30.72 -50.18
CA THR E 284 8.82 29.71 -50.35
C THR E 284 9.78 30.15 -51.44
N PRO E 285 11.01 29.61 -51.48
CA PRO E 285 11.97 30.07 -52.49
C PRO E 285 11.53 29.79 -53.92
N VAL E 286 10.60 28.87 -54.13
CA VAL E 286 10.10 28.62 -55.47
C VAL E 286 8.77 29.34 -55.77
N GLY E 287 8.08 29.84 -54.75
CA GLY E 287 6.83 30.54 -54.97
C GLY E 287 6.05 30.68 -53.67
N ALA E 288 4.92 31.36 -53.77
CA ALA E 288 4.08 31.65 -52.62
C ALA E 288 2.88 30.69 -52.54
N ILE E 289 2.32 30.58 -51.34
CA ILE E 289 1.23 29.65 -51.04
C ILE E 289 0.02 30.43 -50.55
N ASN E 290 -1.12 30.22 -51.19
CA ASN E 290 -2.40 30.79 -50.77
C ASN E 290 -3.33 29.61 -50.51
N SER E 291 -3.38 29.17 -49.25
CA SER E 291 -4.12 27.96 -48.93
C SER E 291 -4.57 28.00 -47.48
N SER E 292 -5.63 27.25 -47.20
CA SER E 292 -6.09 27.01 -45.84
C SER E 292 -5.80 25.57 -45.39
N MET E 293 -5.19 24.77 -46.26
CA MET E 293 -4.93 23.38 -45.94
C MET E 293 -3.86 23.26 -44.85
N PRO E 294 -3.95 22.24 -44.00
CA PRO E 294 -2.98 22.09 -42.90
C PRO E 294 -1.64 21.52 -43.33
N PHE E 295 -1.52 20.95 -44.52
CA PHE E 295 -0.28 20.30 -44.93
C PHE E 295 0.08 20.74 -46.35
N HIS E 296 1.38 20.74 -46.63
CA HIS E 296 1.89 21.08 -47.95
C HIS E 296 3.17 20.29 -48.18
N ASN E 297 3.60 20.24 -49.45
CA ASN E 297 4.81 19.51 -49.81
C ASN E 297 5.67 20.28 -50.81
N ILE E 298 5.60 21.62 -50.79
CA ILE E 298 6.23 22.42 -51.83
C ILE E 298 7.71 22.60 -51.57
N HIS E 299 8.08 23.05 -50.35
CA HIS E 299 9.45 23.37 -49.98
C HIS E 299 9.57 23.53 -48.46
N PRO E 300 10.66 23.08 -47.86
CA PRO E 300 10.80 23.18 -46.40
C PRO E 300 11.16 24.56 -45.90
N LEU E 301 11.84 25.38 -46.71
CA LEU E 301 12.32 26.68 -46.27
C LEU E 301 11.25 27.75 -46.48
N THR E 302 10.21 27.66 -45.66
CA THR E 302 9.11 28.61 -45.75
C THR E 302 9.34 29.81 -44.84
N ILE E 303 8.74 30.94 -45.20
CA ILE E 303 8.72 32.14 -44.36
C ILE E 303 7.28 32.63 -44.28
N GLY E 304 6.72 32.64 -43.08
CA GLY E 304 5.37 33.09 -42.85
C GLY E 304 4.56 32.05 -42.10
N GLU E 305 3.25 32.26 -42.07
CA GLU E 305 2.31 31.31 -41.44
C GLU E 305 1.94 30.29 -42.51
N CYS E 306 2.56 29.12 -42.43
CA CYS E 306 2.52 28.13 -43.50
C CYS E 306 1.95 26.81 -43.00
N PRO E 307 1.45 25.98 -43.92
CA PRO E 307 1.05 24.63 -43.53
C PRO E 307 2.27 23.79 -43.15
N LYS E 308 2.00 22.67 -42.46
CA LYS E 308 3.06 21.79 -42.00
C LYS E 308 3.65 21.03 -43.19
N TYR E 309 4.95 21.19 -43.40
CA TYR E 309 5.62 20.47 -44.48
C TYR E 309 5.57 18.97 -44.21
N VAL E 310 5.15 18.20 -45.22
CA VAL E 310 5.09 16.74 -45.13
C VAL E 310 5.67 16.17 -46.41
N LYS E 311 6.09 14.90 -46.33
CA LYS E 311 6.60 14.18 -47.48
C LYS E 311 5.49 13.24 -47.95
N SER E 312 4.67 13.73 -48.88
CA SER E 312 3.57 12.95 -49.43
C SER E 312 3.14 13.58 -50.75
N ASN E 313 2.34 12.83 -51.50
CA ASN E 313 1.80 13.28 -52.77
C ASN E 313 0.30 13.56 -52.73
N LYS E 314 -0.43 12.87 -51.87
CA LYS E 314 -1.90 12.95 -51.87
C LYS E 314 -2.39 12.60 -50.47
N LEU E 315 -3.17 13.50 -49.87
CA LEU E 315 -3.87 13.21 -48.62
C LEU E 315 -5.36 13.37 -48.92
N VAL E 316 -5.97 12.32 -49.43
CA VAL E 316 -7.33 12.38 -49.97
C VAL E 316 -8.29 11.82 -48.93
N LEU E 317 -9.12 12.68 -48.36
CA LEU E 317 -10.16 12.27 -47.44
C LEU E 317 -11.42 11.88 -48.22
N ALA E 318 -12.13 10.89 -47.72
CA ALA E 318 -13.39 10.46 -48.30
C ALA E 318 -14.53 11.27 -47.69
N THR E 319 -15.34 11.88 -48.56
CA THR E 319 -16.51 12.63 -48.12
C THR E 319 -17.82 11.99 -48.51
N GLY E 320 -17.87 11.32 -49.66
CA GLY E 320 -19.05 10.64 -50.14
C GLY E 320 -19.08 9.17 -49.78
N LEU E 321 -19.84 8.41 -50.55
CA LEU E 321 -20.03 6.99 -50.32
C LEU E 321 -19.09 6.18 -51.22
N ARG E 322 -19.15 4.86 -51.07
CA ARG E 322 -18.35 3.94 -51.88
C ARG E 322 -19.05 3.76 -53.22
N ASN E 323 -18.42 4.26 -54.28
CA ASN E 323 -19.05 4.26 -55.59
C ASN E 323 -18.94 2.89 -56.24
N SER E 324 -20.01 2.50 -56.94
CA SER E 324 -20.04 1.24 -57.68
C SER E 324 -20.51 1.53 -59.10
N PRO E 325 -19.75 1.14 -60.13
CA PRO E 325 -20.13 1.40 -61.53
C PRO E 325 -21.21 0.45 -62.04
N PHE F 9 -26.78 -7.13 -47.27
CA PHE F 9 -27.72 -7.57 -48.29
C PHE F 9 -28.23 -6.40 -49.13
N ILE F 10 -27.94 -5.19 -48.69
CA ILE F 10 -28.23 -3.99 -49.49
C ILE F 10 -27.07 -3.79 -50.45
N GLU F 11 -27.19 -4.35 -51.65
CA GLU F 11 -26.09 -4.45 -52.60
C GLU F 11 -26.29 -3.49 -53.76
N GLY F 12 -25.17 -2.96 -54.27
CA GLY F 12 -25.23 -2.10 -55.43
C GLY F 12 -25.03 -0.62 -55.14
N GLY F 13 -26.13 0.13 -55.16
CA GLY F 13 -26.08 1.58 -55.09
C GLY F 13 -26.70 2.18 -56.33
N TRP F 14 -27.83 2.86 -56.16
CA TRP F 14 -28.64 3.29 -57.29
C TRP F 14 -28.04 4.54 -57.95
N GLN F 15 -27.89 4.49 -59.27
CA GLN F 15 -27.47 5.68 -60.02
C GLN F 15 -28.63 6.62 -60.32
N GLY F 16 -29.86 6.13 -60.24
CA GLY F 16 -31.03 6.97 -60.49
C GLY F 16 -31.27 8.00 -59.42
N MET F 17 -30.63 7.85 -58.25
CA MET F 17 -30.73 8.82 -57.17
C MET F 17 -29.61 9.85 -57.35
N VAL F 18 -29.98 11.06 -57.78
CA VAL F 18 -29.00 12.12 -58.02
C VAL F 18 -29.42 13.36 -57.26
N ASP F 19 -30.23 13.20 -56.21
CA ASP F 19 -30.64 14.29 -55.35
C ASP F 19 -29.97 14.26 -53.98
N GLY F 20 -29.87 13.08 -53.37
CA GLY F 20 -29.25 12.93 -52.07
C GLY F 20 -28.33 11.74 -51.94
N TRP F 21 -28.01 11.35 -50.71
CA TRP F 21 -27.13 10.21 -50.46
C TRP F 21 -27.90 8.95 -50.06
N TYR F 22 -28.94 9.08 -49.25
CA TYR F 22 -29.78 7.97 -48.85
C TYR F 22 -31.22 8.22 -49.28
N GLY F 23 -31.92 7.15 -49.63
CA GLY F 23 -33.26 7.31 -50.13
C GLY F 23 -34.02 6.01 -50.24
N TYR F 24 -35.08 6.05 -51.04
CA TYR F 24 -36.02 4.94 -51.19
C TYR F 24 -36.25 4.66 -52.67
N HIS F 25 -36.71 3.43 -52.95
CA HIS F 25 -37.26 3.07 -54.25
C HIS F 25 -38.54 2.28 -54.01
N HIS F 26 -39.65 2.78 -54.56
CA HIS F 26 -40.95 2.15 -54.42
C HIS F 26 -41.38 1.53 -55.73
N SER F 27 -42.18 0.46 -55.65
CA SER F 27 -42.73 -0.20 -56.82
C SER F 27 -44.15 -0.64 -56.48
N ASN F 28 -45.14 0.12 -56.94
CA ASN F 28 -46.53 -0.21 -56.70
C ASN F 28 -47.30 -0.24 -58.02
N GLU F 29 -48.63 -0.28 -57.95
CA GLU F 29 -49.45 -0.34 -59.15
C GLU F 29 -49.34 0.93 -59.99
N GLN F 30 -49.22 2.09 -59.33
CA GLN F 30 -49.17 3.35 -60.06
C GLN F 30 -47.87 3.50 -60.84
N GLY F 31 -46.76 3.01 -60.28
CA GLY F 31 -45.50 3.07 -60.99
C GLY F 31 -44.35 2.72 -60.05
N SER F 32 -43.14 2.90 -60.57
CA SER F 32 -41.91 2.66 -59.81
C SER F 32 -41.01 3.88 -59.92
N GLY F 33 -40.54 4.38 -58.78
CA GLY F 33 -39.74 5.59 -58.77
C GLY F 33 -38.75 5.60 -57.63
N TYR F 34 -37.89 6.62 -57.66
CA TYR F 34 -36.86 6.84 -56.66
C TYR F 34 -37.20 8.07 -55.83
N ALA F 35 -36.85 8.02 -54.55
CA ALA F 35 -37.06 9.15 -53.65
C ALA F 35 -35.96 9.14 -52.60
N ALA F 36 -35.67 10.31 -52.06
CA ALA F 36 -34.60 10.48 -51.08
C ALA F 36 -35.18 10.94 -49.74
N ASP F 37 -34.48 10.61 -48.67
CA ASP F 37 -34.80 11.11 -47.32
C ASP F 37 -33.87 12.28 -47.06
N LYS F 38 -34.45 13.50 -47.03
CA LYS F 38 -33.65 14.70 -46.91
C LYS F 38 -32.90 14.77 -45.59
N GLU F 39 -33.47 14.24 -44.50
CA GLU F 39 -32.86 14.41 -43.19
C GLU F 39 -31.58 13.58 -43.06
N SER F 40 -31.62 12.30 -43.44
CA SER F 40 -30.45 11.44 -43.28
C SER F 40 -29.28 11.92 -44.13
N THR F 41 -29.56 12.31 -45.39
CA THR F 41 -28.50 12.88 -46.21
C THR F 41 -27.99 14.18 -45.61
N GLN F 42 -28.90 15.04 -45.14
CA GLN F 42 -28.44 16.27 -44.52
C GLN F 42 -27.59 15.96 -43.29
N LYS F 43 -28.17 15.25 -42.31
CA LYS F 43 -27.40 14.86 -41.13
C LYS F 43 -26.02 14.32 -41.49
N ALA F 44 -25.91 13.64 -42.64
CA ALA F 44 -24.60 13.19 -43.12
C ALA F 44 -23.78 14.35 -43.68
N ILE F 45 -24.39 15.23 -44.48
CA ILE F 45 -23.60 16.29 -45.12
C ILE F 45 -23.22 17.37 -44.12
N ASP F 46 -24.05 17.61 -43.10
CA ASP F 46 -23.61 18.47 -42.00
C ASP F 46 -22.43 17.85 -41.24
N GLY F 47 -22.37 16.52 -41.20
CA GLY F 47 -21.38 15.81 -40.44
C GLY F 47 -20.01 15.75 -41.10
N VAL F 48 -19.94 15.26 -42.35
CA VAL F 48 -18.64 15.11 -42.99
C VAL F 48 -17.99 16.45 -43.21
N THR F 49 -18.79 17.46 -43.57
CA THR F 49 -18.24 18.81 -43.68
C THR F 49 -17.71 19.29 -42.34
N ASN F 50 -18.34 18.90 -41.24
CA ASN F 50 -17.77 19.17 -39.92
C ASN F 50 -16.48 18.38 -39.72
N LYS F 51 -16.45 17.12 -40.17
CA LYS F 51 -15.25 16.31 -40.03
C LYS F 51 -14.08 16.89 -40.82
N VAL F 52 -14.33 17.32 -42.06
CA VAL F 52 -13.27 17.92 -42.85
C VAL F 52 -12.90 19.31 -42.33
N ASN F 53 -13.89 20.06 -41.83
CA ASN F 53 -13.58 21.36 -41.23
C ASN F 53 -12.79 21.18 -39.95
N SER F 54 -13.14 20.19 -39.13
CA SER F 54 -12.41 19.96 -37.89
C SER F 54 -10.95 19.60 -38.16
N ILE F 55 -10.70 18.77 -39.18
CA ILE F 55 -9.33 18.38 -39.49
C ILE F 55 -8.52 19.58 -39.96
N ILE F 56 -9.16 20.50 -40.69
CA ILE F 56 -8.45 21.67 -41.19
C ILE F 56 -8.33 22.75 -40.11
N ASP F 57 -9.45 23.06 -39.43
CA ASP F 57 -9.49 24.22 -38.55
C ASP F 57 -8.86 23.99 -37.19
N LYS F 58 -8.56 22.75 -36.83
CA LYS F 58 -7.93 22.48 -35.54
C LYS F 58 -6.41 22.60 -35.59
N MET F 59 -5.84 22.83 -36.78
CA MET F 59 -4.39 22.98 -36.90
C MET F 59 -3.97 24.36 -36.46
N ASN F 60 -2.98 24.43 -35.57
CA ASN F 60 -2.43 25.69 -35.10
C ASN F 60 -1.23 26.06 -35.99
N THR F 61 -1.32 27.21 -36.65
CA THR F 61 -0.26 27.69 -37.52
C THR F 61 0.29 28.98 -36.96
N GLN F 62 1.62 29.06 -36.84
CA GLN F 62 2.30 30.23 -36.35
C GLN F 62 3.26 30.74 -37.40
N PHE F 63 3.64 32.01 -37.27
CA PHE F 63 4.63 32.61 -38.15
C PHE F 63 6.00 32.04 -37.82
N GLU F 64 6.66 31.46 -38.83
CA GLU F 64 8.01 30.95 -38.68
C GLU F 64 8.85 31.39 -39.86
N ALA F 65 10.16 31.48 -39.63
CA ALA F 65 11.13 31.91 -40.64
C ALA F 65 12.21 30.84 -40.72
N VAL F 66 12.17 30.02 -41.76
CA VAL F 66 13.07 28.88 -41.92
C VAL F 66 14.16 29.28 -42.91
N GLY F 67 15.41 29.17 -42.49
CA GLY F 67 16.53 29.49 -43.35
C GLY F 67 17.75 28.67 -42.99
N ARG F 68 18.92 29.13 -43.44
CA ARG F 68 20.20 28.47 -43.16
C ARG F 68 21.20 29.58 -42.80
N GLU F 69 21.28 29.90 -41.51
CA GLU F 69 22.02 31.06 -41.04
C GLU F 69 23.36 30.72 -40.38
N PHE F 70 23.81 29.47 -40.47
CA PHE F 70 25.03 29.03 -39.80
C PHE F 70 26.14 28.78 -40.81
N ASN F 71 27.34 29.22 -40.47
CA ASN F 71 28.47 29.16 -41.40
C ASN F 71 29.14 27.79 -41.32
N ASN F 72 30.30 27.67 -41.98
CA ASN F 72 31.00 26.39 -42.09
C ASN F 72 31.70 25.98 -40.79
N LEU F 73 31.84 26.90 -39.83
CA LEU F 73 32.38 26.56 -38.52
C LEU F 73 31.28 26.39 -37.48
N GLU F 74 30.03 26.26 -37.91
CA GLU F 74 28.89 26.01 -37.04
C GLU F 74 28.08 24.84 -37.56
N ARG F 75 28.75 23.85 -38.16
CA ARG F 75 28.04 22.74 -38.79
C ARG F 75 27.36 21.85 -37.76
N ARG F 76 27.87 21.79 -36.53
CA ARG F 76 27.18 21.03 -35.50
C ARG F 76 25.81 21.63 -35.21
N ILE F 77 25.72 22.95 -35.09
CA ILE F 77 24.43 23.59 -34.87
C ILE F 77 23.55 23.42 -36.11
N GLU F 78 24.16 23.45 -37.30
CA GLU F 78 23.40 23.17 -38.52
C GLU F 78 22.81 21.77 -38.48
N ASN F 79 23.60 20.79 -38.01
CA ASN F 79 23.08 19.43 -37.88
C ASN F 79 21.98 19.35 -36.83
N LEU F 80 22.09 20.13 -35.74
CA LEU F 80 21.02 20.16 -34.76
C LEU F 80 19.71 20.62 -35.39
N ASN F 81 19.75 21.73 -36.13
CA ASN F 81 18.53 22.21 -36.77
C ASN F 81 18.01 21.20 -37.79
N LYS F 82 18.91 20.55 -38.52
CA LYS F 82 18.49 19.55 -39.50
C LYS F 82 17.71 18.43 -38.83
N LYS F 83 18.28 17.83 -37.78
CA LYS F 83 17.56 16.79 -37.06
C LYS F 83 16.21 17.29 -36.56
N MET F 84 16.13 18.56 -36.16
CA MET F 84 14.86 19.12 -35.77
C MET F 84 13.90 19.21 -36.95
N GLU F 85 14.38 19.64 -38.11
CA GLU F 85 13.51 19.78 -39.28
C GLU F 85 13.00 18.43 -39.75
N ASP F 86 13.91 17.45 -39.93
CA ASP F 86 13.46 16.13 -40.36
C ASP F 86 12.65 15.43 -39.28
N GLY F 87 12.89 15.74 -38.01
CA GLY F 87 12.09 15.16 -36.96
C GLY F 87 10.62 15.56 -37.08
N PHE F 88 10.37 16.85 -37.27
CA PHE F 88 8.99 17.31 -37.44
C PHE F 88 8.43 16.88 -38.78
N LEU F 89 9.29 16.68 -39.79
CA LEU F 89 8.83 16.14 -41.06
C LEU F 89 8.24 14.76 -40.88
N ASP F 90 8.95 13.89 -40.14
CA ASP F 90 8.47 12.52 -39.94
C ASP F 90 7.22 12.49 -39.09
N VAL F 91 7.17 13.30 -38.04
CA VAL F 91 6.00 13.33 -37.16
C VAL F 91 4.76 13.76 -37.95
N TRP F 92 4.87 14.88 -38.67
CA TRP F 92 3.71 15.40 -39.40
C TRP F 92 3.33 14.49 -40.56
N THR F 93 4.32 13.92 -41.25
CA THR F 93 4.00 13.01 -42.34
C THR F 93 3.28 11.77 -41.82
N TYR F 94 3.80 11.17 -40.75
CA TYR F 94 3.22 9.94 -40.23
C TYR F 94 1.81 10.18 -39.71
N ASN F 95 1.60 11.24 -38.92
CA ASN F 95 0.28 11.53 -38.37
C ASN F 95 -0.71 11.85 -39.47
N ALA F 96 -0.27 12.59 -40.50
CA ALA F 96 -1.17 12.95 -41.58
C ALA F 96 -1.67 11.72 -42.32
N GLU F 97 -0.74 10.85 -42.76
CA GLU F 97 -1.13 9.69 -43.55
C GLU F 97 -2.07 8.78 -42.77
N LEU F 98 -1.77 8.53 -41.50
CA LEU F 98 -2.62 7.65 -40.70
C LEU F 98 -3.98 8.29 -40.43
N LEU F 99 -4.02 9.60 -40.20
CA LEU F 99 -5.28 10.26 -39.91
C LEU F 99 -6.27 10.11 -41.06
N VAL F 100 -5.79 10.29 -42.30
CA VAL F 100 -6.65 10.10 -43.46
C VAL F 100 -7.12 8.67 -43.55
N LEU F 101 -6.21 7.72 -43.33
CA LEU F 101 -6.57 6.31 -43.39
C LEU F 101 -7.62 5.95 -42.34
N MET F 102 -7.42 6.42 -41.10
CA MET F 102 -8.35 6.10 -40.02
C MET F 102 -9.71 6.77 -40.23
N GLU F 103 -9.71 8.05 -40.59
CA GLU F 103 -10.97 8.77 -40.75
C GLU F 103 -11.71 8.35 -42.01
N ASN F 104 -10.98 7.91 -43.05
CA ASN F 104 -11.64 7.35 -44.23
C ASN F 104 -12.40 6.08 -43.87
N GLU F 105 -11.82 5.25 -43.00
CA GLU F 105 -12.56 4.12 -42.45
C GLU F 105 -13.77 4.60 -41.65
N ARG F 106 -13.56 5.62 -40.80
CA ARG F 106 -14.67 6.16 -40.02
C ARG F 106 -15.75 6.74 -40.91
N THR F 107 -15.35 7.48 -41.94
CA THR F 107 -16.32 8.11 -42.82
C THR F 107 -17.15 7.06 -43.57
N LEU F 108 -16.50 6.02 -44.09
CA LEU F 108 -17.23 5.01 -44.84
C LEU F 108 -18.27 4.32 -43.97
N ASP F 109 -17.85 3.80 -42.81
CA ASP F 109 -18.79 3.14 -41.90
C ASP F 109 -19.86 4.09 -41.38
N PHE F 110 -19.60 5.39 -41.39
CA PHE F 110 -20.66 6.35 -41.04
C PHE F 110 -21.80 6.29 -42.05
N HIS F 111 -21.49 6.16 -43.34
CA HIS F 111 -22.53 5.96 -44.34
C HIS F 111 -23.20 4.62 -44.18
N ASP F 112 -22.44 3.57 -43.86
CA ASP F 112 -23.01 2.25 -43.66
C ASP F 112 -24.01 2.24 -42.51
N SER F 113 -23.68 2.91 -41.41
CA SER F 113 -24.58 2.95 -40.26
C SER F 113 -25.85 3.72 -40.59
N ASN F 114 -25.74 4.81 -41.34
CA ASN F 114 -26.90 5.63 -41.66
C ASN F 114 -27.90 4.85 -42.52
N VAL F 115 -27.42 4.10 -43.52
CA VAL F 115 -28.32 3.33 -44.36
C VAL F 115 -28.99 2.21 -43.56
N LYS F 116 -28.29 1.65 -42.58
CA LYS F 116 -28.88 0.60 -41.76
C LYS F 116 -29.95 1.17 -40.82
N ASN F 117 -29.68 2.33 -40.23
CA ASN F 117 -30.67 2.93 -39.34
C ASN F 117 -31.91 3.36 -40.12
N LEU F 118 -31.73 3.83 -41.36
CA LEU F 118 -32.87 4.15 -42.21
C LEU F 118 -33.65 2.90 -42.58
N TYR F 119 -32.95 1.78 -42.80
CA TYR F 119 -33.63 0.52 -43.09
C TYR F 119 -34.51 0.10 -41.92
N ASP F 120 -33.99 0.20 -40.70
CA ASP F 120 -34.79 -0.15 -39.53
C ASP F 120 -35.94 0.83 -39.33
N LYS F 121 -35.71 2.12 -39.62
CA LYS F 121 -36.75 3.13 -39.42
C LYS F 121 -38.01 2.80 -40.19
N VAL F 122 -37.86 2.26 -41.41
CA VAL F 122 -39.02 1.79 -42.15
C VAL F 122 -39.63 0.58 -41.47
N ARG F 123 -38.80 -0.34 -40.99
CA ARG F 123 -39.28 -1.58 -40.40
C ARG F 123 -40.11 -1.34 -39.15
N LEU F 124 -39.74 -0.34 -38.34
CA LEU F 124 -40.44 -0.06 -37.10
C LEU F 124 -41.85 0.46 -37.30
N GLN F 125 -42.21 0.88 -38.52
CA GLN F 125 -43.57 1.27 -38.83
C GLN F 125 -44.34 0.17 -39.55
N LEU F 126 -43.69 -0.55 -40.47
CA LEU F 126 -44.37 -1.62 -41.18
C LEU F 126 -44.72 -2.77 -40.26
N ARG F 127 -43.75 -3.22 -39.46
CA ARG F 127 -43.93 -4.29 -38.48
C ARG F 127 -44.40 -5.54 -39.22
N ASP F 128 -45.56 -6.11 -38.92
CA ASP F 128 -46.04 -7.28 -39.62
C ASP F 128 -46.88 -6.94 -40.85
N ASN F 129 -47.14 -5.66 -41.11
CA ASN F 129 -47.86 -5.25 -42.30
C ASN F 129 -47.08 -5.51 -43.59
N ALA F 130 -45.78 -5.77 -43.49
CA ALA F 130 -44.95 -6.03 -44.66
C ALA F 130 -43.92 -7.08 -44.33
N LYS F 131 -43.44 -7.74 -45.37
CA LYS F 131 -42.41 -8.78 -45.26
C LYS F 131 -41.03 -8.11 -45.21
N GLU F 132 -39.98 -8.92 -45.21
CA GLU F 132 -38.62 -8.46 -45.45
C GLU F 132 -38.00 -9.38 -46.49
N LEU F 133 -37.59 -8.82 -47.63
CA LEU F 133 -37.13 -9.63 -48.74
C LEU F 133 -35.69 -10.09 -48.60
N GLY F 134 -34.98 -9.61 -47.57
CA GLY F 134 -33.60 -10.01 -47.39
C GLY F 134 -32.65 -9.39 -48.40
N ASN F 135 -33.04 -8.30 -49.04
CA ASN F 135 -32.18 -7.63 -50.00
C ASN F 135 -32.20 -6.12 -49.85
N GLY F 136 -32.81 -5.60 -48.79
CA GLY F 136 -32.99 -4.17 -48.59
C GLY F 136 -34.36 -3.67 -48.94
N CYS F 137 -35.21 -4.52 -49.50
CA CYS F 137 -36.57 -4.17 -49.89
C CYS F 137 -37.57 -4.89 -49.00
N PHE F 138 -38.72 -4.25 -48.79
CA PHE F 138 -39.83 -4.82 -48.03
C PHE F 138 -40.98 -5.11 -48.97
N GLU F 139 -41.56 -6.30 -48.87
CA GLU F 139 -42.74 -6.65 -49.63
C GLU F 139 -43.97 -6.34 -48.79
N PHE F 140 -44.78 -5.39 -49.26
CA PHE F 140 -46.00 -5.04 -48.55
C PHE F 140 -47.02 -6.17 -48.66
N TYR F 141 -47.72 -6.42 -47.56
CA TYR F 141 -48.78 -7.42 -47.54
C TYR F 141 -50.13 -6.87 -47.99
N HIS F 142 -50.16 -5.61 -48.43
CA HIS F 142 -51.38 -4.94 -48.84
C HIS F 142 -51.11 -4.17 -50.13
N LYS F 143 -52.05 -3.32 -50.49
CA LYS F 143 -51.89 -2.41 -51.63
C LYS F 143 -51.40 -1.07 -51.11
N CYS F 144 -50.41 -0.50 -51.77
CA CYS F 144 -49.76 0.73 -51.32
C CYS F 144 -49.81 1.77 -52.44
N ASP F 145 -50.45 2.90 -52.18
CA ASP F 145 -50.43 4.01 -53.10
C ASP F 145 -49.15 4.81 -52.94
N ASN F 146 -48.96 5.81 -53.78
CA ASN F 146 -47.87 6.75 -53.56
C ASN F 146 -48.10 7.58 -52.30
N GLU F 147 -49.36 7.74 -51.89
CA GLU F 147 -49.66 8.42 -50.63
C GLU F 147 -49.16 7.59 -49.44
N CYS F 148 -49.44 6.29 -49.46
CA CYS F 148 -48.91 5.40 -48.43
C CYS F 148 -47.40 5.25 -48.56
N MET F 149 -46.87 5.27 -49.79
CA MET F 149 -45.42 5.27 -49.98
C MET F 149 -44.79 6.49 -49.34
N GLU F 150 -45.41 7.67 -49.52
CA GLU F 150 -44.92 8.87 -48.84
C GLU F 150 -45.21 8.84 -47.36
N SER F 151 -46.21 8.07 -46.92
CA SER F 151 -46.42 7.88 -45.49
C SER F 151 -45.29 7.08 -44.85
N VAL F 152 -44.60 6.25 -45.61
CA VAL F 152 -43.51 5.45 -45.06
C VAL F 152 -42.21 6.24 -45.03
N ARG F 153 -41.90 6.95 -46.11
CA ARG F 153 -40.70 7.77 -46.15
C ARG F 153 -40.75 8.88 -45.12
N ASN F 154 -41.92 9.53 -44.97
CA ASN F 154 -42.07 10.60 -43.99
C ASN F 154 -41.92 10.06 -42.57
N GLY F 155 -42.52 8.91 -42.29
CA GLY F 155 -42.52 8.37 -40.94
C GLY F 155 -43.88 8.53 -40.28
N THR F 156 -44.95 8.42 -41.07
CA THR F 156 -46.31 8.58 -40.58
C THR F 156 -47.18 7.40 -40.99
N TYR F 157 -46.59 6.21 -41.10
CA TYR F 157 -47.34 5.03 -41.52
C TYR F 157 -48.40 4.67 -40.49
N ASP F 158 -49.61 4.39 -40.96
CA ASP F 158 -50.72 4.00 -40.10
C ASP F 158 -50.83 2.49 -40.10
N TYR F 159 -50.36 1.87 -39.01
CA TYR F 159 -50.45 0.41 -38.87
C TYR F 159 -51.88 -0.11 -38.93
N PRO F 160 -52.87 0.46 -38.22
CA PRO F 160 -54.23 -0.12 -38.27
C PRO F 160 -54.87 -0.12 -39.64
N GLN F 161 -54.57 0.86 -40.49
CA GLN F 161 -55.30 1.03 -41.74
C GLN F 161 -55.01 -0.06 -42.77
N TYR F 162 -54.02 -0.93 -42.52
CA TYR F 162 -53.72 -2.00 -43.46
C TYR F 162 -53.46 -3.33 -42.76
N SER F 163 -53.94 -3.50 -41.52
CA SER F 163 -53.64 -4.73 -40.78
C SER F 163 -54.42 -5.92 -41.34
N GLU F 164 -55.71 -5.74 -41.63
CA GLU F 164 -56.52 -6.85 -42.11
C GLU F 164 -56.15 -7.25 -43.54
N GLU F 165 -55.91 -6.26 -44.40
CA GLU F 165 -55.51 -6.54 -45.77
C GLU F 165 -54.19 -7.29 -45.82
N ALA F 166 -53.37 -7.19 -44.77
CA ALA F 166 -52.13 -7.95 -44.70
C ALA F 166 -52.40 -9.45 -44.67
N ARG F 167 -53.38 -9.88 -43.88
CA ARG F 167 -53.66 -11.31 -43.73
C ARG F 167 -54.32 -11.91 -44.96
N LEU F 168 -54.99 -11.10 -45.78
CA LEU F 168 -55.63 -11.63 -46.98
C LEU F 168 -54.57 -12.17 -47.96
N LYS F 169 -53.45 -11.48 -48.08
CA LYS F 169 -52.34 -11.96 -48.90
C LYS F 169 -51.42 -12.92 -48.14
N ARG F 170 -51.48 -12.91 -46.81
CA ARG F 170 -50.53 -13.68 -46.00
C ARG F 170 -50.95 -15.15 -45.89
N GLU F 171 -52.09 -15.42 -45.29
CA GLU F 171 -52.49 -16.78 -45.00
C GLU F 171 -53.33 -17.43 -46.09
N GLU F 172 -53.99 -16.62 -46.93
CA GLU F 172 -54.83 -17.21 -47.98
C GLU F 172 -53.98 -17.79 -49.11
N ILE F 173 -52.91 -17.10 -49.49
CA ILE F 173 -52.04 -17.59 -50.56
C ILE F 173 -51.26 -18.79 -50.02
N SER F 174 -51.64 -19.99 -50.45
CA SER F 174 -51.02 -21.23 -49.97
C SER F 174 -49.96 -21.74 -50.94
N PRO G 3 34.07 4.56 -15.75
CA PRO G 3 33.21 3.81 -14.83
C PRO G 3 32.89 2.41 -15.34
N GLY G 4 31.68 1.92 -15.05
CA GLY G 4 31.30 0.59 -15.49
C GLY G 4 29.82 0.36 -15.23
N ASP G 5 29.28 -0.59 -15.98
CA ASP G 5 27.87 -0.94 -15.82
C ASP G 5 27.65 -1.62 -14.48
N GLN G 6 26.44 -1.47 -13.95
CA GLN G 6 26.13 -1.95 -12.61
C GLN G 6 24.78 -2.64 -12.58
N ILE G 7 24.72 -3.81 -11.94
CA ILE G 7 23.48 -4.48 -11.59
C ILE G 7 23.37 -4.46 -10.08
N CYS G 8 22.16 -4.22 -9.57
CA CYS G 8 21.94 -4.05 -8.15
C CYS G 8 20.75 -4.87 -7.69
N ILE G 9 20.80 -5.29 -6.42
CA ILE G 9 19.73 -6.04 -5.79
C ILE G 9 19.09 -5.15 -4.74
N GLY G 10 17.76 -5.07 -4.76
CA GLY G 10 17.03 -4.19 -3.86
C GLY G 10 15.61 -4.65 -3.70
N TYR G 11 14.87 -3.89 -2.89
CA TYR G 11 13.49 -4.24 -2.55
C TYR G 11 12.55 -3.08 -2.88
N HIS G 12 11.26 -3.37 -2.78
CA HIS G 12 10.21 -2.43 -3.13
C HIS G 12 10.03 -1.36 -2.06
N ALA G 13 9.58 -0.18 -2.49
CA ALA G 13 9.25 0.91 -1.58
C ALA G 13 8.10 1.70 -2.20
N ASN G 14 7.22 2.22 -1.36
CA ASN G 14 6.02 2.92 -1.80
C ASN G 14 5.75 4.09 -0.84
N ASN G 15 4.54 4.63 -0.91
CA ASN G 15 4.14 5.82 -0.17
C ASN G 15 3.32 5.48 1.08
N SER G 16 3.37 4.25 1.56
CA SER G 16 2.57 3.88 2.73
C SER G 16 3.08 4.55 3.99
N THR G 17 2.14 4.99 4.83
CA THR G 17 2.45 5.49 6.16
C THR G 17 2.18 4.46 7.25
N GLU G 18 1.80 3.24 6.88
CA GLU G 18 1.43 2.23 7.87
C GLU G 18 2.64 1.86 8.71
N GLN G 19 2.49 1.98 10.03
CA GLN G 19 3.54 1.66 10.99
C GLN G 19 3.13 0.42 11.78
N VAL G 20 4.06 -0.52 11.92
CA VAL G 20 3.84 -1.74 12.67
C VAL G 20 4.82 -1.77 13.83
N ASP G 21 4.47 -2.54 14.85
CA ASP G 21 5.30 -2.71 16.04
C ASP G 21 5.91 -4.10 16.02
N THR G 22 7.14 -4.20 16.52
CA THR G 22 7.88 -5.45 16.53
C THR G 22 8.49 -5.68 17.91
N ILE G 23 8.95 -6.92 18.13
CA ILE G 23 9.46 -7.30 19.44
C ILE G 23 10.73 -6.52 19.80
N MET G 24 11.50 -6.08 18.79
CA MET G 24 12.75 -5.38 19.04
C MET G 24 12.83 -4.04 18.30
N GLU G 25 11.71 -3.54 17.76
CA GLU G 25 11.68 -2.23 17.14
C GLU G 25 10.27 -1.68 17.25
N LYS G 26 10.17 -0.36 17.35
CA LYS G 26 8.88 0.32 17.46
C LYS G 26 8.77 1.37 16.37
N ASN G 27 7.53 1.57 15.90
CA ASN G 27 7.22 2.56 14.87
C ASN G 27 8.01 2.29 13.59
N VAL G 28 7.73 1.13 12.99
CA VAL G 28 8.42 0.67 11.77
C VAL G 28 7.43 0.75 10.62
N THR G 29 7.73 1.61 9.65
CA THR G 29 6.85 1.80 8.49
C THR G 29 7.06 0.66 7.49
N VAL G 30 5.96 0.16 6.93
CA VAL G 30 5.99 -0.98 6.03
C VAL G 30 5.21 -0.64 4.77
N THR G 31 5.53 -1.35 3.68
CA THR G 31 4.85 -1.12 2.41
C THR G 31 3.39 -1.55 2.49
N HIS G 32 3.13 -2.75 3.00
CA HIS G 32 1.77 -3.24 3.20
C HIS G 32 1.62 -3.75 4.63
N ALA G 33 0.39 -3.68 5.13
CA ALA G 33 0.09 -4.18 6.47
C ALA G 33 -1.37 -4.56 6.54
N GLN G 34 -1.70 -5.45 7.47
CA GLN G 34 -3.06 -5.93 7.63
C GLN G 34 -3.42 -5.94 9.11
N ASP G 35 -4.62 -5.44 9.43
CA ASP G 35 -5.13 -5.46 10.79
C ASP G 35 -5.90 -6.76 11.02
N ILE G 36 -5.60 -7.44 12.11
CA ILE G 36 -6.33 -8.65 12.49
C ILE G 36 -7.34 -8.41 13.59
N LEU G 37 -7.50 -7.17 14.04
CA LEU G 37 -8.44 -6.82 15.09
C LEU G 37 -9.60 -6.05 14.46
N GLU G 38 -10.82 -6.42 14.85
CA GLU G 38 -12.04 -5.84 14.29
C GLU G 38 -12.59 -4.78 15.24
N LYS G 39 -12.95 -3.62 14.69
CA LYS G 39 -13.41 -2.49 15.48
C LYS G 39 -14.77 -1.95 15.07
N THR G 40 -15.30 -2.31 13.91
CA THR G 40 -16.51 -1.72 13.39
C THR G 40 -17.72 -2.63 13.61
N HIS G 41 -18.90 -2.04 13.45
CA HIS G 41 -20.15 -2.78 13.55
C HIS G 41 -21.20 -2.05 12.72
N ASN G 42 -22.28 -2.75 12.41
CA ASN G 42 -23.37 -2.15 11.65
C ASN G 42 -24.27 -1.27 12.51
N GLY G 43 -24.04 -1.23 13.82
CA GLY G 43 -24.75 -0.30 14.67
C GLY G 43 -26.23 -0.58 14.84
N LYS G 44 -26.72 -1.70 14.33
CA LYS G 44 -28.12 -2.08 14.42
C LYS G 44 -28.23 -3.46 15.07
N LEU G 45 -29.44 -3.78 15.55
CA LEU G 45 -29.73 -5.11 16.08
C LEU G 45 -30.25 -5.98 14.96
N CYS G 46 -29.61 -7.13 14.75
CA CYS G 46 -29.89 -8.00 13.61
C CYS G 46 -30.47 -9.33 14.07
N ASP G 47 -31.02 -10.07 13.11
CA ASP G 47 -31.42 -11.44 13.38
C ASP G 47 -30.19 -12.31 13.62
N LEU G 48 -30.34 -13.29 14.48
CA LEU G 48 -29.27 -14.24 14.79
C LEU G 48 -29.58 -15.54 14.05
N ASN G 49 -28.80 -15.81 13.00
CA ASN G 49 -28.94 -17.03 12.20
C ASN G 49 -30.37 -17.22 11.72
N GLY G 50 -30.96 -16.14 11.22
CA GLY G 50 -32.28 -16.20 10.62
C GLY G 50 -33.44 -16.15 11.58
N VAL G 51 -33.21 -15.79 12.83
CA VAL G 51 -34.26 -15.74 13.85
C VAL G 51 -34.28 -14.36 14.46
N LYS G 52 -35.44 -13.69 14.39
CA LYS G 52 -35.57 -12.33 14.92
C LYS G 52 -35.70 -12.38 16.45
N PRO G 53 -34.97 -11.54 17.18
CA PRO G 53 -35.08 -11.53 18.64
C PRO G 53 -36.40 -10.95 19.11
N LEU G 54 -36.79 -11.35 20.32
CA LEU G 54 -37.95 -10.76 20.99
C LEU G 54 -37.51 -9.46 21.65
N ILE G 55 -37.99 -8.34 21.12
CA ILE G 55 -37.60 -7.01 21.59
C ILE G 55 -38.77 -6.42 22.35
N LEU G 56 -38.62 -6.28 23.66
CA LEU G 56 -39.58 -5.57 24.48
C LEU G 56 -39.07 -4.14 24.64
N LYS G 57 -39.84 -3.16 24.16
CA LYS G 57 -39.31 -1.81 24.03
C LYS G 57 -39.05 -1.18 25.39
N ASP G 58 -40.11 -0.96 26.18
CA ASP G 58 -39.94 -0.48 27.54
C ASP G 58 -40.60 -1.43 28.55
N CYS G 59 -40.95 -2.63 28.13
CA CYS G 59 -41.55 -3.63 29.00
C CYS G 59 -40.48 -4.61 29.49
N SER G 60 -40.67 -5.13 30.69
CA SER G 60 -39.80 -6.15 31.23
C SER G 60 -40.38 -7.54 30.95
N VAL G 61 -39.58 -8.57 31.19
CA VAL G 61 -40.05 -9.93 30.98
C VAL G 61 -41.26 -10.22 31.87
N ALA G 62 -41.19 -9.82 33.14
CA ALA G 62 -42.30 -10.05 34.05
C ALA G 62 -43.55 -9.29 33.60
N GLY G 63 -43.39 -8.01 33.26
CA GLY G 63 -44.52 -7.24 32.78
C GLY G 63 -45.10 -7.80 31.50
N TRP G 64 -44.23 -8.28 30.61
CA TRP G 64 -44.70 -8.89 29.37
C TRP G 64 -45.39 -10.23 29.65
N LEU G 65 -44.82 -11.04 30.55
CA LEU G 65 -45.36 -12.37 30.81
C LEU G 65 -46.73 -12.29 31.49
N LEU G 66 -46.84 -11.45 32.51
CA LEU G 66 -48.07 -11.32 33.28
C LEU G 66 -49.14 -10.50 32.58
N GLY G 67 -48.78 -9.73 31.56
CA GLY G 67 -49.76 -8.93 30.86
C GLY G 67 -49.97 -7.57 31.50
N ASN G 68 -48.87 -6.84 31.68
CA ASN G 68 -48.96 -5.45 32.10
C ASN G 68 -49.75 -4.66 31.05
N PRO G 69 -50.82 -3.97 31.44
CA PRO G 69 -51.66 -3.32 30.44
C PRO G 69 -50.91 -2.32 29.59
N MET G 70 -49.81 -1.77 30.07
CA MET G 70 -49.00 -0.85 29.28
C MET G 70 -48.05 -1.56 28.34
N CYS G 71 -48.18 -2.88 28.17
CA CYS G 71 -47.34 -3.65 27.29
C CYS G 71 -48.17 -4.28 26.18
N ASP G 72 -47.49 -4.62 25.08
CA ASP G 72 -48.17 -5.19 23.94
C ASP G 72 -48.79 -6.54 24.29
N GLU G 73 -49.93 -6.83 23.67
CA GLU G 73 -50.62 -8.09 23.86
C GLU G 73 -49.90 -9.17 23.07
N PHE G 74 -50.55 -10.33 22.93
CA PHE G 74 -49.94 -11.47 22.25
C PHE G 74 -49.40 -11.07 20.88
N ILE G 75 -48.15 -11.46 20.60
CA ILE G 75 -47.52 -11.18 19.31
C ILE G 75 -46.82 -12.43 18.77
N ARG G 76 -47.08 -13.58 19.42
CA ARG G 76 -46.51 -14.87 19.07
C ARG G 76 -45.04 -14.79 18.68
N VAL G 77 -44.79 -14.62 17.37
CA VAL G 77 -43.50 -14.86 16.72
C VAL G 77 -42.85 -16.00 17.48
N PRO G 78 -43.48 -17.17 17.53
CA PRO G 78 -43.16 -18.17 18.56
C PRO G 78 -41.70 -18.60 18.60
N GLU G 79 -40.88 -18.17 17.64
CA GLU G 79 -39.46 -18.45 17.66
C GLU G 79 -38.71 -17.14 17.84
N TRP G 80 -37.78 -17.12 18.80
CA TRP G 80 -36.89 -15.97 18.96
C TRP G 80 -35.54 -16.45 19.45
N SER G 81 -34.49 -15.75 19.03
CA SER G 81 -33.11 -16.16 19.30
C SER G 81 -32.57 -15.58 20.59
N TYR G 82 -32.98 -14.36 20.95
CA TYR G 82 -32.57 -13.75 22.20
C TYR G 82 -33.57 -12.66 22.55
N ILE G 83 -33.44 -12.13 23.76
CA ILE G 83 -34.36 -11.14 24.31
C ILE G 83 -33.62 -9.83 24.48
N VAL G 84 -34.21 -8.74 23.99
CA VAL G 84 -33.67 -7.41 24.15
C VAL G 84 -34.53 -6.68 25.17
N GLU G 85 -33.91 -6.27 26.29
CA GLU G 85 -34.54 -5.48 27.32
C GLU G 85 -33.80 -4.15 27.45
N ARG G 86 -34.52 -3.13 27.89
CA ARG G 86 -33.83 -1.88 28.20
C ARG G 86 -33.11 -2.00 29.55
N ALA G 87 -32.21 -1.05 29.80
CA ALA G 87 -31.44 -1.08 31.03
C ALA G 87 -32.35 -1.00 32.25
N ASN G 88 -33.29 -0.07 32.25
CA ASN G 88 -34.27 0.08 33.33
C ASN G 88 -35.65 0.13 32.70
N PRO G 89 -36.25 -1.03 32.43
CA PRO G 89 -37.56 -1.06 31.78
C PRO G 89 -38.59 -0.27 32.58
N ALA G 90 -39.39 0.54 31.86
CA ALA G 90 -40.37 1.37 32.53
C ALA G 90 -41.56 0.53 33.01
N ASN G 91 -41.94 -0.49 32.25
CA ASN G 91 -43.12 -1.29 32.54
C ASN G 91 -42.70 -2.62 33.17
N ASP G 92 -43.10 -2.82 34.41
CA ASP G 92 -42.79 -4.01 35.19
C ASP G 92 -44.07 -4.35 35.95
N LEU G 93 -43.94 -5.10 37.05
CA LEU G 93 -45.12 -5.35 37.87
C LEU G 93 -45.66 -4.02 38.38
N CYS G 94 -46.77 -3.57 37.78
CA CYS G 94 -47.34 -2.27 38.13
C CYS G 94 -47.85 -2.27 39.56
N TYR G 95 -48.57 -3.30 39.95
CA TYR G 95 -48.82 -3.54 41.36
C TYR G 95 -47.53 -4.04 41.99
N PRO G 96 -47.02 -3.41 43.04
CA PRO G 96 -45.71 -3.81 43.58
C PRO G 96 -45.73 -5.25 44.08
N GLY G 97 -44.63 -5.95 43.86
CA GLY G 97 -44.52 -7.34 44.26
C GLY G 97 -43.26 -8.00 43.75
N SER G 98 -43.34 -9.28 43.38
CA SER G 98 -42.17 -9.99 42.88
C SER G 98 -42.62 -11.13 41.97
N LEU G 99 -41.65 -11.64 41.22
CA LEU G 99 -41.81 -12.88 40.46
C LEU G 99 -40.75 -13.86 40.96
N ASN G 100 -41.19 -15.01 41.45
CA ASN G 100 -40.27 -15.98 42.04
C ASN G 100 -39.35 -16.58 40.99
N ASP G 101 -38.09 -16.76 41.36
CA ASP G 101 -37.06 -17.30 40.45
C ASP G 101 -37.04 -16.50 39.13
N TYR G 102 -37.09 -15.18 39.26
CA TYR G 102 -37.22 -14.33 38.08
C TYR G 102 -36.03 -14.50 37.13
N GLU G 103 -34.81 -14.50 37.68
CA GLU G 103 -33.62 -14.58 36.83
C GLU G 103 -33.55 -15.92 36.09
N GLU G 104 -33.89 -17.02 36.77
CA GLU G 104 -33.89 -18.32 36.11
C GLU G 104 -34.99 -18.41 35.07
N LEU G 105 -36.14 -17.78 35.35
CA LEU G 105 -37.19 -17.70 34.34
C LEU G 105 -36.72 -16.92 33.13
N LYS G 106 -36.04 -15.80 33.35
CA LYS G 106 -35.54 -14.98 32.25
C LYS G 106 -34.55 -15.75 31.39
N HIS G 107 -33.64 -16.49 32.03
CA HIS G 107 -32.68 -17.30 31.28
C HIS G 107 -33.37 -18.38 30.48
N MET G 108 -34.39 -19.01 31.07
CA MET G 108 -35.14 -20.03 30.35
C MET G 108 -35.86 -19.45 29.13
N LEU G 109 -36.43 -18.25 29.27
CA LEU G 109 -37.16 -17.61 28.20
C LEU G 109 -36.25 -16.85 27.23
N SER G 110 -34.94 -16.94 27.39
CA SER G 110 -34.05 -16.19 26.50
C SER G 110 -34.14 -16.69 25.05
N ARG G 111 -34.42 -17.98 24.85
CA ARG G 111 -34.49 -18.56 23.51
C ARG G 111 -35.55 -19.65 23.50
N ILE G 112 -36.59 -19.45 22.70
CA ILE G 112 -37.76 -20.33 22.71
C ILE G 112 -38.13 -20.69 21.28
N ASN G 113 -38.36 -21.99 21.04
CA ASN G 113 -38.70 -22.48 19.71
C ASN G 113 -40.18 -22.27 19.40
N HIS G 114 -41.06 -22.45 20.37
CA HIS G 114 -42.49 -22.21 20.18
C HIS G 114 -43.08 -21.60 21.45
N PHE G 115 -43.92 -20.58 21.27
CA PHE G 115 -44.51 -19.85 22.39
C PHE G 115 -45.91 -19.40 21.98
N GLU G 116 -46.93 -19.99 22.60
CA GLU G 116 -48.31 -19.69 22.26
C GLU G 116 -49.13 -19.58 23.54
N LYS G 117 -49.90 -18.50 23.64
CA LYS G 117 -50.75 -18.24 24.78
C LYS G 117 -52.11 -18.88 24.55
N ILE G 118 -52.57 -19.66 25.53
CA ILE G 118 -53.87 -20.31 25.46
C ILE G 118 -54.61 -20.03 26.76
N GLN G 119 -55.94 -20.11 26.68
CA GLN G 119 -56.80 -19.89 27.83
C GLN G 119 -57.04 -21.22 28.54
N ILE G 120 -56.70 -21.28 29.83
CA ILE G 120 -56.89 -22.49 30.62
C ILE G 120 -57.99 -22.35 31.66
N ILE G 121 -58.26 -21.14 32.16
CA ILE G 121 -59.36 -20.93 33.11
C ILE G 121 -60.12 -19.67 32.68
N PRO G 122 -61.28 -19.79 32.06
CA PRO G 122 -62.03 -18.61 31.64
C PRO G 122 -62.50 -17.76 32.83
N LYS G 123 -62.58 -16.45 32.60
CA LYS G 123 -63.15 -15.55 33.60
C LYS G 123 -64.61 -15.87 33.87
N SER G 124 -65.32 -16.40 32.87
CA SER G 124 -66.71 -16.81 33.04
C SER G 124 -66.85 -17.98 34.02
N SER G 125 -65.76 -18.66 34.36
CA SER G 125 -65.79 -19.90 35.13
C SER G 125 -65.56 -19.69 36.62
N TRP G 126 -66.00 -18.55 37.14
CA TRP G 126 -65.90 -18.22 38.56
C TRP G 126 -67.28 -17.77 39.04
N PRO G 127 -68.25 -18.69 39.08
CA PRO G 127 -69.62 -18.30 39.42
C PRO G 127 -69.77 -17.73 40.83
N ASN G 128 -69.00 -18.21 41.79
CA ASN G 128 -69.18 -17.84 43.19
C ASN G 128 -68.17 -16.79 43.65
N HIS G 129 -67.43 -16.20 42.72
CA HIS G 129 -66.46 -15.16 43.05
C HIS G 129 -66.60 -14.03 42.03
N GLU G 130 -66.13 -12.85 42.42
CA GLU G 130 -66.27 -11.66 41.59
C GLU G 130 -64.98 -11.45 40.80
N THR G 131 -65.12 -11.25 39.48
CA THR G 131 -63.99 -11.13 38.58
C THR G 131 -63.84 -9.74 37.99
N SER G 132 -64.75 -8.82 38.29
CA SER G 132 -64.74 -7.50 37.67
C SER G 132 -64.14 -6.41 38.56
N LEU G 133 -63.97 -6.68 39.84
CA LEU G 133 -63.47 -5.67 40.78
C LEU G 133 -61.97 -5.74 40.99
N GLY G 134 -61.28 -6.76 40.49
CA GLY G 134 -59.86 -6.87 40.70
C GLY G 134 -59.08 -5.89 39.86
N VAL G 135 -59.29 -4.60 40.12
CA VAL G 135 -58.80 -3.53 39.28
C VAL G 135 -58.17 -2.47 40.19
N SER G 136 -56.95 -2.03 39.84
CA SER G 136 -56.17 -1.15 40.71
C SER G 136 -55.65 0.05 39.93
N ALA G 137 -55.53 1.18 40.63
CA ALA G 137 -54.97 2.37 40.03
C ALA G 137 -53.47 2.26 39.80
N ALA G 138 -52.81 1.27 40.40
CA ALA G 138 -51.38 1.05 40.14
C ALA G 138 -51.13 0.53 38.74
N CYS G 139 -52.16 0.01 38.07
CA CYS G 139 -52.04 -0.57 36.73
C CYS G 139 -53.03 0.14 35.82
N PRO G 140 -52.76 1.40 35.46
CA PRO G 140 -53.73 2.16 34.66
C PRO G 140 -53.74 1.70 33.21
N TYR G 141 -54.93 1.73 32.61
CA TYR G 141 -55.08 1.42 31.19
C TYR G 141 -56.23 2.25 30.64
N GLN G 142 -55.97 2.95 29.53
CA GLN G 142 -56.99 3.73 28.82
C GLN G 142 -57.65 4.76 29.74
N GLY G 143 -56.85 5.34 30.65
CA GLY G 143 -57.33 6.39 31.53
C GLY G 143 -58.12 5.92 32.74
N ALA G 144 -58.10 4.64 33.06
CA ALA G 144 -58.83 4.11 34.20
C ALA G 144 -57.99 3.01 34.85
N PRO G 145 -58.27 2.68 36.10
CA PRO G 145 -57.57 1.57 36.74
C PRO G 145 -57.82 0.26 36.01
N SER G 146 -56.81 -0.61 36.04
CA SER G 146 -56.89 -1.90 35.36
C SER G 146 -56.03 -2.89 36.14
N PHE G 147 -55.68 -4.00 35.51
CA PHE G 147 -54.91 -5.06 36.15
C PHE G 147 -54.20 -5.87 35.08
N PHE G 148 -53.32 -6.78 35.53
CA PHE G 148 -52.63 -7.68 34.61
C PHE G 148 -53.65 -8.46 33.78
N ARG G 149 -53.38 -8.57 32.48
CA ARG G 149 -54.35 -9.18 31.58
C ARG G 149 -54.41 -10.70 31.73
N ASN G 150 -53.29 -11.35 32.07
CA ASN G 150 -53.22 -12.81 32.06
C ASN G 150 -53.61 -13.46 33.38
N VAL G 151 -53.85 -12.68 34.44
CA VAL G 151 -54.33 -13.23 35.70
C VAL G 151 -55.58 -12.45 36.10
N VAL G 152 -56.37 -13.04 36.99
CA VAL G 152 -57.59 -12.44 37.48
C VAL G 152 -57.52 -12.28 39.00
N TRP G 153 -57.80 -11.06 39.48
CA TRP G 153 -57.76 -10.75 40.90
C TRP G 153 -59.14 -11.05 41.50
N LEU G 154 -59.28 -12.24 42.07
CA LEU G 154 -60.58 -12.70 42.55
C LEU G 154 -60.95 -12.01 43.85
N ILE G 155 -62.22 -11.63 43.96
CA ILE G 155 -62.74 -10.93 45.13
C ILE G 155 -63.98 -11.67 45.58
N LYS G 156 -64.35 -11.44 46.85
CA LYS G 156 -65.54 -12.05 47.41
C LYS G 156 -66.79 -11.58 46.67
N LYS G 157 -67.85 -12.38 46.77
CA LYS G 157 -69.15 -12.05 46.20
C LYS G 157 -70.22 -12.38 47.22
N ASN G 158 -71.12 -11.43 47.46
CA ASN G 158 -72.17 -11.56 48.48
C ASN G 158 -71.57 -11.82 49.86
N ASP G 159 -70.44 -11.15 50.14
CA ASP G 159 -69.75 -11.24 51.44
C ASP G 159 -69.31 -12.67 51.75
N ALA G 160 -68.97 -13.44 50.71
CA ALA G 160 -68.51 -14.82 50.90
C ALA G 160 -67.44 -15.14 49.87
N TYR G 161 -66.45 -15.92 50.29
CA TYR G 161 -65.37 -16.39 49.42
C TYR G 161 -65.26 -17.89 49.61
N PRO G 162 -66.05 -18.67 48.87
CA PRO G 162 -66.00 -20.13 49.04
C PRO G 162 -64.62 -20.67 48.69
N THR G 163 -64.27 -21.78 49.33
CA THR G 163 -62.97 -22.40 49.07
C THR G 163 -62.92 -22.88 47.62
N ILE G 164 -61.89 -22.46 46.91
CA ILE G 164 -61.71 -22.79 45.49
C ILE G 164 -61.02 -24.15 45.38
N LYS G 165 -61.57 -25.02 44.53
CA LYS G 165 -60.98 -26.33 44.26
C LYS G 165 -61.11 -26.56 42.75
N ILE G 166 -60.06 -26.22 42.02
CA ILE G 166 -60.06 -26.32 40.56
C ILE G 166 -58.83 -27.10 40.12
N SER G 167 -58.94 -27.75 38.97
CA SER G 167 -57.85 -28.53 38.41
C SER G 167 -57.81 -28.31 36.91
N TYR G 168 -56.63 -28.51 36.32
CA TYR G 168 -56.44 -28.38 34.88
C TYR G 168 -55.41 -29.41 34.41
N ASN G 169 -55.82 -30.26 33.48
CA ASN G 169 -54.96 -31.28 32.89
C ASN G 169 -54.38 -30.75 31.58
N ASN G 170 -53.06 -30.80 31.44
CA ASN G 170 -52.40 -30.29 30.24
C ASN G 170 -52.57 -31.32 29.13
N THR G 171 -53.61 -31.13 28.33
CA THR G 171 -53.86 -32.01 27.20
C THR G 171 -53.05 -31.64 25.97
N ASN G 172 -52.35 -30.51 25.99
CA ASN G 172 -51.56 -30.09 24.85
C ASN G 172 -50.28 -30.92 24.76
N ARG G 173 -49.69 -30.91 23.56
CA ARG G 173 -48.51 -31.73 23.30
C ARG G 173 -47.25 -31.14 23.92
N GLU G 174 -47.26 -29.88 24.32
CA GLU G 174 -46.09 -29.16 24.76
C GLU G 174 -46.19 -28.81 26.24
N ASP G 175 -45.06 -28.38 26.80
CA ASP G 175 -45.03 -27.91 28.18
C ASP G 175 -45.82 -26.61 28.30
N LEU G 176 -46.39 -26.40 29.49
CA LEU G 176 -47.21 -25.23 29.78
C LEU G 176 -46.57 -24.40 30.90
N LEU G 177 -46.41 -23.10 30.64
CA LEU G 177 -45.93 -22.15 31.64
C LEU G 177 -47.14 -21.46 32.25
N ILE G 178 -47.40 -21.71 33.53
CA ILE G 178 -48.58 -21.19 34.23
C ILE G 178 -48.10 -20.29 35.35
N LEU G 179 -48.73 -19.12 35.49
CA LEU G 179 -48.41 -18.17 36.53
C LEU G 179 -49.62 -17.91 37.42
N TRP G 180 -49.35 -17.65 38.69
CA TRP G 180 -50.38 -17.33 39.68
C TRP G 180 -49.74 -16.46 40.75
N GLY G 181 -50.58 -15.95 41.65
CA GLY G 181 -50.05 -15.05 42.65
C GLY G 181 -50.87 -15.06 43.92
N ILE G 182 -50.31 -14.39 44.93
CA ILE G 182 -50.97 -14.20 46.22
C ILE G 182 -50.88 -12.73 46.57
N HIS G 183 -52.01 -12.16 47.03
CA HIS G 183 -52.09 -10.76 47.41
C HIS G 183 -51.87 -10.63 48.92
N HIS G 184 -50.84 -9.88 49.30
CA HIS G 184 -50.58 -9.57 50.70
C HIS G 184 -51.37 -8.33 51.09
N SER G 185 -52.32 -8.51 52.01
CA SER G 185 -53.14 -7.40 52.50
C SER G 185 -52.31 -6.46 53.38
N ASN G 186 -52.96 -5.37 53.80
CA ASN G 186 -52.32 -4.38 54.67
C ASN G 186 -52.81 -4.41 56.10
N ASN G 187 -54.05 -4.81 56.34
CA ASN G 187 -54.60 -4.88 57.68
C ASN G 187 -55.75 -5.85 57.67
N ALA G 188 -56.19 -6.23 58.87
CA ALA G 188 -57.26 -7.22 59.01
C ALA G 188 -58.55 -6.73 58.35
N GLU G 189 -58.82 -5.43 58.44
CA GLU G 189 -60.06 -4.90 57.89
C GLU G 189 -60.10 -5.02 56.38
N GLU G 190 -59.01 -4.65 55.71
CA GLU G 190 -58.95 -4.78 54.26
C GLU G 190 -59.04 -6.24 53.83
N GLN G 191 -58.48 -7.16 54.63
CA GLN G 191 -58.58 -8.58 54.31
C GLN G 191 -60.03 -9.03 54.28
N THR G 192 -60.84 -8.61 55.25
CA THR G 192 -62.24 -9.02 55.28
C THR G 192 -63.06 -8.31 54.23
N ASN G 193 -62.68 -7.07 53.88
CA ASN G 193 -63.41 -6.34 52.85
C ASN G 193 -63.17 -6.91 51.46
N LEU G 194 -62.06 -7.59 51.26
CA LEU G 194 -61.72 -8.18 49.97
C LEU G 194 -62.03 -9.67 49.90
N TYR G 195 -61.76 -10.42 50.97
CA TYR G 195 -61.87 -11.87 50.94
C TYR G 195 -62.73 -12.46 52.05
N LYS G 196 -63.04 -11.69 53.10
CA LYS G 196 -64.00 -12.05 54.15
C LYS G 196 -63.48 -13.14 55.08
N ASN G 197 -62.39 -13.83 54.71
CA ASN G 197 -61.84 -14.88 55.54
C ASN G 197 -60.61 -14.34 56.25
N PRO G 198 -60.61 -14.23 57.58
CA PRO G 198 -59.46 -13.62 58.26
C PRO G 198 -58.15 -14.35 58.03
N ILE G 199 -58.16 -15.68 57.97
CA ILE G 199 -56.95 -16.47 57.77
C ILE G 199 -57.15 -17.31 56.52
N THR G 200 -56.24 -17.16 55.55
CA THR G 200 -56.39 -17.76 54.24
C THR G 200 -55.09 -18.43 53.84
N TYR G 201 -55.15 -19.17 52.74
CA TYR G 201 -54.02 -19.96 52.27
C TYR G 201 -54.17 -20.16 50.76
N ILE G 202 -53.08 -20.60 50.14
CA ILE G 202 -53.07 -21.00 48.73
C ILE G 202 -52.29 -22.31 48.62
N SER G 203 -52.88 -23.31 47.99
CA SER G 203 -52.26 -24.61 47.79
C SER G 203 -52.20 -24.90 46.30
N VAL G 204 -51.00 -25.15 45.79
CA VAL G 204 -50.78 -25.48 44.39
C VAL G 204 -50.07 -26.81 44.32
N GLY G 205 -50.64 -27.75 43.58
CA GLY G 205 -50.08 -29.09 43.48
C GLY G 205 -49.97 -29.58 42.06
N THR G 206 -48.84 -30.23 41.76
CA THR G 206 -48.63 -30.95 40.50
C THR G 206 -47.91 -32.26 40.85
N SER G 207 -47.34 -32.91 39.85
CA SER G 207 -46.52 -34.09 40.13
C SER G 207 -45.26 -33.73 40.90
N THR G 208 -44.68 -32.55 40.64
CA THR G 208 -43.42 -32.15 41.25
C THR G 208 -43.52 -30.95 42.19
N LEU G 209 -44.60 -30.18 42.11
CA LEU G 209 -44.74 -28.94 42.88
C LEU G 209 -45.72 -29.15 44.04
N ASN G 210 -45.31 -28.73 45.23
CA ASN G 210 -46.14 -28.82 46.44
C ASN G 210 -45.95 -27.51 47.20
N GLN G 211 -46.80 -26.53 46.90
CA GLN G 211 -46.66 -25.18 47.44
C GLN G 211 -47.84 -24.84 48.35
N ARG G 212 -47.54 -24.23 49.49
CA ARG G 212 -48.55 -23.69 50.39
C ARG G 212 -48.13 -22.29 50.80
N LEU G 213 -48.96 -21.30 50.47
CA LEU G 213 -48.67 -19.91 50.77
C LEU G 213 -49.72 -19.36 51.72
N ALA G 214 -49.34 -18.33 52.47
CA ALA G 214 -50.26 -17.60 53.33
C ALA G 214 -49.97 -16.12 53.17
N PRO G 215 -51.00 -15.27 53.25
CA PRO G 215 -50.77 -13.83 53.14
C PRO G 215 -49.98 -13.30 54.32
N LYS G 216 -49.13 -12.32 54.04
CA LYS G 216 -48.32 -11.64 55.05
C LYS G 216 -48.95 -10.26 55.26
N ILE G 217 -49.94 -10.20 56.14
CA ILE G 217 -50.63 -8.95 56.43
C ILE G 217 -49.74 -8.13 57.35
N ALA G 218 -49.18 -7.05 56.82
CA ALA G 218 -48.21 -6.24 57.53
C ALA G 218 -48.18 -4.85 56.92
N THR G 219 -47.59 -3.91 57.66
CA THR G 219 -47.48 -2.52 57.23
C THR G 219 -46.20 -2.35 56.43
N ARG G 220 -46.34 -1.96 55.16
CA ARG G 220 -45.20 -1.74 54.27
C ARG G 220 -45.19 -0.30 53.80
N SER G 221 -44.12 0.08 53.09
CA SER G 221 -44.06 1.39 52.46
C SER G 221 -44.89 1.39 51.18
N GLN G 222 -45.17 2.60 50.70
CA GLN G 222 -45.99 2.76 49.51
C GLN G 222 -45.14 2.65 48.26
N VAL G 223 -45.58 1.84 47.30
CA VAL G 223 -44.99 1.76 45.97
C VAL G 223 -46.14 1.87 44.97
N ASN G 224 -46.04 2.81 44.04
CA ASN G 224 -47.11 3.09 43.07
C ASN G 224 -48.43 3.32 43.79
N GLY G 225 -48.38 4.01 44.93
CA GLY G 225 -49.57 4.28 45.70
C GLY G 225 -50.16 3.09 46.40
N GLN G 226 -49.44 1.98 46.50
CA GLN G 226 -49.96 0.76 47.10
C GLN G 226 -49.03 0.27 48.20
N ARG G 227 -49.59 0.04 49.38
CA ARG G 227 -48.84 -0.59 50.46
C ARG G 227 -48.99 -2.11 50.46
N GLY G 228 -49.88 -2.66 49.65
CA GLY G 228 -49.96 -4.08 49.48
C GLY G 228 -48.94 -4.58 48.49
N ARG G 229 -48.78 -5.90 48.45
CA ARG G 229 -47.86 -6.51 47.50
C ARG G 229 -48.51 -7.75 46.90
N MET G 230 -48.05 -8.10 45.71
CA MET G 230 -48.53 -9.29 45.00
C MET G 230 -47.32 -10.10 44.55
N ASP G 231 -47.11 -11.25 45.18
CA ASP G 231 -46.00 -12.15 44.85
C ASP G 231 -46.47 -13.17 43.84
N PHE G 232 -45.72 -13.33 42.75
CA PHE G 232 -46.09 -14.20 41.66
C PHE G 232 -45.15 -15.39 41.59
N PHE G 233 -45.69 -16.51 41.12
CA PHE G 233 -44.97 -17.78 41.04
C PHE G 233 -45.25 -18.42 39.68
N TRP G 234 -44.40 -19.38 39.30
CA TRP G 234 -44.56 -20.05 38.03
C TRP G 234 -44.17 -21.52 38.15
N THR G 235 -44.61 -22.30 37.17
CA THR G 235 -44.25 -23.71 37.06
C THR G 235 -44.36 -24.13 35.60
N ILE G 236 -43.60 -25.17 35.26
CA ILE G 236 -43.68 -25.79 33.94
C ILE G 236 -44.48 -27.07 34.10
N LEU G 237 -45.66 -27.10 33.51
CA LEU G 237 -46.59 -28.24 33.61
C LEU G 237 -46.41 -29.13 32.39
N LYS G 238 -45.82 -30.31 32.63
CA LYS G 238 -45.56 -31.26 31.55
C LYS G 238 -46.87 -31.82 31.00
N PRO G 239 -46.88 -32.26 29.74
CA PRO G 239 -48.13 -32.75 29.13
C PRO G 239 -48.70 -33.93 29.88
N ASN G 240 -50.03 -33.98 29.95
CA ASN G 240 -50.84 -34.99 30.62
C ASN G 240 -50.66 -34.96 32.14
N ASP G 241 -49.88 -34.04 32.68
CA ASP G 241 -49.87 -33.76 34.11
C ASP G 241 -50.91 -32.69 34.45
N ALA G 242 -51.36 -32.69 35.70
CA ALA G 242 -52.40 -31.77 36.13
C ALA G 242 -51.87 -30.84 37.21
N ILE G 243 -52.45 -29.64 37.25
CA ILE G 243 -52.18 -28.65 38.29
C ILE G 243 -53.45 -28.53 39.14
N HIS G 244 -53.27 -28.48 40.45
CA HIS G 244 -54.39 -28.40 41.39
C HIS G 244 -54.26 -27.13 42.23
N PHE G 245 -55.34 -26.37 42.29
CA PHE G 245 -55.40 -25.12 43.04
C PHE G 245 -56.43 -25.22 44.15
N GLU G 246 -56.04 -24.86 45.37
CA GLU G 246 -56.98 -24.72 46.47
C GLU G 246 -56.66 -23.44 47.23
N SER G 247 -57.69 -22.62 47.48
CA SER G 247 -57.48 -21.39 48.21
C SER G 247 -58.82 -20.87 48.73
N ASN G 248 -58.76 -20.14 49.84
CA ASN G 248 -59.93 -19.49 50.42
C ASN G 248 -59.74 -17.99 50.54
N GLY G 249 -58.77 -17.42 49.86
CA GLY G 249 -58.64 -15.98 49.74
C GLY G 249 -57.29 -15.60 49.21
N ASN G 250 -57.18 -14.32 48.81
CA ASN G 250 -55.93 -13.71 48.34
C ASN G 250 -55.36 -14.40 47.10
N PHE G 251 -56.16 -15.21 46.42
CA PHE G 251 -55.71 -15.91 45.22
C PHE G 251 -55.74 -14.99 44.02
N ILE G 252 -54.62 -14.92 43.30
CA ILE G 252 -54.55 -14.25 42.00
C ILE G 252 -54.52 -15.37 40.96
N ALA G 253 -55.71 -15.76 40.50
CA ALA G 253 -55.85 -16.97 39.70
C ALA G 253 -55.35 -16.73 38.28
N PRO G 254 -54.89 -17.78 37.60
CA PRO G 254 -54.54 -17.65 36.19
C PRO G 254 -55.76 -17.75 35.29
N GLU G 255 -55.68 -17.07 34.15
CA GLU G 255 -56.60 -17.28 33.04
C GLU G 255 -55.90 -17.82 31.81
N TYR G 256 -54.75 -17.27 31.43
CA TYR G 256 -54.00 -17.70 30.27
C TYR G 256 -52.67 -18.31 30.70
N ALA G 257 -52.25 -19.35 29.98
CA ALA G 257 -50.94 -19.95 30.14
C ALA G 257 -50.17 -19.81 28.83
N TYR G 258 -49.00 -20.45 28.75
CA TYR G 258 -48.16 -20.38 27.56
C TYR G 258 -47.70 -21.77 27.14
N LYS G 259 -48.06 -22.18 25.92
CA LYS G 259 -47.49 -23.38 25.31
C LYS G 259 -46.07 -23.07 24.88
N ILE G 260 -45.10 -23.70 25.53
CA ILE G 260 -43.70 -23.33 25.38
C ILE G 260 -42.90 -24.56 24.96
N VAL G 261 -42.02 -24.37 23.98
CA VAL G 261 -41.09 -25.39 23.52
C VAL G 261 -39.70 -24.78 23.47
N LYS G 262 -38.74 -25.44 24.11
CA LYS G 262 -37.38 -24.92 24.22
C LYS G 262 -36.40 -25.89 23.56
N LYS G 263 -35.51 -25.36 22.72
CA LYS G 263 -34.46 -26.15 22.10
C LYS G 263 -33.07 -25.71 22.56
N GLY G 264 -32.72 -24.44 22.40
CA GLY G 264 -31.42 -23.94 22.78
C GLY G 264 -31.50 -22.86 23.84
N ASP G 265 -30.33 -22.39 24.24
CA ASP G 265 -30.19 -21.40 25.30
C ASP G 265 -29.59 -20.11 24.76
N SER G 266 -29.87 -19.01 25.44
CA SER G 266 -29.40 -17.69 25.07
C SER G 266 -29.29 -16.86 26.34
N THR G 267 -29.23 -15.54 26.19
CA THR G 267 -29.25 -14.64 27.34
C THR G 267 -30.06 -13.41 26.97
N ILE G 268 -30.33 -12.58 27.98
CA ILE G 268 -31.04 -11.33 27.77
C ILE G 268 -30.03 -10.21 27.55
N MET G 269 -30.17 -9.49 26.43
CA MET G 269 -29.26 -8.42 26.07
C MET G 269 -29.88 -7.08 26.43
N LYS G 270 -29.11 -6.26 27.16
CA LYS G 270 -29.54 -4.92 27.55
C LYS G 270 -29.10 -3.95 26.47
N SER G 271 -30.07 -3.42 25.71
CA SER G 271 -29.74 -2.53 24.61
C SER G 271 -30.96 -1.70 24.23
N GLY G 272 -30.70 -0.52 23.67
CA GLY G 272 -31.76 0.33 23.15
C GLY G 272 -31.61 0.58 21.67
N VAL G 273 -30.64 -0.10 21.05
CA VAL G 273 -30.39 0.04 19.62
C VAL G 273 -31.56 -0.52 18.82
N GLU G 274 -31.84 0.11 17.68
CA GLU G 274 -33.02 -0.20 16.88
C GLU G 274 -32.82 -1.46 16.06
N TYR G 275 -33.93 -2.16 15.79
CA TYR G 275 -33.92 -3.33 14.93
C TYR G 275 -33.59 -2.93 13.50
N GLY G 276 -32.62 -3.61 12.89
CA GLY G 276 -32.12 -3.27 11.58
C GLY G 276 -32.56 -4.14 10.42
N HIS G 277 -33.44 -5.12 10.65
CA HIS G 277 -33.93 -6.00 9.59
C HIS G 277 -32.78 -6.69 8.85
N CYS G 278 -31.76 -7.10 9.60
CA CYS G 278 -30.56 -7.71 9.04
C CYS G 278 -30.37 -9.12 9.60
N ASN G 279 -29.23 -9.72 9.28
CA ASN G 279 -28.88 -11.05 9.75
C ASN G 279 -27.39 -11.08 10.05
N THR G 280 -27.01 -11.77 11.13
CA THR G 280 -25.61 -11.82 11.53
C THR G 280 -25.37 -13.08 12.34
N LYS G 281 -24.08 -13.40 12.52
CA LYS G 281 -23.67 -14.50 13.37
C LYS G 281 -23.09 -14.03 14.70
N CYS G 282 -23.06 -12.72 14.94
CA CYS G 282 -22.51 -12.17 16.17
C CYS G 282 -23.18 -10.83 16.46
N GLN G 283 -23.64 -10.65 17.70
CA GLN G 283 -24.42 -9.49 18.09
C GLN G 283 -23.88 -8.91 19.39
N THR G 284 -23.75 -7.59 19.44
CA THR G 284 -23.36 -6.84 20.61
C THR G 284 -24.44 -5.81 20.92
N PRO G 285 -24.47 -5.29 22.15
CA PRO G 285 -25.49 -4.28 22.48
C PRO G 285 -25.39 -3.00 21.67
N VAL G 286 -24.27 -2.75 20.99
CA VAL G 286 -24.08 -1.54 20.21
C VAL G 286 -24.09 -1.79 18.71
N GLY G 287 -24.20 -3.03 18.28
CA GLY G 287 -24.23 -3.35 16.86
C GLY G 287 -23.75 -4.76 16.58
N ALA G 288 -24.07 -5.24 15.40
CA ALA G 288 -23.70 -6.58 14.98
C ALA G 288 -22.38 -6.58 14.22
N ILE G 289 -21.74 -7.74 14.17
CA ILE G 289 -20.41 -7.89 13.57
C ILE G 289 -20.50 -8.91 12.43
N ASN G 290 -20.04 -8.51 11.25
CA ASN G 290 -19.85 -9.40 10.12
C ASN G 290 -18.35 -9.39 9.83
N SER G 291 -17.63 -10.34 10.43
CA SER G 291 -16.18 -10.35 10.34
C SER G 291 -15.67 -11.78 10.45
N SER G 292 -14.46 -11.98 9.95
CA SER G 292 -13.73 -13.24 10.12
C SER G 292 -12.50 -13.05 10.99
N MET G 293 -12.32 -11.87 11.55
CA MET G 293 -11.12 -11.59 12.33
C MET G 293 -11.14 -12.37 13.65
N PRO G 294 -9.96 -12.76 14.15
CA PRO G 294 -9.91 -13.52 15.40
C PRO G 294 -10.09 -12.69 16.65
N PHE G 295 -10.00 -11.37 16.57
CA PHE G 295 -10.08 -10.53 17.76
C PHE G 295 -11.00 -9.34 17.48
N HIS G 296 -11.57 -8.80 18.55
CA HIS G 296 -12.43 -7.64 18.46
C HIS G 296 -12.40 -6.90 19.79
N ASN G 297 -12.81 -5.62 19.76
CA ASN G 297 -12.91 -4.85 20.99
C ASN G 297 -14.16 -3.97 21.03
N ILE G 298 -15.20 -4.34 20.29
CA ILE G 298 -16.40 -3.52 20.23
C ILE G 298 -17.14 -3.54 21.57
N HIS G 299 -17.34 -4.74 22.14
CA HIS G 299 -18.10 -4.87 23.38
C HIS G 299 -17.95 -6.26 23.98
N PRO G 300 -17.89 -6.38 25.31
CA PRO G 300 -17.77 -7.71 25.92
C PRO G 300 -19.06 -8.51 25.96
N LEU G 301 -20.22 -7.87 25.81
CA LEU G 301 -21.51 -8.56 25.99
C LEU G 301 -22.01 -9.11 24.65
N THR G 302 -21.26 -10.05 24.10
CA THR G 302 -21.55 -10.59 22.79
C THR G 302 -22.53 -11.78 22.89
N ILE G 303 -23.29 -11.97 21.81
CA ILE G 303 -24.15 -13.15 21.66
C ILE G 303 -23.87 -13.76 20.28
N GLY G 304 -23.44 -15.02 20.27
CA GLY G 304 -23.19 -15.75 19.03
C GLY G 304 -21.75 -16.19 18.90
N GLU G 305 -21.41 -16.64 17.69
CA GLU G 305 -20.06 -17.10 17.37
C GLU G 305 -19.22 -15.88 17.02
N CYS G 306 -18.70 -15.24 18.04
CA CYS G 306 -18.06 -13.94 17.97
C CYS G 306 -16.54 -14.08 18.02
N PRO G 307 -15.79 -13.04 17.61
CA PRO G 307 -14.34 -13.06 17.85
C PRO G 307 -14.02 -12.91 19.33
N LYS G 308 -12.73 -12.94 19.66
CA LYS G 308 -12.29 -12.91 21.05
C LYS G 308 -12.10 -11.47 21.50
N TYR G 309 -12.75 -11.10 22.60
CA TYR G 309 -12.66 -9.74 23.12
C TYR G 309 -11.26 -9.48 23.67
N VAL G 310 -10.69 -8.33 23.30
CA VAL G 310 -9.35 -7.93 23.73
C VAL G 310 -9.36 -6.43 24.04
N LYS G 311 -8.40 -6.03 24.88
CA LYS G 311 -8.20 -4.61 25.20
C LYS G 311 -7.01 -4.12 24.37
N SER G 312 -7.32 -3.77 23.12
CA SER G 312 -6.30 -3.30 22.19
C SER G 312 -6.93 -2.42 21.14
N ASN G 313 -6.16 -1.46 20.63
CA ASN G 313 -6.63 -0.57 19.59
C ASN G 313 -6.16 -0.95 18.20
N LYS G 314 -5.03 -1.65 18.08
CA LYS G 314 -4.53 -2.07 16.78
C LYS G 314 -3.70 -3.33 16.95
N LEU G 315 -4.00 -4.35 16.14
CA LEU G 315 -3.19 -5.56 16.03
C LEU G 315 -2.81 -5.68 14.56
N VAL G 316 -1.73 -5.00 14.17
CA VAL G 316 -1.37 -4.84 12.77
C VAL G 316 -0.20 -5.77 12.46
N LEU G 317 -0.42 -6.69 11.53
CA LEU G 317 0.63 -7.59 11.05
C LEU G 317 1.25 -7.00 9.78
N ALA G 318 2.56 -6.83 9.80
CA ALA G 318 3.26 -6.31 8.63
C ALA G 318 3.32 -7.38 7.56
N THR G 319 2.64 -7.15 6.43
CA THR G 319 2.67 -8.08 5.31
C THR G 319 3.72 -7.71 4.26
N GLY G 320 4.03 -6.42 4.12
CA GLY G 320 5.00 -5.97 3.15
C GLY G 320 6.40 -5.82 3.73
N LEU G 321 7.27 -5.22 2.92
CA LEU G 321 8.66 -5.00 3.26
C LEU G 321 8.83 -3.72 4.08
N ARG G 322 9.99 -3.59 4.71
CA ARG G 322 10.32 -2.37 5.45
C ARG G 322 10.46 -1.23 4.44
N ASN G 323 9.55 -0.25 4.52
CA ASN G 323 9.47 0.82 3.53
C ASN G 323 10.41 1.95 3.94
N SER G 324 11.50 2.11 3.19
CA SER G 324 12.43 3.21 3.39
C SER G 324 12.23 4.24 2.29
N PRO G 325 11.84 5.49 2.62
CA PRO G 325 11.62 6.55 1.63
C PRO G 325 12.91 7.00 0.94
N GLY H 4 21.31 -9.87 6.65
CA GLY H 4 21.30 -8.42 6.81
C GLY H 4 21.45 -7.64 5.52
N ALA H 5 20.32 -7.37 4.85
CA ALA H 5 20.37 -6.67 3.57
C ALA H 5 19.23 -5.66 3.41
N ILE H 6 18.60 -5.21 4.49
CA ILE H 6 17.57 -4.18 4.41
C ILE H 6 18.12 -2.82 4.84
N ALA H 7 18.78 -2.76 6.00
CA ALA H 7 19.36 -1.52 6.48
C ALA H 7 20.86 -1.63 6.72
N GLY H 8 21.46 -2.79 6.43
CA GLY H 8 22.87 -3.00 6.69
C GLY H 8 23.68 -3.36 5.46
N PHE H 9 23.01 -3.82 4.40
CA PHE H 9 23.67 -3.98 3.11
C PHE H 9 23.03 -3.12 2.03
N ILE H 10 21.77 -3.35 1.70
CA ILE H 10 21.09 -2.54 0.66
C ILE H 10 20.31 -1.48 1.41
N GLU H 11 21.01 -0.41 1.79
CA GLU H 11 20.39 0.63 2.63
C GLU H 11 19.57 1.57 1.74
N GLY H 12 18.59 0.97 1.06
CA GLY H 12 17.79 1.72 0.12
C GLY H 12 16.32 1.33 0.07
N GLY H 13 15.84 1.05 -1.14
CA GLY H 13 14.43 0.88 -1.41
C GLY H 13 14.12 1.54 -2.74
N TRP H 14 13.51 0.81 -3.66
CA TRP H 14 13.39 1.24 -5.05
C TRP H 14 11.92 1.51 -5.36
N GLN H 15 11.56 2.79 -5.43
CA GLN H 15 10.19 3.19 -5.73
C GLN H 15 9.82 2.87 -7.16
N GLY H 16 10.78 2.93 -8.07
CA GLY H 16 10.49 2.62 -9.47
C GLY H 16 10.00 1.20 -9.68
N MET H 17 10.46 0.27 -8.84
CA MET H 17 10.00 -1.12 -8.93
C MET H 17 8.57 -1.20 -8.39
N VAL H 18 7.60 -1.25 -9.29
CA VAL H 18 6.19 -1.35 -8.94
C VAL H 18 5.59 -2.67 -9.41
N ASP H 19 6.43 -3.63 -9.79
CA ASP H 19 5.95 -4.92 -10.28
C ASP H 19 6.13 -6.05 -9.26
N GLY H 20 6.90 -5.82 -8.20
CA GLY H 20 7.14 -6.89 -7.25
C GLY H 20 7.80 -6.36 -5.99
N TRP H 21 8.21 -7.30 -5.15
CA TRP H 21 8.80 -7.00 -3.84
C TRP H 21 10.33 -7.02 -3.86
N TYR H 22 10.93 -7.98 -4.57
CA TYR H 22 12.38 -8.03 -4.76
C TYR H 22 12.69 -8.05 -6.24
N GLY H 23 13.83 -7.48 -6.60
CA GLY H 23 14.20 -7.45 -8.00
C GLY H 23 15.55 -6.80 -8.24
N TYR H 24 15.77 -6.43 -9.50
CA TYR H 24 17.05 -5.93 -9.97
C TYR H 24 16.87 -4.56 -10.63
N HIS H 25 17.87 -3.71 -10.47
CA HIS H 25 17.91 -2.40 -11.12
C HIS H 25 19.11 -2.37 -12.05
N HIS H 26 18.86 -2.25 -13.35
CA HIS H 26 19.92 -2.31 -14.35
C HIS H 26 20.37 -0.90 -14.70
N SER H 27 21.67 -0.75 -14.93
CA SER H 27 22.27 0.55 -15.29
C SER H 27 23.40 0.30 -16.30
N ASN H 28 23.06 0.41 -17.59
CA ASN H 28 24.02 0.20 -18.66
C ASN H 28 24.04 1.38 -19.63
N GLU H 29 24.72 1.23 -20.76
CA GLU H 29 24.76 2.30 -21.76
C GLU H 29 23.41 2.52 -22.41
N GLN H 30 22.52 1.52 -22.39
CA GLN H 30 21.21 1.65 -22.99
C GLN H 30 20.22 2.41 -22.11
N GLY H 31 20.60 2.74 -20.88
CA GLY H 31 19.77 3.52 -19.97
C GLY H 31 19.73 2.86 -18.61
N SER H 32 18.69 3.19 -17.84
CA SER H 32 18.49 2.63 -16.52
C SER H 32 17.04 2.20 -16.37
N GLY H 33 16.82 1.21 -15.51
CA GLY H 33 15.49 0.70 -15.29
C GLY H 33 15.51 -0.38 -14.22
N TYR H 34 14.31 -0.85 -13.88
CA TYR H 34 14.13 -1.82 -12.81
C TYR H 34 13.46 -3.07 -13.34
N ALA H 35 13.70 -4.19 -12.66
CA ALA H 35 13.10 -5.46 -13.01
C ALA H 35 12.80 -6.23 -11.73
N ALA H 36 11.85 -7.16 -11.83
CA ALA H 36 11.44 -7.97 -10.70
C ALA H 36 11.70 -9.44 -10.97
N ASP H 37 11.98 -10.20 -9.90
CA ASP H 37 12.25 -11.62 -10.06
C ASP H 37 10.97 -12.41 -10.32
N LYS H 38 9.89 -12.05 -9.62
CA LYS H 38 8.55 -12.62 -9.79
C LYS H 38 8.48 -14.05 -9.23
N GLU H 39 9.62 -14.64 -8.89
CA GLU H 39 9.64 -15.95 -8.25
C GLU H 39 9.82 -15.82 -6.75
N SER H 40 10.83 -15.05 -6.32
CA SER H 40 10.96 -14.71 -4.91
C SER H 40 9.80 -13.83 -4.45
N THR H 41 9.40 -12.86 -5.28
CA THR H 41 8.33 -11.95 -4.89
C THR H 41 7.02 -12.70 -4.68
N GLN H 42 6.67 -13.59 -5.60
CA GLN H 42 5.47 -14.40 -5.42
C GLN H 42 5.60 -15.26 -4.17
N LYS H 43 6.57 -16.19 -4.17
CA LYS H 43 6.78 -17.12 -3.07
C LYS H 43 6.68 -16.44 -1.71
N ALA H 44 7.24 -15.24 -1.57
CA ALA H 44 7.04 -14.46 -0.36
C ALA H 44 5.58 -14.05 -0.21
N ILE H 45 4.93 -13.64 -1.31
CA ILE H 45 3.55 -13.17 -1.23
C ILE H 45 2.63 -14.30 -0.76
N ASP H 46 2.82 -15.51 -1.29
CA ASP H 46 2.09 -16.66 -0.77
C ASP H 46 2.46 -16.92 0.70
N GLY H 47 3.73 -16.72 1.04
CA GLY H 47 4.18 -17.00 2.40
C GLY H 47 3.54 -16.11 3.43
N VAL H 48 3.50 -14.79 3.17
CA VAL H 48 2.89 -13.88 4.14
C VAL H 48 1.38 -14.03 4.16
N THR H 49 0.79 -14.35 3.01
CA THR H 49 -0.65 -14.61 2.99
C THR H 49 -0.99 -15.82 3.84
N ASN H 50 -0.17 -16.86 3.78
CA ASN H 50 -0.37 -18.03 4.64
C ASN H 50 -0.27 -17.66 6.12
N LYS H 51 0.72 -16.83 6.47
CA LYS H 51 0.91 -16.47 7.86
C LYS H 51 -0.29 -15.72 8.42
N VAL H 52 -0.84 -14.77 7.64
CA VAL H 52 -2.02 -14.05 8.08
C VAL H 52 -3.21 -14.99 8.21
N ASN H 53 -3.44 -15.81 7.18
CA ASN H 53 -4.60 -16.70 7.17
C ASN H 53 -4.51 -17.74 8.27
N SER H 54 -3.31 -18.27 8.52
CA SER H 54 -3.15 -19.26 9.58
C SER H 54 -3.47 -18.66 10.94
N ILE H 55 -2.99 -17.43 11.19
CA ILE H 55 -3.27 -16.76 12.46
C ILE H 55 -4.76 -16.50 12.61
N ILE H 56 -5.47 -16.31 11.50
CA ILE H 56 -6.91 -16.07 11.53
C ILE H 56 -7.70 -17.38 11.60
N ASP H 57 -7.38 -18.34 10.73
CA ASP H 57 -8.20 -19.54 10.59
C ASP H 57 -8.01 -20.52 11.74
N LYS H 58 -6.85 -20.51 12.39
CA LYS H 58 -6.59 -21.41 13.50
C LYS H 58 -7.26 -20.97 14.80
N MET H 59 -8.18 -20.01 14.75
CA MET H 59 -8.95 -19.59 15.90
C MET H 59 -10.30 -20.29 15.90
N ASN H 60 -10.61 -20.96 17.00
CA ASN H 60 -11.87 -21.68 17.15
C ASN H 60 -12.86 -20.80 17.90
N THR H 61 -14.00 -20.51 17.28
CA THR H 61 -15.05 -19.71 17.88
C THR H 61 -16.33 -20.53 17.97
N GLN H 62 -17.02 -20.41 19.11
CA GLN H 62 -18.22 -21.19 19.39
C GLN H 62 -19.31 -20.27 19.90
N PHE H 63 -20.55 -20.72 19.76
CA PHE H 63 -21.69 -19.96 20.24
C PHE H 63 -21.60 -19.77 21.75
N GLU H 64 -21.76 -18.53 22.19
CA GLU H 64 -21.87 -18.21 23.61
C GLU H 64 -22.87 -17.09 23.77
N ALA H 65 -23.46 -17.00 24.96
CA ALA H 65 -24.41 -15.94 25.30
C ALA H 65 -23.89 -15.26 26.57
N VAL H 66 -23.33 -14.06 26.41
CA VAL H 66 -22.75 -13.31 27.51
C VAL H 66 -23.74 -12.23 27.92
N GLY H 67 -24.20 -12.31 29.17
CA GLY H 67 -25.10 -11.31 29.72
C GLY H 67 -24.76 -10.99 31.16
N ARG H 68 -25.71 -10.43 31.91
CA ARG H 68 -25.55 -10.15 33.34
C ARG H 68 -26.85 -10.58 34.01
N GLU H 69 -26.88 -11.83 34.47
CA GLU H 69 -28.11 -12.46 34.92
C GLU H 69 -28.06 -12.87 36.39
N PHE H 70 -27.45 -12.03 37.23
CA PHE H 70 -27.41 -12.25 38.67
C PHE H 70 -27.90 -11.01 39.40
N ASN H 71 -28.78 -11.20 40.39
CA ASN H 71 -29.40 -10.09 41.09
C ASN H 71 -28.45 -9.52 42.14
N ASN H 72 -28.95 -8.57 42.94
CA ASN H 72 -28.12 -7.87 43.92
C ASN H 72 -27.68 -8.75 45.07
N LEU H 73 -28.35 -9.88 45.30
CA LEU H 73 -27.94 -10.82 46.33
C LEU H 73 -27.11 -11.97 45.78
N GLU H 74 -26.63 -11.86 44.54
CA GLU H 74 -25.73 -12.84 43.92
C GLU H 74 -24.44 -12.17 43.47
N ARG H 75 -23.96 -11.20 44.25
CA ARG H 75 -22.77 -10.45 43.86
C ARG H 75 -21.54 -11.36 43.84
N ARG H 76 -21.45 -12.29 44.79
CA ARG H 76 -20.29 -13.18 44.84
C ARG H 76 -20.18 -14.02 43.57
N ILE H 77 -21.30 -14.56 43.09
CA ILE H 77 -21.28 -15.32 41.85
C ILE H 77 -20.99 -14.40 40.67
N GLU H 78 -21.58 -13.20 40.66
CA GLU H 78 -21.30 -12.24 39.61
C GLU H 78 -19.82 -11.86 39.61
N ASN H 79 -19.22 -11.75 40.79
CA ASN H 79 -17.78 -11.50 40.87
C ASN H 79 -16.99 -12.65 40.26
N LEU H 80 -17.47 -13.89 40.41
CA LEU H 80 -16.81 -15.03 39.77
C LEU H 80 -16.78 -14.87 38.26
N ASN H 81 -17.91 -14.45 37.67
CA ASN H 81 -17.97 -14.27 36.23
C ASN H 81 -17.02 -13.17 35.76
N LYS H 82 -16.86 -12.11 36.56
CA LYS H 82 -15.95 -11.03 36.20
C LYS H 82 -14.51 -11.51 36.14
N LYS H 83 -14.09 -12.33 37.12
CA LYS H 83 -12.74 -12.85 37.12
C LYS H 83 -12.50 -13.75 35.91
N MET H 84 -13.50 -14.54 35.54
CA MET H 84 -13.36 -15.40 34.36
C MET H 84 -13.25 -14.55 33.09
N GLU H 85 -14.11 -13.55 32.93
CA GLU H 85 -14.06 -12.70 31.75
C GLU H 85 -12.78 -11.88 31.72
N ASP H 86 -12.37 -11.32 32.86
CA ASP H 86 -11.17 -10.50 32.89
C ASP H 86 -9.92 -11.35 32.70
N GLY H 87 -9.91 -12.56 33.25
CA GLY H 87 -8.78 -13.46 33.02
C GLY H 87 -8.63 -13.85 31.57
N PHE H 88 -9.74 -14.21 30.93
CA PHE H 88 -9.70 -14.51 29.49
C PHE H 88 -9.35 -13.28 28.68
N LEU H 89 -9.76 -12.09 29.15
CA LEU H 89 -9.36 -10.85 28.50
C LEU H 89 -7.85 -10.68 28.53
N ASP H 90 -7.24 -10.87 29.69
CA ASP H 90 -5.80 -10.69 29.81
C ASP H 90 -5.04 -11.75 29.01
N VAL H 91 -5.55 -12.98 28.99
CA VAL H 91 -4.87 -14.06 28.28
C VAL H 91 -4.86 -13.77 26.78
N TRP H 92 -6.02 -13.44 26.21
CA TRP H 92 -6.12 -13.21 24.78
C TRP H 92 -5.35 -11.95 24.36
N THR H 93 -5.44 -10.89 25.16
CA THR H 93 -4.74 -9.65 24.82
C THR H 93 -3.23 -9.87 24.78
N TYR H 94 -2.68 -10.45 25.86
CA TYR H 94 -1.23 -10.63 25.95
C TYR H 94 -0.72 -11.55 24.84
N ASN H 95 -1.46 -12.61 24.55
CA ASN H 95 -1.07 -13.52 23.47
C ASN H 95 -1.13 -12.81 22.11
N ALA H 96 -2.21 -12.06 21.87
CA ALA H 96 -2.37 -11.37 20.58
C ALA H 96 -1.32 -10.29 20.38
N GLU H 97 -1.06 -9.49 21.41
CA GLU H 97 -0.08 -8.41 21.27
C GLU H 97 1.30 -8.97 20.96
N LEU H 98 1.72 -10.00 21.70
CA LEU H 98 3.05 -10.58 21.49
C LEU H 98 3.12 -11.44 20.25
N LEU H 99 2.01 -12.06 19.85
CA LEU H 99 1.98 -12.76 18.57
C LEU H 99 2.24 -11.81 17.41
N VAL H 100 1.60 -10.64 17.43
CA VAL H 100 1.86 -9.65 16.39
C VAL H 100 3.30 -9.17 16.47
N LEU H 101 3.77 -8.86 17.68
CA LEU H 101 5.12 -8.33 17.84
C LEU H 101 6.17 -9.31 17.37
N MET H 102 6.02 -10.60 17.75
CA MET H 102 7.00 -11.60 17.35
C MET H 102 6.95 -11.84 15.84
N GLU H 103 5.75 -12.10 15.30
CA GLU H 103 5.65 -12.47 13.90
C GLU H 103 6.00 -11.31 12.97
N ASN H 104 5.82 -10.07 13.42
CA ASN H 104 6.26 -8.93 12.63
C ASN H 104 7.77 -8.92 12.48
N GLU H 105 8.49 -9.25 13.56
CA GLU H 105 9.94 -9.45 13.46
C GLU H 105 10.27 -10.60 12.50
N ARG H 106 9.46 -11.67 12.54
CA ARG H 106 9.69 -12.79 11.64
C ARG H 106 9.53 -12.37 10.18
N THR H 107 8.48 -11.61 9.87
CA THR H 107 8.21 -11.24 8.48
C THR H 107 9.32 -10.38 7.91
N LEU H 108 9.82 -9.41 8.70
CA LEU H 108 10.86 -8.53 8.20
C LEU H 108 12.16 -9.30 7.93
N ASP H 109 12.49 -10.26 8.80
CA ASP H 109 13.68 -11.08 8.55
C ASP H 109 13.46 -12.02 7.36
N PHE H 110 12.22 -12.44 7.12
CA PHE H 110 11.92 -13.21 5.92
C PHE H 110 12.23 -12.42 4.66
N HIS H 111 11.85 -11.14 4.63
CA HIS H 111 12.23 -10.26 3.53
C HIS H 111 13.73 -10.05 3.49
N ASP H 112 14.35 -9.83 4.65
CA ASP H 112 15.79 -9.58 4.71
C ASP H 112 16.59 -10.77 4.21
N SER H 113 16.11 -11.99 4.42
CA SER H 113 16.82 -13.17 3.96
C SER H 113 16.58 -13.44 2.48
N ASN H 114 15.37 -13.15 1.99
CA ASN H 114 15.05 -13.41 0.59
C ASN H 114 15.82 -12.49 -0.34
N VAL H 115 15.98 -11.21 0.04
CA VAL H 115 16.69 -10.28 -0.82
C VAL H 115 18.19 -10.61 -0.87
N LYS H 116 18.76 -11.08 0.25
CA LYS H 116 20.15 -11.56 0.22
C LYS H 116 20.27 -12.80 -0.66
N ASN H 117 19.30 -13.70 -0.58
CA ASN H 117 19.29 -14.86 -1.47
C ASN H 117 19.43 -14.42 -2.92
N LEU H 118 18.74 -13.34 -3.31
CA LEU H 118 18.89 -12.80 -4.66
C LEU H 118 20.30 -12.29 -4.90
N TYR H 119 20.88 -11.59 -3.92
CA TYR H 119 22.22 -11.05 -4.08
C TYR H 119 23.25 -12.17 -4.24
N ASP H 120 23.10 -13.25 -3.48
CA ASP H 120 24.09 -14.32 -3.52
C ASP H 120 24.05 -15.09 -4.84
N LYS H 121 22.87 -15.26 -5.42
CA LYS H 121 22.78 -15.93 -6.73
C LYS H 121 23.59 -15.17 -7.77
N VAL H 122 23.47 -13.84 -7.77
CA VAL H 122 24.23 -13.02 -8.71
C VAL H 122 25.72 -13.12 -8.43
N ARG H 123 26.12 -13.10 -7.15
CA ARG H 123 27.54 -13.14 -6.81
C ARG H 123 28.19 -14.44 -7.29
N LEU H 124 27.51 -15.58 -7.11
CA LEU H 124 28.05 -16.84 -7.61
C LEU H 124 28.04 -16.88 -9.13
N GLN H 125 27.08 -16.21 -9.77
CA GLN H 125 27.04 -16.18 -11.22
C GLN H 125 28.17 -15.32 -11.79
N LEU H 126 28.38 -14.13 -11.24
CA LEU H 126 29.34 -13.19 -11.80
C LEU H 126 30.77 -13.58 -11.47
N ARG H 127 31.02 -14.06 -10.26
CA ARG H 127 32.37 -14.41 -9.77
C ARG H 127 33.24 -13.17 -9.91
N ASP H 128 34.39 -13.24 -10.58
CA ASP H 128 35.30 -12.10 -10.71
C ASP H 128 35.06 -11.27 -11.96
N ASN H 129 33.94 -11.49 -12.67
CA ASN H 129 33.56 -10.64 -13.78
C ASN H 129 32.94 -9.33 -13.34
N ALA H 130 32.73 -9.15 -12.03
CA ALA H 130 32.24 -7.90 -11.48
C ALA H 130 32.86 -7.71 -10.11
N LYS H 131 32.54 -6.60 -9.46
CA LYS H 131 33.09 -6.26 -8.16
C LYS H 131 31.98 -5.85 -7.21
N GLU H 132 32.10 -6.27 -5.95
CA GLU H 132 31.12 -5.95 -4.93
C GLU H 132 31.46 -4.59 -4.34
N LEU H 133 30.63 -3.58 -4.63
CA LEU H 133 30.88 -2.23 -4.13
C LEU H 133 30.45 -2.05 -2.67
N GLY H 134 29.70 -3.01 -2.11
CA GLY H 134 29.21 -2.90 -0.75
C GLY H 134 27.83 -2.31 -0.61
N ASN H 135 27.16 -1.97 -1.71
CA ASN H 135 25.82 -1.41 -1.68
C ASN H 135 24.77 -2.37 -2.20
N GLY H 136 25.12 -3.65 -2.33
CA GLY H 136 24.27 -4.56 -3.05
C GLY H 136 24.37 -4.42 -4.56
N CYS H 137 25.37 -3.71 -5.05
CA CYS H 137 25.55 -3.46 -6.46
C CYS H 137 26.83 -4.14 -6.97
N PHE H 138 26.78 -4.59 -8.21
CA PHE H 138 27.90 -5.26 -8.86
C PHE H 138 28.34 -4.42 -10.05
N GLU H 139 29.56 -3.90 -10.00
CA GLU H 139 30.13 -3.13 -11.12
C GLU H 139 30.83 -4.10 -12.06
N PHE H 140 30.22 -4.35 -13.23
CA PHE H 140 30.81 -5.27 -14.19
C PHE H 140 32.15 -4.73 -14.68
N TYR H 141 33.15 -5.60 -14.71
CA TYR H 141 34.41 -5.23 -15.34
C TYR H 141 34.26 -5.16 -16.86
N HIS H 142 33.43 -6.04 -17.43
CA HIS H 142 33.14 -6.05 -18.85
C HIS H 142 31.90 -5.21 -19.15
N LYS H 143 31.81 -4.75 -20.40
CA LYS H 143 30.65 -3.99 -20.83
C LYS H 143 29.45 -4.91 -21.03
N CYS H 144 28.27 -4.45 -20.60
CA CYS H 144 27.07 -5.27 -20.61
C CYS H 144 25.91 -4.50 -21.23
N ASP H 145 25.23 -5.13 -22.19
CA ASP H 145 24.03 -4.57 -22.80
C ASP H 145 22.81 -5.03 -22.01
N ASN H 146 21.61 -4.84 -22.58
CA ASN H 146 20.39 -5.27 -21.89
C ASN H 146 20.27 -6.79 -21.87
N GLU H 147 20.66 -7.45 -22.97
CA GLU H 147 20.47 -8.90 -23.06
C GLU H 147 21.36 -9.64 -22.06
N CYS H 148 22.60 -9.19 -21.86
CA CYS H 148 23.45 -9.83 -20.86
C CYS H 148 22.95 -9.53 -19.45
N MET H 149 22.36 -8.36 -19.22
CA MET H 149 21.77 -8.08 -17.92
C MET H 149 20.57 -8.98 -17.66
N GLU H 150 19.86 -9.37 -18.73
CA GLU H 150 18.76 -10.33 -18.57
C GLU H 150 19.29 -11.69 -18.14
N SER H 151 20.45 -12.11 -18.66
CA SER H 151 21.01 -13.39 -18.27
C SER H 151 21.40 -13.41 -16.80
N VAL H 152 21.86 -12.28 -16.25
CA VAL H 152 22.17 -12.22 -14.83
C VAL H 152 20.90 -12.36 -14.00
N ARG H 153 19.83 -11.64 -14.39
CA ARG H 153 18.55 -11.79 -13.73
C ARG H 153 17.89 -13.12 -14.08
N ASN H 154 18.36 -13.79 -15.12
CA ASN H 154 18.04 -15.18 -15.42
C ASN H 154 19.09 -16.08 -14.77
N GLY H 155 19.12 -17.35 -15.15
CA GLY H 155 20.22 -18.22 -14.81
C GLY H 155 21.19 -18.47 -15.94
N THR H 156 21.09 -17.73 -17.04
CA THR H 156 21.82 -18.02 -18.26
C THR H 156 23.04 -17.10 -18.46
N TYR H 157 23.70 -16.70 -17.38
CA TYR H 157 24.88 -15.86 -17.50
C TYR H 157 26.06 -16.72 -17.93
N ASP H 158 26.58 -16.45 -19.12
CA ASP H 158 27.75 -17.19 -19.63
C ASP H 158 28.99 -16.42 -19.23
N TYR H 159 29.57 -16.83 -18.10
CA TYR H 159 30.83 -16.24 -17.63
C TYR H 159 31.96 -16.31 -18.66
N PRO H 160 32.17 -17.42 -19.39
CA PRO H 160 33.33 -17.48 -20.30
C PRO H 160 33.35 -16.39 -21.36
N GLN H 161 32.19 -15.92 -21.82
CA GLN H 161 32.17 -14.94 -22.90
C GLN H 161 32.86 -13.64 -22.51
N TYR H 162 32.83 -13.27 -21.23
CA TYR H 162 33.34 -11.98 -20.78
C TYR H 162 34.58 -12.11 -19.89
N SER H 163 35.14 -13.31 -19.75
CA SER H 163 36.28 -13.49 -18.87
C SER H 163 37.47 -12.65 -19.34
N GLU H 164 37.82 -12.78 -20.62
CA GLU H 164 39.02 -12.11 -21.12
C GLU H 164 38.90 -10.60 -21.00
N GLU H 165 37.75 -10.03 -21.36
CA GLU H 165 37.54 -8.61 -21.17
C GLU H 165 37.76 -8.21 -19.72
N ALA H 166 37.10 -8.91 -18.80
CA ALA H 166 37.27 -8.62 -17.38
C ALA H 166 38.70 -8.84 -16.93
N ARG H 167 39.34 -9.92 -17.41
CA ARG H 167 40.73 -10.16 -17.05
C ARG H 167 41.62 -9.01 -17.48
N LEU H 168 41.42 -8.49 -18.70
CA LEU H 168 42.18 -7.33 -19.13
C LEU H 168 41.81 -6.09 -18.33
N LYS H 169 40.53 -5.88 -18.05
CA LYS H 169 40.12 -4.68 -17.33
C LYS H 169 40.74 -4.62 -15.94
N ARG H 170 40.74 -5.75 -15.22
CA ARG H 170 41.39 -5.78 -13.91
C ARG H 170 42.90 -5.60 -14.04
N GLU H 171 43.50 -6.18 -15.07
CA GLU H 171 44.95 -6.09 -15.23
C GLU H 171 45.41 -4.67 -15.53
N GLU H 172 44.54 -3.84 -16.12
CA GLU H 172 44.90 -2.45 -16.36
C GLU H 172 45.13 -1.71 -15.05
N ILE H 173 44.25 -1.91 -14.07
CA ILE H 173 44.37 -1.24 -12.78
C ILE H 173 45.05 -2.17 -11.78
N GLY I 4 52.64 -10.84 8.80
CA GLY I 4 51.74 -9.79 8.36
C GLY I 4 50.82 -9.30 9.46
N ASP I 5 50.15 -8.18 9.20
CA ASP I 5 49.23 -7.62 10.18
C ASP I 5 47.96 -8.48 10.26
N GLN I 6 47.24 -8.31 11.37
CA GLN I 6 46.08 -9.15 11.66
C GLN I 6 44.96 -8.31 12.27
N ILE I 7 43.74 -8.51 11.75
CA ILE I 7 42.53 -7.92 12.32
C ILE I 7 41.59 -9.05 12.68
N CYS I 8 40.87 -8.88 13.80
CA CYS I 8 40.02 -9.93 14.34
C CYS I 8 38.63 -9.36 14.59
N ILE I 9 37.63 -10.24 14.58
CA ILE I 9 36.26 -9.92 14.96
C ILE I 9 35.86 -10.86 16.07
N GLY I 10 35.38 -10.31 17.19
CA GLY I 10 35.02 -11.11 18.34
C GLY I 10 33.94 -10.43 19.16
N TYR I 11 33.58 -11.09 20.27
CA TYR I 11 32.51 -10.60 21.13
C TYR I 11 32.99 -10.58 22.58
N HIS I 12 32.10 -10.14 23.46
CA HIS I 12 32.44 -9.86 24.86
C HIS I 12 32.25 -11.10 25.73
N ALA I 13 33.03 -11.15 26.81
CA ALA I 13 32.88 -12.15 27.85
C ALA I 13 33.26 -11.51 29.19
N ASN I 14 32.71 -12.06 30.28
CA ASN I 14 33.01 -11.53 31.60
C ASN I 14 32.89 -12.66 32.63
N ASN I 15 33.02 -12.29 33.90
CA ASN I 15 32.86 -13.24 35.02
C ASN I 15 31.38 -13.24 35.40
N SER I 16 30.62 -14.15 34.79
CA SER I 16 29.20 -14.29 35.08
C SER I 16 28.87 -15.78 35.19
N THR I 17 28.32 -16.19 36.32
CA THR I 17 27.88 -17.56 36.53
C THR I 17 26.40 -17.77 36.23
N GLU I 18 25.70 -16.72 35.82
CA GLU I 18 24.28 -16.83 35.52
C GLU I 18 24.04 -17.74 34.32
N GLN I 19 23.02 -18.59 34.43
CA GLN I 19 22.70 -19.56 33.40
C GLN I 19 21.24 -19.40 32.99
N VAL I 20 20.96 -19.75 31.73
CA VAL I 20 19.66 -19.49 31.12
C VAL I 20 19.24 -20.72 30.32
N ASP I 21 17.97 -21.10 30.44
CA ASP I 21 17.42 -22.21 29.70
C ASP I 21 16.80 -21.72 28.40
N THR I 22 16.98 -22.49 27.33
CA THR I 22 16.46 -22.16 26.01
C THR I 22 15.77 -23.39 25.43
N ILE I 23 15.08 -23.19 24.30
CA ILE I 23 14.20 -24.24 23.80
C ILE I 23 14.99 -25.45 23.32
N MET I 24 16.24 -25.27 22.88
CA MET I 24 17.04 -26.38 22.36
C MET I 24 18.27 -26.73 23.19
N GLU I 25 18.62 -25.94 24.21
CA GLU I 25 19.77 -26.23 25.04
C GLU I 25 19.39 -26.02 26.50
N LYS I 26 20.23 -26.53 27.40
CA LYS I 26 20.00 -26.43 28.82
C LYS I 26 21.23 -25.89 29.52
N ASN I 27 21.00 -25.13 30.59
CA ASN I 27 22.06 -24.64 31.48
C ASN I 27 23.14 -23.88 30.69
N VAL I 28 22.69 -22.95 29.85
CA VAL I 28 23.58 -22.15 29.02
C VAL I 28 23.99 -20.90 29.80
N THR I 29 25.29 -20.70 29.95
CA THR I 29 25.81 -19.53 30.66
C THR I 29 25.79 -18.30 29.76
N VAL I 30 25.39 -17.17 30.33
CA VAL I 30 25.31 -15.91 29.61
C VAL I 30 26.00 -14.83 30.43
N THR I 31 26.47 -13.79 29.74
CA THR I 31 27.11 -12.67 30.42
C THR I 31 26.11 -11.89 31.26
N HIS I 32 24.97 -11.50 30.68
CA HIS I 32 23.94 -10.73 31.36
C HIS I 32 22.62 -11.47 31.27
N ALA I 33 21.79 -11.32 32.30
CA ALA I 33 20.45 -11.89 32.29
C ALA I 33 19.57 -11.13 33.25
N GLN I 34 18.26 -11.20 33.02
CA GLN I 34 17.27 -10.54 33.87
C GLN I 34 16.14 -11.51 34.19
N ASP I 35 15.67 -11.45 35.44
CA ASP I 35 14.58 -12.30 35.91
C ASP I 35 13.29 -11.52 35.90
N ILE I 36 12.30 -12.00 35.15
CA ILE I 36 11.00 -11.33 35.06
C ILE I 36 9.97 -11.93 35.99
N LEU I 37 10.41 -12.74 36.96
CA LEU I 37 9.52 -13.33 37.96
C LEU I 37 9.79 -12.61 39.27
N GLU I 38 8.72 -12.23 39.97
CA GLU I 38 8.83 -11.59 41.27
C GLU I 38 8.62 -12.62 42.37
N LYS I 39 9.63 -12.76 43.25
CA LYS I 39 9.56 -13.63 44.41
C LYS I 39 9.58 -12.89 45.73
N THR I 40 9.59 -11.57 45.71
CA THR I 40 9.85 -10.76 46.89
C THR I 40 8.57 -10.08 47.35
N HIS I 41 8.26 -10.20 48.63
CA HIS I 41 7.16 -9.48 49.25
C HIS I 41 7.69 -8.78 50.50
N ASN I 42 7.13 -7.61 50.79
CA ASN I 42 7.59 -6.82 51.94
C ASN I 42 7.22 -7.45 53.26
N GLY I 43 6.37 -8.48 53.27
CA GLY I 43 6.07 -9.21 54.48
C GLY I 43 5.09 -8.54 55.42
N LYS I 44 4.52 -7.40 55.04
CA LYS I 44 3.58 -6.67 55.87
C LYS I 44 2.32 -6.37 55.09
N LEU I 45 1.23 -6.14 55.81
CA LEU I 45 -0.02 -5.70 55.22
C LEU I 45 0.00 -4.18 55.10
N CYS I 46 -0.26 -3.68 53.91
CA CYS I 46 -0.14 -2.25 53.62
C CYS I 46 -1.48 -1.69 53.19
N ASP I 47 -1.51 -0.36 53.05
CA ASP I 47 -2.66 0.29 52.44
C ASP I 47 -2.77 -0.11 50.99
N LEU I 48 -4.00 -0.11 50.47
CA LEU I 48 -4.25 -0.39 49.07
C LEU I 48 -4.59 0.92 48.37
N ASN I 49 -3.62 1.43 47.60
CA ASN I 49 -3.76 2.69 46.88
C ASN I 49 -4.15 3.83 47.84
N GLY I 50 -3.43 3.90 48.96
CA GLY I 50 -3.57 4.98 49.91
C GLY I 50 -4.68 4.82 50.92
N VAL I 51 -5.42 3.72 50.89
CA VAL I 51 -6.55 3.51 51.78
C VAL I 51 -6.19 2.42 52.79
N LYS I 52 -6.33 2.74 54.07
CA LYS I 52 -6.04 1.78 55.12
C LYS I 52 -7.06 0.65 55.09
N PRO I 53 -6.62 -0.60 55.25
CA PRO I 53 -7.58 -1.71 55.37
C PRO I 53 -8.27 -1.69 56.72
N LEU I 54 -9.37 -2.44 56.79
CA LEU I 54 -10.10 -2.66 58.02
C LEU I 54 -9.65 -3.98 58.63
N ILE I 55 -9.13 -3.93 59.85
CA ILE I 55 -8.56 -5.10 60.51
C ILE I 55 -9.37 -5.39 61.76
N LEU I 56 -10.08 -6.52 61.75
CA LEU I 56 -10.79 -7.02 62.92
C LEU I 56 -9.87 -8.01 63.59
N LYS I 57 -9.20 -7.58 64.66
CA LYS I 57 -8.09 -8.33 65.23
C LYS I 57 -8.51 -9.74 65.62
N ASP I 58 -9.38 -9.86 66.60
CA ASP I 58 -9.91 -11.15 67.05
C ASP I 58 -11.40 -11.28 66.77
N CYS I 59 -11.92 -10.45 65.88
CA CYS I 59 -13.35 -10.29 65.67
C CYS I 59 -13.73 -10.71 64.26
N SER I 60 -14.96 -11.16 64.11
CA SER I 60 -15.54 -11.43 62.81
C SER I 60 -16.38 -10.23 62.37
N VAL I 61 -16.76 -10.23 61.08
CA VAL I 61 -17.58 -9.14 60.56
C VAL I 61 -18.92 -9.08 61.28
N ALA I 62 -19.55 -10.23 61.52
CA ALA I 62 -20.83 -10.27 62.22
C ALA I 62 -20.68 -9.75 63.65
N GLY I 63 -19.66 -10.22 64.37
CA GLY I 63 -19.46 -9.76 65.73
C GLY I 63 -19.12 -8.29 65.81
N TRP I 64 -18.26 -7.81 64.89
CA TRP I 64 -17.94 -6.39 64.83
C TRP I 64 -19.14 -5.55 64.43
N LEU I 65 -19.96 -6.06 63.49
CA LEU I 65 -21.14 -5.31 63.07
C LEU I 65 -22.16 -5.19 64.18
N LEU I 66 -22.51 -6.31 64.81
CA LEU I 66 -23.57 -6.33 65.82
C LEU I 66 -23.14 -5.71 67.13
N GLY I 67 -21.84 -5.47 67.33
CA GLY I 67 -21.37 -4.92 68.57
C GLY I 67 -21.20 -5.98 69.65
N ASN I 68 -20.39 -7.00 69.34
CA ASN I 68 -20.08 -8.01 70.34
C ASN I 68 -19.39 -7.34 71.53
N PRO I 69 -19.75 -7.71 72.76
CA PRO I 69 -19.13 -7.06 73.93
C PRO I 69 -17.61 -7.22 74.00
N MET I 70 -17.06 -8.35 73.54
CA MET I 70 -15.62 -8.54 73.59
C MET I 70 -14.91 -7.67 72.55
N CYS I 71 -15.44 -7.61 71.33
CA CYS I 71 -14.82 -6.80 70.28
C CYS I 71 -14.83 -5.33 70.68
N ASP I 72 -13.82 -4.61 70.23
CA ASP I 72 -13.56 -3.27 70.75
C ASP I 72 -14.71 -2.32 70.39
N GLU I 73 -14.79 -1.22 71.14
CA GLU I 73 -15.79 -0.20 70.85
C GLU I 73 -15.51 0.42 69.49
N PHE I 74 -16.57 0.93 68.87
CA PHE I 74 -16.51 1.30 67.46
C PHE I 74 -15.61 2.52 67.27
N ILE I 75 -14.54 2.33 66.49
CA ILE I 75 -13.52 3.36 66.32
C ILE I 75 -13.79 4.26 65.12
N ARG I 76 -14.91 4.07 64.42
CA ARG I 76 -15.33 4.95 63.33
C ARG I 76 -14.25 5.03 62.25
N VAL I 77 -14.01 3.89 61.61
CA VAL I 77 -13.14 3.87 60.44
C VAL I 77 -13.91 4.54 59.32
N PRO I 78 -13.44 5.67 58.79
CA PRO I 78 -14.23 6.38 57.77
C PRO I 78 -14.42 5.57 56.51
N GLU I 79 -13.43 4.79 56.11
CA GLU I 79 -13.48 3.99 54.89
C GLU I 79 -12.35 2.98 54.95
N TRP I 80 -12.47 1.94 54.12
CA TRP I 80 -11.44 0.91 54.03
C TRP I 80 -11.45 0.31 52.63
N SER I 81 -10.32 -0.27 52.25
CA SER I 81 -10.17 -0.90 50.94
C SER I 81 -10.45 -2.39 50.98
N TYR I 82 -10.09 -3.04 52.07
CA TYR I 82 -10.37 -4.46 52.23
C TYR I 82 -10.41 -4.77 53.72
N ILE I 83 -11.03 -5.90 54.05
CA ILE I 83 -11.19 -6.34 55.43
C ILE I 83 -10.21 -7.49 55.67
N VAL I 84 -9.54 -7.44 56.82
CA VAL I 84 -8.64 -8.52 57.24
C VAL I 84 -9.29 -9.25 58.40
N GLU I 85 -9.54 -10.54 58.20
CA GLU I 85 -10.08 -11.43 59.23
C GLU I 85 -9.02 -12.44 59.63
N ARG I 86 -8.96 -12.74 60.92
CA ARG I 86 -8.07 -13.81 61.36
C ARG I 86 -8.57 -15.14 60.81
N ALA I 87 -7.66 -16.12 60.75
CA ALA I 87 -7.99 -17.43 60.19
C ALA I 87 -9.26 -18.00 60.82
N ASN I 88 -9.33 -17.99 62.16
CA ASN I 88 -10.52 -18.42 62.88
C ASN I 88 -10.88 -17.37 63.92
N PRO I 89 -11.80 -16.46 63.60
CA PRO I 89 -12.13 -15.38 64.55
C PRO I 89 -12.71 -15.95 65.84
N ALA I 90 -12.23 -15.43 66.97
CA ALA I 90 -12.64 -15.96 68.26
C ALA I 90 -14.06 -15.52 68.62
N ASN I 91 -14.39 -14.25 68.39
CA ASN I 91 -15.65 -13.67 68.84
C ASN I 91 -16.51 -13.33 67.62
N ASP I 92 -17.27 -14.31 67.14
CA ASP I 92 -18.20 -14.11 66.04
C ASP I 92 -19.62 -13.84 66.54
N LEU I 93 -20.22 -14.80 67.25
CA LEU I 93 -21.58 -14.68 67.75
C LEU I 93 -21.58 -15.21 69.17
N CYS I 94 -21.46 -14.30 70.15
CA CYS I 94 -21.43 -14.71 71.54
C CYS I 94 -22.70 -15.47 71.91
N TYR I 95 -23.86 -14.92 71.59
CA TYR I 95 -25.08 -15.71 71.65
C TYR I 95 -25.20 -16.53 70.37
N PRO I 96 -25.36 -17.86 70.48
CA PRO I 96 -25.38 -18.69 69.26
C PRO I 96 -26.56 -18.33 68.37
N GLY I 97 -26.34 -18.47 67.07
CA GLY I 97 -27.36 -18.12 66.09
C GLY I 97 -26.81 -18.02 64.69
N SER I 98 -27.31 -17.07 63.90
CA SER I 98 -26.85 -16.93 62.53
C SER I 98 -27.13 -15.52 62.05
N LEU I 99 -26.45 -15.15 60.96
CA LEU I 99 -26.69 -13.90 60.24
C LEU I 99 -27.08 -14.25 58.80
N ASN I 100 -28.27 -13.85 58.40
CA ASN I 100 -28.75 -14.18 57.06
C ASN I 100 -27.94 -13.45 55.99
N ASP I 101 -27.67 -14.13 54.88
CA ASP I 101 -26.88 -13.58 53.78
C ASP I 101 -25.53 -13.08 54.28
N TYR I 102 -24.94 -13.81 55.22
CA TYR I 102 -23.70 -13.35 55.86
C TYR I 102 -22.59 -13.21 54.84
N GLU I 103 -22.45 -14.18 53.94
CA GLU I 103 -21.40 -14.13 52.93
C GLU I 103 -21.64 -12.98 51.96
N GLU I 104 -22.89 -12.75 51.55
CA GLU I 104 -23.21 -11.62 50.68
C GLU I 104 -22.97 -10.30 51.40
N LEU I 105 -23.31 -10.23 52.70
CA LEU I 105 -23.06 -9.02 53.46
C LEU I 105 -21.57 -8.74 53.62
N LYS I 106 -20.78 -9.79 53.87
CA LYS I 106 -19.33 -9.63 53.96
C LYS I 106 -18.76 -9.12 52.64
N HIS I 107 -19.28 -9.63 51.52
CA HIS I 107 -18.78 -9.20 50.22
C HIS I 107 -19.05 -7.71 50.00
N MET I 108 -20.25 -7.25 50.34
CA MET I 108 -20.59 -5.85 50.12
C MET I 108 -19.73 -4.93 50.98
N LEU I 109 -19.48 -5.31 52.23
CA LEU I 109 -18.71 -4.48 53.15
C LEU I 109 -17.20 -4.57 52.94
N SER I 110 -16.75 -5.35 51.95
CA SER I 110 -15.31 -5.51 51.72
C SER I 110 -14.65 -4.17 51.41
N ARG I 111 -15.27 -3.35 50.58
CA ARG I 111 -14.80 -2.00 50.30
C ARG I 111 -15.93 -1.02 50.51
N ILE I 112 -15.70 -0.02 51.36
CA ILE I 112 -16.72 0.97 51.72
C ILE I 112 -16.10 2.36 51.61
N ASN I 113 -16.81 3.28 50.96
CA ASN I 113 -16.32 4.64 50.81
C ASN I 113 -16.63 5.50 52.04
N HIS I 114 -17.74 5.22 52.72
CA HIS I 114 -18.13 6.02 53.88
C HIS I 114 -18.97 5.14 54.80
N PHE I 115 -18.52 5.00 56.05
CA PHE I 115 -19.18 4.13 57.03
C PHE I 115 -19.29 4.89 58.35
N GLU I 116 -20.52 5.31 58.69
CA GLU I 116 -20.78 6.00 59.94
C GLU I 116 -21.92 5.31 60.69
N LYS I 117 -21.75 5.14 61.99
CA LYS I 117 -22.77 4.53 62.83
C LYS I 117 -23.58 5.62 63.51
N ILE I 118 -24.91 5.51 63.42
CA ILE I 118 -25.82 6.49 64.00
C ILE I 118 -26.89 5.75 64.80
N GLN I 119 -27.61 6.50 65.62
CA GLN I 119 -28.73 5.95 66.40
C GLN I 119 -30.03 6.19 65.66
N ILE I 120 -30.84 5.13 65.55
CA ILE I 120 -32.14 5.21 64.89
C ILE I 120 -33.27 5.08 65.90
N ILE I 121 -33.18 4.13 66.81
CA ILE I 121 -34.21 3.88 67.81
C ILE I 121 -33.57 3.98 69.19
N PRO I 122 -33.74 5.12 69.88
CA PRO I 122 -33.23 5.23 71.25
C PRO I 122 -34.04 4.34 72.18
N LYS I 123 -33.40 3.98 73.30
CA LYS I 123 -34.03 3.06 74.25
C LYS I 123 -35.29 3.67 74.88
N SER I 124 -35.49 4.98 74.77
CA SER I 124 -36.72 5.62 75.23
C SER I 124 -37.92 5.29 74.36
N SER I 125 -37.72 4.64 73.22
CA SER I 125 -38.80 4.26 72.31
C SER I 125 -39.54 3.00 72.74
N TRP I 126 -39.24 2.46 73.92
CA TRP I 126 -39.89 1.24 74.41
C TRP I 126 -40.44 1.49 75.80
N PRO I 127 -41.45 2.36 75.92
CA PRO I 127 -41.97 2.70 77.25
C PRO I 127 -42.74 1.57 77.91
N ASN I 128 -43.26 0.63 77.14
CA ASN I 128 -44.05 -0.47 77.69
C ASN I 128 -43.29 -1.78 77.71
N HIS I 129 -41.97 -1.75 77.49
CA HIS I 129 -41.18 -2.96 77.45
C HIS I 129 -39.90 -2.76 78.26
N GLU I 130 -39.30 -3.86 78.66
CA GLU I 130 -38.08 -3.84 79.45
C GLU I 130 -36.88 -3.84 78.52
N THR I 131 -36.11 -2.75 78.55
CA THR I 131 -35.03 -2.52 77.61
C THR I 131 -33.66 -2.87 78.16
N SER I 132 -33.59 -3.41 79.39
CA SER I 132 -32.29 -3.68 79.99
C SER I 132 -32.21 -5.04 80.66
N LEU I 133 -33.21 -5.91 80.49
CA LEU I 133 -33.12 -7.26 81.00
C LEU I 133 -32.72 -8.28 79.94
N GLY I 134 -32.54 -7.84 78.69
CA GLY I 134 -32.04 -8.72 77.65
C GLY I 134 -30.55 -8.95 77.80
N VAL I 135 -30.19 -9.65 78.88
CA VAL I 135 -28.80 -9.83 79.27
C VAL I 135 -28.53 -11.33 79.39
N SER I 136 -27.41 -11.78 78.84
CA SER I 136 -27.07 -13.20 78.83
C SER I 136 -25.63 -13.42 79.24
N ALA I 137 -25.39 -14.55 79.91
CA ALA I 137 -24.03 -14.95 80.25
C ALA I 137 -23.24 -15.39 79.03
N ALA I 138 -23.91 -15.69 77.92
CA ALA I 138 -23.21 -16.05 76.69
C ALA I 138 -22.45 -14.87 76.10
N CYS I 139 -22.79 -13.65 76.50
CA CYS I 139 -22.12 -12.44 76.02
C CYS I 139 -21.63 -11.63 77.22
N PRO I 140 -20.57 -12.08 77.87
CA PRO I 140 -20.10 -11.37 79.06
C PRO I 140 -19.20 -10.20 78.73
N TYR I 141 -19.28 -9.17 79.57
CA TYR I 141 -18.41 -8.00 79.46
C TYR I 141 -17.93 -7.64 80.85
N GLN I 142 -16.61 -7.71 81.06
CA GLN I 142 -15.96 -7.34 82.32
C GLN I 142 -16.57 -8.09 83.50
N GLY I 143 -16.72 -9.41 83.32
CA GLY I 143 -17.16 -10.27 84.41
C GLY I 143 -18.63 -10.19 84.75
N ALA I 144 -19.44 -9.54 83.92
CA ALA I 144 -20.87 -9.43 84.13
C ALA I 144 -21.61 -9.85 82.87
N PRO I 145 -22.84 -10.37 83.01
CA PRO I 145 -23.63 -10.67 81.81
C PRO I 145 -23.90 -9.42 81.01
N SER I 146 -23.91 -9.56 79.69
CA SER I 146 -24.13 -8.45 78.78
C SER I 146 -24.82 -8.99 77.53
N PHE I 147 -24.79 -8.22 76.45
CA PHE I 147 -25.46 -8.58 75.21
C PHE I 147 -24.85 -7.75 74.09
N PHE I 148 -25.21 -8.09 72.85
CA PHE I 148 -24.81 -7.29 71.70
C PHE I 148 -25.18 -5.84 71.95
N ARG I 149 -24.26 -4.93 71.61
CA ARG I 149 -24.43 -3.54 72.01
C ARG I 149 -25.24 -2.72 71.02
N ASN I 150 -25.29 -3.11 69.75
CA ASN I 150 -26.01 -2.34 68.73
C ASN I 150 -27.46 -2.76 68.56
N VAL I 151 -27.93 -3.77 69.31
CA VAL I 151 -29.31 -4.18 69.27
C VAL I 151 -29.80 -4.34 70.70
N VAL I 152 -31.11 -4.29 70.88
CA VAL I 152 -31.73 -4.34 72.20
C VAL I 152 -32.66 -5.56 72.26
N TRP I 153 -32.55 -6.32 73.34
CA TRP I 153 -33.31 -7.56 73.53
C TRP I 153 -34.51 -7.24 74.42
N LEU I 154 -35.67 -7.07 73.82
CA LEU I 154 -36.86 -6.62 74.53
C LEU I 154 -37.49 -7.77 75.32
N ILE I 155 -37.78 -7.51 76.59
CA ILE I 155 -38.41 -8.48 77.47
C ILE I 155 -39.72 -7.88 77.97
N LYS I 156 -40.63 -8.75 78.42
CA LYS I 156 -41.93 -8.29 78.90
C LYS I 156 -41.76 -7.41 80.13
N LYS I 157 -42.78 -6.58 80.38
CA LYS I 157 -42.86 -5.73 81.55
C LYS I 157 -44.26 -5.83 82.14
N ASN I 158 -44.32 -5.95 83.48
CA ASN I 158 -45.58 -6.11 84.20
C ASN I 158 -46.40 -7.28 83.64
N ASP I 159 -45.71 -8.37 83.32
CA ASP I 159 -46.34 -9.59 82.81
C ASP I 159 -47.13 -9.32 81.53
N ALA I 160 -46.59 -8.46 80.67
CA ALA I 160 -47.26 -8.13 79.42
C ALA I 160 -46.23 -7.66 78.40
N TYR I 161 -46.47 -8.04 77.14
CA TYR I 161 -45.61 -7.67 76.01
C TYR I 161 -46.52 -7.07 74.94
N PRO I 162 -46.87 -5.79 75.07
CA PRO I 162 -47.81 -5.19 74.11
C PRO I 162 -47.25 -5.21 72.71
N THR I 163 -48.16 -5.29 71.73
CA THR I 163 -47.75 -5.36 70.34
C THR I 163 -46.96 -4.11 69.94
N ILE I 164 -45.81 -4.32 69.33
CA ILE I 164 -44.92 -3.25 68.93
C ILE I 164 -45.29 -2.78 67.53
N LYS I 165 -45.35 -1.46 67.34
CA LYS I 165 -45.56 -0.85 66.02
C LYS I 165 -44.66 0.39 65.96
N ILE I 166 -43.45 0.23 65.44
CA ILE I 166 -42.54 1.35 65.26
C ILE I 166 -42.11 1.43 63.80
N SER I 167 -42.01 2.65 63.28
CA SER I 167 -41.53 2.91 61.94
C SER I 167 -40.37 3.88 61.98
N TYR I 168 -39.43 3.71 61.05
CA TYR I 168 -38.30 4.63 60.91
C TYR I 168 -38.13 4.99 59.44
N ASN I 169 -37.95 6.28 59.18
CA ASN I 169 -37.76 6.82 57.83
C ASN I 169 -36.34 7.32 57.69
N ASN I 170 -35.64 6.86 56.65
CA ASN I 170 -34.27 7.27 56.42
C ASN I 170 -34.22 8.71 55.90
N THR I 171 -34.13 9.68 56.80
CA THR I 171 -34.05 11.09 56.42
C THR I 171 -32.66 11.51 55.96
N ASN I 172 -31.67 10.63 56.05
CA ASN I 172 -30.33 10.93 55.58
C ASN I 172 -30.25 10.76 54.07
N ARG I 173 -29.12 11.20 53.49
CA ARG I 173 -28.90 11.11 52.05
C ARG I 173 -28.22 9.81 51.63
N GLU I 174 -27.80 9.00 52.59
CA GLU I 174 -27.00 7.82 52.31
C GLU I 174 -27.78 6.55 52.62
N ASP I 175 -27.26 5.43 52.11
CA ASP I 175 -27.86 4.13 52.39
C ASP I 175 -27.71 3.79 53.87
N LEU I 176 -28.70 3.08 54.40
CA LEU I 176 -28.72 2.69 55.81
C LEU I 176 -28.72 1.18 55.93
N LEU I 177 -27.68 0.65 56.58
CA LEU I 177 -27.62 -0.78 56.90
C LEU I 177 -28.27 -0.99 58.26
N ILE I 178 -29.42 -1.67 58.26
CA ILE I 178 -30.20 -1.92 59.46
C ILE I 178 -30.17 -3.41 59.74
N LEU I 179 -29.91 -3.76 61.00
CA LEU I 179 -29.90 -5.15 61.44
C LEU I 179 -30.89 -5.34 62.57
N TRP I 180 -31.58 -6.48 62.55
CA TRP I 180 -32.51 -6.87 63.61
C TRP I 180 -32.41 -8.38 63.76
N GLY I 181 -33.13 -8.93 64.74
CA GLY I 181 -33.07 -10.36 64.95
C GLY I 181 -34.34 -10.92 65.58
N ILE I 182 -34.38 -12.25 65.64
CA ILE I 182 -35.42 -12.97 66.35
C ILE I 182 -34.76 -13.95 67.30
N HIS I 183 -35.35 -14.13 68.48
CA HIS I 183 -34.83 -15.03 69.49
C HIS I 183 -35.69 -16.29 69.54
N HIS I 184 -35.09 -17.45 69.31
CA HIS I 184 -35.79 -18.72 69.43
C HIS I 184 -35.69 -19.23 70.86
N SER I 185 -36.84 -19.43 71.49
CA SER I 185 -36.90 -19.96 72.85
C SER I 185 -36.67 -21.47 72.86
N ASN I 186 -36.38 -21.99 74.05
CA ASN I 186 -36.12 -23.42 74.21
C ASN I 186 -37.37 -24.22 74.51
N ASN I 187 -38.32 -23.67 75.27
CA ASN I 187 -39.55 -24.36 75.58
C ASN I 187 -40.65 -23.33 75.81
N ALA I 188 -41.86 -23.80 76.10
CA ALA I 188 -42.98 -22.89 76.30
C ALA I 188 -42.83 -22.08 77.58
N GLU I 189 -42.27 -22.69 78.63
CA GLU I 189 -42.14 -21.99 79.90
C GLU I 189 -41.18 -20.81 79.78
N GLU I 190 -40.05 -21.00 79.08
CA GLU I 190 -39.15 -19.87 78.85
C GLU I 190 -39.81 -18.81 77.99
N GLN I 191 -40.66 -19.21 77.04
CA GLN I 191 -41.34 -18.25 76.18
C GLN I 191 -42.24 -17.32 76.98
N THR I 192 -43.10 -17.89 77.83
CA THR I 192 -44.02 -17.05 78.59
C THR I 192 -43.29 -16.23 79.66
N ASN I 193 -42.17 -16.74 80.18
CA ASN I 193 -41.42 -16.01 81.20
C ASN I 193 -40.74 -14.77 80.61
N LEU I 194 -40.36 -14.82 79.34
CA LEU I 194 -39.71 -13.68 78.69
C LEU I 194 -40.67 -12.78 77.94
N TYR I 195 -41.76 -13.32 77.39
CA TYR I 195 -42.62 -12.57 76.49
C TYR I 195 -44.11 -12.71 76.76
N LYS I 196 -44.53 -13.68 77.58
CA LYS I 196 -45.90 -13.78 78.07
C LYS I 196 -46.88 -14.19 76.97
N ASN I 197 -46.43 -14.18 75.72
CA ASN I 197 -47.30 -14.48 74.59
C ASN I 197 -46.97 -15.86 74.04
N PRO I 198 -47.87 -16.83 74.15
CA PRO I 198 -47.53 -18.20 73.70
C PRO I 198 -47.14 -18.30 72.24
N ILE I 199 -47.78 -17.53 71.35
CA ILE I 199 -47.49 -17.56 69.93
C ILE I 199 -47.18 -16.13 69.47
N THR I 200 -46.04 -15.95 68.82
CA THR I 200 -45.53 -14.62 68.49
C THR I 200 -45.09 -14.57 67.04
N TYR I 201 -44.91 -13.34 66.55
CA TYR I 201 -44.53 -13.09 65.18
C TYR I 201 -43.67 -11.84 65.12
N ILE I 202 -42.95 -11.70 64.01
CA ILE I 202 -42.22 -10.48 63.69
C ILE I 202 -42.52 -10.13 62.24
N SER I 203 -43.03 -8.93 61.99
CA SER I 203 -43.27 -8.43 60.65
C SER I 203 -42.37 -7.23 60.39
N VAL I 204 -41.62 -7.27 59.29
CA VAL I 204 -40.79 -6.15 58.87
C VAL I 204 -41.11 -5.81 57.43
N GLY I 205 -41.37 -4.53 57.17
CA GLY I 205 -41.72 -4.12 55.82
C GLY I 205 -41.05 -2.83 55.37
N THR I 206 -40.38 -2.89 54.22
CA THR I 206 -39.88 -1.71 53.52
C THR I 206 -40.54 -1.65 52.14
N SER I 207 -40.03 -0.78 51.27
CA SER I 207 -40.56 -0.72 49.92
C SER I 207 -40.33 -2.02 49.16
N THR I 208 -39.34 -2.82 49.55
CA THR I 208 -39.03 -4.09 48.91
C THR I 208 -39.12 -5.27 49.87
N LEU I 209 -38.66 -5.12 51.10
CA LEU I 209 -38.64 -6.21 52.07
C LEU I 209 -40.04 -6.46 52.64
N ASN I 210 -40.45 -7.73 52.66
CA ASN I 210 -41.77 -8.15 53.10
C ASN I 210 -41.68 -9.36 54.04
N GLN I 211 -40.81 -9.26 55.03
CA GLN I 211 -40.47 -10.40 55.90
C GLN I 211 -41.57 -10.70 56.91
N ARG I 212 -41.65 -11.97 57.30
CA ARG I 212 -42.45 -12.39 58.44
C ARG I 212 -41.78 -13.60 59.08
N LEU I 213 -41.48 -13.49 60.38
CA LEU I 213 -40.75 -14.53 61.10
C LEU I 213 -41.58 -15.04 62.28
N ALA I 214 -41.37 -16.31 62.61
CA ALA I 214 -41.97 -16.90 63.80
C ALA I 214 -40.90 -17.67 64.56
N PRO I 215 -40.93 -17.64 65.89
CA PRO I 215 -39.91 -18.36 66.66
C PRO I 215 -40.00 -19.86 66.45
N LYS I 216 -38.85 -20.52 66.48
CA LYS I 216 -38.77 -21.98 66.43
C LYS I 216 -38.47 -22.45 67.85
N ILE I 217 -39.52 -22.63 68.64
CA ILE I 217 -39.40 -23.06 70.03
C ILE I 217 -39.20 -24.58 70.01
N ALA I 218 -37.95 -25.01 70.15
CA ALA I 218 -37.60 -26.42 70.03
C ALA I 218 -36.34 -26.71 70.84
N THR I 219 -35.93 -27.97 70.84
CA THR I 219 -34.78 -28.44 71.58
C THR I 219 -33.54 -28.43 70.70
N ARG I 220 -32.49 -27.75 71.16
CA ARG I 220 -31.24 -27.64 70.40
C ARG I 220 -30.05 -27.90 71.32
N SER I 221 -28.91 -28.19 70.70
CA SER I 221 -27.68 -28.45 71.46
C SER I 221 -27.15 -27.16 72.07
N GLN I 222 -26.29 -27.33 73.07
CA GLN I 222 -25.76 -26.22 73.85
C GLN I 222 -24.51 -25.65 73.19
N VAL I 223 -24.55 -24.38 72.82
CA VAL I 223 -23.39 -23.65 72.33
C VAL I 223 -23.18 -22.44 73.23
N ASN I 224 -21.94 -22.26 73.68
CA ASN I 224 -21.59 -21.18 74.62
C ASN I 224 -22.51 -21.16 75.82
N GLY I 225 -22.97 -22.34 76.25
CA GLY I 225 -23.83 -22.46 77.40
C GLY I 225 -25.30 -22.19 77.16
N GLN I 226 -25.69 -21.89 75.93
CA GLN I 226 -27.09 -21.60 75.61
C GLN I 226 -27.59 -22.61 74.59
N ARG I 227 -28.84 -23.02 74.77
CA ARG I 227 -29.52 -23.86 73.80
C ARG I 227 -30.44 -23.08 72.87
N GLY I 228 -30.81 -21.85 73.24
CA GLY I 228 -31.56 -21.00 72.35
C GLY I 228 -30.70 -20.39 71.26
N ARG I 229 -31.37 -19.80 70.28
CA ARG I 229 -30.70 -19.22 69.12
C ARG I 229 -31.22 -17.82 68.89
N MET I 230 -30.38 -17.01 68.22
CA MET I 230 -30.76 -15.69 67.76
C MET I 230 -30.40 -15.57 66.29
N ASP I 231 -31.41 -15.49 65.43
CA ASP I 231 -31.21 -15.36 63.99
C ASP I 231 -31.35 -13.89 63.60
N PHE I 232 -30.27 -13.32 63.05
CA PHE I 232 -30.23 -11.91 62.70
C PHE I 232 -30.39 -11.74 61.19
N PHE I 233 -31.04 -10.64 60.80
CA PHE I 233 -31.28 -10.32 59.42
C PHE I 233 -30.83 -8.89 59.14
N TRP I 234 -30.71 -8.54 57.86
CA TRP I 234 -30.27 -7.22 57.50
C TRP I 234 -30.94 -6.76 56.21
N THR I 235 -31.08 -5.45 56.08
CA THR I 235 -31.56 -4.82 54.86
C THR I 235 -30.82 -3.52 54.67
N ILE I 236 -30.79 -3.03 53.44
CA ILE I 236 -30.23 -1.73 53.12
C ILE I 236 -31.40 -0.78 52.89
N LEU I 237 -31.64 0.10 53.86
CA LEU I 237 -32.70 1.09 53.76
C LEU I 237 -32.23 2.23 52.86
N LYS I 238 -32.87 2.36 51.71
CA LYS I 238 -32.51 3.39 50.74
C LYS I 238 -32.99 4.75 51.22
N PRO I 239 -32.37 5.83 50.75
CA PRO I 239 -32.79 7.17 51.19
C PRO I 239 -34.27 7.43 50.90
N ASN I 240 -34.91 8.12 51.84
CA ASN I 240 -36.32 8.48 51.78
C ASN I 240 -37.25 7.27 51.77
N ASP I 241 -36.74 6.11 52.17
CA ASP I 241 -37.56 4.91 52.36
C ASP I 241 -37.75 4.68 53.85
N ALA I 242 -38.85 4.01 54.18
CA ALA I 242 -39.22 3.76 55.56
C ALA I 242 -39.21 2.26 55.84
N ILE I 243 -38.75 1.89 57.04
CA ILE I 243 -38.80 0.51 57.52
C ILE I 243 -39.83 0.44 58.64
N HIS I 244 -40.70 -0.56 58.57
CA HIS I 244 -41.81 -0.71 59.51
C HIS I 244 -41.66 -2.04 60.25
N PHE I 245 -41.83 -1.99 61.58
CA PHE I 245 -41.69 -3.17 62.43
C PHE I 245 -42.99 -3.45 63.15
N GLU I 246 -43.30 -4.74 63.31
CA GLU I 246 -44.44 -5.16 64.12
C GLU I 246 -44.11 -6.49 64.76
N SER I 247 -44.21 -6.57 66.08
CA SER I 247 -43.88 -7.81 66.78
C SER I 247 -44.55 -7.83 68.14
N ASN I 248 -44.83 -9.04 68.64
CA ASN I 248 -45.36 -9.21 69.98
C ASN I 248 -44.51 -10.16 70.81
N GLY I 249 -43.25 -10.35 70.45
CA GLY I 249 -42.35 -11.18 71.23
C GLY I 249 -41.15 -11.61 70.43
N ASN I 250 -40.10 -11.98 71.16
CA ASN I 250 -38.87 -12.53 70.59
C ASN I 250 -38.17 -11.55 69.64
N PHE I 251 -38.51 -10.27 69.72
CA PHE I 251 -37.97 -9.26 68.81
C PHE I 251 -36.66 -8.69 69.35
N ILE I 252 -35.62 -8.76 68.53
CA ILE I 252 -34.32 -8.15 68.83
C ILE I 252 -34.27 -6.88 68.00
N ALA I 253 -34.70 -5.76 68.61
CA ALA I 253 -34.93 -4.50 67.94
C ALA I 253 -33.62 -3.80 67.57
N PRO I 254 -33.58 -3.12 66.42
CA PRO I 254 -32.40 -2.33 66.08
C PRO I 254 -32.32 -1.09 66.93
N GLU I 255 -31.10 -0.76 67.35
CA GLU I 255 -30.86 0.45 68.11
C GLU I 255 -29.94 1.40 67.35
N TYR I 256 -28.81 0.91 66.86
CA TYR I 256 -27.95 1.64 65.96
C TYR I 256 -28.15 1.13 64.53
N ALA I 257 -27.82 1.98 63.57
CA ALA I 257 -27.76 1.63 62.16
C ALA I 257 -26.49 2.24 61.58
N TYR I 258 -26.21 1.95 60.32
CA TYR I 258 -24.96 2.38 59.70
C TYR I 258 -25.26 3.14 58.42
N LYS I 259 -24.84 4.40 58.37
CA LYS I 259 -24.82 5.14 57.11
C LYS I 259 -23.70 4.58 56.24
N ILE I 260 -24.05 4.02 55.09
CA ILE I 260 -23.12 3.29 54.26
C ILE I 260 -23.14 3.86 52.85
N VAL I 261 -21.96 4.14 52.31
CA VAL I 261 -21.79 4.57 50.92
C VAL I 261 -20.71 3.70 50.30
N LYS I 262 -21.08 2.92 49.28
CA LYS I 262 -20.17 1.97 48.65
C LYS I 262 -19.96 2.37 47.19
N LYS I 263 -18.70 2.42 46.77
CA LYS I 263 -18.35 2.76 45.40
C LYS I 263 -17.66 1.61 44.67
N GLY I 264 -16.64 1.01 45.28
CA GLY I 264 -15.91 -0.07 44.68
C GLY I 264 -16.19 -1.42 45.32
N ASP I 265 -15.46 -2.42 44.85
CA ASP I 265 -15.63 -3.80 45.31
C ASP I 265 -14.28 -4.41 45.66
N SER I 266 -14.30 -5.30 46.64
CA SER I 266 -13.11 -6.00 47.10
C SER I 266 -13.55 -7.36 47.65
N THR I 267 -12.68 -7.99 48.43
CA THR I 267 -13.03 -9.23 49.12
C THR I 267 -12.43 -9.20 50.52
N ILE I 268 -12.78 -10.21 51.30
CA ILE I 268 -12.28 -10.36 52.67
C ILE I 268 -11.07 -11.26 52.64
N MET I 269 -10.05 -10.92 53.42
CA MET I 269 -8.75 -11.55 53.31
C MET I 269 -8.32 -12.12 54.66
N LYS I 270 -7.99 -13.41 54.67
CA LYS I 270 -7.62 -14.11 55.89
C LYS I 270 -6.11 -14.07 56.07
N SER I 271 -5.64 -13.44 57.14
CA SER I 271 -4.22 -13.28 57.37
C SER I 271 -3.98 -12.82 58.81
N GLY I 272 -2.94 -13.37 59.43
CA GLY I 272 -2.49 -12.92 60.73
C GLY I 272 -1.34 -11.96 60.69
N VAL I 273 -0.94 -11.49 59.51
CA VAL I 273 0.22 -10.63 59.37
C VAL I 273 -0.08 -9.24 59.92
N GLU I 274 0.90 -8.63 60.56
CA GLU I 274 0.77 -7.30 61.14
C GLU I 274 0.78 -6.22 60.06
N TYR I 275 0.22 -5.06 60.43
CA TYR I 275 0.18 -3.91 59.54
C TYR I 275 1.47 -3.11 59.66
N GLY I 276 1.94 -2.58 58.52
CA GLY I 276 3.27 -2.03 58.47
C GLY I 276 3.40 -0.57 58.07
N HIS I 277 2.30 0.17 58.05
CA HIS I 277 2.30 1.60 57.71
C HIS I 277 2.96 1.83 56.35
N CYS I 278 2.35 1.26 55.32
CA CYS I 278 2.91 1.29 53.98
C CYS I 278 1.78 1.36 52.96
N ASN I 279 2.16 1.56 51.70
CA ASN I 279 1.21 1.57 50.60
C ASN I 279 1.66 0.61 49.51
N THR I 280 0.70 0.08 48.77
CA THR I 280 1.00 -0.86 47.69
C THR I 280 -0.17 -0.90 46.72
N LYS I 281 0.12 -1.40 45.53
CA LYS I 281 -0.88 -1.63 44.50
C LYS I 281 -1.36 -3.07 44.44
N CYS I 282 -0.83 -3.93 45.31
CA CYS I 282 -1.12 -5.36 45.26
C CYS I 282 -0.77 -5.98 46.61
N GLN I 283 -1.71 -6.74 47.19
CA GLN I 283 -1.55 -7.30 48.52
C GLN I 283 -1.85 -8.78 48.52
N THR I 284 -1.05 -9.54 49.27
CA THR I 284 -1.17 -10.98 49.44
C THR I 284 -1.19 -11.30 50.93
N PRO I 285 -1.72 -12.47 51.31
CA PRO I 285 -1.81 -12.79 52.74
C PRO I 285 -0.47 -12.81 53.46
N VAL I 286 0.65 -12.95 52.75
CA VAL I 286 1.96 -12.94 53.39
C VAL I 286 2.66 -11.60 53.27
N GLY I 287 2.30 -10.77 52.31
CA GLY I 287 2.96 -9.48 52.15
C GLY I 287 2.51 -8.78 50.89
N ALA I 288 3.02 -7.57 50.73
CA ALA I 288 2.70 -6.72 49.58
C ALA I 288 3.80 -6.80 48.53
N ILE I 289 3.44 -6.43 47.30
CA ILE I 289 4.34 -6.53 46.15
C ILE I 289 4.46 -5.18 45.48
N ASN I 290 5.69 -4.75 45.19
CA ASN I 290 5.98 -3.57 44.38
C ASN I 290 6.80 -4.04 43.20
N SER I 291 6.14 -4.29 42.08
CA SER I 291 6.83 -4.87 40.92
C SER I 291 6.10 -4.50 39.64
N SER I 292 6.87 -4.29 38.58
CA SER I 292 6.32 -4.15 37.23
C SER I 292 6.28 -5.48 36.48
N MET I 293 6.90 -6.52 37.02
CA MET I 293 7.02 -7.78 36.30
C MET I 293 5.65 -8.39 36.06
N PRO I 294 5.48 -9.13 34.96
CA PRO I 294 4.16 -9.70 34.64
C PRO I 294 3.84 -11.00 35.38
N PHE I 295 4.81 -11.62 36.06
CA PHE I 295 4.58 -12.91 36.70
C PHE I 295 5.16 -12.92 38.11
N HIS I 296 4.54 -13.75 38.96
CA HIS I 296 4.94 -13.88 40.35
C HIS I 296 4.49 -15.23 40.87
N ASN I 297 5.04 -15.64 42.01
CA ASN I 297 4.66 -16.90 42.63
C ASN I 297 4.46 -16.79 44.14
N ILE I 298 4.19 -15.58 44.66
CA ILE I 298 4.12 -15.40 46.10
C ILE I 298 2.88 -16.08 46.68
N HIS I 299 1.70 -15.83 46.10
CA HIS I 299 0.46 -16.31 46.67
C HIS I 299 -0.63 -16.21 45.62
N PRO I 300 -1.61 -17.13 45.65
CA PRO I 300 -2.73 -17.02 44.68
C PRO I 300 -3.85 -16.10 45.14
N LEU I 301 -3.93 -15.72 46.42
CA LEU I 301 -5.02 -14.91 46.94
C LEU I 301 -4.58 -13.45 46.98
N THR I 302 -4.60 -12.81 45.82
CA THR I 302 -4.10 -11.45 45.67
C THR I 302 -5.26 -10.46 45.59
N ILE I 303 -5.08 -9.30 46.23
CA ILE I 303 -6.03 -8.20 46.16
C ILE I 303 -5.31 -7.00 45.58
N GLY I 304 -5.83 -6.47 44.47
CA GLY I 304 -5.20 -5.34 43.80
C GLY I 304 -4.85 -5.62 42.35
N GLU I 305 -3.99 -4.79 41.77
CA GLU I 305 -3.49 -4.99 40.42
C GLU I 305 -2.16 -5.72 40.52
N CYS I 306 -2.16 -7.00 40.15
CA CYS I 306 -1.07 -7.90 40.48
C CYS I 306 -0.56 -8.60 39.22
N PRO I 307 0.66 -9.13 39.27
CA PRO I 307 1.12 -10.00 38.18
C PRO I 307 0.35 -11.31 38.17
N LYS I 308 0.44 -12.01 37.04
CA LYS I 308 -0.24 -13.29 36.91
C LYS I 308 0.46 -14.35 37.75
N TYR I 309 -0.33 -15.10 38.53
CA TYR I 309 0.22 -16.15 39.37
C TYR I 309 0.65 -17.34 38.51
N VAL I 310 1.84 -17.88 38.79
CA VAL I 310 2.40 -18.99 38.03
C VAL I 310 3.12 -19.94 38.97
N LYS I 311 3.41 -21.13 38.46
CA LYS I 311 4.11 -22.18 39.20
C LYS I 311 5.51 -22.31 38.61
N SER I 312 6.44 -21.49 39.11
CA SER I 312 7.82 -21.54 38.66
C SER I 312 8.71 -20.91 39.72
N ASN I 313 9.96 -21.37 39.78
CA ASN I 313 10.95 -20.76 40.66
C ASN I 313 11.67 -19.62 39.96
N LYS I 314 12.12 -19.85 38.73
CA LYS I 314 12.86 -18.88 37.95
C LYS I 314 12.22 -18.73 36.58
N LEU I 315 12.23 -17.49 36.06
CA LEU I 315 11.88 -17.21 34.66
C LEU I 315 12.93 -16.23 34.14
N VAL I 316 14.06 -16.76 33.68
CA VAL I 316 15.25 -15.97 33.39
C VAL I 316 15.32 -15.71 31.89
N LEU I 317 15.56 -14.45 31.52
CA LEU I 317 15.70 -14.04 30.14
C LEU I 317 17.16 -13.67 29.87
N ALA I 318 17.70 -14.21 28.79
CA ALA I 318 19.08 -13.91 28.40
C ALA I 318 19.12 -12.59 27.63
N THR I 319 19.95 -11.66 28.11
CA THR I 319 20.15 -10.39 27.42
C THR I 319 21.54 -10.23 26.84
N GLY I 320 22.55 -10.86 27.43
CA GLY I 320 23.90 -10.85 26.90
C GLY I 320 24.17 -12.00 25.95
N LEU I 321 25.46 -12.22 25.69
CA LEU I 321 25.90 -13.26 24.78
C LEU I 321 26.26 -14.53 25.56
N ARG I 322 26.51 -15.60 24.79
CA ARG I 322 26.97 -16.85 25.39
C ARG I 322 28.36 -16.65 25.99
N ASN I 323 28.49 -16.88 27.30
CA ASN I 323 29.72 -16.61 28.02
C ASN I 323 30.63 -17.85 27.97
N SER I 324 31.82 -17.67 27.40
CA SER I 324 32.80 -18.75 27.33
C SER I 324 33.99 -18.39 28.21
N PRO I 325 34.37 -19.22 29.18
CA PRO I 325 35.49 -18.95 30.08
C PRO I 325 36.85 -19.02 29.38
N GLY J 8 32.38 -22.80 14.26
CA GLY J 8 33.61 -22.42 14.94
C GLY J 8 33.80 -20.92 15.03
N PHE J 9 34.37 -20.33 13.98
CA PHE J 9 34.61 -18.88 13.89
C PHE J 9 35.46 -18.49 15.09
N ILE J 10 35.02 -17.56 15.93
CA ILE J 10 35.72 -17.29 17.18
C ILE J 10 35.42 -18.43 18.15
N GLU J 11 36.49 -19.05 18.68
CA GLU J 11 36.33 -20.25 19.48
C GLU J 11 35.52 -19.97 20.74
N GLY J 12 35.99 -19.07 21.59
CA GLY J 12 35.24 -18.75 22.80
C GLY J 12 34.78 -17.31 22.96
N GLY J 13 35.57 -16.37 22.49
CA GLY J 13 35.32 -14.96 22.72
C GLY J 13 36.42 -14.33 23.55
N TRP J 14 36.31 -13.02 23.72
CA TRP J 14 37.35 -12.21 24.35
C TRP J 14 36.88 -11.70 25.71
N GLN J 15 37.71 -11.91 26.73
CA GLN J 15 37.46 -11.38 28.06
C GLN J 15 38.02 -9.97 28.24
N GLY J 16 39.08 -9.63 27.50
CA GLY J 16 39.68 -8.31 27.66
C GLY J 16 38.77 -7.18 27.24
N MET J 17 37.95 -7.41 26.22
CA MET J 17 37.03 -6.38 25.74
C MET J 17 35.99 -6.07 26.81
N VAL J 18 35.97 -4.81 27.26
CA VAL J 18 35.11 -4.41 28.37
C VAL J 18 34.33 -3.14 28.04
N ASP J 19 34.13 -2.84 26.75
CA ASP J 19 33.46 -1.62 26.35
C ASP J 19 32.32 -1.86 25.37
N GLY J 20 31.73 -3.05 25.38
CA GLY J 20 30.61 -3.32 24.49
C GLY J 20 30.34 -4.80 24.39
N TRP J 21 29.66 -5.18 23.30
CA TRP J 21 29.32 -6.57 23.05
C TRP J 21 29.97 -7.15 21.81
N TYR J 22 30.18 -6.35 20.77
CA TYR J 22 30.88 -6.78 19.57
C TYR J 22 32.01 -5.80 19.28
N GLY J 23 33.13 -6.31 18.79
CA GLY J 23 34.26 -5.44 18.53
C GLY J 23 35.35 -6.12 17.74
N TYR J 24 36.52 -5.49 17.73
CA TYR J 24 37.67 -5.94 16.95
C TYR J 24 38.91 -6.02 17.83
N HIS J 25 39.88 -6.79 17.34
CA HIS J 25 41.22 -6.85 17.91
C HIS J 25 42.22 -6.72 16.77
N HIS J 26 43.17 -5.80 16.91
CA HIS J 26 44.14 -5.52 15.86
C HIS J 26 45.55 -5.88 16.34
N SER J 27 46.36 -6.37 15.40
CA SER J 27 47.75 -6.74 15.67
C SER J 27 48.62 -6.25 14.52
N ASN J 28 49.14 -5.04 14.65
CA ASN J 28 50.08 -4.46 13.70
C ASN J 28 51.39 -4.15 14.42
N GLU J 29 52.30 -3.47 13.73
CA GLU J 29 53.58 -3.13 14.32
C GLU J 29 53.43 -2.17 15.49
N GLN J 30 52.41 -1.31 15.46
CA GLN J 30 52.24 -0.30 16.50
C GLN J 30 51.76 -0.87 17.83
N GLY J 31 51.32 -2.12 17.86
CA GLY J 31 50.88 -2.74 19.10
C GLY J 31 49.72 -3.69 18.85
N SER J 32 48.95 -3.92 19.91
CA SER J 32 47.80 -4.80 19.85
C SER J 32 46.82 -4.42 20.96
N GLY J 33 45.54 -4.33 20.62
CA GLY J 33 44.54 -3.93 21.58
C GLY J 33 43.16 -4.41 21.20
N TYR J 34 42.17 -3.88 21.90
CA TYR J 34 40.77 -4.24 21.71
C TYR J 34 39.95 -2.97 21.44
N ALA J 35 38.99 -3.09 20.51
CA ALA J 35 38.09 -2.01 20.17
C ALA J 35 36.66 -2.54 20.14
N ALA J 36 35.69 -1.63 20.29
CA ALA J 36 34.28 -2.00 20.33
C ALA J 36 33.50 -1.18 19.31
N ASP J 37 32.81 -1.87 18.41
CA ASP J 37 31.90 -1.21 17.48
C ASP J 37 30.70 -0.68 18.25
N LYS J 38 30.61 0.65 18.38
CA LYS J 38 29.50 1.24 19.11
C LYS J 38 28.17 1.02 18.39
N GLU J 39 28.19 1.06 17.05
CA GLU J 39 26.94 1.05 16.29
C GLU J 39 26.20 -0.28 16.44
N SER J 40 26.90 -1.39 16.27
CA SER J 40 26.23 -2.68 16.40
C SER J 40 25.95 -3.02 17.86
N THR J 41 26.82 -2.59 18.78
CA THR J 41 26.59 -2.85 20.20
C THR J 41 25.48 -1.97 20.76
N GLN J 42 25.15 -0.85 20.12
CA GLN J 42 24.05 -0.02 20.58
C GLN J 42 22.72 -0.40 19.92
N LYS J 43 22.74 -0.90 18.68
CA LYS J 43 21.53 -1.46 18.10
C LYS J 43 21.11 -2.73 18.84
N ALA J 44 22.09 -3.53 19.27
CA ALA J 44 21.77 -4.74 20.01
C ALA J 44 21.26 -4.43 21.41
N ILE J 45 21.90 -3.49 22.10
CA ILE J 45 21.48 -3.15 23.46
C ILE J 45 20.07 -2.56 23.45
N ASP J 46 19.78 -1.70 22.47
CA ASP J 46 18.44 -1.16 22.32
C ASP J 46 17.43 -2.26 22.02
N GLY J 47 17.83 -3.24 21.22
CA GLY J 47 16.90 -4.32 20.88
C GLY J 47 16.52 -5.17 22.08
N VAL J 48 17.52 -5.65 22.83
CA VAL J 48 17.23 -6.52 23.96
C VAL J 48 16.47 -5.76 25.04
N THR J 49 16.83 -4.51 25.28
CA THR J 49 16.08 -3.72 26.26
C THR J 49 14.68 -3.42 25.76
N ASN J 50 14.50 -3.24 24.45
CA ASN J 50 13.15 -3.17 23.90
C ASN J 50 12.45 -4.51 23.99
N LYS J 51 13.19 -5.61 23.75
CA LYS J 51 12.58 -6.93 23.85
C LYS J 51 12.09 -7.20 25.26
N VAL J 52 12.95 -6.98 26.26
CA VAL J 52 12.54 -7.19 27.65
C VAL J 52 11.35 -6.31 28.00
N ASN J 53 11.40 -5.04 27.60
CA ASN J 53 10.31 -4.13 27.93
C ASN J 53 8.99 -4.55 27.30
N SER J 54 9.06 -5.07 26.06
CA SER J 54 7.82 -5.48 25.37
C SER J 54 7.12 -6.61 26.13
N ILE J 55 7.89 -7.58 26.63
CA ILE J 55 7.29 -8.70 27.35
C ILE J 55 6.69 -8.25 28.68
N ILE J 56 7.22 -7.18 29.27
CA ILE J 56 6.69 -6.69 30.53
C ILE J 56 5.59 -5.66 30.31
N ASP J 57 5.78 -4.72 29.39
CA ASP J 57 4.84 -3.61 29.23
C ASP J 57 3.50 -4.09 28.68
N LYS J 58 3.52 -5.08 27.79
CA LYS J 58 2.30 -5.49 27.08
C LYS J 58 1.38 -6.34 27.94
N MET J 59 1.74 -6.61 29.19
CA MET J 59 0.88 -7.37 30.09
C MET J 59 -0.19 -6.46 30.68
N ASN J 60 -1.45 -6.78 30.41
CA ASN J 60 -2.58 -6.03 30.95
C ASN J 60 -2.93 -6.56 32.33
N THR J 61 -2.94 -5.68 33.33
CA THR J 61 -3.29 -6.05 34.70
C THR J 61 -4.50 -5.24 35.14
N GLN J 62 -5.52 -5.95 35.63
CA GLN J 62 -6.72 -5.35 36.16
C GLN J 62 -6.78 -5.53 37.66
N PHE J 63 -7.55 -4.67 38.32
CA PHE J 63 -7.77 -4.82 39.75
C PHE J 63 -8.63 -6.05 40.01
N GLU J 64 -8.11 -7.00 40.79
CA GLU J 64 -8.86 -8.19 41.15
C GLU J 64 -8.71 -8.45 42.65
N ALA J 65 -9.80 -8.92 43.25
CA ALA J 65 -9.85 -9.25 44.67
C ALA J 65 -10.14 -10.74 44.78
N VAL J 66 -9.11 -11.53 45.10
CA VAL J 66 -9.22 -12.99 45.11
C VAL J 66 -9.26 -13.46 46.55
N GLY J 67 -10.35 -14.13 46.91
CA GLY J 67 -10.51 -14.71 48.22
C GLY J 67 -11.32 -15.99 48.18
N ARG J 68 -11.89 -16.39 49.31
CA ARG J 68 -12.76 -17.56 49.40
C ARG J 68 -13.99 -17.15 50.19
N GLU J 69 -15.09 -16.89 49.48
CA GLU J 69 -16.30 -16.33 50.08
C GLU J 69 -17.51 -17.23 49.85
N PHE J 70 -17.32 -18.54 49.82
CA PHE J 70 -18.41 -19.50 49.66
C PHE J 70 -18.41 -20.45 50.85
N ASN J 71 -19.59 -20.67 51.44
CA ASN J 71 -19.73 -21.48 52.65
C ASN J 71 -19.71 -22.97 52.29
N ASN J 72 -20.02 -23.82 53.27
CA ASN J 72 -19.91 -25.26 53.08
C ASN J 72 -21.04 -25.85 52.25
N LEU J 73 -22.13 -25.12 52.05
CA LEU J 73 -23.23 -25.58 51.22
C LEU J 73 -23.17 -25.01 49.81
N GLU J 74 -22.06 -24.37 49.45
CA GLU J 74 -21.81 -23.84 48.12
C GLU J 74 -20.51 -24.40 47.55
N ARG J 75 -20.24 -25.68 47.83
CA ARG J 75 -18.98 -26.28 47.40
C ARG J 75 -18.91 -26.45 45.89
N ARG J 76 -20.05 -26.67 45.22
CA ARG J 76 -20.03 -26.81 43.77
C ARG J 76 -19.55 -25.53 43.11
N ILE J 77 -19.98 -24.37 43.62
CA ILE J 77 -19.53 -23.09 43.07
C ILE J 77 -18.07 -22.84 43.42
N GLU J 78 -17.66 -23.16 44.65
CA GLU J 78 -16.27 -23.00 45.05
C GLU J 78 -15.35 -23.87 44.20
N ASN J 79 -15.81 -25.08 43.86
CA ASN J 79 -15.05 -25.92 42.94
C ASN J 79 -14.97 -25.29 41.56
N LEU J 80 -16.05 -24.66 41.11
CA LEU J 80 -16.03 -23.94 39.84
C LEU J 80 -14.96 -22.86 39.86
N ASN J 81 -14.91 -22.08 40.95
CA ASN J 81 -13.85 -21.08 41.08
C ASN J 81 -12.49 -21.73 41.10
N LYS J 82 -12.36 -22.88 41.78
CA LYS J 82 -11.09 -23.59 41.81
C LYS J 82 -10.64 -23.96 40.41
N LYS J 83 -11.51 -24.63 39.65
CA LYS J 83 -11.14 -24.99 38.27
C LYS J 83 -10.75 -23.76 37.47
N MET J 84 -11.39 -22.62 37.74
CA MET J 84 -11.05 -21.39 37.02
C MET J 84 -9.64 -20.93 37.36
N GLU J 85 -9.33 -20.79 38.65
CA GLU J 85 -8.00 -20.32 39.04
C GLU J 85 -6.92 -21.30 38.63
N ASP J 86 -7.16 -22.59 38.83
CA ASP J 86 -6.20 -23.61 38.39
C ASP J 86 -6.04 -23.63 36.87
N GLY J 87 -7.13 -23.35 36.15
CA GLY J 87 -7.04 -23.27 34.70
C GLY J 87 -6.19 -22.11 34.22
N PHE J 88 -6.39 -20.92 34.81
CA PHE J 88 -5.58 -19.77 34.44
C PHE J 88 -4.12 -19.98 34.80
N LEU J 89 -3.85 -20.60 35.95
CA LEU J 89 -2.47 -20.87 36.35
C LEU J 89 -1.77 -21.75 35.33
N ASP J 90 -2.47 -22.76 34.83
CA ASP J 90 -1.89 -23.62 33.80
C ASP J 90 -1.62 -22.85 32.52
N VAL J 91 -2.54 -21.95 32.14
CA VAL J 91 -2.36 -21.19 30.90
C VAL J 91 -1.16 -20.26 31.02
N TRP J 92 -1.06 -19.52 32.12
CA TRP J 92 0.01 -18.55 32.28
C TRP J 92 1.35 -19.24 32.48
N THR J 93 1.39 -20.32 33.27
CA THR J 93 2.65 -21.01 33.51
C THR J 93 3.22 -21.59 32.22
N TYR J 94 2.36 -22.22 31.41
CA TYR J 94 2.82 -22.77 30.13
C TYR J 94 3.27 -21.65 29.19
N ASN J 95 2.52 -20.55 29.15
CA ASN J 95 2.86 -19.44 28.26
C ASN J 95 4.19 -18.82 28.65
N ALA J 96 4.37 -18.51 29.94
CA ALA J 96 5.60 -17.87 30.39
C ALA J 96 6.81 -18.78 30.19
N GLU J 97 6.67 -20.06 30.51
CA GLU J 97 7.82 -20.97 30.42
C GLU J 97 8.29 -21.11 28.97
N LEU J 98 7.36 -21.29 28.04
CA LEU J 98 7.75 -21.43 26.65
C LEU J 98 8.19 -20.10 26.04
N LEU J 99 7.50 -19.01 26.38
CA LEU J 99 7.88 -17.70 25.87
C LEU J 99 9.31 -17.35 26.27
N VAL J 100 9.69 -17.66 27.51
CA VAL J 100 11.07 -17.45 27.94
C VAL J 100 12.02 -18.33 27.13
N LEU J 101 11.66 -19.60 26.96
CA LEU J 101 12.51 -20.51 26.19
C LEU J 101 12.58 -20.09 24.72
N MET J 102 11.46 -19.66 24.16
CA MET J 102 11.40 -19.35 22.72
C MET J 102 12.19 -18.09 22.39
N GLU J 103 12.12 -17.08 23.26
CA GLU J 103 12.82 -15.83 23.02
C GLU J 103 14.28 -15.87 23.46
N ASN J 104 14.63 -16.73 24.41
CA ASN J 104 16.04 -16.92 24.74
C ASN J 104 16.80 -17.50 23.55
N GLU J 105 16.13 -18.29 22.71
CA GLU J 105 16.74 -18.70 21.44
C GLU J 105 17.01 -17.52 20.54
N ARG J 106 16.15 -16.49 20.61
CA ARG J 106 16.31 -15.35 19.72
C ARG J 106 17.48 -14.46 20.14
N THR J 107 17.64 -14.22 21.45
CA THR J 107 18.69 -13.33 21.91
C THR J 107 20.07 -13.91 21.61
N LEU J 108 20.26 -15.21 21.80
CA LEU J 108 21.56 -15.80 21.49
C LEU J 108 21.82 -15.85 19.99
N ASP J 109 20.77 -15.98 19.18
CA ASP J 109 20.92 -15.91 17.73
C ASP J 109 21.04 -14.48 17.23
N PHE J 110 20.44 -13.52 17.94
CA PHE J 110 20.63 -12.11 17.59
C PHE J 110 22.09 -11.70 17.72
N HIS J 111 22.74 -12.11 18.82
CA HIS J 111 24.16 -11.87 18.97
C HIS J 111 24.96 -12.60 17.90
N ASP J 112 24.58 -13.85 17.62
CA ASP J 112 25.30 -14.64 16.63
C ASP J 112 25.21 -14.00 15.25
N SER J 113 24.01 -13.52 14.86
CA SER J 113 23.87 -12.85 13.58
C SER J 113 24.63 -11.53 13.53
N ASN J 114 24.65 -10.80 14.65
CA ASN J 114 25.31 -9.50 14.68
C ASN J 114 26.82 -9.63 14.50
N VAL J 115 27.43 -10.62 15.15
CA VAL J 115 28.88 -10.81 15.00
C VAL J 115 29.22 -11.15 13.56
N LYS J 116 28.39 -12.00 12.92
CA LYS J 116 28.64 -12.37 11.53
C LYS J 116 28.55 -11.16 10.62
N ASN J 117 27.61 -10.25 10.88
CA ASN J 117 27.48 -9.05 10.07
C ASN J 117 28.72 -8.16 10.19
N LEU J 118 29.27 -8.05 11.40
CA LEU J 118 30.49 -7.27 11.59
C LEU J 118 31.66 -7.87 10.82
N TYR J 119 31.82 -9.20 10.88
CA TYR J 119 32.85 -9.86 10.07
C TYR J 119 32.57 -9.71 8.59
N ASP J 120 31.30 -9.75 8.19
CA ASP J 120 31.00 -9.63 6.77
C ASP J 120 31.30 -8.22 6.26
N LYS J 121 31.23 -7.22 7.15
CA LYS J 121 31.63 -5.86 6.78
C LYS J 121 33.10 -5.81 6.38
N VAL J 122 33.96 -6.33 7.24
CA VAL J 122 35.39 -6.22 7.04
C VAL J 122 35.85 -7.04 5.82
N ARG J 123 35.27 -8.23 5.62
CA ARG J 123 35.66 -9.07 4.49
C ARG J 123 35.33 -8.40 3.15
N LEU J 124 34.16 -7.76 3.07
CA LEU J 124 33.79 -7.02 1.87
C LEU J 124 34.70 -5.82 1.64
N GLN J 125 35.28 -5.27 2.71
CA GLN J 125 36.10 -4.07 2.59
C GLN J 125 37.53 -4.39 2.17
N LEU J 126 38.13 -5.43 2.75
CA LEU J 126 39.54 -5.71 2.49
C LEU J 126 39.73 -6.50 1.19
N ARG J 127 38.93 -7.55 0.99
CA ARG J 127 39.00 -8.44 -0.17
C ARG J 127 40.42 -9.00 -0.26
N ASP J 128 41.06 -8.99 -1.43
CA ASP J 128 42.38 -9.60 -1.64
C ASP J 128 43.52 -8.79 -1.04
N ASN J 129 43.29 -7.71 -0.30
CA ASN J 129 44.37 -7.09 0.47
C ASN J 129 44.61 -7.79 1.80
N ALA J 130 43.78 -8.77 2.15
CA ALA J 130 43.93 -9.52 3.39
C ALA J 130 43.42 -10.94 3.17
N LYS J 131 43.83 -11.84 4.05
CA LYS J 131 43.54 -13.26 3.92
C LYS J 131 42.71 -13.74 5.10
N GLU J 132 41.58 -14.38 4.81
CA GLU J 132 40.73 -14.93 5.87
C GLU J 132 41.47 -16.08 6.54
N LEU J 133 41.86 -15.87 7.81
CA LEU J 133 42.59 -16.89 8.54
C LEU J 133 41.72 -18.10 8.84
N GLY J 134 40.51 -17.87 9.36
CA GLY J 134 39.60 -18.96 9.65
C GLY J 134 38.90 -18.83 10.99
N ASN J 135 39.55 -18.18 11.95
CA ASN J 135 39.01 -17.99 13.29
C ASN J 135 38.38 -16.62 13.46
N GLY J 136 37.75 -16.10 12.41
CA GLY J 136 37.26 -14.73 12.42
C GLY J 136 38.37 -13.70 12.35
N CYS J 137 39.42 -13.99 11.57
CA CYS J 137 40.60 -13.14 11.49
C CYS J 137 40.97 -12.90 10.03
N PHE J 138 41.65 -11.78 9.78
CA PHE J 138 42.22 -11.46 8.48
C PHE J 138 43.71 -11.20 8.60
N GLU J 139 44.44 -11.67 7.61
CA GLU J 139 45.88 -11.50 7.54
C GLU J 139 46.17 -10.51 6.42
N PHE J 140 46.48 -9.28 6.80
CA PHE J 140 46.71 -8.22 5.83
C PHE J 140 47.93 -8.52 4.97
N TYR J 141 47.81 -8.26 3.67
CA TYR J 141 48.91 -8.37 2.72
C TYR J 141 49.70 -7.07 2.61
N HIS J 142 49.52 -6.14 3.54
CA HIS J 142 50.19 -4.86 3.48
C HIS J 142 50.36 -4.32 4.91
N LYS J 143 51.32 -3.41 5.04
CA LYS J 143 51.57 -2.76 6.33
C LYS J 143 50.43 -1.80 6.64
N CYS J 144 49.65 -2.11 7.69
CA CYS J 144 48.40 -1.43 7.97
C CYS J 144 48.58 -0.59 9.24
N ASP J 145 48.32 0.72 9.12
CA ASP J 145 48.54 1.65 10.21
C ASP J 145 47.36 1.66 11.18
N ASN J 146 47.57 2.29 12.33
CA ASN J 146 46.48 2.54 13.27
C ASN J 146 45.42 3.46 12.68
N GLU J 147 45.79 4.27 11.68
CA GLU J 147 44.79 5.04 10.95
C GLU J 147 44.00 4.15 9.99
N CYS J 148 44.68 3.20 9.34
CA CYS J 148 43.99 2.20 8.54
C CYS J 148 43.32 1.14 9.43
N MET J 149 43.84 0.92 10.63
CA MET J 149 43.08 0.17 11.63
C MET J 149 41.74 0.84 11.90
N GLU J 150 41.77 2.15 12.14
CA GLU J 150 40.53 2.90 12.34
C GLU J 150 39.68 2.91 11.08
N SER J 151 40.32 2.95 9.92
CA SER J 151 39.58 2.96 8.66
C SER J 151 38.74 1.70 8.49
N VAL J 152 39.25 0.55 8.93
CA VAL J 152 38.47 -0.69 8.87
C VAL J 152 37.27 -0.62 9.80
N ARG J 153 37.49 -0.16 11.04
CA ARG J 153 36.38 -0.02 11.98
C ARG J 153 35.40 1.05 11.52
N ASN J 154 35.91 2.19 11.03
CA ASN J 154 35.06 3.28 10.59
C ASN J 154 34.32 2.99 9.29
N GLY J 155 34.67 1.91 8.59
CA GLY J 155 34.02 1.60 7.33
C GLY J 155 34.40 2.52 6.20
N THR J 156 35.64 3.02 6.19
CA THR J 156 36.14 3.92 5.15
C THR J 156 37.42 3.37 4.53
N TYR J 157 37.45 2.07 4.26
CA TYR J 157 38.65 1.44 3.72
C TYR J 157 38.89 1.88 2.28
N ASP J 158 40.17 1.90 1.89
CA ASP J 158 40.60 2.32 0.56
C ASP J 158 41.24 1.12 -0.14
N TYR J 159 40.45 0.43 -0.97
CA TYR J 159 40.97 -0.70 -1.72
C TYR J 159 42.09 -0.34 -2.68
N PRO J 160 41.96 0.68 -3.54
CA PRO J 160 43.03 0.94 -4.53
C PRO J 160 44.37 1.34 -3.92
N GLN J 161 44.38 1.94 -2.72
CA GLN J 161 45.62 2.45 -2.15
C GLN J 161 46.64 1.34 -1.95
N TYR J 162 46.21 0.20 -1.42
CA TYR J 162 47.10 -0.92 -1.16
C TYR J 162 46.86 -2.08 -2.11
N SER J 163 46.24 -1.82 -3.27
CA SER J 163 45.92 -2.90 -4.20
C SER J 163 47.18 -3.50 -4.81
N GLU J 164 48.09 -2.65 -5.29
CA GLU J 164 49.32 -3.15 -5.89
C GLU J 164 50.26 -3.74 -4.84
N GLU J 165 50.31 -3.12 -3.66
CA GLU J 165 51.18 -3.63 -2.60
C GLU J 165 50.78 -5.02 -2.15
N ALA J 166 49.47 -5.31 -2.17
CA ALA J 166 49.02 -6.66 -1.86
C ALA J 166 49.55 -7.67 -2.86
N ARG J 167 49.57 -7.30 -4.14
CA ARG J 167 50.13 -8.17 -5.16
C ARG J 167 51.62 -8.44 -4.93
N LEU J 168 52.33 -7.47 -4.34
CA LEU J 168 53.73 -7.67 -4.02
C LEU J 168 53.95 -8.74 -2.97
N LYS J 169 52.94 -9.03 -2.14
CA LYS J 169 53.02 -10.09 -1.16
C LYS J 169 52.08 -11.25 -1.46
N ARG J 170 51.37 -11.20 -2.60
CA ARG J 170 50.43 -12.25 -2.98
C ARG J 170 51.10 -13.31 -3.85
N GLU J 171 51.68 -12.88 -4.97
CA GLU J 171 52.30 -13.79 -5.91
C GLU J 171 53.82 -13.82 -5.81
N GLU J 172 54.46 -12.74 -5.35
CA GLU J 172 55.91 -12.74 -5.20
C GLU J 172 56.36 -13.78 -4.19
N ILE J 173 55.50 -14.12 -3.24
CA ILE J 173 55.79 -15.23 -2.32
C ILE J 173 55.36 -16.53 -2.98
N SER J 174 56.28 -17.49 -3.02
CA SER J 174 56.03 -18.76 -3.68
C SER J 174 56.13 -19.93 -2.72
N GLY K 4 37.04 -32.60 -11.98
CA GLY K 4 37.71 -33.70 -11.31
C GLY K 4 37.11 -34.02 -9.96
N ASP K 5 37.96 -34.06 -8.93
CA ASP K 5 37.51 -34.35 -7.58
C ASP K 5 36.59 -33.24 -7.06
N GLN K 6 35.60 -33.64 -6.27
CA GLN K 6 34.64 -32.68 -5.73
C GLN K 6 34.04 -33.22 -4.44
N ILE K 7 33.80 -32.32 -3.49
CA ILE K 7 33.07 -32.63 -2.27
C ILE K 7 31.65 -32.12 -2.44
N CYS K 8 30.72 -32.75 -1.73
CA CYS K 8 29.30 -32.44 -1.88
C CYS K 8 28.66 -32.23 -0.52
N ILE K 9 27.71 -31.29 -0.46
CA ILE K 9 26.99 -30.97 0.76
C ILE K 9 25.52 -31.34 0.55
N GLY K 10 24.96 -32.09 1.49
CA GLY K 10 23.60 -32.55 1.37
C GLY K 10 23.03 -32.97 2.70
N TYR K 11 21.88 -33.64 2.64
CA TYR K 11 21.16 -34.02 3.85
C TYR K 11 20.42 -35.33 3.63
N HIS K 12 19.69 -35.75 4.66
CA HIS K 12 19.05 -37.05 4.70
C HIS K 12 17.75 -37.05 3.89
N ALA K 13 17.41 -38.24 3.37
CA ALA K 13 16.12 -38.50 2.75
C ALA K 13 15.77 -39.95 2.95
N ASN K 14 14.48 -40.27 2.88
CA ASN K 14 14.03 -41.62 3.19
C ASN K 14 12.62 -41.82 2.63
N ASN K 15 12.09 -43.03 2.84
CA ASN K 15 10.71 -43.36 2.54
C ASN K 15 9.86 -42.87 3.70
N SER K 16 9.43 -41.60 3.63
CA SER K 16 8.67 -40.98 4.71
C SER K 16 7.53 -40.19 4.09
N THR K 17 6.29 -40.67 4.27
CA THR K 17 5.10 -40.00 3.77
C THR K 17 4.53 -38.99 4.76
N GLU K 18 5.08 -38.91 5.97
CA GLU K 18 4.53 -38.03 6.99
C GLU K 18 4.67 -36.56 6.58
N GLN K 19 3.60 -35.80 6.76
CA GLN K 19 3.56 -34.39 6.41
C GLN K 19 3.31 -33.54 7.65
N VAL K 20 3.82 -32.32 7.63
CA VAL K 20 3.57 -31.34 8.68
C VAL K 20 3.14 -30.03 8.04
N ASP K 21 2.55 -29.16 8.86
CA ASP K 21 2.12 -27.84 8.44
C ASP K 21 2.95 -26.79 9.18
N THR K 22 3.31 -25.73 8.48
CA THR K 22 4.07 -24.63 9.08
C THR K 22 3.26 -23.35 8.99
N ILE K 23 3.80 -22.28 9.58
CA ILE K 23 3.08 -21.01 9.60
C ILE K 23 2.99 -20.42 8.20
N MET K 24 3.97 -20.68 7.33
CA MET K 24 3.98 -20.14 5.97
C MET K 24 3.79 -21.18 4.89
N GLU K 25 3.87 -22.47 5.22
CA GLU K 25 3.71 -23.55 4.26
C GLU K 25 2.77 -24.62 4.81
N LYS K 26 1.96 -25.20 3.93
CA LYS K 26 1.02 -26.24 4.28
C LYS K 26 1.29 -27.49 3.44
N ASN K 27 1.01 -28.65 4.02
CA ASN K 27 1.22 -29.96 3.38
C ASN K 27 2.67 -30.13 2.95
N VAL K 28 3.56 -30.10 3.95
CA VAL K 28 5.00 -30.19 3.73
C VAL K 28 5.49 -31.54 4.26
N THR K 29 6.14 -32.31 3.40
CA THR K 29 6.62 -33.64 3.77
C THR K 29 7.95 -33.56 4.53
N VAL K 30 8.12 -34.48 5.48
CA VAL K 30 9.30 -34.51 6.33
C VAL K 30 9.79 -35.95 6.43
N THR K 31 10.93 -36.13 7.10
CA THR K 31 11.50 -37.45 7.34
C THR K 31 10.90 -38.10 8.58
N HIS K 32 11.05 -37.45 9.73
CA HIS K 32 10.45 -37.90 10.98
C HIS K 32 9.58 -36.78 11.54
N ALA K 33 8.44 -37.15 12.10
CA ALA K 33 7.53 -36.19 12.71
C ALA K 33 6.84 -36.84 13.90
N GLN K 34 6.61 -36.04 14.95
CA GLN K 34 5.97 -36.51 16.17
C GLN K 34 4.64 -35.80 16.37
N ASP K 35 3.63 -36.58 16.73
CA ASP K 35 2.30 -36.05 17.07
C ASP K 35 2.20 -35.93 18.58
N ILE K 36 1.85 -34.74 19.06
CA ILE K 36 1.81 -34.47 20.50
C ILE K 36 0.37 -34.40 20.98
N LEU K 37 -0.53 -35.07 20.28
CA LEU K 37 -1.95 -35.11 20.63
C LEU K 37 -2.34 -36.54 20.97
N GLU K 38 -2.74 -36.76 22.23
CA GLU K 38 -3.20 -38.07 22.66
C GLU K 38 -4.64 -38.28 22.22
N LYS K 39 -4.90 -39.35 21.47
CA LYS K 39 -6.22 -39.61 20.89
C LYS K 39 -6.77 -40.98 21.26
N THR K 40 -6.15 -41.69 22.21
CA THR K 40 -6.49 -43.07 22.50
C THR K 40 -6.93 -43.24 23.95
N HIS K 41 -7.91 -44.12 24.17
CA HIS K 41 -8.35 -44.50 25.50
C HIS K 41 -8.62 -45.99 25.53
N ASN K 42 -8.53 -46.58 26.72
CA ASN K 42 -8.69 -48.03 26.86
C ASN K 42 -10.15 -48.48 26.80
N GLY K 43 -11.11 -47.56 26.92
CA GLY K 43 -12.50 -47.91 26.79
C GLY K 43 -13.14 -48.55 28.00
N LYS K 44 -12.51 -48.47 29.18
CA LYS K 44 -13.06 -49.05 30.39
C LYS K 44 -13.03 -48.04 31.52
N LEU K 45 -13.99 -48.17 32.44
CA LEU K 45 -13.91 -47.46 33.71
C LEU K 45 -12.82 -48.08 34.57
N CYS K 46 -12.18 -47.25 35.40
CA CYS K 46 -10.99 -47.69 36.11
C CYS K 46 -10.92 -47.03 37.47
N ASP K 47 -10.08 -47.59 38.33
CA ASP K 47 -9.75 -46.96 39.59
C ASP K 47 -8.95 -45.70 39.35
N LEU K 48 -9.09 -44.73 40.25
CA LEU K 48 -8.38 -43.46 40.19
C LEU K 48 -7.32 -43.47 41.28
N ASN K 49 -6.05 -43.54 40.87
CA ASN K 49 -4.91 -43.56 41.78
C ASN K 49 -5.01 -44.69 42.81
N GLY K 50 -5.55 -45.83 42.40
CA GLY K 50 -5.62 -47.02 43.22
C GLY K 50 -6.94 -47.26 43.92
N VAL K 51 -7.90 -46.34 43.83
CA VAL K 51 -9.13 -46.43 44.59
C VAL K 51 -10.31 -46.69 43.65
N LYS K 52 -11.17 -47.62 44.06
CA LYS K 52 -12.34 -47.99 43.27
C LYS K 52 -13.31 -46.82 43.15
N PRO K 53 -14.07 -46.76 42.06
CA PRO K 53 -15.24 -45.87 42.01
C PRO K 53 -16.50 -46.58 42.48
N LEU K 54 -17.34 -45.83 43.21
CA LEU K 54 -18.64 -46.34 43.62
C LEU K 54 -19.58 -46.31 42.41
N ILE K 55 -19.97 -47.48 41.92
CA ILE K 55 -20.74 -47.62 40.70
C ILE K 55 -22.13 -48.10 41.08
N LEU K 56 -23.08 -47.18 41.18
CA LEU K 56 -24.48 -47.53 41.37
C LEU K 56 -25.09 -47.87 40.02
N LYS K 57 -25.61 -49.09 39.88
CA LYS K 57 -26.01 -49.56 38.56
C LYS K 57 -27.39 -49.02 38.19
N ASP K 58 -28.42 -49.39 38.96
CA ASP K 58 -29.79 -48.98 38.68
C ASP K 58 -30.36 -48.14 39.82
N CYS K 59 -29.50 -47.55 40.64
CA CYS K 59 -29.92 -46.79 41.81
C CYS K 59 -29.31 -45.40 41.76
N SER K 60 -30.10 -44.40 42.11
CA SER K 60 -29.57 -43.06 42.30
C SER K 60 -28.93 -42.95 43.67
N VAL K 61 -28.22 -41.84 43.89
CA VAL K 61 -27.61 -41.62 45.20
C VAL K 61 -28.69 -41.45 46.27
N ALA K 62 -29.78 -40.77 45.92
CA ALA K 62 -30.85 -40.55 46.89
C ALA K 62 -31.47 -41.87 47.34
N GLY K 63 -31.75 -42.77 46.39
CA GLY K 63 -32.31 -44.06 46.75
C GLY K 63 -31.32 -44.97 47.44
N TRP K 64 -30.04 -44.85 47.08
CA TRP K 64 -29.00 -45.67 47.73
C TRP K 64 -28.88 -45.34 49.20
N LEU K 65 -28.88 -44.05 49.55
CA LEU K 65 -28.76 -43.66 50.96
C LEU K 65 -30.00 -44.06 51.75
N LEU K 66 -31.18 -43.74 51.24
CA LEU K 66 -32.42 -44.00 51.95
C LEU K 66 -32.82 -45.47 51.92
N GLY K 67 -32.18 -46.27 51.07
CA GLY K 67 -32.46 -47.70 50.99
C GLY K 67 -33.72 -48.04 50.24
N ASN K 68 -33.76 -47.70 48.95
CA ASN K 68 -34.91 -48.03 48.11
C ASN K 68 -35.05 -49.55 48.04
N PRO K 69 -36.18 -50.11 48.46
CA PRO K 69 -36.32 -51.58 48.44
C PRO K 69 -36.27 -52.18 47.04
N MET K 70 -36.53 -51.38 46.00
CA MET K 70 -36.44 -51.88 44.64
C MET K 70 -35.01 -51.86 44.10
N CYS K 71 -34.09 -51.21 44.81
CA CYS K 71 -32.67 -51.29 44.46
C CYS K 71 -32.08 -52.57 45.03
N ASP K 72 -30.79 -52.78 44.76
CA ASP K 72 -30.11 -53.96 45.28
C ASP K 72 -29.66 -53.74 46.72
N GLU K 73 -29.11 -54.78 47.32
CA GLU K 73 -28.75 -54.74 48.73
C GLU K 73 -27.51 -53.88 48.93
N PHE K 74 -27.37 -53.36 50.15
CA PHE K 74 -26.23 -52.52 50.50
C PHE K 74 -24.98 -53.38 50.62
N ILE K 75 -24.00 -53.14 49.75
CA ILE K 75 -22.72 -53.84 49.77
C ILE K 75 -21.68 -52.87 50.30
N ARG K 76 -21.06 -53.23 51.43
CA ARG K 76 -20.12 -52.33 52.10
C ARG K 76 -18.92 -52.03 51.21
N VAL K 77 -18.79 -50.78 50.79
CA VAL K 77 -17.63 -50.29 50.05
C VAL K 77 -17.12 -49.05 50.78
N PRO K 78 -16.27 -49.23 51.80
CA PRO K 78 -16.01 -48.12 52.74
C PRO K 78 -15.19 -46.98 52.15
N GLU K 79 -14.74 -47.08 50.90
CA GLU K 79 -13.98 -46.01 50.27
C GLU K 79 -14.24 -46.01 48.78
N TRP K 80 -14.28 -44.82 48.17
CA TRP K 80 -14.39 -44.72 46.72
C TRP K 80 -13.75 -43.42 46.26
N SER K 81 -13.35 -43.39 44.99
CA SER K 81 -12.66 -42.26 44.39
C SER K 81 -13.58 -41.33 43.61
N TYR K 82 -14.60 -41.87 42.95
CA TYR K 82 -15.61 -41.07 42.26
C TYR K 82 -16.87 -41.91 42.10
N ILE K 83 -17.98 -41.23 41.79
CA ILE K 83 -19.27 -41.88 41.60
C ILE K 83 -19.54 -42.04 40.12
N VAL K 84 -19.99 -43.22 39.72
CA VAL K 84 -20.44 -43.49 38.35
C VAL K 84 -21.93 -43.72 38.39
N GLU K 85 -22.68 -42.84 37.73
CA GLU K 85 -24.13 -42.92 37.65
C GLU K 85 -24.54 -43.11 36.20
N ARG K 86 -25.76 -43.61 36.01
CA ARG K 86 -26.35 -43.69 34.68
C ARG K 86 -27.22 -42.47 34.42
N ALA K 87 -27.46 -42.21 33.13
CA ALA K 87 -28.17 -40.98 32.75
C ALA K 87 -29.56 -40.93 33.37
N ASN K 88 -30.28 -42.06 33.35
CA ASN K 88 -31.63 -42.15 33.90
C ASN K 88 -31.67 -43.33 34.85
N PRO K 89 -31.32 -43.13 36.12
CA PRO K 89 -31.36 -44.23 37.09
C PRO K 89 -32.75 -44.82 37.22
N ALA K 90 -32.80 -46.16 37.36
CA ALA K 90 -34.09 -46.85 37.31
C ALA K 90 -34.91 -46.61 38.57
N ASN K 91 -34.27 -46.64 39.74
CA ASN K 91 -34.96 -46.52 41.02
C ASN K 91 -34.34 -45.37 41.79
N ASP K 92 -34.99 -44.20 41.75
CA ASP K 92 -34.53 -43.05 42.53
C ASP K 92 -35.26 -42.97 43.87
N LEU K 93 -36.58 -42.77 43.82
CA LEU K 93 -37.39 -42.61 45.03
C LEU K 93 -38.72 -43.30 44.76
N CYS K 94 -38.91 -44.47 45.39
CA CYS K 94 -40.12 -45.25 45.12
C CYS K 94 -41.37 -44.48 45.54
N TYR K 95 -41.35 -43.85 46.72
CA TYR K 95 -42.41 -42.94 47.15
C TYR K 95 -42.11 -41.53 46.66
N PRO K 96 -43.05 -40.86 45.99
CA PRO K 96 -42.74 -39.54 45.44
C PRO K 96 -42.34 -38.56 46.53
N GLY K 97 -41.33 -37.75 46.21
CA GLY K 97 -40.80 -36.80 47.18
C GLY K 97 -39.54 -36.15 46.67
N SER K 98 -38.69 -35.74 47.61
CA SER K 98 -37.46 -35.05 47.27
C SER K 98 -36.46 -35.19 48.41
N LEU K 99 -35.21 -34.87 48.09
CA LEU K 99 -34.13 -34.81 49.06
C LEU K 99 -33.52 -33.42 49.00
N ASN K 100 -33.53 -32.72 50.13
CA ASN K 100 -33.04 -31.35 50.18
C ASN K 100 -31.54 -31.28 49.91
N ASP K 101 -31.11 -30.25 49.18
CA ASP K 101 -29.69 -30.02 48.86
C ASP K 101 -29.07 -31.25 48.22
N TYR K 102 -29.82 -31.90 47.32
CA TYR K 102 -29.41 -33.18 46.77
C TYR K 102 -28.10 -33.07 46.01
N GLU K 103 -27.93 -32.00 45.24
CA GLU K 103 -26.70 -31.85 44.46
C GLU K 103 -25.50 -31.60 45.37
N GLU K 104 -25.68 -30.81 46.43
CA GLU K 104 -24.60 -30.59 47.37
C GLU K 104 -24.23 -31.88 48.09
N LEU K 105 -25.23 -32.71 48.40
CA LEU K 105 -24.96 -34.00 49.04
C LEU K 105 -24.17 -34.92 48.13
N LYS K 106 -24.55 -34.98 46.85
CA LYS K 106 -23.83 -35.84 45.90
C LYS K 106 -22.37 -35.40 45.77
N HIS K 107 -22.13 -34.09 45.69
CA HIS K 107 -20.77 -33.58 45.59
C HIS K 107 -19.95 -33.95 46.81
N MET K 108 -20.56 -33.91 48.00
CA MET K 108 -19.86 -34.34 49.20
C MET K 108 -19.54 -35.81 49.16
N LEU K 109 -20.46 -36.63 48.63
CA LEU K 109 -20.31 -38.08 48.58
C LEU K 109 -19.54 -38.56 47.36
N SER K 110 -18.99 -37.65 46.55
CA SER K 110 -18.29 -38.08 45.35
C SER K 110 -16.94 -38.73 45.66
N ARG K 111 -16.40 -38.54 46.86
CA ARG K 111 -15.10 -39.11 47.21
C ARG K 111 -15.03 -39.22 48.73
N ILE K 112 -15.12 -40.44 49.25
CA ILE K 112 -15.23 -40.68 50.68
C ILE K 112 -14.09 -41.60 51.12
N ASN K 113 -13.38 -41.19 52.17
CA ASN K 113 -12.29 -42.00 52.72
C ASN K 113 -12.84 -43.20 53.48
N HIS K 114 -13.75 -42.96 54.42
CA HIS K 114 -14.34 -44.01 55.25
C HIS K 114 -15.85 -43.83 55.29
N PHE K 115 -16.59 -44.90 54.96
CA PHE K 115 -18.04 -44.86 54.91
C PHE K 115 -18.59 -46.14 55.54
N GLU K 116 -19.26 -46.00 56.69
CA GLU K 116 -19.82 -47.14 57.42
C GLU K 116 -21.27 -46.84 57.80
N LYS K 117 -22.13 -47.84 57.65
CA LYS K 117 -23.53 -47.71 58.03
C LYS K 117 -23.72 -48.31 59.42
N ILE K 118 -24.29 -47.51 60.33
CA ILE K 118 -24.55 -47.94 61.70
C ILE K 118 -25.99 -47.61 62.06
N GLN K 119 -26.54 -48.38 63.00
CA GLN K 119 -27.88 -48.14 63.51
C GLN K 119 -27.80 -47.18 64.70
N ILE K 120 -28.53 -46.08 64.63
CA ILE K 120 -28.52 -45.08 65.69
C ILE K 120 -29.84 -45.01 66.45
N ILE K 121 -30.95 -45.42 65.86
CA ILE K 121 -32.23 -45.46 66.56
C ILE K 121 -32.92 -46.77 66.24
N PRO K 122 -32.79 -47.80 67.08
CA PRO K 122 -33.48 -49.06 66.82
C PRO K 122 -34.97 -48.92 66.98
N LYS K 123 -35.71 -49.80 66.28
CA LYS K 123 -37.17 -49.73 66.32
C LYS K 123 -37.72 -49.98 67.72
N SER K 124 -36.92 -50.58 68.61
CA SER K 124 -37.34 -50.79 69.99
C SER K 124 -37.57 -49.48 70.72
N SER K 125 -37.00 -48.37 70.24
CA SER K 125 -37.12 -47.08 70.89
C SER K 125 -38.40 -46.34 70.52
N TRP K 126 -39.35 -47.00 69.84
CA TRP K 126 -40.66 -46.43 69.52
C TRP K 126 -41.73 -47.36 70.08
N PRO K 127 -41.87 -47.43 71.41
CA PRO K 127 -42.84 -48.36 72.00
C PRO K 127 -44.28 -47.85 71.88
N ASN K 128 -44.45 -46.54 71.87
CA ASN K 128 -45.78 -45.95 71.84
C ASN K 128 -46.29 -45.66 70.43
N HIS K 129 -45.50 -45.96 69.41
CA HIS K 129 -45.89 -45.74 68.03
C HIS K 129 -45.70 -47.03 67.24
N GLU K 130 -46.52 -47.20 66.20
CA GLU K 130 -46.38 -48.34 65.33
C GLU K 130 -45.17 -48.16 64.41
N THR K 131 -44.35 -49.22 64.30
CA THR K 131 -43.14 -49.17 63.51
C THR K 131 -43.17 -50.10 62.29
N SER K 132 -44.29 -50.79 62.05
CA SER K 132 -44.39 -51.74 60.96
C SER K 132 -45.59 -51.50 60.04
N LEU K 133 -46.37 -50.46 60.28
CA LEU K 133 -47.53 -50.17 59.44
C LEU K 133 -47.29 -49.01 58.48
N GLY K 134 -46.16 -48.32 58.58
CA GLY K 134 -45.90 -47.24 57.63
C GLY K 134 -45.25 -47.82 56.41
N VAL K 135 -46.07 -48.07 55.40
CA VAL K 135 -45.74 -49.02 54.34
C VAL K 135 -46.63 -48.70 53.13
N SER K 136 -46.03 -48.67 51.95
CA SER K 136 -46.75 -48.28 50.74
C SER K 136 -46.49 -49.28 49.62
N ALA K 137 -47.47 -49.40 48.73
CA ALA K 137 -47.32 -50.24 47.55
C ALA K 137 -46.28 -49.68 46.58
N ALA K 138 -46.00 -48.38 46.62
CA ALA K 138 -45.01 -47.80 45.73
C ALA K 138 -43.61 -48.33 46.01
N CYS K 139 -43.39 -48.95 47.17
CA CYS K 139 -42.08 -49.45 47.57
C CYS K 139 -42.19 -50.93 47.92
N PRO K 140 -42.31 -51.79 46.91
CA PRO K 140 -42.38 -53.22 47.18
C PRO K 140 -41.06 -53.77 47.71
N TYR K 141 -41.18 -54.78 48.58
CA TYR K 141 -40.02 -55.46 49.13
C TYR K 141 -40.46 -56.85 49.60
N GLN K 142 -39.75 -57.88 49.15
CA GLN K 142 -40.16 -59.28 49.32
C GLN K 142 -41.56 -59.50 48.78
N GLY K 143 -41.87 -58.85 47.66
CA GLY K 143 -43.18 -58.99 47.05
C GLY K 143 -44.32 -58.45 47.88
N ALA K 144 -44.03 -57.61 48.87
CA ALA K 144 -45.01 -57.05 49.78
C ALA K 144 -44.86 -55.55 49.81
N PRO K 145 -45.92 -54.82 50.17
CA PRO K 145 -45.79 -53.38 50.39
C PRO K 145 -44.77 -53.08 51.48
N SER K 146 -43.99 -52.02 51.27
CA SER K 146 -42.90 -51.68 52.19
C SER K 146 -42.57 -50.20 52.03
N PHE K 147 -41.41 -49.80 52.52
CA PHE K 147 -40.97 -48.42 52.53
C PHE K 147 -39.45 -48.39 52.42
N PHE K 148 -38.87 -47.19 52.51
CA PHE K 148 -37.42 -47.06 52.58
C PHE K 148 -36.91 -47.81 53.80
N ARG K 149 -35.85 -48.58 53.60
CA ARG K 149 -35.40 -49.52 54.63
C ARG K 149 -34.40 -48.91 55.61
N ASN K 150 -33.98 -47.67 55.41
CA ASN K 150 -33.07 -47.01 56.32
C ASN K 150 -33.75 -45.94 57.17
N VAL K 151 -35.04 -45.69 56.96
CA VAL K 151 -35.84 -44.83 57.81
C VAL K 151 -37.11 -45.59 58.17
N VAL K 152 -37.79 -45.11 59.22
CA VAL K 152 -39.00 -45.75 59.71
C VAL K 152 -40.15 -44.74 59.63
N TRP K 153 -41.28 -45.19 59.08
CA TRP K 153 -42.48 -44.38 58.94
C TRP K 153 -43.37 -44.62 60.16
N LEU K 154 -43.42 -43.65 61.08
CA LEU K 154 -44.11 -43.83 62.35
C LEU K 154 -45.60 -43.59 62.21
N ILE K 155 -46.41 -44.49 62.78
CA ILE K 155 -47.86 -44.46 62.68
C ILE K 155 -48.44 -44.51 64.09
N LYS K 156 -49.66 -44.03 64.24
CA LYS K 156 -50.32 -44.00 65.53
C LYS K 156 -50.57 -45.42 66.05
N LYS K 157 -50.60 -45.55 67.37
CA LYS K 157 -50.89 -46.80 68.05
C LYS K 157 -52.03 -46.59 69.03
N ASN K 158 -53.04 -47.46 68.97
CA ASN K 158 -54.23 -47.36 69.82
C ASN K 158 -54.93 -46.01 69.67
N ASP K 159 -55.02 -45.54 68.41
CA ASP K 159 -55.63 -44.25 68.08
C ASP K 159 -54.98 -43.10 68.85
N ALA K 160 -53.65 -43.13 68.95
CA ALA K 160 -52.92 -42.09 69.65
C ALA K 160 -51.54 -41.95 69.05
N TYR K 161 -51.07 -40.71 68.97
CA TYR K 161 -49.72 -40.40 68.50
C TYR K 161 -49.08 -39.47 69.53
N PRO K 162 -48.45 -40.04 70.56
CA PRO K 162 -47.79 -39.20 71.58
C PRO K 162 -46.64 -38.41 70.97
N THR K 163 -46.37 -37.25 71.57
CA THR K 163 -45.30 -36.39 71.08
C THR K 163 -43.94 -37.05 71.32
N ILE K 164 -43.12 -37.07 70.28
CA ILE K 164 -41.81 -37.71 70.32
C ILE K 164 -40.76 -36.71 70.80
N LYS K 165 -39.89 -37.16 71.71
CA LYS K 165 -38.75 -36.38 72.17
C LYS K 165 -37.57 -37.34 72.32
N ILE K 166 -36.75 -37.45 71.27
CA ILE K 166 -35.63 -38.38 71.25
C ILE K 166 -34.38 -37.65 70.80
N SER K 167 -33.23 -38.11 71.30
CA SER K 167 -31.95 -37.48 71.02
C SER K 167 -30.89 -38.55 70.77
N TYR K 168 -29.86 -38.15 70.03
CA TYR K 168 -28.72 -39.02 69.73
C TYR K 168 -27.44 -38.20 69.79
N ASN K 169 -26.41 -38.74 70.44
CA ASN K 169 -25.24 -37.96 70.85
C ASN K 169 -24.01 -38.19 69.97
N ASN K 170 -23.96 -39.25 69.16
CA ASN K 170 -22.85 -39.50 68.24
C ASN K 170 -21.52 -39.63 69.00
N THR K 171 -21.46 -40.71 69.77
CA THR K 171 -20.25 -41.04 70.52
C THR K 171 -19.08 -41.44 69.62
N ASN K 172 -19.31 -41.67 68.33
CA ASN K 172 -18.24 -42.10 67.44
C ASN K 172 -17.20 -40.98 67.24
N ARG K 173 -16.05 -41.37 66.71
CA ARG K 173 -14.98 -40.42 66.40
C ARG K 173 -15.16 -39.77 65.05
N GLU K 174 -16.13 -40.20 64.26
CA GLU K 174 -16.30 -39.79 62.88
C GLU K 174 -17.58 -38.98 62.72
N ASP K 175 -17.60 -38.16 61.67
CA ASP K 175 -18.81 -37.42 61.35
C ASP K 175 -19.92 -38.39 60.95
N LEU K 176 -21.15 -38.00 61.25
CA LEU K 176 -22.31 -38.83 61.01
C LEU K 176 -23.26 -38.12 60.05
N LEU K 177 -23.68 -38.83 58.99
CA LEU K 177 -24.66 -38.33 58.04
C LEU K 177 -26.00 -38.95 58.37
N ILE K 178 -26.96 -38.11 58.76
CA ILE K 178 -28.28 -38.56 59.21
C ILE K 178 -29.33 -38.03 58.27
N LEU K 179 -30.32 -38.87 57.94
CA LEU K 179 -31.41 -38.51 57.04
C LEU K 179 -32.74 -38.75 57.72
N TRP K 180 -33.62 -37.75 57.67
CA TRP K 180 -34.99 -37.85 58.17
C TRP K 180 -35.91 -37.20 57.15
N GLY K 181 -37.21 -37.37 57.36
CA GLY K 181 -38.16 -36.81 56.41
C GLY K 181 -39.51 -36.49 57.04
N ILE K 182 -40.38 -35.93 56.21
CA ILE K 182 -41.75 -35.60 56.62
C ILE K 182 -42.72 -36.10 55.56
N HIS K 183 -43.88 -36.57 55.99
CA HIS K 183 -44.94 -37.01 55.09
C HIS K 183 -45.96 -35.89 54.93
N HIS K 184 -46.29 -35.58 53.68
CA HIS K 184 -47.35 -34.63 53.36
C HIS K 184 -48.61 -35.43 53.01
N SER K 185 -49.67 -35.23 53.79
CA SER K 185 -50.91 -35.96 53.60
C SER K 185 -51.75 -35.37 52.47
N ASN K 186 -52.75 -36.13 52.03
CA ASN K 186 -53.62 -35.73 50.92
C ASN K 186 -54.88 -35.02 51.38
N ASN K 187 -55.40 -35.36 52.56
CA ASN K 187 -56.61 -34.75 53.08
C ASN K 187 -56.57 -34.84 54.61
N ALA K 188 -57.58 -34.24 55.24
CA ALA K 188 -57.65 -34.28 56.70
C ALA K 188 -57.89 -35.69 57.21
N GLU K 189 -58.72 -36.47 56.52
CA GLU K 189 -59.06 -37.80 57.00
C GLU K 189 -57.85 -38.72 57.02
N GLU K 190 -57.02 -38.67 55.96
CA GLU K 190 -55.80 -39.45 55.96
C GLU K 190 -54.88 -39.02 57.09
N GLN K 191 -54.86 -37.72 57.39
CA GLN K 191 -54.02 -37.22 58.47
C GLN K 191 -54.43 -37.83 59.81
N THR K 192 -55.74 -37.87 60.08
CA THR K 192 -56.21 -38.48 61.33
C THR K 192 -56.16 -40.00 61.28
N ASN K 193 -56.36 -40.60 60.11
CA ASN K 193 -56.27 -42.06 60.00
C ASN K 193 -54.86 -42.57 60.18
N LEU K 194 -53.85 -41.70 60.05
CA LEU K 194 -52.46 -42.11 60.21
C LEU K 194 -51.78 -41.51 61.44
N TYR K 195 -52.19 -40.32 61.89
CA TYR K 195 -51.52 -39.65 62.99
C TYR K 195 -52.44 -39.10 64.07
N LYS K 196 -53.76 -39.02 63.83
CA LYS K 196 -54.76 -38.68 64.83
C LYS K 196 -54.69 -37.22 65.27
N ASN K 197 -53.63 -36.52 64.86
CA ASN K 197 -53.47 -35.12 65.22
C ASN K 197 -53.66 -34.27 63.97
N PRO K 198 -54.62 -33.35 63.96
CA PRO K 198 -54.88 -32.60 62.73
C PRO K 198 -53.76 -31.65 62.35
N ILE K 199 -53.18 -30.95 63.31
CA ILE K 199 -52.09 -30.02 63.06
C ILE K 199 -50.84 -30.56 63.73
N THR K 200 -49.78 -30.76 62.96
CA THR K 200 -48.57 -31.41 63.45
C THR K 200 -47.35 -30.59 63.06
N TYR K 201 -46.20 -30.98 63.60
CA TYR K 201 -44.94 -30.29 63.34
C TYR K 201 -43.79 -31.26 63.49
N ILE K 202 -42.64 -30.87 62.95
CA ILE K 202 -41.39 -31.59 63.13
C ILE K 202 -40.30 -30.58 63.47
N SER K 203 -39.54 -30.87 64.52
CA SER K 203 -38.43 -30.00 64.94
C SER K 203 -37.16 -30.83 65.01
N VAL K 204 -36.10 -30.31 64.42
CA VAL K 204 -34.79 -30.97 64.42
C VAL K 204 -33.76 -29.93 64.81
N GLY K 205 -33.04 -30.19 65.88
CA GLY K 205 -32.03 -29.27 66.36
C GLY K 205 -30.71 -29.96 66.62
N THR K 206 -29.63 -29.24 66.37
CA THR K 206 -28.27 -29.66 66.71
C THR K 206 -27.55 -28.41 67.21
N SER K 207 -26.22 -28.45 67.22
CA SER K 207 -25.47 -27.24 67.55
C SER K 207 -25.72 -26.15 66.52
N THR K 208 -25.83 -26.53 65.24
CA THR K 208 -26.06 -25.57 64.16
C THR K 208 -27.44 -25.66 63.53
N LEU K 209 -28.05 -26.84 63.52
CA LEU K 209 -29.34 -27.04 62.87
C LEU K 209 -30.48 -26.57 63.77
N ASN K 210 -31.44 -25.87 63.16
CA ASN K 210 -32.65 -25.41 63.86
C ASN K 210 -33.77 -25.37 62.82
N GLN K 211 -34.50 -26.48 62.70
CA GLN K 211 -35.44 -26.69 61.60
C GLN K 211 -36.85 -26.95 62.13
N ARG K 212 -37.83 -26.26 61.55
CA ARG K 212 -39.23 -26.48 61.84
C ARG K 212 -39.96 -26.81 60.56
N LEU K 213 -40.74 -27.89 60.57
CA LEU K 213 -41.48 -28.32 59.39
C LEU K 213 -42.93 -28.54 59.78
N ALA K 214 -43.80 -28.43 58.78
CA ALA K 214 -45.22 -28.72 58.95
C ALA K 214 -45.72 -29.34 57.66
N PRO K 215 -46.65 -30.29 57.75
CA PRO K 215 -47.18 -30.92 56.53
C PRO K 215 -47.93 -29.91 55.69
N LYS K 216 -47.88 -30.13 54.38
CA LYS K 216 -48.65 -29.35 53.40
C LYS K 216 -49.74 -30.28 52.87
N ILE K 217 -50.86 -30.32 53.59
CA ILE K 217 -51.99 -31.19 53.25
C ILE K 217 -52.74 -30.53 52.08
N ALA K 218 -52.55 -31.07 50.87
CA ALA K 218 -53.10 -30.46 49.67
C ALA K 218 -53.22 -31.53 48.59
N THR K 219 -53.92 -31.17 47.51
CA THR K 219 -54.17 -32.08 46.40
C THR K 219 -53.02 -32.01 45.39
N ARG K 220 -52.44 -33.16 45.08
CA ARG K 220 -51.34 -33.24 44.12
C ARG K 220 -51.64 -34.29 43.07
N SER K 221 -50.81 -34.30 42.03
CA SER K 221 -50.89 -35.33 41.00
C SER K 221 -50.36 -36.66 41.53
N GLN K 222 -50.83 -37.75 40.94
CA GLN K 222 -50.40 -39.09 41.34
C GLN K 222 -49.06 -39.43 40.71
N VAL K 223 -48.14 -39.94 41.51
CA VAL K 223 -46.85 -40.42 41.05
C VAL K 223 -46.62 -41.79 41.69
N ASN K 224 -46.39 -42.81 40.87
CA ASN K 224 -46.31 -44.19 41.34
C ASN K 224 -47.56 -44.57 42.15
N GLY K 225 -48.71 -44.07 41.69
CA GLY K 225 -49.96 -44.32 42.37
C GLY K 225 -50.14 -43.59 43.68
N GLN K 226 -49.30 -42.62 43.99
CA GLN K 226 -49.31 -41.94 45.27
C GLN K 226 -49.51 -40.45 45.08
N ARG K 227 -50.46 -39.87 45.81
CA ARG K 227 -50.66 -38.43 45.84
C ARG K 227 -50.01 -37.77 47.04
N GLY K 228 -49.39 -38.55 47.93
CA GLY K 228 -48.62 -37.98 49.02
C GLY K 228 -47.18 -37.76 48.64
N ARG K 229 -46.45 -37.10 49.53
CA ARG K 229 -45.06 -36.77 49.27
C ARG K 229 -44.24 -36.96 50.53
N MET K 230 -42.97 -37.33 50.34
CA MET K 230 -42.00 -37.42 51.43
C MET K 230 -40.87 -36.44 51.16
N ASP K 231 -40.70 -35.47 52.04
CA ASP K 231 -39.63 -34.50 51.91
C ASP K 231 -38.51 -34.91 52.86
N PHE K 232 -37.42 -35.40 52.30
CA PHE K 232 -36.27 -35.88 53.07
C PHE K 232 -35.23 -34.78 53.21
N PHE K 233 -34.53 -34.81 54.35
CA PHE K 233 -33.49 -33.85 54.66
C PHE K 233 -32.27 -34.60 55.19
N TRP K 234 -31.17 -33.86 55.35
CA TRP K 234 -29.96 -34.47 55.87
C TRP K 234 -29.14 -33.43 56.62
N THR K 235 -28.19 -33.92 57.40
CA THR K 235 -27.23 -33.06 58.09
C THR K 235 -26.02 -33.90 58.46
N ILE K 236 -24.93 -33.22 58.76
CA ILE K 236 -23.70 -33.86 59.23
C ILE K 236 -23.58 -33.56 60.72
N LEU K 237 -23.64 -34.62 61.52
CA LEU K 237 -23.52 -34.48 62.97
C LEU K 237 -22.06 -34.63 63.37
N LYS K 238 -21.48 -33.56 63.92
CA LYS K 238 -20.09 -33.60 64.33
C LYS K 238 -19.93 -34.55 65.53
N PRO K 239 -18.74 -35.16 65.67
CA PRO K 239 -18.51 -36.02 66.84
C PRO K 239 -18.74 -35.25 68.14
N ASN K 240 -19.42 -35.92 69.08
CA ASN K 240 -19.80 -35.40 70.39
C ASN K 240 -20.89 -34.35 70.33
N ASP K 241 -21.49 -34.14 69.17
CA ASP K 241 -22.65 -33.27 69.02
C ASP K 241 -23.92 -34.12 68.98
N ALA K 242 -25.01 -33.55 69.48
CA ALA K 242 -26.27 -34.27 69.59
C ALA K 242 -27.33 -33.67 68.68
N ILE K 243 -28.23 -34.54 68.19
CA ILE K 243 -29.36 -34.14 67.36
C ILE K 243 -30.64 -34.41 68.16
N HIS K 244 -31.61 -33.51 68.05
CA HIS K 244 -32.82 -33.58 68.86
C HIS K 244 -34.06 -33.52 67.97
N PHE K 245 -34.87 -34.57 68.00
CA PHE K 245 -36.09 -34.67 67.22
C PHE K 245 -37.30 -34.44 68.13
N GLU K 246 -38.25 -33.66 67.64
CA GLU K 246 -39.54 -33.54 68.31
C GLU K 246 -40.64 -33.43 67.27
N SER K 247 -41.67 -34.26 67.39
CA SER K 247 -42.75 -34.27 66.42
C SER K 247 -44.00 -34.91 67.04
N ASN K 248 -45.15 -34.54 66.48
CA ASN K 248 -46.42 -35.13 66.87
C ASN K 248 -47.18 -35.69 65.66
N GLY K 249 -46.48 -35.94 64.56
CA GLY K 249 -47.08 -36.56 63.40
C GLY K 249 -46.25 -36.33 62.16
N ASN K 250 -46.50 -37.17 61.15
CA ASN K 250 -45.90 -37.05 59.82
C ASN K 250 -44.38 -37.18 59.84
N PHE K 251 -43.84 -37.79 60.88
CA PHE K 251 -42.40 -37.92 61.06
C PHE K 251 -41.90 -39.20 60.40
N ILE K 252 -40.82 -39.08 59.63
CA ILE K 252 -40.09 -40.20 59.08
C ILE K 252 -38.74 -40.22 59.79
N ALA K 253 -38.62 -41.09 60.80
CA ALA K 253 -37.47 -41.08 61.68
C ALA K 253 -36.29 -41.83 61.06
N PRO K 254 -35.06 -41.45 61.41
CA PRO K 254 -33.89 -42.24 60.98
C PRO K 254 -33.77 -43.51 61.79
N GLU K 255 -33.42 -44.60 61.11
CA GLU K 255 -33.01 -45.82 61.77
C GLU K 255 -31.52 -46.10 61.63
N TYR K 256 -30.95 -45.77 60.48
CA TYR K 256 -29.52 -45.94 60.24
C TYR K 256 -28.92 -44.61 59.80
N ALA K 257 -27.71 -44.35 60.25
CA ALA K 257 -26.92 -43.22 59.82
C ALA K 257 -25.63 -43.74 59.16
N TYR K 258 -24.73 -42.81 58.83
CA TYR K 258 -23.51 -43.17 58.12
C TYR K 258 -22.31 -42.48 58.76
N LYS K 259 -21.40 -43.27 59.34
CA LYS K 259 -20.08 -42.74 59.68
C LYS K 259 -19.37 -42.35 58.39
N ILE K 260 -18.90 -41.11 58.33
CA ILE K 260 -18.35 -40.58 57.09
C ILE K 260 -17.09 -39.78 57.40
N VAL K 261 -16.03 -40.04 56.64
CA VAL K 261 -14.78 -39.29 56.73
C VAL K 261 -14.40 -38.88 55.32
N LYS K 262 -14.29 -37.58 55.10
CA LYS K 262 -13.99 -37.02 53.78
C LYS K 262 -12.65 -36.30 53.82
N LYS K 263 -11.79 -36.58 52.84
CA LYS K 263 -10.50 -35.91 52.73
C LYS K 263 -10.37 -35.11 51.45
N GLY K 264 -10.66 -35.71 50.29
CA GLY K 264 -10.56 -35.03 49.02
C GLY K 264 -11.91 -34.92 48.32
N ASP K 265 -11.91 -34.20 47.20
CA ASP K 265 -13.12 -33.92 46.46
C ASP K 265 -13.07 -34.56 45.08
N SER K 266 -14.25 -34.84 44.53
CA SER K 266 -14.36 -35.38 43.18
C SER K 266 -15.68 -34.89 42.59
N THR K 267 -16.14 -35.55 41.54
CA THR K 267 -17.45 -35.28 40.96
C THR K 267 -18.09 -36.59 40.54
N ILE K 268 -19.26 -36.50 39.95
CA ILE K 268 -20.01 -37.67 39.48
C ILE K 268 -19.82 -37.80 37.98
N MET K 269 -19.46 -39.00 37.53
CA MET K 269 -19.29 -39.29 36.11
C MET K 269 -20.50 -40.08 35.60
N LYS K 270 -21.11 -39.58 34.53
CA LYS K 270 -22.27 -40.24 33.92
C LYS K 270 -21.76 -41.12 32.79
N SER K 271 -21.71 -42.43 33.04
CA SER K 271 -21.16 -43.36 32.06
C SER K 271 -21.85 -44.71 32.21
N GLY K 272 -22.19 -45.31 31.07
CA GLY K 272 -22.71 -46.66 31.01
C GLY K 272 -21.66 -47.71 30.71
N VAL K 273 -20.43 -47.30 30.42
CA VAL K 273 -19.35 -48.23 30.11
C VAL K 273 -19.09 -49.12 31.32
N GLU K 274 -18.84 -50.41 31.05
CA GLU K 274 -18.58 -51.36 32.12
C GLU K 274 -17.18 -51.16 32.70
N TYR K 275 -16.99 -51.68 33.91
CA TYR K 275 -15.73 -51.56 34.63
C TYR K 275 -14.71 -52.58 34.11
N GLY K 276 -13.42 -52.22 34.23
CA GLY K 276 -12.37 -52.99 33.58
C GLY K 276 -11.20 -53.44 34.43
N HIS K 277 -11.28 -53.28 35.76
CA HIS K 277 -10.30 -53.86 36.70
C HIS K 277 -8.88 -53.36 36.45
N CYS K 278 -8.73 -52.07 36.14
CA CYS K 278 -7.41 -51.49 35.91
C CYS K 278 -7.31 -50.15 36.63
N ASN K 279 -6.11 -49.58 36.60
CA ASN K 279 -5.81 -48.31 37.25
C ASN K 279 -5.49 -47.24 36.22
N THR K 280 -5.65 -45.98 36.62
CA THR K 280 -5.36 -44.85 35.75
C THR K 280 -5.18 -43.59 36.60
N LYS K 281 -4.67 -42.55 35.94
CA LYS K 281 -4.59 -41.22 36.52
C LYS K 281 -5.58 -40.24 35.90
N CYS K 282 -6.17 -40.60 34.76
CA CYS K 282 -7.10 -39.74 34.04
C CYS K 282 -8.25 -40.59 33.51
N GLN K 283 -9.47 -40.28 33.93
CA GLN K 283 -10.65 -41.07 33.57
C GLN K 283 -11.67 -40.18 32.87
N THR K 284 -12.23 -40.71 31.79
CA THR K 284 -13.28 -40.07 31.01
C THR K 284 -14.45 -41.03 30.86
N PRO K 285 -15.67 -40.51 30.64
CA PRO K 285 -16.86 -41.39 30.60
C PRO K 285 -16.84 -42.41 29.47
N VAL K 286 -15.81 -42.39 28.62
CA VAL K 286 -15.66 -43.36 27.55
C VAL K 286 -14.40 -44.18 27.67
N GLY K 287 -13.58 -43.95 28.68
CA GLY K 287 -12.34 -44.67 28.86
C GLY K 287 -11.31 -43.82 29.58
N ALA K 288 -10.24 -44.48 30.00
CA ALA K 288 -9.17 -43.82 30.73
C ALA K 288 -8.00 -43.52 29.80
N ILE K 289 -7.09 -42.68 30.28
CA ILE K 289 -5.96 -42.18 29.49
C ILE K 289 -4.66 -42.48 30.23
N ASN K 290 -3.70 -43.07 29.53
CA ASN K 290 -2.33 -43.24 30.00
C ASN K 290 -1.43 -42.51 29.02
N SER K 291 -0.97 -41.32 29.39
CA SER K 291 -0.17 -40.51 28.47
C SER K 291 0.63 -39.47 29.23
N SER K 292 1.68 -38.98 28.58
CA SER K 292 2.44 -37.83 29.06
C SER K 292 2.28 -36.63 28.14
N MET K 293 1.48 -36.75 27.09
CA MET K 293 1.28 -35.66 26.14
C MET K 293 0.51 -34.53 26.80
N PRO K 294 0.78 -33.28 26.41
CA PRO K 294 0.11 -32.14 27.04
C PRO K 294 -1.30 -31.89 26.54
N PHE K 295 -1.72 -32.54 25.46
CA PHE K 295 -3.02 -32.28 24.85
C PHE K 295 -3.74 -33.59 24.53
N HIS K 296 -5.06 -33.52 24.54
CA HIS K 296 -5.91 -34.64 24.17
C HIS K 296 -7.22 -34.10 23.62
N ASN K 297 -7.97 -34.98 22.94
CA ASN K 297 -9.21 -34.57 22.28
C ASN K 297 -10.32 -35.60 22.46
N ILE K 298 -10.30 -36.36 23.55
CA ILE K 298 -11.18 -37.52 23.69
C ILE K 298 -12.52 -37.13 24.31
N HIS K 299 -12.50 -36.57 25.52
CA HIS K 299 -13.73 -36.19 26.17
C HIS K 299 -13.48 -35.02 27.11
N PRO K 300 -14.38 -34.05 27.18
CA PRO K 300 -14.16 -32.91 28.08
C PRO K 300 -14.42 -33.24 29.53
N LEU K 301 -15.33 -34.18 29.80
CA LEU K 301 -15.76 -34.47 31.17
C LEU K 301 -14.77 -35.43 31.84
N THR K 302 -13.60 -34.89 32.14
CA THR K 302 -12.48 -35.69 32.65
C THR K 302 -12.41 -35.61 34.18
N ILE K 303 -11.93 -36.71 34.78
CA ILE K 303 -11.67 -36.78 36.22
C ILE K 303 -10.23 -37.24 36.40
N GLY K 304 -9.45 -36.48 37.17
CA GLY K 304 -8.07 -36.85 37.45
C GLY K 304 -7.06 -35.83 36.95
N GLU K 305 -5.81 -36.24 36.82
CA GLU K 305 -4.74 -35.40 36.28
C GLU K 305 -4.60 -35.72 34.80
N CYS K 306 -5.06 -34.81 33.95
CA CYS K 306 -5.24 -35.07 32.53
C CYS K 306 -4.50 -34.03 31.68
N PRO K 307 -4.21 -34.37 30.43
CA PRO K 307 -3.81 -33.34 29.46
C PRO K 307 -4.98 -32.41 29.18
N LYS K 308 -4.67 -31.26 28.59
CA LYS K 308 -5.68 -30.25 28.36
C LYS K 308 -6.49 -30.54 27.10
N TYR K 309 -7.80 -30.40 27.21
CA TYR K 309 -8.71 -30.76 26.12
C TYR K 309 -8.62 -29.72 25.00
N VAL K 310 -8.47 -30.20 23.77
CA VAL K 310 -8.39 -29.32 22.61
C VAL K 310 -9.32 -29.86 21.52
N LYS K 311 -9.72 -28.96 20.62
CA LYS K 311 -10.54 -29.32 19.47
C LYS K 311 -9.62 -29.40 18.25
N SER K 312 -9.01 -30.57 18.07
CA SER K 312 -8.09 -30.80 16.97
C SER K 312 -8.13 -32.26 16.58
N ASN K 313 -7.67 -32.54 15.36
CA ASN K 313 -7.54 -33.91 14.88
C ASN K 313 -6.11 -34.41 14.92
N LYS K 314 -5.13 -33.51 14.88
CA LYS K 314 -3.72 -33.89 14.86
C LYS K 314 -2.88 -32.67 15.17
N LEU K 315 -1.84 -32.86 16.00
CA LEU K 315 -0.84 -31.84 16.31
C LEU K 315 0.53 -32.45 16.02
N VAL K 316 0.99 -32.36 14.77
CA VAL K 316 2.23 -33.01 14.35
C VAL K 316 3.37 -31.99 14.40
N LEU K 317 4.49 -32.40 15.00
CA LEU K 317 5.69 -31.59 15.07
C LEU K 317 6.76 -32.19 14.17
N ALA K 318 7.35 -31.37 13.30
CA ALA K 318 8.43 -31.82 12.44
C ALA K 318 9.71 -31.93 13.26
N THR K 319 10.26 -33.14 13.34
CA THR K 319 11.56 -33.34 13.97
C THR K 319 12.65 -33.70 12.99
N GLY K 320 12.31 -34.14 11.78
CA GLY K 320 13.26 -34.44 10.74
C GLY K 320 13.42 -33.30 9.76
N LEU K 321 13.93 -33.64 8.58
CA LEU K 321 14.22 -32.67 7.54
C LEU K 321 13.05 -32.61 6.54
N ARG K 322 13.24 -31.88 5.45
CA ARG K 322 12.22 -31.75 4.42
C ARG K 322 12.46 -32.83 3.37
N ASN K 323 11.64 -33.88 3.41
CA ASN K 323 11.82 -35.00 2.49
C ASN K 323 11.47 -34.58 1.06
N SER K 324 12.29 -35.01 0.11
CA SER K 324 12.08 -34.72 -1.30
C SER K 324 12.38 -35.95 -2.14
N PRO K 325 11.38 -36.57 -2.77
CA PRO K 325 11.58 -37.78 -3.58
C PRO K 325 12.14 -37.48 -4.98
N GLY L 8 17.67 -24.80 -1.66
CA GLY L 8 18.62 -23.85 -2.22
C GLY L 8 19.55 -24.47 -3.23
N PHE L 9 20.86 -24.33 -2.99
CA PHE L 9 21.84 -24.90 -3.91
C PHE L 9 21.73 -26.43 -3.97
N ILE L 10 21.47 -27.06 -2.82
CA ILE L 10 21.10 -28.47 -2.81
C ILE L 10 19.62 -28.58 -3.18
N GLU L 11 19.32 -29.45 -4.14
CA GLU L 11 17.96 -29.52 -4.65
C GLU L 11 17.06 -30.31 -3.70
N GLY L 12 17.44 -31.54 -3.35
CA GLY L 12 16.55 -32.38 -2.57
C GLY L 12 17.20 -33.31 -1.57
N GLY L 13 18.51 -33.15 -1.34
CA GLY L 13 19.23 -34.03 -0.46
C GLY L 13 19.48 -35.39 -1.09
N TRP L 14 19.98 -36.30 -0.28
CA TRP L 14 20.37 -37.64 -0.75
C TRP L 14 19.72 -38.70 0.12
N GLN L 15 19.16 -39.74 -0.52
CA GLN L 15 18.68 -40.91 0.21
C GLN L 15 19.82 -41.81 0.68
N GLY L 16 20.97 -41.76 0.00
CA GLY L 16 22.14 -42.52 0.38
C GLY L 16 22.89 -41.96 1.56
N MET L 17 22.50 -40.78 2.04
CA MET L 17 23.08 -40.16 3.23
C MET L 17 22.42 -40.70 4.50
N VAL L 18 22.36 -42.04 4.61
CA VAL L 18 21.82 -42.65 5.83
C VAL L 18 22.95 -42.97 6.80
N ASP L 19 23.48 -41.92 7.45
CA ASP L 19 24.39 -42.12 8.57
C ASP L 19 24.24 -41.02 9.62
N GLY L 20 23.29 -40.11 9.45
CA GLY L 20 23.24 -38.89 10.22
C GLY L 20 22.72 -37.80 9.31
N TRP L 21 21.91 -36.89 9.86
CA TRP L 21 21.13 -35.98 9.02
C TRP L 21 22.02 -35.19 8.06
N TYR L 22 23.12 -34.66 8.56
CA TYR L 22 23.97 -33.75 7.80
C TYR L 22 25.36 -34.35 7.62
N GLY L 23 25.89 -34.23 6.40
CA GLY L 23 27.21 -34.76 6.11
C GLY L 23 27.65 -34.37 4.72
N TYR L 24 28.91 -34.70 4.42
CA TYR L 24 29.54 -34.40 3.16
C TYR L 24 29.47 -35.61 2.23
N HIS L 25 30.12 -35.50 1.07
CA HIS L 25 30.18 -36.60 0.11
C HIS L 25 31.39 -36.41 -0.78
N HIS L 26 32.25 -37.42 -0.83
CA HIS L 26 33.42 -37.43 -1.71
C HIS L 26 33.10 -38.19 -2.98
N SER L 27 33.70 -37.74 -4.08
CA SER L 27 33.40 -38.33 -5.39
C SER L 27 34.61 -38.21 -6.30
N ASN L 28 35.27 -39.34 -6.57
CA ASN L 28 36.31 -39.42 -7.58
C ASN L 28 36.51 -40.88 -7.94
N GLU L 29 37.30 -41.12 -9.00
CA GLU L 29 37.60 -42.49 -9.41
C GLU L 29 38.34 -43.25 -8.31
N GLN L 30 39.17 -42.56 -7.52
CA GLN L 30 39.85 -43.20 -6.39
C GLN L 30 38.85 -43.67 -5.34
N GLY L 31 37.81 -42.88 -5.09
CA GLY L 31 36.79 -43.24 -4.12
C GLY L 31 35.58 -42.32 -4.16
N SER L 32 34.39 -42.90 -4.14
CA SER L 32 33.15 -42.12 -4.19
C SER L 32 32.18 -42.67 -3.16
N GLY L 33 31.78 -41.84 -2.21
CA GLY L 33 30.85 -42.27 -1.17
C GLY L 33 30.48 -41.11 -0.28
N TYR L 34 29.49 -41.36 0.58
CA TYR L 34 28.99 -40.36 1.51
C TYR L 34 29.69 -40.46 2.85
N ALA L 35 29.71 -39.34 3.57
CA ALA L 35 30.33 -39.28 4.89
C ALA L 35 29.55 -38.30 5.75
N ALA L 36 29.22 -38.73 6.97
CA ALA L 36 28.43 -37.91 7.87
C ALA L 36 29.31 -37.04 8.76
N ASP L 37 28.68 -36.06 9.40
CA ASP L 37 29.31 -35.23 10.42
C ASP L 37 28.57 -35.52 11.72
N LYS L 38 29.19 -36.35 12.58
CA LYS L 38 28.52 -36.76 13.81
C LYS L 38 28.24 -35.58 14.73
N GLU L 39 29.13 -34.57 14.74
CA GLU L 39 28.96 -33.45 15.65
C GLU L 39 27.75 -32.60 15.27
N SER L 40 27.60 -32.28 13.99
CA SER L 40 26.48 -31.45 13.56
C SER L 40 25.15 -32.17 13.78
N THR L 41 25.10 -33.47 13.49
CA THR L 41 23.85 -34.21 13.64
C THR L 41 23.50 -34.43 15.10
N GLN L 42 24.50 -34.72 15.94
CA GLN L 42 24.23 -34.97 17.36
C GLN L 42 23.70 -33.72 18.04
N LYS L 43 24.24 -32.54 17.70
CA LYS L 43 23.70 -31.30 18.21
C LYS L 43 22.31 -31.01 17.66
N ALA L 44 21.94 -31.63 16.53
CA ALA L 44 20.61 -31.43 15.97
C ALA L 44 19.57 -32.28 16.69
N ILE L 45 19.82 -33.58 16.82
CA ILE L 45 18.86 -34.46 17.49
C ILE L 45 18.68 -34.03 18.94
N ASP L 46 19.76 -33.66 19.61
CA ASP L 46 19.65 -33.12 20.96
C ASP L 46 18.87 -31.82 20.97
N GLY L 47 19.03 -31.00 19.93
CA GLY L 47 18.25 -29.79 19.82
C GLY L 47 16.76 -30.07 19.66
N VAL L 48 16.40 -30.98 18.76
CA VAL L 48 14.99 -31.27 18.54
C VAL L 48 14.40 -32.05 19.72
N THR L 49 15.14 -33.01 20.27
CA THR L 49 14.59 -33.80 21.37
C THR L 49 14.34 -32.92 22.59
N ASN L 50 15.30 -32.07 22.94
CA ASN L 50 15.05 -31.08 23.98
C ASN L 50 13.89 -30.18 23.61
N LYS L 51 13.70 -29.93 22.31
CA LYS L 51 12.59 -29.12 21.85
C LYS L 51 11.26 -29.81 22.07
N VAL L 52 11.14 -31.06 21.62
CA VAL L 52 9.90 -31.81 21.84
C VAL L 52 9.67 -32.03 23.33
N ASN L 53 10.75 -32.28 24.08
CA ASN L 53 10.63 -32.46 25.52
C ASN L 53 10.18 -31.17 26.20
N SER L 54 10.72 -30.02 25.77
CA SER L 54 10.32 -28.76 26.37
C SER L 54 8.83 -28.47 26.17
N ILE L 55 8.33 -28.74 24.96
CA ILE L 55 6.90 -28.54 24.69
C ILE L 55 6.05 -29.56 25.43
N ILE L 56 6.65 -30.64 25.91
CA ILE L 56 5.94 -31.67 26.66
C ILE L 56 6.11 -31.49 28.17
N ASP L 57 7.35 -31.28 28.63
CA ASP L 57 7.68 -31.30 30.04
C ASP L 57 7.47 -29.97 30.74
N LYS L 58 7.05 -28.93 30.04
CA LYS L 58 6.75 -27.64 30.65
C LYS L 58 5.26 -27.45 30.89
N MET L 59 4.46 -28.50 30.70
CA MET L 59 3.01 -28.44 30.85
C MET L 59 2.64 -28.83 32.28
N ASN L 60 2.36 -27.84 33.12
CA ASN L 60 1.92 -28.12 34.48
C ASN L 60 0.47 -28.60 34.46
N THR L 61 0.22 -29.75 35.06
CA THR L 61 -1.10 -30.35 35.10
C THR L 61 -1.58 -30.44 36.55
N GLN L 62 -2.90 -30.39 36.71
CA GLN L 62 -3.52 -30.43 38.02
C GLN L 62 -4.64 -31.46 38.03
N PHE L 63 -4.97 -31.95 39.22
CA PHE L 63 -6.12 -32.83 39.39
C PHE L 63 -7.40 -32.00 39.33
N GLU L 64 -8.33 -32.38 38.46
CA GLU L 64 -9.61 -31.72 38.38
C GLU L 64 -10.72 -32.76 38.18
N ALA L 65 -11.89 -32.44 38.73
CA ALA L 65 -13.09 -33.26 38.57
C ALA L 65 -14.09 -32.44 37.75
N VAL L 66 -14.25 -32.79 36.49
CA VAL L 66 -15.07 -32.03 35.55
C VAL L 66 -16.37 -32.81 35.35
N GLY L 67 -17.43 -32.37 36.01
CA GLY L 67 -18.72 -33.02 35.90
C GLY L 67 -19.85 -32.06 35.60
N ARG L 68 -21.09 -32.52 35.77
CA ARG L 68 -22.28 -31.70 35.59
C ARG L 68 -23.14 -31.90 36.84
N GLU L 69 -22.97 -31.00 37.81
CA GLU L 69 -23.66 -31.15 39.09
C GLU L 69 -24.51 -29.93 39.40
N PHE L 70 -25.25 -29.43 38.40
CA PHE L 70 -26.19 -28.34 38.58
C PHE L 70 -27.56 -28.73 38.01
N ASN L 71 -28.62 -28.41 38.74
CA ASN L 71 -29.98 -28.80 38.38
C ASN L 71 -30.63 -27.74 37.49
N ASN L 72 -31.90 -27.94 37.14
CA ASN L 72 -32.56 -27.13 36.13
C ASN L 72 -32.90 -25.73 36.60
N LEU L 73 -32.79 -25.44 37.89
CA LEU L 73 -32.95 -24.09 38.40
C LEU L 73 -31.60 -23.43 38.71
N GLU L 74 -30.50 -24.01 38.21
CA GLU L 74 -29.17 -23.41 38.30
C GLU L 74 -28.52 -23.34 36.92
N ARG L 75 -29.33 -23.11 35.88
CA ARG L 75 -28.81 -23.09 34.51
C ARG L 75 -27.89 -21.90 34.26
N ARG L 76 -28.10 -20.78 34.97
CA ARG L 76 -27.18 -19.66 34.82
C ARG L 76 -25.77 -20.03 35.30
N ILE L 77 -25.67 -20.74 36.42
CA ILE L 77 -24.36 -21.17 36.90
C ILE L 77 -23.76 -22.20 35.96
N GLU L 78 -24.60 -23.06 35.38
CA GLU L 78 -24.13 -24.00 34.37
C GLU L 78 -23.59 -23.25 33.15
N ASN L 79 -24.29 -22.20 32.72
CA ASN L 79 -23.81 -21.40 31.60
C ASN L 79 -22.47 -20.75 31.91
N LEU L 80 -22.27 -20.33 33.16
CA LEU L 80 -20.96 -19.86 33.59
C LEU L 80 -19.90 -20.95 33.45
N ASN L 81 -20.25 -22.18 33.84
CA ASN L 81 -19.32 -23.30 33.69
C ASN L 81 -19.05 -23.58 32.22
N LYS L 82 -20.09 -23.54 31.38
CA LYS L 82 -19.91 -23.82 29.97
C LYS L 82 -18.97 -22.79 29.34
N LYS L 83 -19.15 -21.52 29.67
CA LYS L 83 -18.31 -20.48 29.08
C LYS L 83 -16.85 -20.63 29.48
N MET L 84 -16.58 -21.00 30.73
CA MET L 84 -15.20 -21.11 31.18
C MET L 84 -14.49 -22.29 30.54
N GLU L 85 -15.11 -23.47 30.55
CA GLU L 85 -14.53 -24.63 29.88
C GLU L 85 -14.37 -24.36 28.40
N ASP L 86 -15.39 -23.75 27.79
CA ASP L 86 -15.32 -23.39 26.38
C ASP L 86 -14.23 -22.36 26.13
N GLY L 87 -14.07 -21.38 27.02
CA GLY L 87 -13.00 -20.42 26.88
C GLY L 87 -11.63 -21.06 26.97
N PHE L 88 -11.45 -21.94 27.96
CA PHE L 88 -10.19 -22.66 28.09
C PHE L 88 -9.95 -23.57 26.88
N LEU L 89 -11.02 -24.16 26.36
CA LEU L 89 -10.90 -24.96 25.14
C LEU L 89 -10.35 -24.14 24.00
N ASP L 90 -10.88 -22.91 23.81
CA ASP L 90 -10.39 -22.05 22.74
C ASP L 90 -8.96 -21.59 23.01
N VAL L 91 -8.64 -21.26 24.27
CA VAL L 91 -7.29 -20.81 24.60
C VAL L 91 -6.28 -21.91 24.32
N TRP L 92 -6.59 -23.14 24.72
CA TRP L 92 -5.65 -24.24 24.52
C TRP L 92 -5.59 -24.66 23.06
N THR L 93 -6.72 -24.66 22.37
CA THR L 93 -6.72 -25.02 20.95
C THR L 93 -5.89 -24.04 20.13
N TYR L 94 -6.13 -22.74 20.31
CA TYR L 94 -5.42 -21.73 19.53
C TYR L 94 -3.93 -21.73 19.85
N ASN L 95 -3.58 -21.83 21.13
CA ASN L 95 -2.17 -21.87 21.51
C ASN L 95 -1.50 -23.15 21.02
N ALA L 96 -2.17 -24.29 21.17
CA ALA L 96 -1.58 -25.56 20.78
C ALA L 96 -1.29 -25.60 19.29
N GLU L 97 -2.29 -25.23 18.47
CA GLU L 97 -2.09 -25.25 17.03
C GLU L 97 -0.95 -24.32 16.64
N LEU L 98 -1.09 -23.02 16.93
CA LEU L 98 -0.12 -22.02 16.49
C LEU L 98 1.30 -22.37 16.88
N LEU L 99 1.49 -23.00 18.04
CA LEU L 99 2.82 -23.45 18.44
C LEU L 99 3.37 -24.50 17.47
N VAL L 100 2.51 -25.41 17.00
CA VAL L 100 2.94 -26.41 16.03
C VAL L 100 3.37 -25.73 14.73
N LEU L 101 2.56 -24.79 14.23
CA LEU L 101 2.93 -24.08 13.02
C LEU L 101 4.22 -23.28 13.19
N MET L 102 4.33 -22.54 14.30
CA MET L 102 5.47 -21.65 14.49
C MET L 102 6.78 -22.41 14.61
N GLU L 103 6.77 -23.53 15.35
CA GLU L 103 8.00 -24.28 15.55
C GLU L 103 8.29 -25.28 14.43
N ASN L 104 7.32 -25.55 13.55
CA ASN L 104 7.62 -26.40 12.41
C ASN L 104 8.44 -25.64 11.36
N GLU L 105 8.17 -24.36 11.18
CA GLU L 105 9.08 -23.52 10.39
C GLU L 105 10.45 -23.45 11.05
N ARG L 106 10.46 -23.25 12.37
CA ARG L 106 11.73 -23.07 13.09
C ARG L 106 12.62 -24.29 12.94
N THR L 107 12.05 -25.48 13.09
CA THR L 107 12.79 -26.70 12.84
C THR L 107 13.21 -26.80 11.37
N LEU L 108 12.28 -26.51 10.45
CA LEU L 108 12.57 -26.65 9.03
C LEU L 108 13.50 -25.57 8.50
N ASP L 109 13.80 -24.55 9.31
CA ASP L 109 14.78 -23.55 8.95
C ASP L 109 16.03 -23.59 9.81
N PHE L 110 15.91 -24.05 11.06
CA PHE L 110 17.10 -24.43 11.82
C PHE L 110 17.90 -25.48 11.06
N HIS L 111 17.21 -26.33 10.29
CA HIS L 111 17.89 -27.27 9.42
C HIS L 111 18.71 -26.55 8.36
N ASP L 112 18.15 -25.51 7.75
CA ASP L 112 18.84 -24.81 6.67
C ASP L 112 20.11 -24.14 7.16
N SER L 113 20.07 -23.52 8.35
CA SER L 113 21.24 -22.83 8.87
C SER L 113 22.40 -23.80 9.06
N ASN L 114 22.12 -25.03 9.49
CA ASN L 114 23.18 -26.02 9.66
C ASN L 114 23.85 -26.36 8.34
N VAL L 115 23.06 -26.55 7.29
CA VAL L 115 23.63 -26.78 5.95
C VAL L 115 24.56 -25.64 5.57
N LYS L 116 24.10 -24.40 5.76
CA LYS L 116 24.91 -23.25 5.37
C LYS L 116 26.20 -23.17 6.16
N ASN L 117 26.13 -23.46 7.46
CA ASN L 117 27.35 -23.41 8.29
C ASN L 117 28.36 -24.46 7.87
N LEU L 118 27.89 -25.65 7.51
CA LEU L 118 28.79 -26.68 7.01
C LEU L 118 29.42 -26.28 5.68
N TYR L 119 28.62 -25.71 4.77
CA TYR L 119 29.18 -25.18 3.52
C TYR L 119 30.13 -24.03 3.79
N ASP L 120 29.76 -23.12 4.69
CA ASP L 120 30.60 -21.98 5.00
C ASP L 120 31.94 -22.42 5.59
N LYS L 121 31.92 -23.45 6.44
CA LYS L 121 33.15 -23.91 7.07
C LYS L 121 34.13 -24.45 6.03
N VAL L 122 33.64 -25.21 5.05
CA VAL L 122 34.51 -25.79 4.04
C VAL L 122 35.05 -24.71 3.10
N ARG L 123 34.18 -23.81 2.64
CA ARG L 123 34.59 -22.80 1.68
C ARG L 123 35.66 -21.88 2.25
N LEU L 124 35.51 -21.48 3.53
CA LEU L 124 36.52 -20.67 4.18
C LEU L 124 37.87 -21.39 4.27
N GLN L 125 37.86 -22.73 4.24
CA GLN L 125 39.11 -23.49 4.26
C GLN L 125 39.73 -23.60 2.87
N LEU L 126 38.90 -23.90 1.86
CA LEU L 126 39.43 -24.15 0.51
C LEU L 126 40.04 -22.89 -0.11
N ARG L 127 39.41 -21.74 0.10
CA ARG L 127 39.85 -20.45 -0.45
C ARG L 127 39.90 -20.59 -1.99
N ASP L 128 40.93 -20.06 -2.64
CA ASP L 128 40.99 -20.04 -4.09
C ASP L 128 41.36 -21.39 -4.70
N ASN L 129 41.73 -22.38 -3.88
CA ASN L 129 42.19 -23.65 -4.39
C ASN L 129 41.09 -24.44 -5.11
N ALA L 130 39.83 -24.07 -4.92
CA ALA L 130 38.71 -24.78 -5.53
C ALA L 130 37.72 -23.76 -6.08
N LYS L 131 36.71 -24.28 -6.78
CA LYS L 131 35.66 -23.45 -7.36
C LYS L 131 34.42 -23.45 -6.46
N GLU L 132 33.39 -22.74 -6.89
CA GLU L 132 32.17 -22.52 -6.12
C GLU L 132 30.94 -22.75 -7.00
N LEU L 133 30.89 -23.93 -7.63
CA LEU L 133 29.91 -24.25 -8.67
C LEU L 133 28.53 -23.63 -8.45
N GLY L 134 28.00 -23.74 -7.22
CA GLY L 134 26.68 -23.24 -6.91
C GLY L 134 25.59 -24.28 -6.84
N ASN L 135 25.93 -25.56 -7.00
CA ASN L 135 25.00 -26.66 -6.84
C ASN L 135 25.15 -27.36 -5.50
N GLY L 136 25.91 -26.77 -4.58
CA GLY L 136 26.24 -27.42 -3.33
C GLY L 136 27.52 -28.20 -3.35
N CYS L 137 28.36 -28.03 -4.37
CA CYS L 137 29.61 -28.76 -4.50
C CYS L 137 30.71 -27.82 -5.00
N PHE L 138 31.90 -27.98 -4.43
CA PHE L 138 33.08 -27.29 -4.91
C PHE L 138 33.80 -28.15 -5.96
N GLU L 139 34.62 -27.50 -6.78
CA GLU L 139 35.41 -28.17 -7.80
C GLU L 139 36.88 -28.10 -7.40
N PHE L 140 37.43 -29.22 -6.94
CA PHE L 140 38.82 -29.28 -6.54
C PHE L 140 39.72 -29.39 -7.77
N TYR L 141 40.82 -28.64 -7.75
CA TYR L 141 41.79 -28.68 -8.85
C TYR L 141 42.92 -29.66 -8.59
N HIS L 142 42.58 -30.88 -8.18
CA HIS L 142 43.50 -32.01 -8.11
C HIS L 142 42.78 -33.28 -7.71
N LYS L 143 43.53 -34.36 -7.49
CA LYS L 143 43.03 -35.54 -6.82
C LYS L 143 43.20 -35.33 -5.31
N CYS L 144 42.07 -35.16 -4.60
CA CYS L 144 42.11 -35.00 -3.15
C CYS L 144 42.13 -36.39 -2.54
N ASP L 145 43.34 -36.88 -2.27
CA ASP L 145 43.52 -38.20 -1.71
C ASP L 145 42.87 -38.29 -0.33
N ASN L 146 42.44 -39.49 0.04
CA ASN L 146 41.43 -39.71 1.07
C ASN L 146 41.76 -39.06 2.42
N GLU L 147 42.95 -38.46 2.58
CA GLU L 147 43.28 -37.71 3.78
C GLU L 147 42.96 -36.22 3.70
N CYS L 148 42.80 -35.67 2.48
CA CYS L 148 42.78 -34.22 2.29
C CYS L 148 41.49 -33.61 2.82
N MET L 149 40.35 -34.07 2.27
CA MET L 149 39.05 -33.62 2.75
C MET L 149 38.86 -33.94 4.23
N GLU L 150 39.51 -35.00 4.72
CA GLU L 150 39.55 -35.25 6.16
C GLU L 150 40.12 -34.05 6.89
N SER L 151 41.27 -33.53 6.42
CA SER L 151 41.80 -32.29 6.95
C SER L 151 40.80 -31.14 6.78
N VAL L 152 40.09 -31.11 5.65
CA VAL L 152 39.00 -30.16 5.48
C VAL L 152 37.87 -30.46 6.47
N ARG L 153 37.51 -31.74 6.61
CA ARG L 153 36.44 -32.11 7.53
C ARG L 153 36.86 -31.89 8.99
N ASN L 154 38.12 -32.20 9.33
CA ASN L 154 38.59 -31.91 10.68
C ASN L 154 38.74 -30.41 10.90
N GLY L 155 39.01 -29.64 9.84
CA GLY L 155 39.35 -28.25 9.96
C GLY L 155 40.83 -27.95 10.00
N THR L 156 41.68 -28.91 9.65
CA THR L 156 43.13 -28.78 9.73
C THR L 156 43.77 -28.51 8.37
N TYR L 157 42.99 -28.59 7.29
CA TYR L 157 43.49 -28.43 5.92
C TYR L 157 44.40 -27.21 5.81
N ASP L 158 45.63 -27.46 5.35
CA ASP L 158 46.63 -26.41 5.19
C ASP L 158 46.35 -25.66 3.89
N TYR L 159 47.31 -24.84 3.46
CA TYR L 159 47.15 -24.10 2.21
C TYR L 159 48.46 -24.06 1.43
N PRO L 160 49.60 -23.72 2.04
CA PRO L 160 50.88 -23.80 1.29
C PRO L 160 51.26 -25.22 0.90
N GLN L 161 50.53 -26.23 1.36
CA GLN L 161 50.80 -27.61 0.97
C GLN L 161 50.17 -27.92 -0.39
N TYR L 162 48.83 -27.84 -0.47
CA TYR L 162 48.13 -28.19 -1.69
C TYR L 162 48.23 -27.10 -2.76
N SER L 163 48.57 -25.85 -2.38
CA SER L 163 48.59 -24.77 -3.35
C SER L 163 49.47 -25.08 -4.56
N GLU L 164 50.55 -25.85 -4.37
CA GLU L 164 51.38 -26.26 -5.49
C GLU L 164 50.58 -27.06 -6.50
N GLU L 165 49.89 -28.11 -6.04
CA GLU L 165 49.01 -28.87 -6.93
C GLU L 165 47.85 -28.01 -7.43
N ALA L 166 47.34 -27.10 -6.58
CA ALA L 166 46.32 -26.16 -7.03
C ALA L 166 46.85 -25.25 -8.13
N ARG L 167 48.09 -24.77 -7.98
CA ARG L 167 48.70 -23.96 -9.02
C ARG L 167 48.87 -24.76 -10.31
N LEU L 168 49.27 -26.02 -10.21
CA LEU L 168 49.50 -26.86 -11.37
C LEU L 168 48.23 -27.19 -12.13
N LYS L 169 47.05 -26.92 -11.57
CA LYS L 169 45.78 -27.16 -12.25
C LYS L 169 44.95 -25.90 -12.46
N ARG L 170 45.18 -24.84 -11.69
CA ARG L 170 44.39 -23.62 -11.84
C ARG L 170 44.91 -22.76 -13.00
N GLU L 171 46.16 -22.31 -12.90
CA GLU L 171 46.73 -21.48 -13.96
C GLU L 171 47.14 -22.30 -15.17
N GLU L 172 47.62 -23.53 -14.97
CA GLU L 172 48.14 -24.33 -16.08
C GLU L 172 47.04 -24.68 -17.07
N ILE L 173 45.86 -25.05 -16.58
CA ILE L 173 44.75 -25.39 -17.46
C ILE L 173 44.09 -24.10 -17.94
N SER L 174 44.04 -23.92 -19.25
CA SER L 174 43.44 -22.73 -19.84
C SER L 174 42.82 -23.04 -21.19
C1 NAG M . 48.34 20.14 -4.48
C2 NAG M . 49.33 19.60 -5.50
C3 NAG M . 49.22 18.08 -5.59
C4 NAG M . 49.30 17.43 -4.22
C5 NAG M . 48.36 18.10 -3.23
C6 NAG M . 48.55 17.63 -1.80
C7 NAG M . 49.92 21.13 -7.32
C8 NAG M . 49.58 21.61 -8.70
N2 NAG M . 49.12 20.19 -6.82
O3 NAG M . 50.26 17.57 -6.43
O4 NAG M . 48.92 16.07 -4.34
O5 NAG M . 48.57 19.53 -3.21
O6 NAG M . 49.86 17.95 -1.33
O7 NAG M . 50.89 21.58 -6.71
C1 NAG M . 50.02 15.17 -4.06
C2 NAG M . 49.42 13.86 -3.55
C3 NAG M . 50.54 12.86 -3.25
C4 NAG M . 51.46 12.68 -4.45
C5 NAG M . 51.94 14.05 -4.96
C6 NAG M . 52.71 13.95 -6.26
C7 NAG M . 47.26 13.87 -2.38
C8 NAG M . 46.68 13.40 -3.68
N2 NAG M . 48.59 14.08 -2.39
O3 NAG M . 49.95 11.62 -2.90
O4 NAG M . 52.60 11.92 -4.07
O5 NAG M . 50.82 14.92 -5.21
O6 NAG M . 51.89 14.26 -7.37
O7 NAG M . 46.59 14.06 -1.39
C1 BMA M . 52.46 10.52 -4.37
C2 BMA M . 53.87 9.94 -4.63
C3 BMA M . 53.82 8.43 -4.76
C4 BMA M . 53.06 7.80 -3.59
C5 BMA M . 51.65 8.40 -3.50
C6 BMA M . 50.84 7.84 -2.33
O2 BMA M . 54.73 10.24 -3.53
O3 BMA M . 55.14 7.88 -4.84
O4 BMA M . 52.97 6.39 -3.76
O5 BMA M . 51.79 9.83 -3.32
O6 BMA M . 49.47 8.17 -2.52
C1 NAG N . 49.69 28.36 -56.91
C2 NAG N . 49.33 29.84 -57.01
C3 NAG N . 48.41 30.08 -58.21
C4 NAG N . 49.01 29.51 -59.49
C5 NAG N . 49.42 28.05 -59.27
C6 NAG N . 50.18 27.46 -60.44
C7 NAG N . 49.23 31.22 -54.98
C8 NAG N . 50.58 31.75 -55.39
N2 NAG N . 48.68 30.31 -55.79
O3 NAG N . 48.18 31.48 -58.35
O4 NAG N . 48.02 29.56 -60.50
O5 NAG N . 50.28 27.93 -58.13
O6 NAG N . 49.30 27.04 -61.47
O7 NAG N . 48.66 31.61 -53.97
C1 NAG N . 48.52 30.21 -61.71
C2 NAG N . 47.61 29.77 -62.87
C3 NAG N . 48.07 30.44 -64.16
C4 NAG N . 48.14 31.96 -63.98
C5 NAG N . 49.01 32.30 -62.77
C6 NAG N . 49.03 33.78 -62.46
C7 NAG N . 46.58 27.64 -63.53
C8 NAG N . 46.75 26.15 -63.58
N2 NAG N . 47.61 28.32 -63.00
O3 NAG N . 47.14 30.14 -65.20
O4 NAG N . 48.69 32.55 -65.14
O5 NAG N . 48.50 31.64 -61.60
O6 NAG N . 47.85 34.20 -61.79
O7 NAG N . 45.58 28.20 -63.96
C1 NAG O . 24.41 63.36 -26.15
C2 NAG O . 24.84 63.16 -24.71
C3 NAG O . 23.63 63.26 -23.77
C4 NAG O . 22.82 64.52 -24.04
C5 NAG O . 22.52 64.67 -25.53
C6 NAG O . 21.88 66.00 -25.87
C7 NAG O . 26.84 61.77 -24.39
C8 NAG O . 27.36 60.38 -24.20
N2 NAG O . 25.51 61.89 -24.52
O3 NAG O . 24.07 63.26 -22.42
O4 NAG O . 21.57 64.41 -23.35
O5 NAG O . 23.74 64.60 -26.29
O6 NAG O . 22.85 67.01 -26.05
O7 NAG O . 27.59 62.75 -24.43
C1 NAG O . 21.48 65.31 -22.24
C2 NAG O . 20.00 65.57 -21.99
C3 NAG O . 19.81 66.49 -20.79
C4 NAG O . 20.54 65.93 -19.57
C5 NAG O . 22.00 65.64 -19.92
C6 NAG O . 22.75 64.95 -18.79
C7 NAG O . 18.45 65.46 -23.89
C8 NAG O . 18.10 64.08 -23.42
N2 NAG O . 19.35 66.12 -23.16
O3 NAG O . 18.42 66.62 -20.52
O4 NAG O . 20.53 66.88 -18.50
O5 NAG O . 22.07 64.76 -21.06
O6 NAG O . 24.15 64.98 -19.01
O7 NAG O . 17.92 65.96 -24.88
C1 BMA O . 19.40 66.69 -17.63
C2 BMA O . 19.88 66.80 -16.16
C3 BMA O . 18.69 66.92 -15.20
C4 BMA O . 17.66 67.96 -15.68
C5 BMA O . 17.23 67.63 -17.12
C6 BMA O . 16.23 68.64 -17.69
O2 BMA O . 20.68 67.96 -15.97
O3 BMA O . 19.11 67.24 -13.88
O4 BMA O . 16.53 67.96 -14.83
O5 BMA O . 18.39 67.67 -17.95
O6 BMA O . 15.95 68.29 -19.05
C1 NAG P . -39.47 10.11 54.50
C2 NAG P . -40.70 9.81 53.66
C3 NAG P . -40.62 10.54 52.31
C4 NAG P . -40.35 12.02 52.50
C5 NAG P . -39.13 12.22 53.41
C6 NAG P . -38.90 13.68 53.78
C7 NAG P . -41.94 7.69 53.84
C8 NAG P . -43.02 8.47 54.51
N2 NAG P . -40.86 8.38 53.45
O3 NAG P . -41.83 10.36 51.60
O4 NAG P . -40.11 12.63 51.23
O5 NAG P . -39.32 11.52 54.65
O6 NAG P . -40.03 14.24 54.44
O7 NAG P . -42.03 6.47 53.65
C1 NAG P . -41.07 13.67 50.96
C2 NAG P . -40.48 14.58 49.88
C3 NAG P . -41.48 15.68 49.52
C4 NAG P . -42.83 15.08 49.14
C5 NAG P . -43.31 14.14 50.25
C6 NAG P . -44.59 13.41 49.88
C7 NAG P . -38.03 14.65 49.98
C8 NAG P . -36.83 15.37 50.50
N2 NAG P . -39.22 15.16 50.31
O3 NAG P . -40.98 16.45 48.43
O4 NAG P . -43.79 16.10 48.93
O5 NAG P . -42.32 13.14 50.51
O6 NAG P . -44.33 12.17 49.25
O7 NAG P . -37.92 13.64 49.28
C1 NAG Q . -22.73 -35.77 74.12
C2 NAG Q . -22.93 -34.33 74.55
C3 NAG Q . -21.59 -33.72 74.95
C4 NAG Q . -20.75 -34.64 75.85
C5 NAG Q . -20.90 -36.14 75.55
C6 NAG Q . -20.57 -37.02 76.72
C7 NAG Q . -24.20 -32.42 73.69
C8 NAG Q . -24.74 -31.74 72.46
N2 NAG Q . -23.53 -33.55 73.47
O3 NAG Q . -21.82 -32.48 75.62
O4 NAG Q . -19.40 -34.30 75.58
O5 NAG Q . -22.25 -36.49 75.18
O6 NAG Q . -20.60 -38.40 76.38
O7 NAG Q . -24.36 -31.95 74.80
C1 NAG Q . -18.39 -34.20 76.64
C2 NAG Q . -18.85 -33.23 77.75
C3 NAG Q . -17.79 -33.17 78.86
C4 NAG Q . -17.36 -34.56 79.32
C5 NAG Q . -17.05 -35.46 78.13
C6 NAG Q . -16.78 -36.90 78.53
C7 NAG Q . -19.62 -30.89 77.86
C8 NAG Q . -19.76 -29.59 77.11
N2 NAG Q . -19.06 -31.90 77.18
O3 NAG Q . -18.34 -32.44 79.96
O4 NAG Q . -16.16 -34.49 80.07
O5 NAG Q . -18.15 -35.49 77.22
O6 NAG Q . -16.30 -37.65 77.42
O7 NAG Q . -20.01 -31.00 79.02
C1 BMA Q . -16.32 -34.05 81.44
C2 BMA Q . -15.56 -35.02 82.37
C3 BMA Q . -15.44 -34.44 83.78
C4 BMA Q . -14.97 -32.98 83.77
C5 BMA Q . -15.87 -32.15 82.86
C6 BMA Q . -15.43 -30.69 82.74
O2 BMA Q . -14.23 -35.23 81.91
O3 BMA Q . -14.58 -35.22 84.60
O4 BMA Q . -14.99 -32.44 85.08
O5 BMA Q . -15.82 -32.72 81.54
O6 BMA Q . -14.30 -30.65 81.88
C1 NAG R . -54.89 -36.17 31.67
C2 NAG R . -54.65 -37.14 32.82
C3 NAG R . -54.01 -38.43 32.31
C4 NAG R . -54.87 -39.03 31.19
C5 NAG R . -55.10 -37.99 30.10
C6 NAG R . -56.03 -38.47 29.02
C7 NAG R . -54.24 -36.29 35.09
C8 NAG R . -55.68 -36.63 35.37
N2 NAG R . -53.81 -36.55 33.86
O3 NAG R . -53.87 -39.36 33.37
O4 NAG R . -54.22 -40.17 30.63
O5 NAG R . -55.68 -36.80 30.66
O6 NAG R . -56.66 -37.37 28.37
O7 NAG R . -53.51 -35.79 35.95
#